data_9JMI
#
_entry.id   9JMI
#
_cell.length_a   1.00
_cell.length_b   1.00
_cell.length_c   1.00
_cell.angle_alpha   90.00
_cell.angle_beta   90.00
_cell.angle_gamma   90.00
#
_symmetry.space_group_name_H-M   'P 1'
#
loop_
_entity.id
_entity.type
_entity.pdbx_description
1 polymer 'Spike glycoprotein,Fibritin'
2 branched 2-acetamido-2-deoxy-beta-D-glucopyranose-(1-4)-2-acetamido-2-deoxy-beta-D-glucopyranose
3 branched beta-D-mannopyranose-(1-4)-2-acetamido-2-deoxy-beta-D-glucopyranose-(1-4)-2-acetamido-2-deoxy-beta-D-glucopyranose
4 non-polymer 'FOLIC ACID'
5 non-polymer 2-acetamido-2-deoxy-beta-D-glucopyranose
#
_entity_poly.entity_id   1
_entity_poly.type   'polypeptide(L)'
_entity_poly.pdbx_seq_one_letter_code
;MIRSVFLLMCLLTLIKSGDANCIVVDMQPSYFQRDWPRPINMSAADGIIYPVGRTYANITIMLSGLFPHQADKGKQYIYS
MYHMKFNQGVNDPFISNYSYYTEPFDNGFVVRIGANSNITGSSVVGSANATVKKIYPALMLGSVVGKFPSNKTGRYFNHT
LVILPEKCGTQITALYCVLQPKNQTNCTGHTTYTSYVLVENKTCSTDADGNLKQSLQTWFDLKDCLFEKKYNVSADEREE
WFGITQDQQGVHLYTSRKNGFKSNNMFLFATLPIYERLRYYTVMPRSIKTTANNDHMAWSAFYIYQLHKLNYLVEFDVEG
YIVRASDCGANDYTQLQCSYGQFDMNSGVYSASYFNAQPRGYYYVANELEECALDVLFKNIAPQIANYSRRVFTNCNYNL
TKLLSLVEVDEFVCDKTTPESLATGCYSSLVVDWFALPLSMKSTLAIGSAEAISMFNYNQDYSNPTCRIHATINSNVSSS
LNFTANNNYAYISRCQGTDGKPILLQKGQLPNIACRSGVLGLSNDVDYFGYNFNGRIFYIGRKSYTPRTSEGSIQMVYVI
TANYAEGPNNVCPLKDTTTATDNLDSLLGQCIDYDINGVVGQGVFQKCNSTGIPSQVFVYDSFHNIIGYHSKNGTYYCMA
PCVSVPVSVIYDKSSNSHATLYGSVACDHIKMIPSVLSRETATKLRASDNGLLQTAVGCVIGFHNTSDTVEDCNLPLGQS
LCAKPPSLTRSANNTFGLAVMKYENPLKVEVLNSSEFEISVPTNFSFRVTEEFIETSIQKVTVDCKQYVCNGFERCEQLL
EQYGQFCAKINQALHGVNLRQDDATKSLFESIRVPQSAPLMASLSGDYNLSLFETPSINTGGSGNYRSALEDLLFDKVTL
SVPGYMKGYDECMKKGPPSARDLICAQYVAGYKVLPPLYDSNMEAMYTASLTGSIAGALWTGGLSSAASLPFAQSIYYRM
NGIGITQNVLMENQKLIANKFNQALGAMQTGFTTTNQAFQKVQDAVNANAQALSKLASELSNTFGAISASIGDILKRLDT
LEQEVQIDRLINGRLTSLNAFVSQQLVRSEAAARSSQLVKDKVNECVKSQSSRNGFCGQGTHIVSFAVNAPNGFYFVHVG
YHPTDYVNQTSAYGLCDSSNTKCIAAKNGYFIKNGSDDWMFTGSSYYQPEPITNFNSRSVEPEVTFQNLTNNLPPPLSNS
TDVDFKDELEEFFKNITSEVPNFGSITQINSTVLDLSEEMKTLQSVVEALNQSYIELKELGNYTYYNKWPGSGYIPEAPR
DGQAYVRKDGEWVLLSTFLLEVLFQGPGHHHHHHHHSAWSHPQFEKGGGSGGGGSGGSAWSHPQFEKSA
;
_entity_poly.pdbx_strand_id   A,B,C
#
# COMPACT_ATOMS: atom_id res chain seq x y z
N CYS A 22 -12.87 -74.33 0.83
CA CYS A 22 -11.67 -73.54 1.02
C CYS A 22 -10.42 -74.41 0.81
N ILE A 23 -9.74 -74.18 -0.32
CA ILE A 23 -8.65 -75.02 -0.77
C ILE A 23 -7.38 -74.78 0.06
N VAL A 24 -6.40 -75.66 -0.10
CA VAL A 24 -5.12 -75.54 0.59
C VAL A 24 -4.18 -74.69 -0.26
N VAL A 25 -3.39 -73.84 0.40
CA VAL A 25 -2.45 -72.95 -0.26
C VAL A 25 -1.04 -73.26 0.22
N ASP A 26 -0.06 -72.69 -0.48
CA ASP A 26 1.35 -72.88 -0.14
C ASP A 26 1.87 -71.77 0.77
N MET A 27 1.83 -70.53 0.27
CA MET A 27 2.21 -69.31 0.99
C MET A 27 3.67 -69.39 1.49
N GLN A 28 4.58 -69.42 0.51
CA GLN A 28 6.01 -69.37 0.81
C GLN A 28 6.54 -67.99 0.44
N PRO A 29 6.74 -67.09 1.41
CA PRO A 29 7.17 -65.72 1.11
C PRO A 29 8.69 -65.56 1.05
N SER A 30 9.34 -66.42 0.28
CA SER A 30 10.78 -66.33 0.08
C SER A 30 11.19 -66.04 -1.34
N TYR A 31 10.41 -66.48 -2.32
CA TYR A 31 10.71 -66.22 -3.73
C TYR A 31 10.14 -64.89 -4.19
N PHE A 32 9.45 -64.17 -3.33
CA PHE A 32 8.78 -62.91 -3.66
C PHE A 32 9.59 -61.70 -3.24
N GLN A 33 10.80 -61.89 -2.73
CA GLN A 33 11.64 -60.80 -2.26
C GLN A 33 12.51 -60.18 -3.33
N ARG A 34 12.38 -60.63 -4.58
CA ARG A 34 13.17 -60.06 -5.66
C ARG A 34 12.72 -58.63 -5.96
N ASP A 35 13.68 -57.72 -6.07
CA ASP A 35 13.40 -56.29 -6.10
C ASP A 35 13.61 -55.73 -7.50
N TRP A 36 12.59 -55.05 -8.00
CA TRP A 36 12.68 -54.31 -9.27
C TRP A 36 12.36 -52.85 -8.98
N PRO A 37 13.37 -51.98 -8.85
CA PRO A 37 13.11 -50.61 -8.41
C PRO A 37 12.46 -49.79 -9.50
N ARG A 38 11.27 -49.26 -9.20
CA ARG A 38 10.55 -48.33 -10.07
C ARG A 38 10.16 -47.13 -9.22
N PRO A 39 11.09 -46.23 -8.95
CA PRO A 39 10.81 -45.11 -8.05
C PRO A 39 9.98 -44.03 -8.73
N ILE A 40 9.42 -43.15 -7.90
CA ILE A 40 8.63 -42.03 -8.39
C ILE A 40 9.57 -41.04 -9.07
N ASN A 41 9.29 -40.73 -10.32
CA ASN A 41 10.05 -39.75 -11.09
C ASN A 41 9.13 -38.54 -11.30
N MET A 42 9.39 -37.48 -10.54
CA MET A 42 8.58 -36.27 -10.60
C MET A 42 8.74 -35.51 -11.91
N SER A 43 9.82 -35.76 -12.67
CA SER A 43 10.00 -35.07 -13.93
C SER A 43 9.05 -35.60 -15.00
N ALA A 44 8.57 -36.82 -14.86
CA ALA A 44 7.58 -37.40 -15.77
C ALA A 44 6.16 -37.27 -15.25
N ALA A 45 5.97 -36.61 -14.10
CA ALA A 45 4.69 -36.46 -13.41
C ALA A 45 4.04 -37.83 -13.16
N ASP A 46 4.72 -38.63 -12.36
CA ASP A 46 4.30 -39.99 -12.08
C ASP A 46 3.39 -40.00 -10.85
N GLY A 47 2.19 -40.55 -11.00
CA GLY A 47 1.27 -40.70 -9.89
C GLY A 47 0.74 -39.40 -9.34
N ILE A 48 0.24 -38.53 -10.21
CA ILE A 48 -0.26 -37.22 -9.83
C ILE A 48 -1.77 -37.21 -9.99
N ILE A 49 -2.48 -36.91 -8.91
CA ILE A 49 -3.89 -36.56 -9.03
C ILE A 49 -4.00 -35.25 -9.79
N TYR A 50 -4.79 -35.24 -10.84
CA TYR A 50 -5.11 -33.98 -11.50
C TYR A 50 -6.01 -33.18 -10.55
N PRO A 51 -5.73 -31.89 -10.34
CA PRO A 51 -6.53 -31.12 -9.37
C PRO A 51 -7.96 -30.89 -9.83
N VAL A 52 -8.90 -31.60 -9.20
CA VAL A 52 -10.30 -31.47 -9.56
C VAL A 52 -10.85 -30.15 -9.00
N GLY A 53 -11.89 -29.66 -9.65
CA GLY A 53 -12.51 -28.40 -9.28
C GLY A 53 -12.05 -27.21 -10.07
N ARG A 54 -10.90 -27.30 -10.74
CA ARG A 54 -10.41 -26.22 -11.59
C ARG A 54 -9.40 -26.81 -12.57
N THR A 55 -9.59 -26.52 -13.85
CA THR A 55 -8.67 -26.96 -14.89
C THR A 55 -7.67 -25.85 -15.22
N TYR A 56 -6.55 -26.25 -15.81
CA TYR A 56 -5.50 -25.32 -16.22
C TYR A 56 -4.99 -25.73 -17.59
N ALA A 57 -4.38 -24.78 -18.29
CA ALA A 57 -3.91 -25.03 -19.64
C ALA A 57 -2.70 -24.15 -19.94
N ASN A 58 -1.53 -24.75 -20.05
CA ASN A 58 -0.33 -24.00 -20.42
C ASN A 58 -0.04 -22.91 -19.41
N ILE A 59 0.39 -23.31 -18.22
CA ILE A 59 0.68 -22.34 -17.17
C ILE A 59 1.45 -23.10 -16.10
N THR A 60 2.44 -22.44 -15.49
CA THR A 60 3.15 -22.98 -14.34
C THR A 60 2.52 -22.42 -13.07
N ILE A 61 1.95 -23.31 -12.24
CA ILE A 61 1.22 -22.89 -11.05
C ILE A 61 1.75 -23.66 -9.85
N MET A 62 1.65 -23.04 -8.68
CA MET A 62 2.09 -23.63 -7.42
C MET A 62 0.92 -24.37 -6.81
N LEU A 63 0.92 -25.69 -6.91
CA LEU A 63 -0.19 -26.50 -6.43
C LEU A 63 0.02 -26.96 -4.99
N SER A 64 -1.01 -27.57 -4.44
CA SER A 64 -0.96 -28.13 -3.10
C SER A 64 -2.03 -29.21 -2.99
N GLY A 65 -1.66 -30.36 -2.45
CA GLY A 65 -2.60 -31.48 -2.38
C GLY A 65 -1.91 -32.73 -1.92
N LEU A 66 -2.50 -33.87 -2.30
CA LEU A 66 -1.98 -35.18 -1.93
C LEU A 66 -1.15 -35.73 -3.08
N PHE A 67 0.17 -35.78 -2.87
CA PHE A 67 1.12 -36.24 -3.87
C PHE A 67 2.16 -37.13 -3.20
N PRO A 68 2.74 -38.08 -3.94
CA PRO A 68 3.81 -38.89 -3.38
C PRO A 68 5.15 -38.15 -3.43
N HIS A 69 6.00 -38.43 -2.44
CA HIS A 69 7.28 -37.76 -2.39
C HIS A 69 8.25 -38.37 -3.40
N GLN A 70 9.20 -37.56 -3.83
CA GLN A 70 10.11 -37.92 -4.92
C GLN A 70 11.03 -39.06 -4.51
N ALA A 71 11.30 -39.97 -5.47
CA ALA A 71 12.20 -41.10 -5.32
C ALA A 71 11.73 -42.03 -4.20
N ASP A 72 10.44 -42.31 -4.20
CA ASP A 72 9.84 -43.30 -3.30
C ASP A 72 9.74 -44.62 -4.05
N LYS A 73 10.21 -45.69 -3.42
CA LYS A 73 10.09 -47.01 -4.03
C LYS A 73 8.74 -47.65 -3.78
N GLY A 74 8.03 -47.23 -2.74
CA GLY A 74 6.75 -47.82 -2.43
C GLY A 74 6.91 -49.25 -1.92
N LYS A 75 5.85 -50.02 -2.10
CA LYS A 75 5.84 -51.44 -1.78
C LYS A 75 5.50 -52.20 -3.06
N GLN A 76 6.35 -53.17 -3.42
CA GLN A 76 6.18 -53.93 -4.64
C GLN A 76 5.51 -55.26 -4.32
N TYR A 77 4.39 -55.53 -4.99
CA TYR A 77 3.67 -56.78 -4.84
C TYR A 77 3.66 -57.50 -6.19
N ILE A 78 3.83 -58.82 -6.15
CA ILE A 78 3.85 -59.65 -7.35
C ILE A 78 2.90 -60.82 -7.16
N TYR A 79 2.21 -61.20 -8.23
CA TYR A 79 1.35 -62.37 -8.24
C TYR A 79 2.01 -63.50 -9.02
N SER A 80 1.45 -64.69 -8.90
CA SER A 80 2.09 -65.89 -9.41
C SER A 80 1.02 -66.81 -9.99
N MET A 81 1.39 -68.08 -10.20
CA MET A 81 0.46 -69.14 -10.53
C MET A 81 0.62 -70.27 -9.51
N TYR A 82 -0.02 -71.41 -9.74
CA TYR A 82 0.15 -72.53 -8.82
C TYR A 82 1.55 -73.11 -8.86
N HIS A 83 2.01 -73.56 -7.70
CA HIS A 83 3.38 -74.03 -7.52
C HIS A 83 3.64 -75.32 -8.28
N MET A 84 4.80 -75.39 -8.94
CA MET A 84 5.24 -76.61 -9.60
C MET A 84 6.69 -76.91 -9.21
N VAL A 90 -1.46 -78.87 -11.05
CA VAL A 90 -1.97 -77.51 -11.20
C VAL A 90 -2.68 -77.07 -9.93
N ASN A 91 -2.44 -77.78 -8.84
CA ASN A 91 -3.01 -77.47 -7.55
C ASN A 91 -2.00 -76.69 -6.71
N ASP A 92 -2.33 -76.46 -5.44
CA ASP A 92 -1.51 -75.77 -4.45
C ASP A 92 -1.04 -74.40 -4.95
N PRO A 93 -1.92 -73.38 -4.92
CA PRO A 93 -1.53 -72.05 -5.39
C PRO A 93 -0.38 -71.45 -4.58
N PHE A 94 0.45 -70.66 -5.27
CA PHE A 94 1.70 -70.16 -4.72
C PHE A 94 1.57 -68.66 -4.53
N ILE A 95 1.58 -68.21 -3.28
CA ILE A 95 1.43 -66.79 -2.93
C ILE A 95 2.49 -66.40 -1.91
N SER A 96 2.49 -65.11 -1.58
CA SER A 96 3.23 -64.56 -0.47
C SER A 96 2.26 -64.32 0.70
N ASN A 97 2.75 -63.66 1.74
CA ASN A 97 1.95 -63.40 2.93
C ASN A 97 1.38 -61.99 2.94
N TYR A 98 0.93 -61.51 1.78
CA TYR A 98 0.37 -60.16 1.68
C TYR A 98 -0.91 -60.00 2.50
N SER A 99 -1.68 -61.07 2.67
CA SER A 99 -2.92 -61.00 3.42
C SER A 99 -2.69 -60.75 4.91
N TYR A 100 -1.51 -61.09 5.43
CA TYR A 100 -1.22 -60.83 6.82
C TYR A 100 -0.95 -59.36 7.08
N TYR A 101 -0.40 -58.66 6.10
CA TYR A 101 -0.06 -57.25 6.28
C TYR A 101 -1.30 -56.38 6.20
N THR A 102 -1.35 -55.35 7.04
CA THR A 102 -2.46 -54.41 7.10
C THR A 102 -1.86 -53.00 7.16
N GLU A 103 -1.59 -52.44 5.98
CA GLU A 103 -0.96 -51.14 5.88
C GLU A 103 -1.94 -50.02 6.18
N PRO A 104 -1.49 -48.92 6.79
CA PRO A 104 -2.37 -47.79 7.03
C PRO A 104 -2.78 -47.10 5.73
N PHE A 105 -4.01 -46.59 5.72
CA PHE A 105 -4.52 -45.92 4.53
C PHE A 105 -3.79 -44.61 4.27
N ASP A 106 -3.70 -43.75 5.29
CA ASP A 106 -2.90 -42.53 5.28
C ASP A 106 -3.32 -41.60 4.13
N ASN A 107 -4.57 -41.12 4.23
CA ASN A 107 -5.29 -40.30 3.26
C ASN A 107 -5.08 -40.70 1.80
N GLY A 108 -5.10 -42.00 1.52
CA GLY A 108 -5.10 -42.49 0.17
C GLY A 108 -3.73 -42.99 -0.28
N PHE A 109 -3.72 -43.59 -1.47
CA PHE A 109 -2.50 -44.08 -2.08
C PHE A 109 -2.66 -44.04 -3.59
N VAL A 110 -1.58 -44.38 -4.29
CA VAL A 110 -1.55 -44.45 -5.75
C VAL A 110 -0.86 -45.73 -6.17
N VAL A 111 -1.42 -46.41 -7.16
CA VAL A 111 -0.95 -47.71 -7.61
C VAL A 111 -0.50 -47.60 -9.06
N ARG A 112 0.73 -48.05 -9.32
CA ARG A 112 1.27 -48.12 -10.68
C ARG A 112 1.07 -49.54 -11.20
N ILE A 113 0.09 -49.71 -12.09
CA ILE A 113 -0.27 -51.02 -12.61
C ILE A 113 0.45 -51.22 -13.94
N GLY A 114 1.19 -52.32 -14.04
CA GLY A 114 1.96 -52.61 -15.23
C GLY A 114 3.40 -52.16 -15.07
N ALA A 115 3.90 -51.43 -16.08
CA ALA A 115 5.25 -50.84 -16.14
C ALA A 115 6.36 -51.88 -16.12
N ASN A 116 6.04 -53.17 -16.24
CA ASN A 116 7.03 -54.21 -16.35
C ASN A 116 6.74 -55.16 -17.50
N SER A 117 5.71 -54.90 -18.29
CA SER A 117 5.31 -55.78 -19.37
C SER A 117 6.32 -55.70 -20.52
N ASN A 118 6.11 -56.58 -21.51
CA ASN A 118 6.95 -56.76 -22.69
C ASN A 118 8.38 -57.17 -22.34
N ILE A 119 8.58 -57.76 -21.16
CA ILE A 119 9.89 -58.20 -20.69
C ILE A 119 9.82 -59.69 -20.43
N THR A 120 10.90 -60.41 -20.78
CA THR A 120 10.96 -61.86 -20.64
C THR A 120 11.49 -62.31 -19.29
N GLY A 121 11.22 -61.54 -18.23
CA GLY A 121 11.69 -61.89 -16.92
C GLY A 121 11.03 -63.15 -16.38
N SER A 122 11.74 -63.78 -15.44
CA SER A 122 11.32 -65.08 -14.92
C SER A 122 10.08 -64.96 -14.04
N SER A 123 9.28 -66.01 -14.05
CA SER A 123 8.16 -66.10 -13.12
C SER A 123 8.66 -66.40 -11.72
N VAL A 124 7.78 -66.20 -10.74
CA VAL A 124 8.16 -66.39 -9.34
C VAL A 124 8.38 -67.86 -9.04
N VAL A 125 7.48 -68.72 -9.49
CA VAL A 125 7.65 -70.16 -9.32
C VAL A 125 8.35 -70.71 -10.56
N GLY A 126 9.28 -71.62 -10.34
CA GLY A 126 10.04 -72.22 -11.42
C GLY A 126 11.22 -71.35 -11.85
N SER A 127 12.15 -71.98 -12.54
CA SER A 127 13.36 -71.32 -13.03
C SER A 127 13.25 -70.90 -14.48
N ALA A 128 12.10 -71.10 -15.12
CA ALA A 128 11.93 -70.78 -16.53
C ALA A 128 11.45 -69.34 -16.69
N ASN A 129 11.78 -68.75 -17.83
CA ASN A 129 11.43 -67.37 -18.15
C ASN A 129 10.24 -67.34 -19.10
N ALA A 130 9.47 -66.25 -19.03
CA ALA A 130 8.31 -66.07 -19.88
C ALA A 130 8.02 -64.58 -19.99
N THR A 131 7.16 -64.25 -20.96
CA THR A 131 6.77 -62.85 -21.15
C THR A 131 5.91 -62.37 -19.98
N VAL A 132 5.99 -61.08 -19.71
CA VAL A 132 5.31 -60.46 -18.58
C VAL A 132 4.08 -59.71 -19.10
N LYS A 133 2.92 -60.01 -18.55
CA LYS A 133 1.66 -59.39 -18.92
C LYS A 133 1.09 -58.58 -17.75
N LYS A 134 0.23 -57.63 -18.08
CA LYS A 134 -0.35 -56.74 -17.08
C LYS A 134 -1.39 -57.48 -16.24
N ILE A 135 -1.28 -57.34 -14.92
CA ILE A 135 -2.22 -57.93 -13.99
C ILE A 135 -2.78 -56.81 -13.11
N TYR A 136 -3.99 -57.03 -12.59
CA TYR A 136 -4.62 -55.99 -11.80
C TYR A 136 -4.65 -56.36 -10.33
N PRO A 137 -4.41 -55.39 -9.44
CA PRO A 137 -4.41 -55.70 -8.00
C PRO A 137 -5.81 -55.94 -7.47
N ALA A 138 -5.89 -56.74 -6.41
CA ALA A 138 -7.12 -56.97 -5.65
C ALA A 138 -6.92 -56.39 -4.26
N LEU A 139 -7.67 -55.34 -3.95
CA LEU A 139 -7.47 -54.59 -2.73
C LEU A 139 -8.68 -54.73 -1.81
N MET A 140 -8.42 -54.95 -0.52
CA MET A 140 -9.46 -54.96 0.50
C MET A 140 -9.20 -53.79 1.44
N LEU A 141 -10.19 -52.92 1.59
CA LEU A 141 -10.07 -51.71 2.40
C LEU A 141 -11.18 -51.69 3.44
N GLY A 142 -10.83 -51.29 4.66
CA GLY A 142 -11.79 -51.27 5.75
C GLY A 142 -11.42 -50.21 6.76
N SER A 143 -12.19 -50.14 7.83
CA SER A 143 -12.00 -49.15 8.88
C SER A 143 -11.40 -49.72 10.15
N VAL A 144 -11.86 -50.87 10.62
CA VAL A 144 -11.38 -51.48 11.85
C VAL A 144 -10.90 -52.89 11.54
N VAL A 145 -9.80 -53.29 12.19
CA VAL A 145 -9.19 -54.59 11.94
C VAL A 145 -9.11 -55.40 13.22
N GLY A 146 -8.54 -56.59 13.13
CA GLY A 146 -8.37 -57.45 14.27
C GLY A 146 -7.55 -58.68 13.94
N LYS A 147 -7.86 -59.79 14.59
CA LYS A 147 -7.18 -61.05 14.35
C LYS A 147 -8.20 -62.14 14.04
N PHE A 148 -7.81 -63.05 13.15
CA PHE A 148 -8.63 -64.19 12.82
C PHE A 148 -8.65 -65.17 14.00
N PRO A 149 -9.63 -66.08 14.05
CA PRO A 149 -9.63 -67.09 15.12
C PRO A 149 -8.43 -68.03 15.11
N SER A 150 -7.69 -68.12 14.01
CA SER A 150 -6.43 -68.84 13.97
C SER A 150 -5.25 -68.00 14.43
N ASN A 151 -5.52 -66.89 15.13
CA ASN A 151 -4.50 -65.98 15.68
C ASN A 151 -3.58 -65.43 14.60
N LYS A 152 -4.15 -65.11 13.43
CA LYS A 152 -3.40 -64.53 12.33
C LYS A 152 -4.07 -63.23 11.91
N THR A 153 -3.24 -62.22 11.64
CA THR A 153 -3.75 -60.90 11.33
C THR A 153 -4.38 -60.86 9.94
N GLY A 154 -5.08 -59.76 9.66
CA GLY A 154 -5.72 -59.55 8.38
C GLY A 154 -7.22 -59.60 8.42
N ARG A 155 -7.84 -59.76 9.58
CA ARG A 155 -9.29 -59.80 9.68
C ARG A 155 -9.84 -58.38 9.69
N TYR A 156 -10.79 -58.12 8.78
CA TYR A 156 -11.40 -56.81 8.63
C TYR A 156 -12.83 -56.87 9.13
N PHE A 157 -13.11 -56.13 10.20
CA PHE A 157 -14.44 -56.10 10.80
C PHE A 157 -15.29 -55.03 10.14
N ASN A 158 -16.61 -55.13 10.39
CA ASN A 158 -17.63 -54.19 9.94
C ASN A 158 -17.64 -54.06 8.43
N HIS A 159 -18.10 -52.91 7.92
CA HIS A 159 -18.24 -52.73 6.48
C HIS A 159 -16.86 -52.52 5.85
N THR A 160 -16.53 -53.33 4.85
CA THR A 160 -15.25 -53.27 4.16
C THR A 160 -15.49 -53.08 2.67
N LEU A 161 -14.65 -52.27 2.05
CA LEU A 161 -14.68 -52.07 0.60
C LEU A 161 -13.61 -52.94 -0.04
N VAL A 162 -14.02 -53.77 -1.00
CA VAL A 162 -13.08 -54.55 -1.78
C VAL A 162 -13.13 -54.06 -3.22
N ILE A 163 -11.98 -54.10 -3.88
CA ILE A 163 -11.86 -53.77 -5.29
C ILE A 163 -11.13 -54.92 -5.96
N LEU A 164 -11.81 -55.58 -6.91
CA LEU A 164 -11.27 -56.78 -7.50
C LEU A 164 -11.77 -56.93 -8.93
N PRO A 165 -10.88 -57.21 -9.89
CA PRO A 165 -11.30 -57.24 -11.30
C PRO A 165 -12.11 -58.48 -11.65
N GLU A 166 -12.98 -58.32 -12.64
CA GLU A 166 -13.82 -59.39 -13.17
C GLU A 166 -13.47 -59.67 -14.63
N LYS A 167 -13.64 -60.94 -14.99
CA LYS A 167 -13.59 -61.41 -16.38
C LYS A 167 -12.25 -61.08 -17.03
N CYS A 168 -11.19 -61.68 -16.48
CA CYS A 168 -9.79 -61.54 -16.92
C CYS A 168 -9.38 -60.08 -17.08
N GLY A 169 -9.81 -59.25 -16.14
CA GLY A 169 -9.44 -57.85 -16.14
C GLY A 169 -10.15 -57.00 -17.16
N THR A 170 -11.36 -57.37 -17.55
CA THR A 170 -12.16 -56.58 -18.48
C THR A 170 -13.33 -55.88 -17.79
N GLN A 171 -13.45 -56.00 -16.46
CA GLN A 171 -14.51 -55.35 -15.72
C GLN A 171 -14.07 -55.20 -14.27
N ILE A 172 -14.24 -54.01 -13.72
CA ILE A 172 -13.82 -53.71 -12.35
C ILE A 172 -15.06 -53.58 -11.49
N THR A 173 -15.18 -54.41 -10.47
CA THR A 173 -16.28 -54.34 -9.52
C THR A 173 -15.78 -53.79 -8.20
N ALA A 174 -16.73 -53.26 -7.41
CA ALA A 174 -16.39 -52.66 -6.12
C ALA A 174 -17.61 -52.81 -5.22
N LEU A 175 -17.59 -53.80 -4.33
CA LEU A 175 -18.71 -54.10 -3.47
C LEU A 175 -18.37 -53.72 -2.03
N TYR A 176 -19.36 -53.17 -1.33
CA TYR A 176 -19.21 -52.68 0.04
C TYR A 176 -20.07 -53.56 0.94
N CYS A 177 -19.53 -54.70 1.33
CA CYS A 177 -20.24 -55.68 2.14
C CYS A 177 -19.63 -55.75 3.53
N VAL A 178 -20.13 -56.68 4.33
CA VAL A 178 -19.53 -57.05 5.60
C VAL A 178 -18.98 -58.46 5.45
N LEU A 179 -17.68 -58.62 5.69
CA LEU A 179 -16.99 -59.87 5.45
C LEU A 179 -16.91 -60.65 6.76
N GLN A 180 -17.76 -61.67 6.90
CA GLN A 180 -17.59 -62.54 8.05
C GLN A 180 -16.95 -63.85 7.61
N PRO A 181 -16.12 -64.45 8.46
CA PRO A 181 -15.50 -65.74 8.10
C PRO A 181 -16.49 -66.88 8.06
N LYS A 182 -16.17 -67.89 7.25
CA LYS A 182 -16.98 -69.08 7.09
C LYS A 182 -16.26 -70.25 7.74
N ASN A 183 -16.89 -70.85 8.75
CA ASN A 183 -16.26 -71.86 9.60
C ASN A 183 -16.09 -73.16 8.80
N GLN A 184 -14.90 -73.36 8.26
CA GLN A 184 -14.57 -74.56 7.51
C GLN A 184 -13.08 -74.85 7.69
N THR A 185 -12.70 -76.10 7.43
CA THR A 185 -11.31 -76.51 7.59
C THR A 185 -10.43 -75.85 6.54
N ASN A 186 -9.24 -75.42 6.98
CA ASN A 186 -8.29 -74.64 6.16
C ASN A 186 -8.95 -73.42 5.55
N CYS A 187 -9.67 -72.67 6.38
CA CYS A 187 -10.46 -71.55 5.90
C CYS A 187 -10.59 -70.53 7.03
N THR A 188 -10.98 -69.32 6.66
CA THR A 188 -11.03 -68.21 7.61
C THR A 188 -12.08 -68.48 8.69
N GLY A 189 -11.71 -68.22 9.94
CA GLY A 189 -12.60 -68.44 11.05
C GLY A 189 -12.43 -69.75 11.78
N HIS A 190 -11.54 -70.62 11.30
CA HIS A 190 -11.25 -71.89 11.96
C HIS A 190 -9.91 -71.80 12.69
N THR A 191 -9.65 -72.82 13.51
CA THR A 191 -8.37 -72.90 14.19
C THR A 191 -7.23 -73.23 13.23
N THR A 192 -7.54 -73.81 12.08
CA THR A 192 -6.55 -74.12 11.05
C THR A 192 -6.83 -73.20 9.86
N TYR A 193 -5.91 -72.29 9.59
CA TYR A 193 -6.09 -71.32 8.52
C TYR A 193 -4.72 -70.81 8.10
N THR A 194 -4.51 -70.69 6.79
CA THR A 194 -3.23 -70.22 6.25
C THR A 194 -3.36 -68.87 5.56
N SER A 195 -4.20 -68.78 4.53
CA SER A 195 -4.43 -67.55 3.77
C SER A 195 -5.67 -67.77 2.91
N TYR A 196 -6.11 -66.70 2.26
CA TYR A 196 -7.19 -66.75 1.29
C TYR A 196 -6.64 -66.34 -0.07
N VAL A 197 -7.05 -67.06 -1.11
CA VAL A 197 -6.49 -66.90 -2.44
C VAL A 197 -7.63 -66.81 -3.43
N LEU A 198 -7.58 -65.83 -4.33
CA LEU A 198 -8.64 -65.64 -5.33
C LEU A 198 -8.20 -66.31 -6.63
N VAL A 199 -8.48 -67.61 -6.74
CA VAL A 199 -8.12 -68.37 -7.93
C VAL A 199 -9.05 -68.02 -9.08
N GLU A 200 -8.54 -68.22 -10.30
CA GLU A 200 -9.35 -68.21 -11.50
C GLU A 200 -8.64 -69.05 -12.55
N ASN A 201 -9.35 -69.33 -13.64
CA ASN A 201 -8.81 -70.10 -14.75
C ASN A 201 -8.51 -69.16 -15.91
N LYS A 202 -7.39 -69.41 -16.58
CA LYS A 202 -7.03 -68.62 -17.76
C LYS A 202 -8.01 -68.89 -18.90
N THR A 203 -8.39 -67.84 -19.60
CA THR A 203 -9.37 -68.00 -20.64
C THR A 203 -10.66 -68.53 -20.03
N ASN A 211 -14.20 -65.44 -12.71
CA ASN A 211 -14.78 -64.46 -11.81
C ASN A 211 -14.22 -64.60 -10.39
N LEU A 212 -13.68 -63.51 -9.88
CA LEU A 212 -13.10 -63.45 -8.55
C LEU A 212 -14.14 -63.24 -7.45
N LYS A 213 -15.37 -62.86 -7.80
CA LYS A 213 -16.43 -62.74 -6.80
C LYS A 213 -16.83 -64.11 -6.26
N GLN A 214 -16.98 -65.10 -7.15
CA GLN A 214 -17.32 -66.44 -6.69
C GLN A 214 -16.16 -67.09 -5.95
N SER A 215 -14.92 -66.71 -6.27
CA SER A 215 -13.78 -67.17 -5.48
C SER A 215 -13.75 -66.51 -4.11
N LEU A 216 -14.23 -65.27 -4.02
CA LEU A 216 -14.36 -64.62 -2.71
C LEU A 216 -15.49 -65.22 -1.89
N GLN A 217 -16.52 -65.77 -2.55
CA GLN A 217 -17.61 -66.42 -1.82
C GLN A 217 -17.17 -67.63 -1.02
N THR A 218 -16.07 -68.28 -1.40
CA THR A 218 -15.64 -69.49 -0.68
C THR A 218 -15.11 -69.16 0.71
N TRP A 219 -14.25 -68.15 0.81
CA TRP A 219 -13.64 -67.82 2.09
C TRP A 219 -14.60 -67.04 2.99
N PHE A 220 -15.16 -65.96 2.46
CA PHE A 220 -16.12 -65.14 3.18
C PHE A 220 -17.49 -65.26 2.52
N ASP A 221 -18.53 -65.10 3.32
CA ASP A 221 -19.90 -65.02 2.82
C ASP A 221 -20.43 -63.61 3.07
N LEU A 222 -20.90 -62.98 2.01
CA LEU A 222 -21.28 -61.56 2.06
C LEU A 222 -22.59 -61.41 2.82
N LYS A 223 -22.61 -60.51 3.80
CA LYS A 223 -23.82 -60.20 4.53
C LYS A 223 -23.99 -58.70 4.65
N ASP A 224 -25.21 -58.19 4.63
CA ASP A 224 -25.42 -56.78 4.85
C ASP A 224 -24.66 -56.02 3.89
N CYS A 225 -25.14 -55.92 2.68
CA CYS A 225 -24.30 -55.28 1.69
C CYS A 225 -25.01 -54.07 1.11
N LEU A 226 -24.27 -52.97 0.96
CA LEU A 226 -24.88 -51.73 0.50
C LEU A 226 -25.01 -51.70 -1.01
N PHE A 227 -23.88 -51.77 -1.72
CA PHE A 227 -23.88 -51.63 -3.17
C PHE A 227 -22.83 -52.54 -3.78
N GLU A 228 -22.87 -52.64 -5.11
CA GLU A 228 -21.85 -53.34 -5.89
C GLU A 228 -21.76 -52.62 -7.24
N LYS A 229 -20.85 -51.65 -7.32
CA LYS A 229 -20.66 -50.89 -8.55
C LYS A 229 -19.81 -51.69 -9.53
N LYS A 230 -20.05 -51.47 -10.82
CA LYS A 230 -19.32 -52.15 -11.88
C LYS A 230 -18.85 -51.13 -12.92
N TYR A 231 -17.61 -51.27 -13.36
CA TYR A 231 -17.01 -50.38 -14.34
C TYR A 231 -16.32 -51.21 -15.41
N ASN A 232 -16.50 -50.80 -16.67
CA ASN A 232 -15.91 -51.51 -17.80
C ASN A 232 -14.52 -50.97 -18.09
N VAL A 233 -13.60 -51.89 -18.37
CA VAL A 233 -12.22 -51.55 -18.71
C VAL A 233 -11.79 -52.39 -19.91
N SER A 234 -11.06 -51.76 -20.83
CA SER A 234 -10.59 -52.44 -22.03
C SER A 234 -9.23 -53.08 -21.78
N ALA A 235 -9.07 -54.31 -22.25
CA ALA A 235 -7.86 -55.08 -22.00
C ALA A 235 -6.74 -54.58 -22.90
N ASP A 236 -5.76 -53.91 -22.29
CA ASP A 236 -4.57 -53.47 -23.02
C ASP A 236 -3.32 -53.96 -22.29
N GLU A 237 -2.15 -53.48 -22.70
CA GLU A 237 -0.90 -53.86 -22.05
C GLU A 237 -0.06 -52.67 -21.61
N ARG A 238 -0.53 -51.44 -21.82
CA ARG A 238 0.26 -50.25 -21.48
C ARG A 238 0.26 -50.03 -19.98
N GLU A 239 1.16 -49.15 -19.54
CA GLU A 239 1.27 -48.80 -18.13
C GLU A 239 0.05 -47.99 -17.69
N GLU A 240 -0.56 -48.39 -16.58
CA GLU A 240 -1.77 -47.77 -16.07
C GLU A 240 -1.53 -47.27 -14.65
N TRP A 241 -2.11 -46.13 -14.33
CA TRP A 241 -2.02 -45.55 -13.00
C TRP A 241 -3.39 -45.56 -12.35
N PHE A 242 -3.45 -45.97 -11.08
CA PHE A 242 -4.69 -46.03 -10.32
C PHE A 242 -4.46 -45.37 -8.96
N GLY A 243 -5.44 -44.63 -8.48
CA GLY A 243 -5.31 -43.95 -7.21
C GLY A 243 -6.63 -43.84 -6.50
N ILE A 244 -6.58 -43.81 -5.17
CA ILE A 244 -7.76 -43.71 -4.33
C ILE A 244 -7.55 -42.59 -3.33
N THR A 245 -8.66 -42.00 -2.88
CA THR A 245 -8.64 -40.86 -1.96
C THR A 245 -10.02 -40.72 -1.34
N GLN A 246 -10.08 -40.62 -0.02
CA GLN A 246 -11.34 -40.44 0.69
C GLN A 246 -11.48 -38.98 1.11
N ASP A 247 -12.63 -38.39 0.80
CA ASP A 247 -12.93 -37.01 1.15
C ASP A 247 -14.19 -36.98 2.01
N GLN A 248 -14.68 -35.77 2.29
CA GLN A 248 -15.90 -35.61 3.08
C GLN A 248 -17.14 -36.02 2.29
N GLN A 249 -17.06 -36.02 0.96
CA GLN A 249 -18.17 -36.40 0.09
C GLN A 249 -18.17 -37.88 -0.28
N GLY A 250 -17.21 -38.66 0.22
CA GLY A 250 -17.16 -40.07 -0.06
C GLY A 250 -15.76 -40.48 -0.47
N VAL A 251 -15.66 -41.68 -1.05
CA VAL A 251 -14.38 -42.24 -1.47
C VAL A 251 -14.26 -42.05 -2.98
N HIS A 252 -13.23 -41.34 -3.40
CA HIS A 252 -13.00 -41.07 -4.81
C HIS A 252 -12.06 -42.11 -5.39
N LEU A 253 -12.25 -42.40 -6.68
CA LEU A 253 -11.44 -43.37 -7.41
C LEU A 253 -10.87 -42.68 -8.64
N TYR A 254 -9.57 -42.85 -8.86
CA TYR A 254 -8.86 -42.17 -9.94
C TYR A 254 -8.19 -43.19 -10.85
N THR A 255 -8.17 -42.89 -12.15
CA THR A 255 -7.49 -43.75 -13.10
C THR A 255 -6.92 -42.88 -14.22
N SER A 256 -5.93 -43.43 -14.92
CA SER A 256 -5.28 -42.73 -16.02
C SER A 256 -5.89 -43.06 -17.37
N ARG A 257 -6.94 -43.86 -17.42
CA ARG A 257 -7.56 -44.26 -18.67
C ARG A 257 -8.55 -43.24 -19.21
N LYS A 258 -8.86 -42.20 -18.43
CA LYS A 258 -9.81 -41.20 -18.88
C LYS A 258 -9.22 -40.32 -19.97
N ASN A 259 -10.12 -39.67 -20.73
CA ASN A 259 -9.77 -38.76 -21.83
C ASN A 259 -8.90 -39.43 -22.89
N GLY A 260 -9.28 -40.65 -23.28
CA GLY A 260 -8.62 -41.34 -24.36
C GLY A 260 -7.38 -42.11 -23.99
N PHE A 261 -6.94 -42.02 -22.73
CA PHE A 261 -5.76 -42.73 -22.19
C PHE A 261 -4.52 -42.36 -23.03
N LYS A 262 -4.18 -41.07 -23.01
CA LYS A 262 -3.06 -40.55 -23.76
C LYS A 262 -2.00 -39.92 -22.86
N SER A 263 -2.12 -40.07 -21.55
CA SER A 263 -1.18 -39.48 -20.61
C SER A 263 -1.14 -40.32 -19.35
N ASN A 264 -0.23 -39.97 -18.45
CA ASN A 264 -0.12 -40.63 -17.16
C ASN A 264 -0.85 -39.90 -16.05
N ASN A 265 -1.53 -38.79 -16.36
CA ASN A 265 -2.34 -38.10 -15.37
C ASN A 265 -3.59 -38.90 -15.05
N MET A 266 -4.10 -38.73 -13.84
CA MET A 266 -5.27 -39.48 -13.38
C MET A 266 -6.45 -38.54 -13.13
N PHE A 267 -7.62 -38.98 -13.58
CA PHE A 267 -8.83 -38.19 -13.47
C PHE A 267 -9.89 -39.01 -12.75
N LEU A 268 -10.79 -38.31 -12.07
CA LEU A 268 -11.81 -38.97 -11.25
C LEU A 268 -12.84 -39.64 -12.14
N PHE A 269 -13.12 -40.91 -11.85
CA PHE A 269 -14.14 -41.64 -12.59
C PHE A 269 -15.23 -42.25 -11.73
N ALA A 270 -15.07 -42.28 -10.42
CA ALA A 270 -16.08 -42.85 -9.54
C ALA A 270 -16.02 -42.16 -8.19
N THR A 271 -17.15 -42.21 -7.47
CA THR A 271 -17.24 -41.67 -6.11
C THR A 271 -18.18 -42.60 -5.34
N LEU A 272 -17.58 -43.53 -4.60
CA LEU A 272 -18.37 -44.49 -3.86
C LEU A 272 -18.95 -43.84 -2.61
N PRO A 273 -20.20 -44.16 -2.25
CA PRO A 273 -20.84 -43.54 -1.07
C PRO A 273 -20.44 -44.20 0.24
N ILE A 274 -19.15 -44.12 0.58
CA ILE A 274 -18.62 -44.67 1.81
C ILE A 274 -18.24 -43.51 2.71
N TYR A 275 -19.04 -43.29 3.76
CA TYR A 275 -18.81 -42.17 4.66
C TYR A 275 -18.08 -42.57 5.93
N GLU A 276 -17.72 -43.85 6.07
CA GLU A 276 -16.81 -44.27 7.12
C GLU A 276 -15.39 -44.03 6.68
N ARG A 277 -14.60 -43.35 7.51
CA ARG A 277 -13.24 -43.01 7.14
C ARG A 277 -12.36 -44.25 7.20
N LEU A 278 -11.79 -44.62 6.06
CA LEU A 278 -10.99 -45.83 5.97
C LEU A 278 -9.63 -45.63 6.62
N ARG A 279 -9.24 -46.57 7.48
CA ARG A 279 -7.96 -46.51 8.16
C ARG A 279 -6.92 -47.45 7.59
N TYR A 280 -7.33 -48.58 7.02
CA TYR A 280 -6.41 -49.63 6.62
C TYR A 280 -6.72 -50.11 5.20
N TYR A 281 -5.70 -50.68 4.57
CA TYR A 281 -5.87 -51.36 3.29
C TYR A 281 -4.91 -52.53 3.24
N THR A 282 -5.29 -53.56 2.50
CA THR A 282 -4.45 -54.73 2.33
C THR A 282 -4.54 -55.20 0.87
N VAL A 283 -3.58 -56.01 0.47
CA VAL A 283 -3.51 -56.52 -0.89
C VAL A 283 -3.91 -57.99 -0.86
N MET A 284 -4.97 -58.32 -1.58
CA MET A 284 -5.49 -59.68 -1.60
C MET A 284 -4.67 -60.54 -2.56
N PRO A 285 -4.08 -61.64 -2.10
CA PRO A 285 -3.30 -62.49 -3.01
C PRO A 285 -4.19 -63.25 -3.97
N ARG A 286 -3.67 -63.46 -5.17
CA ARG A 286 -4.39 -64.21 -6.19
C ARG A 286 -3.38 -64.85 -7.13
N SER A 287 -3.84 -65.90 -7.82
CA SER A 287 -2.97 -66.62 -8.75
C SER A 287 -3.81 -67.15 -9.90
N ILE A 288 -3.43 -66.78 -11.13
CA ILE A 288 -4.15 -67.19 -12.33
C ILE A 288 -3.60 -68.52 -12.83
N LYS A 289 -4.50 -69.35 -13.37
CA LYS A 289 -4.15 -70.69 -13.81
C LYS A 289 -3.27 -70.65 -15.06
N THR A 290 -2.37 -71.62 -15.14
CA THR A 290 -1.50 -71.79 -16.30
C THR A 290 -2.15 -72.69 -17.33
N ASN A 294 7.10 -76.04 -16.70
CA ASN A 294 7.27 -75.52 -15.36
C ASN A 294 6.80 -74.07 -15.28
N ASP A 295 6.79 -73.39 -16.44
CA ASP A 295 6.35 -72.01 -16.51
C ASP A 295 5.84 -71.73 -17.91
N HIS A 296 4.74 -70.97 -17.99
CA HIS A 296 4.16 -70.62 -19.27
C HIS A 296 3.96 -69.12 -19.40
N MET A 297 3.72 -68.43 -18.28
CA MET A 297 3.55 -66.98 -18.31
C MET A 297 3.91 -66.39 -16.96
N ALA A 298 4.20 -65.09 -16.96
CA ALA A 298 4.53 -64.33 -15.77
C ALA A 298 3.73 -63.04 -15.77
N TRP A 299 3.44 -62.54 -14.57
CA TRP A 299 2.58 -61.39 -14.38
C TRP A 299 3.36 -60.22 -13.80
N SER A 300 2.92 -59.01 -14.14
CA SER A 300 3.62 -57.79 -13.81
C SER A 300 3.52 -57.48 -12.32
N ALA A 301 4.36 -56.53 -11.90
CA ALA A 301 4.43 -56.08 -10.52
C ALA A 301 3.75 -54.72 -10.42
N PHE A 302 2.83 -54.58 -9.47
CA PHE A 302 2.23 -53.28 -9.20
C PHE A 302 2.84 -52.70 -7.93
N TYR A 303 3.06 -51.40 -7.95
CA TYR A 303 3.70 -50.69 -6.86
C TYR A 303 2.71 -49.71 -6.25
N ILE A 304 2.59 -49.72 -4.93
CA ILE A 304 1.66 -48.87 -4.20
C ILE A 304 2.45 -47.80 -3.46
N TYR A 305 2.12 -46.54 -3.71
CA TYR A 305 2.87 -45.41 -3.20
C TYR A 305 1.96 -44.59 -2.30
N GLN A 306 2.45 -44.22 -1.12
CA GLN A 306 1.65 -43.44 -0.19
C GLN A 306 1.51 -42.00 -0.68
N LEU A 307 0.36 -41.40 -0.41
CA LEU A 307 0.09 -40.01 -0.74
C LEU A 307 0.29 -39.15 0.50
N HIS A 308 1.02 -38.05 0.34
CA HIS A 308 1.32 -37.12 1.42
C HIS A 308 0.77 -35.74 1.08
N LYS A 309 0.31 -35.03 2.10
CA LYS A 309 -0.14 -33.65 1.93
C LYS A 309 1.10 -32.76 1.84
N LEU A 310 1.44 -32.36 0.62
CA LEU A 310 2.64 -31.56 0.38
C LEU A 310 2.44 -30.74 -0.88
N ASN A 311 3.46 -29.96 -1.23
CA ASN A 311 3.39 -28.95 -2.28
C ASN A 311 4.19 -29.39 -3.49
N TYR A 312 3.59 -29.28 -4.67
CA TYR A 312 4.29 -29.42 -5.93
C TYR A 312 4.25 -28.12 -6.72
N LEU A 313 5.28 -27.92 -7.53
CA LEU A 313 5.26 -26.96 -8.63
C LEU A 313 5.04 -27.76 -9.90
N VAL A 314 4.00 -27.39 -10.66
CA VAL A 314 3.60 -28.18 -11.82
C VAL A 314 3.62 -27.31 -13.07
N GLU A 315 3.77 -27.97 -14.22
CA GLU A 315 3.78 -27.32 -15.51
C GLU A 315 2.73 -27.98 -16.39
N PHE A 316 1.71 -27.23 -16.77
CA PHE A 316 0.68 -27.72 -17.66
C PHE A 316 1.08 -27.47 -19.12
N ASP A 317 0.57 -28.31 -20.01
CA ASP A 317 0.91 -28.14 -21.40
C ASP A 317 -0.23 -27.50 -22.15
N VAL A 318 -0.27 -27.60 -23.48
CA VAL A 318 -1.25 -26.85 -24.26
C VAL A 318 -2.64 -27.51 -24.19
N GLU A 319 -2.70 -28.84 -24.12
CA GLU A 319 -4.00 -29.50 -24.02
C GLU A 319 -4.47 -29.69 -22.58
N GLY A 320 -3.65 -29.32 -21.60
CA GLY A 320 -4.10 -29.30 -20.22
C GLY A 320 -3.70 -30.50 -19.39
N TYR A 321 -2.49 -31.01 -19.61
CA TYR A 321 -1.96 -32.14 -18.86
C TYR A 321 -0.71 -31.72 -18.12
N ILE A 322 -0.47 -32.34 -16.97
CA ILE A 322 0.74 -32.10 -16.19
C ILE A 322 1.86 -32.93 -16.83
N VAL A 323 2.81 -32.24 -17.47
CA VAL A 323 3.90 -32.95 -18.12
C VAL A 323 5.12 -33.10 -17.21
N ARG A 324 5.31 -32.20 -16.26
CA ARG A 324 6.41 -32.32 -15.32
C ARG A 324 6.04 -31.63 -14.02
N ALA A 325 6.61 -32.14 -12.92
CA ALA A 325 6.38 -31.59 -11.60
C ALA A 325 7.70 -31.54 -10.86
N SER A 326 7.68 -30.95 -9.67
CA SER A 326 8.88 -30.84 -8.84
C SER A 326 8.50 -30.90 -7.39
N ASP A 327 8.94 -31.95 -6.69
CA ASP A 327 8.73 -32.06 -5.26
C ASP A 327 9.58 -31.04 -4.53
N CYS A 328 8.92 -30.12 -3.82
CA CYS A 328 9.59 -28.94 -3.30
C CYS A 328 10.65 -29.28 -2.27
N GLY A 329 10.38 -30.25 -1.40
CA GLY A 329 11.35 -30.63 -0.40
C GLY A 329 12.32 -31.72 -0.80
N ALA A 330 12.38 -32.08 -2.09
CA ALA A 330 13.21 -33.21 -2.51
C ALA A 330 14.70 -32.89 -2.39
N ASN A 331 15.12 -31.73 -2.90
CA ASN A 331 16.52 -31.34 -2.85
C ASN A 331 16.60 -29.82 -2.85
N ASP A 332 17.81 -29.28 -3.01
CA ASP A 332 18.00 -27.84 -2.99
C ASP A 332 17.55 -27.18 -4.28
N TYR A 333 17.72 -27.86 -5.42
CA TYR A 333 17.33 -27.29 -6.70
C TYR A 333 15.81 -27.11 -6.79
N THR A 334 15.06 -28.06 -6.26
CA THR A 334 13.61 -27.90 -6.28
C THR A 334 13.11 -26.96 -5.21
N GLN A 335 13.84 -26.80 -4.11
CA GLN A 335 13.54 -25.70 -3.19
C GLN A 335 13.72 -24.36 -3.89
N LEU A 336 14.75 -24.27 -4.75
CA LEU A 336 14.96 -23.07 -5.55
C LEU A 336 13.82 -22.84 -6.53
N GLN A 337 13.39 -23.90 -7.22
CA GLN A 337 12.31 -23.79 -8.20
C GLN A 337 10.99 -23.43 -7.53
N CYS A 338 10.69 -24.04 -6.39
CA CYS A 338 9.43 -23.75 -5.71
C CYS A 338 9.45 -22.38 -5.06
N SER A 339 10.63 -21.89 -4.64
CA SER A 339 10.70 -20.55 -4.06
C SER A 339 10.72 -19.46 -5.12
N TYR A 340 10.98 -19.79 -6.39
CA TYR A 340 10.88 -18.79 -7.44
C TYR A 340 9.75 -19.04 -8.44
N GLY A 341 9.06 -20.18 -8.37
CA GLY A 341 7.92 -20.44 -9.22
C GLY A 341 8.23 -20.58 -10.70
N GLN A 342 9.35 -21.20 -11.04
CA GLN A 342 9.68 -21.49 -12.43
C GLN A 342 10.63 -22.67 -12.48
N PHE A 343 10.60 -23.40 -13.58
CA PHE A 343 11.43 -24.59 -13.75
C PHE A 343 12.80 -24.25 -14.33
N ASP A 344 12.82 -23.69 -15.54
CA ASP A 344 14.06 -23.37 -16.23
C ASP A 344 14.58 -22.04 -15.72
N MET A 345 15.68 -22.05 -14.98
CA MET A 345 16.25 -20.86 -14.39
C MET A 345 17.67 -20.63 -14.90
N ASN A 346 18.05 -19.37 -14.97
CA ASN A 346 19.39 -19.00 -15.40
C ASN A 346 20.40 -19.30 -14.29
N SER A 347 21.67 -19.27 -14.66
CA SER A 347 22.73 -19.53 -13.69
C SER A 347 22.90 -18.34 -12.75
N GLY A 348 23.17 -18.63 -11.49
CA GLY A 348 23.38 -17.58 -10.52
C GLY A 348 23.34 -18.14 -9.11
N VAL A 349 23.59 -17.24 -8.16
CA VAL A 349 23.56 -17.55 -6.74
C VAL A 349 22.29 -16.93 -6.18
N TYR A 350 21.27 -17.75 -5.98
CA TYR A 350 19.97 -17.29 -5.53
C TYR A 350 19.86 -17.43 -4.02
N SER A 351 18.65 -17.21 -3.49
CA SER A 351 18.34 -17.47 -2.10
C SER A 351 17.12 -18.37 -2.04
N ALA A 352 17.26 -19.51 -1.40
CA ALA A 352 16.22 -20.53 -1.39
C ALA A 352 15.46 -20.52 -0.07
N SER A 353 14.18 -20.88 -0.14
CA SER A 353 13.35 -20.99 1.04
C SER A 353 13.43 -22.41 1.60
N TYR A 354 12.69 -22.65 2.68
CA TYR A 354 12.62 -23.96 3.31
C TYR A 354 11.25 -24.57 3.00
N PHE A 355 11.25 -25.73 2.37
CA PHE A 355 10.01 -26.45 2.08
C PHE A 355 9.94 -27.78 2.80
N ASN A 356 10.90 -28.09 3.67
CA ASN A 356 10.92 -29.33 4.44
C ASN A 356 11.00 -29.06 5.94
N ALA A 357 10.75 -27.83 6.36
CA ALA A 357 10.86 -27.44 7.76
C ALA A 357 9.52 -27.55 8.49
N GLN A 358 8.68 -28.50 8.11
CA GLN A 358 7.45 -28.74 8.82
C GLN A 358 7.74 -29.30 10.22
N PRO A 359 6.94 -28.95 11.22
CA PRO A 359 7.18 -29.46 12.56
C PRO A 359 6.93 -30.95 12.66
N ARG A 360 7.70 -31.60 13.53
CA ARG A 360 7.63 -33.05 13.71
C ARG A 360 7.18 -33.45 15.10
N GLY A 361 7.81 -32.93 16.14
CA GLY A 361 7.49 -33.30 17.50
C GLY A 361 6.46 -32.38 18.13
N TYR A 362 6.30 -32.53 19.44
CA TYR A 362 5.38 -31.71 20.22
C TYR A 362 5.85 -31.70 21.67
N TYR A 363 5.89 -30.51 22.26
CA TYR A 363 6.31 -30.35 23.65
C TYR A 363 5.31 -29.46 24.37
N TYR A 364 4.83 -29.91 25.52
CA TYR A 364 3.89 -29.15 26.32
C TYR A 364 4.32 -29.20 27.78
N VAL A 365 4.34 -28.04 28.43
CA VAL A 365 4.66 -27.97 29.85
C VAL A 365 3.97 -26.75 30.44
N ALA A 366 3.60 -26.83 31.71
CA ALA A 366 2.94 -25.73 32.40
C ALA A 366 3.18 -25.87 33.88
N ASN A 367 2.99 -24.77 34.61
CA ASN A 367 3.12 -24.77 36.05
C ASN A 367 2.00 -25.58 36.68
N GLU A 368 2.31 -26.26 37.78
CA GLU A 368 1.36 -27.10 38.48
C GLU A 368 1.18 -26.55 39.90
N LEU A 369 0.09 -25.83 40.13
CA LEU A 369 -0.24 -25.25 41.42
C LEU A 369 -1.56 -25.85 41.92
N GLU A 370 -2.06 -25.29 43.01
CA GLU A 370 -3.25 -25.84 43.67
C GLU A 370 -4.51 -25.59 42.83
N GLU A 371 -5.56 -26.33 43.16
CA GLU A 371 -6.83 -26.21 42.46
C GLU A 371 -7.46 -24.85 42.70
N CYS A 372 -7.95 -24.24 41.62
CA CYS A 372 -8.63 -22.96 41.72
C CYS A 372 -9.97 -23.14 42.43
N ALA A 373 -10.33 -22.15 43.25
CA ALA A 373 -11.51 -22.26 44.11
C ALA A 373 -12.77 -21.88 43.33
N LEU A 374 -13.09 -22.70 42.32
CA LEU A 374 -14.26 -22.47 41.49
C LEU A 374 -15.55 -23.04 42.11
N ASP A 375 -15.45 -23.72 43.24
CA ASP A 375 -16.63 -24.28 43.88
C ASP A 375 -17.44 -23.24 44.65
N VAL A 376 -16.92 -22.01 44.80
CA VAL A 376 -17.67 -20.95 45.45
C VAL A 376 -18.77 -20.39 44.56
N LEU A 377 -18.80 -20.76 43.29
CA LEU A 377 -19.83 -20.31 42.38
C LEU A 377 -21.19 -20.92 42.71
N PHE A 378 -21.22 -22.02 43.45
CA PHE A 378 -22.44 -22.68 43.84
C PHE A 378 -22.73 -22.59 45.34
N LYS A 379 -21.82 -22.00 46.11
CA LYS A 379 -22.07 -21.80 47.53
C LYS A 379 -23.07 -20.66 47.73
N ASN A 380 -23.69 -20.66 48.91
CA ASN A 380 -24.62 -19.63 49.41
C ASN A 380 -25.82 -19.57 48.46
N ILE A 381 -26.38 -18.40 48.20
CA ILE A 381 -27.54 -18.25 47.35
C ILE A 381 -27.11 -17.62 46.03
N ALA A 382 -27.99 -17.71 45.04
CA ALA A 382 -27.71 -17.07 43.75
C ALA A 382 -27.81 -15.56 43.91
N PRO A 383 -26.80 -14.80 43.50
CA PRO A 383 -26.82 -13.35 43.72
C PRO A 383 -27.81 -12.65 42.80
N GLN A 384 -28.32 -11.52 43.27
CA GLN A 384 -29.10 -10.65 42.42
C GLN A 384 -28.19 -9.93 41.43
N ILE A 385 -28.79 -9.40 40.37
CA ILE A 385 -27.99 -8.63 39.42
C ILE A 385 -27.69 -7.24 39.97
N ALA A 386 -28.55 -6.72 40.86
CA ALA A 386 -28.28 -5.44 41.49
C ALA A 386 -27.10 -5.53 42.45
N ASN A 387 -26.92 -6.69 43.08
CA ASN A 387 -25.80 -6.94 43.98
C ASN A 387 -25.16 -8.27 43.57
N TYR A 388 -24.31 -8.22 42.57
CA TYR A 388 -23.65 -9.42 42.06
C TYR A 388 -22.25 -9.54 42.65
N SER A 389 -21.72 -10.75 42.60
CA SER A 389 -20.44 -11.07 43.22
C SER A 389 -19.37 -11.27 42.15
N ARG A 390 -18.13 -10.98 42.53
CA ARG A 390 -16.98 -11.08 41.65
C ARG A 390 -15.86 -11.81 42.36
N ARG A 391 -15.22 -12.74 41.65
CA ARG A 391 -14.06 -13.46 42.17
C ARG A 391 -12.93 -13.38 41.16
N VAL A 392 -11.72 -13.16 41.64
CA VAL A 392 -10.52 -13.10 40.81
C VAL A 392 -9.62 -14.26 41.21
N PHE A 393 -9.29 -15.11 40.25
CA PHE A 393 -8.51 -16.32 40.49
C PHE A 393 -7.11 -16.13 39.93
N THR A 394 -6.11 -16.24 40.81
CA THR A 394 -4.71 -16.13 40.41
C THR A 394 -3.90 -17.19 41.13
N ASN A 395 -2.81 -17.60 40.49
CA ASN A 395 -1.84 -18.56 41.03
C ASN A 395 -2.50 -19.90 41.39
N CYS A 396 -3.42 -20.36 40.53
CA CYS A 396 -4.06 -21.63 40.73
C CYS A 396 -4.46 -22.23 39.38
N ASN A 397 -4.59 -23.55 39.37
CA ASN A 397 -4.95 -24.29 38.16
C ASN A 397 -6.44 -24.57 38.20
N TYR A 398 -7.16 -24.06 37.20
CA TYR A 398 -8.61 -24.18 37.16
C TYR A 398 -9.02 -25.43 36.39
N ASN A 399 -10.19 -25.95 36.75
CA ASN A 399 -10.84 -27.03 36.03
C ASN A 399 -12.25 -26.55 35.69
N LEU A 400 -12.42 -26.00 34.49
CA LEU A 400 -13.70 -25.44 34.06
C LEU A 400 -14.75 -26.51 33.81
N THR A 401 -14.36 -27.79 33.73
CA THR A 401 -15.33 -28.87 33.62
C THR A 401 -16.15 -29.01 34.91
N LYS A 402 -15.59 -28.58 36.04
CA LYS A 402 -16.37 -28.56 37.28
C LYS A 402 -17.50 -27.54 37.22
N LEU A 403 -17.35 -26.50 36.40
CA LEU A 403 -18.45 -25.57 36.16
C LEU A 403 -19.40 -26.09 35.09
N LEU A 404 -18.87 -26.60 33.98
CA LEU A 404 -19.71 -26.93 32.85
C LEU A 404 -20.42 -28.28 32.99
N SER A 405 -20.12 -29.08 34.00
CA SER A 405 -20.82 -30.34 34.19
C SER A 405 -22.02 -30.23 35.11
N LEU A 406 -22.23 -29.09 35.76
CA LEU A 406 -23.37 -28.90 36.65
C LEU A 406 -24.39 -27.91 36.10
N VAL A 407 -24.19 -27.41 34.88
CA VAL A 407 -25.09 -26.45 34.28
C VAL A 407 -25.48 -26.93 32.89
N GLU A 408 -26.59 -26.40 32.39
CA GLU A 408 -27.05 -26.68 31.03
C GLU A 408 -26.92 -25.38 30.24
N VAL A 409 -25.89 -25.20 29.44
CA VAL A 409 -25.69 -23.93 28.75
C VAL A 409 -26.65 -23.61 27.64
N ASP A 410 -27.49 -22.60 27.80
CA ASP A 410 -28.40 -22.16 26.75
C ASP A 410 -27.94 -21.06 25.81
N GLU A 411 -26.76 -20.52 26.02
CA GLU A 411 -26.22 -19.54 25.10
C GLU A 411 -24.93 -18.99 25.55
N PHE A 412 -23.94 -18.90 24.68
CA PHE A 412 -22.71 -18.26 25.07
C PHE A 412 -22.39 -17.13 24.09
N VAL A 413 -21.86 -16.03 24.61
CA VAL A 413 -21.43 -14.89 23.80
C VAL A 413 -19.99 -14.58 24.19
N CYS A 414 -19.06 -14.88 23.30
CA CYS A 414 -17.64 -14.73 23.59
C CYS A 414 -17.01 -13.70 22.65
N ASP A 415 -16.08 -12.92 23.20
CA ASP A 415 -15.30 -11.96 22.45
C ASP A 415 -13.83 -12.30 22.61
N LYS A 416 -13.12 -12.41 21.49
CA LYS A 416 -11.68 -12.67 21.35
C LYS A 416 -11.27 -14.07 21.78
N THR A 417 -12.16 -14.90 22.31
CA THR A 417 -11.89 -16.30 22.60
C THR A 417 -13.10 -17.12 22.18
N THR A 418 -13.09 -18.39 22.54
CA THR A 418 -14.18 -19.33 22.34
C THR A 418 -14.28 -20.17 23.61
N PRO A 419 -15.45 -20.77 23.87
CA PRO A 419 -15.57 -21.66 25.04
C PRO A 419 -14.65 -22.87 24.99
N GLU A 420 -14.30 -23.35 23.79
CA GLU A 420 -13.30 -24.42 23.69
C GLU A 420 -11.92 -23.92 24.05
N SER A 421 -11.63 -22.64 23.81
CA SER A 421 -10.35 -22.04 24.15
C SER A 421 -10.31 -21.46 25.56
N LEU A 422 -11.42 -21.55 26.30
CA LEU A 422 -11.44 -21.10 27.69
C LEU A 422 -11.11 -22.20 28.67
N ALA A 423 -11.45 -23.45 28.33
CA ALA A 423 -11.09 -24.57 29.18
C ALA A 423 -9.58 -24.78 29.21
N THR A 424 -8.93 -24.65 28.07
CA THR A 424 -7.49 -24.74 27.97
C THR A 424 -6.90 -23.33 27.88
N GLY A 425 -5.58 -23.25 27.83
CA GLY A 425 -4.91 -21.96 27.73
C GLY A 425 -4.63 -21.33 29.08
N CYS A 426 -3.43 -20.79 29.24
CA CYS A 426 -3.01 -20.19 30.51
C CYS A 426 -3.22 -18.68 30.48
N TYR A 427 -3.66 -18.14 31.61
CA TYR A 427 -4.04 -16.74 31.72
C TYR A 427 -3.24 -16.08 32.84
N SER A 428 -3.15 -14.76 32.78
CA SER A 428 -2.57 -14.03 33.89
C SER A 428 -3.54 -13.94 35.06
N SER A 429 -4.83 -13.82 34.78
CA SER A 429 -5.87 -13.78 35.81
C SER A 429 -7.15 -14.34 35.22
N LEU A 430 -8.17 -14.47 36.06
CA LEU A 430 -9.45 -15.00 35.61
C LEU A 430 -10.53 -14.40 36.51
N VAL A 431 -11.23 -13.40 35.99
CA VAL A 431 -12.28 -12.71 36.74
C VAL A 431 -13.62 -13.32 36.35
N VAL A 432 -14.37 -13.77 37.35
CA VAL A 432 -15.67 -14.40 37.14
C VAL A 432 -16.72 -13.55 37.86
N ASP A 433 -17.74 -13.12 37.11
CA ASP A 433 -18.87 -12.40 37.65
C ASP A 433 -20.14 -13.21 37.36
N TRP A 434 -20.92 -13.47 38.40
CA TRP A 434 -22.12 -14.27 38.21
C TRP A 434 -23.28 -13.70 39.01
N PHE A 435 -24.49 -13.91 38.50
CA PHE A 435 -25.72 -13.45 39.11
C PHE A 435 -26.87 -14.27 38.52
N ALA A 436 -28.08 -13.97 38.95
CA ALA A 436 -29.28 -14.65 38.48
C ALA A 436 -30.05 -13.72 37.55
N LEU A 437 -30.43 -14.25 36.39
CA LEU A 437 -31.18 -13.49 35.39
C LEU A 437 -31.90 -14.46 34.47
N PRO A 438 -33.18 -14.22 34.17
CA PRO A 438 -33.92 -15.13 33.29
C PRO A 438 -33.47 -15.01 31.84
N LEU A 439 -33.79 -16.04 31.07
CA LEU A 439 -33.48 -16.02 29.64
C LEU A 439 -34.41 -15.11 28.85
N SER A 440 -35.52 -14.66 29.43
CA SER A 440 -36.36 -13.66 28.78
C SER A 440 -35.66 -12.31 28.69
N MET A 441 -34.68 -12.05 29.56
CA MET A 441 -33.89 -10.83 29.54
C MET A 441 -32.47 -11.09 29.03
N LYS A 442 -32.29 -12.12 28.21
CA LYS A 442 -30.97 -12.42 27.67
C LYS A 442 -30.53 -11.41 26.62
N SER A 443 -31.47 -10.70 26.02
CA SER A 443 -31.15 -9.63 25.07
C SER A 443 -30.90 -8.30 25.77
N THR A 444 -31.18 -8.22 27.06
CA THR A 444 -30.95 -6.98 27.79
C THR A 444 -29.47 -6.78 28.09
N LEU A 445 -28.72 -7.87 28.21
CA LEU A 445 -27.29 -7.82 28.45
C LEU A 445 -26.47 -7.77 27.17
N ALA A 446 -27.12 -7.68 26.01
CA ALA A 446 -26.40 -7.70 24.74
C ALA A 446 -25.67 -6.38 24.51
N ILE A 447 -24.80 -6.37 23.50
CA ILE A 447 -23.93 -5.23 23.26
C ILE A 447 -24.72 -4.08 22.65
N GLY A 448 -24.95 -3.06 23.45
CA GLY A 448 -25.64 -1.86 23.02
C GLY A 448 -27.12 -1.95 23.33
N SER A 449 -27.57 -1.27 24.38
CA SER A 449 -28.96 -1.36 24.79
C SER A 449 -29.29 -0.17 25.67
N ALA A 450 -30.55 0.30 25.55
CA ALA A 450 -31.02 1.46 26.28
C ALA A 450 -31.92 1.07 27.46
N GLU A 451 -31.67 -0.08 28.06
CA GLU A 451 -32.48 -0.57 29.16
C GLU A 451 -31.68 -0.53 30.46
N ALA A 452 -32.39 -0.73 31.57
CA ALA A 452 -31.88 -0.40 32.89
C ALA A 452 -30.76 -1.31 33.36
N ILE A 453 -30.62 -2.52 32.80
CA ILE A 453 -29.59 -3.43 33.26
C ILE A 453 -28.21 -2.95 32.84
N SER A 454 -28.06 -2.64 31.55
CA SER A 454 -26.76 -2.29 30.99
C SER A 454 -26.33 -0.87 31.30
N MET A 455 -27.14 -0.10 32.01
CA MET A 455 -26.81 1.27 32.35
C MET A 455 -26.82 1.53 33.84
N PHE A 456 -27.34 0.62 34.66
CA PHE A 456 -27.35 0.80 36.11
C PHE A 456 -26.79 -0.40 36.85
N ASN A 457 -26.91 -1.60 36.29
CA ASN A 457 -26.65 -2.83 37.01
C ASN A 457 -25.37 -3.53 36.56
N TYR A 458 -25.23 -3.82 35.27
CA TYR A 458 -24.04 -4.52 34.78
C TYR A 458 -23.66 -3.96 33.41
N ASN A 459 -22.56 -3.23 33.35
CA ASN A 459 -21.95 -2.80 32.11
C ASN A 459 -20.70 -3.63 31.91
N GLN A 460 -20.62 -4.34 30.77
CA GLN A 460 -19.57 -5.31 30.53
C GLN A 460 -18.38 -4.65 29.85
N ASP A 461 -17.18 -4.94 30.35
CA ASP A 461 -15.94 -4.43 29.78
C ASP A 461 -15.53 -5.31 28.62
N TYR A 462 -15.59 -4.77 27.40
CA TYR A 462 -15.24 -5.51 26.20
C TYR A 462 -13.82 -5.24 25.73
N SER A 463 -12.96 -4.76 26.64
CA SER A 463 -11.55 -4.54 26.32
C SER A 463 -10.69 -5.77 26.56
N ASN A 464 -11.25 -6.82 27.12
CA ASN A 464 -10.55 -8.04 27.48
C ASN A 464 -11.33 -9.23 26.95
N PRO A 465 -10.67 -10.38 26.74
CA PRO A 465 -11.40 -11.59 26.33
C PRO A 465 -12.40 -12.03 27.39
N THR A 466 -13.67 -12.06 27.01
CA THR A 466 -14.76 -12.41 27.90
C THR A 466 -15.63 -13.49 27.27
N CYS A 467 -16.38 -14.19 28.13
CA CYS A 467 -17.38 -15.15 27.69
C CYS A 467 -18.57 -15.07 28.64
N ARG A 468 -19.72 -14.65 28.13
CA ARG A 468 -20.94 -14.54 28.92
C ARG A 468 -21.76 -15.80 28.70
N ILE A 469 -21.83 -16.64 29.73
CA ILE A 469 -22.48 -17.95 29.65
C ILE A 469 -23.84 -17.86 30.33
N HIS A 470 -24.91 -18.02 29.55
CA HIS A 470 -26.27 -18.06 30.11
C HIS A 470 -26.57 -19.51 30.44
N ALA A 471 -26.31 -19.89 31.68
CA ALA A 471 -26.44 -21.27 32.12
C ALA A 471 -27.79 -21.50 32.79
N THR A 472 -28.09 -22.77 33.03
CA THR A 472 -29.30 -23.17 33.73
C THR A 472 -28.99 -24.35 34.62
N ILE A 473 -29.38 -24.28 35.88
CA ILE A 473 -29.18 -25.34 36.86
C ILE A 473 -30.54 -25.89 37.25
N ASN A 474 -30.79 -27.17 36.91
CA ASN A 474 -32.07 -27.76 37.26
C ASN A 474 -32.14 -28.07 38.75
N SER A 475 -33.35 -28.41 39.21
CA SER A 475 -33.58 -28.62 40.63
C SER A 475 -32.90 -29.88 41.15
N ASN A 476 -32.62 -30.85 40.28
CA ASN A 476 -31.98 -32.08 40.73
C ASN A 476 -30.51 -31.85 41.08
N VAL A 477 -29.78 -31.12 40.24
CA VAL A 477 -28.39 -30.82 40.53
C VAL A 477 -28.30 -29.82 41.68
N SER A 478 -29.15 -28.80 41.67
CA SER A 478 -29.12 -27.77 42.70
C SER A 478 -29.94 -28.20 43.93
N SER A 479 -29.70 -29.43 44.40
CA SER A 479 -30.25 -29.89 45.68
C SER A 479 -29.24 -30.63 46.53
N SER A 480 -28.19 -31.22 45.94
CA SER A 480 -27.12 -31.86 46.70
C SER A 480 -26.02 -30.87 47.05
N LEU A 481 -25.67 -29.99 46.13
CA LEU A 481 -24.75 -28.90 46.39
C LEU A 481 -25.44 -27.68 47.00
N ASN A 482 -26.76 -27.76 47.18
CA ASN A 482 -27.55 -26.81 47.97
C ASN A 482 -27.46 -25.39 47.41
N PHE A 483 -27.90 -25.25 46.16
CA PHE A 483 -28.01 -23.95 45.51
C PHE A 483 -29.47 -23.53 45.58
N THR A 484 -29.74 -22.51 46.38
CA THR A 484 -31.10 -22.02 46.61
C THR A 484 -31.23 -20.59 46.12
N ALA A 485 -32.41 -20.28 45.58
CA ALA A 485 -32.71 -18.91 45.15
C ALA A 485 -34.22 -18.72 45.30
N ASN A 486 -34.64 -18.22 46.46
CA ASN A 486 -36.05 -18.06 46.76
C ASN A 486 -36.44 -16.71 47.32
N ASN A 487 -35.48 -15.85 47.66
CA ASN A 487 -35.79 -14.52 48.15
C ASN A 487 -36.17 -13.60 46.98
N ASN A 488 -36.42 -12.34 47.29
CA ASN A 488 -36.80 -11.37 46.26
C ASN A 488 -35.59 -10.99 45.42
N TYR A 489 -35.77 -11.00 44.10
CA TYR A 489 -34.74 -10.59 43.17
C TYR A 489 -35.18 -9.32 42.46
N ALA A 490 -34.29 -8.34 42.38
CA ALA A 490 -34.63 -7.07 41.76
C ALA A 490 -33.37 -6.42 41.21
N TYR A 491 -33.58 -5.46 40.30
CA TYR A 491 -32.50 -4.69 39.72
C TYR A 491 -32.80 -3.20 39.84
N ILE A 492 -31.73 -2.41 39.79
CA ILE A 492 -31.82 -0.96 39.91
C ILE A 492 -32.35 -0.42 38.59
N SER A 493 -33.60 0.06 38.59
CA SER A 493 -34.21 0.59 37.38
C SER A 493 -34.04 2.10 37.26
N ARG A 494 -33.52 2.78 38.28
CA ARG A 494 -33.28 4.21 38.21
C ARG A 494 -32.22 4.56 39.25
N CYS A 495 -31.25 5.38 38.84
CA CYS A 495 -30.19 5.84 39.74
C CYS A 495 -29.96 7.33 39.53
N GLN A 496 -31.04 8.10 39.51
CA GLN A 496 -30.92 9.54 39.32
C GLN A 496 -30.43 10.21 40.61
N GLY A 497 -29.71 11.31 40.44
CA GLY A 497 -29.26 12.11 41.56
C GLY A 497 -30.26 13.18 41.92
N THR A 498 -29.79 14.16 42.67
CA THR A 498 -30.64 15.30 43.01
C THR A 498 -30.91 16.17 41.79
N ASP A 499 -29.93 16.29 40.89
CA ASP A 499 -30.10 17.12 39.70
C ASP A 499 -31.15 16.55 38.74
N GLY A 500 -31.17 15.23 38.57
CA GLY A 500 -32.14 14.57 37.73
C GLY A 500 -31.54 13.73 36.61
N LYS A 501 -30.26 13.93 36.28
CA LYS A 501 -29.64 13.12 35.25
C LYS A 501 -29.34 11.72 35.79
N PRO A 502 -29.42 10.68 34.95
CA PRO A 502 -29.11 9.33 35.42
C PRO A 502 -27.61 9.15 35.61
N ILE A 503 -27.24 8.48 36.69
CA ILE A 503 -25.85 8.16 36.96
C ILE A 503 -25.52 6.87 36.21
N LEU A 504 -24.82 6.99 35.08
CA LEU A 504 -24.52 5.86 34.24
C LEU A 504 -23.41 5.01 34.86
N LEU A 505 -23.53 3.71 34.71
CA LEU A 505 -22.52 2.79 35.25
C LEU A 505 -21.33 2.70 34.31
N GLN A 506 -20.13 2.71 34.89
CA GLN A 506 -18.91 2.58 34.10
C GLN A 506 -18.74 1.14 33.67
N LYS A 507 -17.79 0.93 32.75
CA LYS A 507 -17.55 -0.39 32.19
C LYS A 507 -16.82 -1.27 33.19
N GLY A 508 -17.33 -2.47 33.40
CA GLY A 508 -16.69 -3.44 34.28
C GLY A 508 -16.65 -3.04 35.74
N GLN A 509 -17.74 -2.50 36.26
CA GLN A 509 -17.78 -2.01 37.63
C GLN A 509 -19.03 -2.49 38.34
N LEU A 510 -18.94 -2.58 39.67
CA LEU A 510 -20.09 -2.87 40.49
C LEU A 510 -21.04 -1.67 40.47
N PRO A 511 -22.34 -1.89 40.72
CA PRO A 511 -23.29 -0.77 40.72
C PRO A 511 -22.98 0.25 41.82
N ASN A 512 -23.51 1.45 41.64
CA ASN A 512 -23.25 2.55 42.56
C ASN A 512 -23.77 2.20 43.95
N ILE A 513 -22.92 2.42 44.96
CA ILE A 513 -23.22 1.96 46.31
C ILE A 513 -24.42 2.71 46.89
N ALA A 514 -24.65 3.96 46.46
CA ALA A 514 -25.80 4.72 46.95
C ALA A 514 -27.10 4.13 46.46
N CYS A 515 -27.17 3.79 45.17
CA CYS A 515 -28.37 3.17 44.63
C CYS A 515 -28.48 1.71 45.05
N ARG A 516 -27.36 1.00 45.11
CA ARG A 516 -27.42 -0.43 45.43
C ARG A 516 -27.87 -0.65 46.87
N SER A 517 -27.38 0.14 47.83
CA SER A 517 -27.83 0.00 49.20
C SER A 517 -29.31 0.32 49.35
N GLY A 518 -29.78 1.35 48.64
CA GLY A 518 -31.20 1.69 48.69
C GLY A 518 -32.09 0.65 48.08
N VAL A 519 -31.68 0.07 46.94
CA VAL A 519 -32.49 -0.94 46.27
C VAL A 519 -32.52 -2.23 47.10
N LEU A 520 -31.39 -2.63 47.68
CA LEU A 520 -31.40 -3.79 48.56
C LEU A 520 -32.14 -3.51 49.87
N GLY A 521 -32.28 -2.25 50.26
CA GLY A 521 -33.08 -1.94 51.43
C GLY A 521 -34.56 -2.19 51.25
N LEU A 522 -35.09 -1.85 50.08
CA LEU A 522 -36.53 -1.97 49.83
C LEU A 522 -36.93 -3.43 49.68
N SER A 523 -38.24 -3.68 49.83
CA SER A 523 -38.80 -5.01 49.65
C SER A 523 -39.94 -5.05 48.65
N ASN A 524 -40.43 -3.91 48.18
CA ASN A 524 -41.50 -3.85 47.19
C ASN A 524 -41.07 -2.94 46.05
N ASP A 525 -41.65 -3.18 44.88
CA ASP A 525 -41.27 -2.43 43.69
C ASP A 525 -41.74 -0.99 43.77
N VAL A 526 -40.85 -0.07 43.40
CA VAL A 526 -41.14 1.36 43.38
C VAL A 526 -40.25 2.00 42.32
N ASP A 527 -40.79 3.01 41.64
CA ASP A 527 -40.13 3.57 40.47
C ASP A 527 -39.35 4.86 40.76
N TYR A 528 -39.85 5.71 41.65
CA TYR A 528 -39.22 7.01 41.90
C TYR A 528 -39.12 7.24 43.41
N PHE A 529 -38.55 6.26 44.11
CA PHE A 529 -38.35 6.38 45.54
C PHE A 529 -37.28 7.43 45.85
N GLY A 530 -37.46 8.13 46.96
CA GLY A 530 -36.48 9.11 47.39
C GLY A 530 -35.63 8.60 48.54
N TYR A 531 -34.37 8.31 48.27
CA TYR A 531 -33.48 7.72 49.25
C TYR A 531 -32.54 8.77 49.83
N ASN A 532 -32.17 8.56 51.09
CA ASN A 532 -31.23 9.43 51.81
C ASN A 532 -30.02 8.59 52.19
N PHE A 533 -29.03 8.54 51.30
CA PHE A 533 -27.81 7.78 51.54
C PHE A 533 -26.75 8.73 52.08
N ASN A 534 -26.79 8.93 53.40
CA ASN A 534 -25.78 9.67 54.16
C ASN A 534 -25.63 11.11 53.64
N GLY A 535 -26.69 11.88 53.83
CA GLY A 535 -26.69 13.24 53.32
C GLY A 535 -27.43 13.42 52.01
N ARG A 536 -26.69 13.38 50.90
CA ARG A 536 -27.22 13.67 49.58
C ARG A 536 -28.40 12.77 49.21
N ILE A 537 -29.42 13.39 48.63
CA ILE A 537 -30.66 12.69 48.30
C ILE A 537 -30.51 12.02 46.93
N PHE A 538 -30.69 10.71 46.89
CA PHE A 538 -30.67 9.94 45.66
C PHE A 538 -32.08 9.47 45.35
N TYR A 539 -32.52 9.68 44.12
CA TYR A 539 -33.84 9.23 43.67
C TYR A 539 -33.64 7.94 42.89
N ILE A 540 -34.09 6.82 43.47
CA ILE A 540 -33.80 5.49 42.95
C ILE A 540 -35.11 4.83 42.54
N GLY A 541 -34.98 3.73 41.82
CA GLY A 541 -36.12 2.93 41.41
C GLY A 541 -35.78 1.47 41.44
N ARG A 542 -36.78 0.65 41.75
CA ARG A 542 -36.60 -0.79 41.95
C ARG A 542 -37.62 -1.56 41.14
N LYS A 543 -37.15 -2.55 40.38
CA LYS A 543 -38.02 -3.42 39.59
C LYS A 543 -37.63 -4.86 39.84
N SER A 544 -38.60 -5.69 40.16
CA SER A 544 -38.34 -7.07 40.55
C SER A 544 -38.37 -7.99 39.34
N TYR A 545 -37.75 -9.16 39.50
CA TYR A 545 -37.78 -10.20 38.47
C TYR A 545 -37.68 -11.56 39.16
N THR A 546 -38.10 -12.59 38.43
CA THR A 546 -38.11 -13.96 38.96
C THR A 546 -37.13 -14.81 38.17
N PRO A 547 -36.03 -15.27 38.78
CA PRO A 547 -35.06 -16.07 38.02
C PRO A 547 -35.46 -17.53 37.84
N ARG A 548 -36.32 -18.06 38.70
CA ARG A 548 -36.69 -19.47 38.59
C ARG A 548 -37.63 -19.69 37.42
N THR A 549 -37.45 -20.82 36.73
CA THR A 549 -38.38 -21.22 35.70
C THR A 549 -39.56 -21.95 36.33
N SER A 550 -40.56 -22.25 35.50
CA SER A 550 -41.78 -22.90 36.01
C SER A 550 -41.53 -24.33 36.44
N GLU A 551 -40.51 -24.99 35.88
CA GLU A 551 -40.19 -26.35 36.29
C GLU A 551 -39.53 -26.38 37.65
N GLY A 552 -38.64 -25.43 37.93
CA GLY A 552 -37.94 -25.39 39.20
C GLY A 552 -36.47 -25.09 39.04
N SER A 553 -36.01 -24.97 37.81
CA SER A 553 -34.61 -24.68 37.55
C SER A 553 -34.29 -23.22 37.85
N ILE A 554 -33.01 -22.96 38.12
CA ILE A 554 -32.49 -21.62 38.36
C ILE A 554 -31.67 -21.21 37.15
N GLN A 555 -31.97 -20.04 36.61
CA GLN A 555 -31.31 -19.53 35.42
C GLN A 555 -30.21 -18.55 35.84
N MET A 556 -28.97 -18.87 35.49
CA MET A 556 -27.81 -18.12 35.91
C MET A 556 -27.10 -17.52 34.70
N VAL A 557 -26.32 -16.47 34.96
CA VAL A 557 -25.48 -15.84 33.96
C VAL A 557 -24.07 -15.78 34.53
N TYR A 558 -23.11 -16.38 33.83
CA TYR A 558 -21.71 -16.35 34.23
C TYR A 558 -20.92 -15.56 33.20
N VAL A 559 -20.20 -14.55 33.67
CA VAL A 559 -19.31 -13.77 32.82
C VAL A 559 -17.88 -14.05 33.26
N ILE A 560 -17.11 -14.71 32.41
CA ILE A 560 -15.73 -15.06 32.71
C ILE A 560 -14.84 -14.15 31.88
N THR A 561 -14.09 -13.29 32.55
CA THR A 561 -13.16 -12.37 31.89
C THR A 561 -11.75 -12.93 32.03
N ALA A 562 -11.06 -13.03 30.89
CA ALA A 562 -9.74 -13.64 30.83
C ALA A 562 -8.68 -12.57 30.59
N ASN A 563 -7.64 -12.57 31.41
CA ASN A 563 -6.57 -11.59 31.30
C ASN A 563 -5.34 -12.26 30.70
N TYR A 564 -4.81 -11.66 29.64
CA TYR A 564 -3.63 -12.18 28.96
C TYR A 564 -2.46 -11.21 29.18
N ALA A 565 -1.35 -11.74 29.68
CA ALA A 565 -0.12 -10.99 29.79
C ALA A 565 0.97 -11.73 29.01
N GLU A 566 1.89 -10.96 28.45
CA GLU A 566 2.97 -11.56 27.67
C GLU A 566 4.17 -11.94 28.54
N GLY A 567 4.08 -11.74 29.85
CA GLY A 567 5.09 -12.22 30.76
C GLY A 567 4.74 -13.57 31.33
N PRO A 568 4.50 -13.64 32.64
CA PRO A 568 4.14 -14.93 33.25
C PRO A 568 2.64 -15.24 33.30
N ASN A 569 2.27 -16.36 32.70
CA ASN A 569 0.89 -16.85 32.73
C ASN A 569 0.82 -18.02 33.72
N ASN A 570 0.14 -17.79 34.84
CA ASN A 570 0.11 -18.77 35.92
C ASN A 570 -1.24 -19.45 36.11
N VAL A 571 -2.33 -18.88 35.61
CA VAL A 571 -3.65 -19.50 35.73
C VAL A 571 -3.79 -20.42 34.52
N CYS A 572 -3.21 -21.60 34.65
CA CYS A 572 -3.12 -22.65 33.65
C CYS A 572 -4.23 -23.68 33.84
N PRO A 573 -4.64 -24.40 32.79
CA PRO A 573 -5.64 -25.44 32.97
C PRO A 573 -5.09 -26.62 33.76
N LEU A 574 -5.99 -27.33 34.42
CA LEU A 574 -5.61 -28.45 35.27
C LEU A 574 -5.52 -29.73 34.45
N LYS A 575 -4.41 -30.45 34.61
CA LYS A 575 -4.18 -31.70 33.92
C LYS A 575 -3.63 -32.72 34.92
N ASP A 576 -3.80 -33.99 34.59
CA ASP A 576 -3.37 -35.07 35.47
C ASP A 576 -1.85 -35.21 35.54
N ASN A 583 11.77 -34.95 28.46
CA ASN A 583 10.98 -35.23 27.27
C ASN A 583 11.47 -34.41 26.10
N LEU A 584 11.98 -33.21 26.38
CA LEU A 584 12.42 -32.33 25.32
C LEU A 584 13.74 -32.78 24.71
N ASP A 585 14.56 -33.54 25.46
CA ASP A 585 15.86 -33.98 24.95
C ASP A 585 15.71 -34.96 23.80
N SER A 586 14.60 -35.70 23.75
CA SER A 586 14.34 -36.58 22.62
C SER A 586 13.99 -35.80 21.37
N LEU A 587 13.35 -34.64 21.52
CA LEU A 587 12.98 -33.78 20.40
C LEU A 587 13.95 -32.63 20.22
N LEU A 588 15.23 -32.84 20.53
CA LEU A 588 16.22 -31.79 20.51
C LEU A 588 16.81 -31.66 19.10
N GLY A 589 16.92 -30.42 18.64
CA GLY A 589 17.55 -30.16 17.36
C GLY A 589 16.68 -30.40 16.14
N GLN A 590 15.36 -30.23 16.27
CA GLN A 590 14.47 -30.40 15.14
C GLN A 590 13.21 -29.58 15.36
N CYS A 591 12.47 -29.37 14.27
CA CYS A 591 11.29 -28.50 14.30
C CYS A 591 10.16 -29.17 15.06
N ILE A 592 9.75 -28.55 16.18
CA ILE A 592 8.67 -29.06 17.01
C ILE A 592 7.69 -27.93 17.31
N ASP A 593 6.49 -28.31 17.71
CA ASP A 593 5.52 -27.36 18.26
C ASP A 593 5.66 -27.35 19.77
N TYR A 594 5.92 -26.18 20.34
CA TYR A 594 6.04 -26.05 21.78
C TYR A 594 4.86 -25.25 22.32
N ASP A 595 4.40 -25.65 23.50
CA ASP A 595 3.36 -24.95 24.25
C ASP A 595 3.88 -24.84 25.68
N ILE A 596 4.63 -23.79 25.95
CA ILE A 596 5.32 -23.63 27.22
C ILE A 596 4.69 -22.45 27.95
N ASN A 597 3.99 -22.75 29.06
CA ASN A 597 3.35 -21.75 29.92
C ASN A 597 2.40 -20.85 29.15
N GLY A 598 1.64 -21.43 28.22
CA GLY A 598 0.71 -20.68 27.42
C GLY A 598 1.30 -19.96 26.22
N VAL A 599 2.60 -20.12 25.96
CA VAL A 599 3.25 -19.52 24.80
C VAL A 599 3.33 -20.57 23.70
N VAL A 600 2.79 -20.25 22.53
CA VAL A 600 2.61 -21.20 21.45
C VAL A 600 3.47 -20.76 20.27
N GLY A 601 4.24 -21.69 19.73
CA GLY A 601 5.08 -21.37 18.59
C GLY A 601 5.70 -22.62 18.01
N GLN A 602 6.60 -22.40 17.05
CA GLN A 602 7.40 -23.46 16.45
C GLN A 602 8.86 -23.06 16.52
N GLY A 603 9.73 -24.06 16.62
CA GLY A 603 11.15 -23.78 16.66
C GLY A 603 11.93 -25.02 17.01
N VAL A 604 13.24 -24.92 16.84
CA VAL A 604 14.16 -25.98 17.19
C VAL A 604 14.77 -25.66 18.55
N PHE A 605 15.26 -26.69 19.22
CA PHE A 605 15.80 -26.56 20.57
C PHE A 605 17.22 -27.11 20.60
N GLN A 606 18.12 -26.37 21.23
CA GLN A 606 19.48 -26.85 21.46
C GLN A 606 19.87 -26.58 22.91
N LYS A 607 20.79 -27.37 23.43
CA LYS A 607 21.31 -27.19 24.77
C LYS A 607 22.42 -26.15 24.74
N CYS A 608 22.14 -24.97 25.27
CA CYS A 608 23.10 -23.87 25.31
C CYS A 608 23.48 -23.54 26.75
N ASN A 609 24.58 -22.81 26.89
CA ASN A 609 25.03 -22.36 28.21
C ASN A 609 24.07 -21.29 28.74
N SER A 610 23.81 -21.34 30.03
CA SER A 610 22.85 -20.43 30.68
C SER A 610 23.32 -18.98 30.66
N ILE A 613 18.55 -14.42 33.81
CA ILE A 613 17.89 -14.73 35.07
C ILE A 613 17.08 -16.01 34.92
N PRO A 614 17.37 -17.01 35.78
CA PRO A 614 16.61 -18.27 35.72
C PRO A 614 15.14 -18.13 36.07
N SER A 615 14.75 -17.09 36.82
CA SER A 615 13.34 -16.87 37.11
C SER A 615 12.61 -16.15 35.99
N GLN A 616 13.33 -15.63 35.00
CA GLN A 616 12.69 -14.99 33.85
C GLN A 616 12.09 -16.00 32.89
N VAL A 617 12.49 -17.27 32.99
CA VAL A 617 12.04 -18.41 32.18
C VAL A 617 12.39 -18.20 30.72
N PHE A 618 11.75 -17.22 30.06
CA PHE A 618 11.98 -16.93 28.66
C PHE A 618 12.96 -15.77 28.53
N VAL A 619 13.95 -15.93 27.65
CA VAL A 619 14.88 -14.86 27.32
C VAL A 619 14.39 -14.20 26.03
N TYR A 620 14.18 -12.90 26.09
CA TYR A 620 13.62 -12.16 24.95
C TYR A 620 14.70 -11.35 24.26
N ASP A 621 14.38 -10.88 23.06
CA ASP A 621 15.24 -10.02 22.27
C ASP A 621 14.69 -8.60 22.33
N SER A 622 15.44 -7.65 21.75
CA SER A 622 15.00 -6.26 21.70
C SER A 622 13.72 -6.11 20.87
N PHE A 623 13.52 -6.98 19.89
CA PHE A 623 12.28 -7.01 19.11
C PHE A 623 11.22 -7.92 19.73
N HIS A 624 11.40 -8.29 21.00
CA HIS A 624 10.53 -9.24 21.72
C HIS A 624 10.40 -10.57 20.99
N ASN A 625 11.53 -11.10 20.53
CA ASN A 625 11.59 -12.44 19.96
C ASN A 625 12.22 -13.37 20.98
N ILE A 626 11.59 -14.51 21.22
CA ILE A 626 12.07 -15.43 22.24
C ILE A 626 13.27 -16.19 21.70
N ILE A 627 14.36 -16.15 22.44
CA ILE A 627 15.61 -16.77 22.00
C ILE A 627 16.12 -17.82 22.98
N GLY A 628 15.60 -17.88 24.20
CA GLY A 628 16.07 -18.82 25.19
C GLY A 628 14.93 -19.35 26.02
N TYR A 629 15.21 -20.45 26.73
CA TYR A 629 14.21 -21.09 27.57
C TYR A 629 14.91 -21.74 28.76
N HIS A 630 14.45 -21.40 29.95
CA HIS A 630 14.99 -21.96 31.19
C HIS A 630 14.01 -23.00 31.72
N SER A 631 14.39 -24.28 31.62
CA SER A 631 13.52 -25.34 32.10
C SER A 631 13.50 -25.37 33.63
N LYS A 632 12.55 -26.13 34.17
CA LYS A 632 12.38 -26.20 35.62
C LYS A 632 13.51 -26.99 36.29
N ASN A 633 14.19 -27.87 35.56
CA ASN A 633 15.30 -28.64 36.11
C ASN A 633 16.61 -27.87 36.10
N GLY A 634 16.64 -26.66 35.54
CA GLY A 634 17.83 -25.84 35.49
C GLY A 634 18.52 -25.81 34.15
N THR A 635 18.16 -26.69 33.23
CA THR A 635 18.79 -26.69 31.91
C THR A 635 18.28 -25.52 31.08
N TYR A 636 19.20 -24.84 30.40
CA TYR A 636 18.86 -23.72 29.54
C TYR A 636 18.85 -24.20 28.09
N TYR A 637 17.71 -24.01 27.41
CA TYR A 637 17.56 -24.39 26.02
C TYR A 637 17.46 -23.13 25.17
N CYS A 638 18.38 -22.99 24.23
CA CYS A 638 18.34 -21.86 23.31
C CYS A 638 17.42 -22.19 22.14
N MET A 639 16.55 -21.27 21.79
CA MET A 639 15.53 -21.50 20.77
C MET A 639 15.79 -20.63 19.54
N ALA A 640 15.57 -21.22 18.38
CA ALA A 640 15.62 -20.54 17.09
C ALA A 640 14.47 -21.05 16.25
N PRO A 641 13.97 -20.26 15.31
CA PRO A 641 12.96 -20.76 14.37
C PRO A 641 13.53 -21.87 13.50
N CYS A 642 12.62 -22.71 12.97
CA CYS A 642 13.04 -23.80 12.10
C CYS A 642 13.65 -23.28 10.81
N VAL A 643 13.23 -22.09 10.37
CA VAL A 643 13.83 -21.43 9.22
C VAL A 643 14.71 -20.30 9.73
N SER A 644 15.99 -20.59 9.97
CA SER A 644 16.88 -19.55 10.46
C SER A 644 18.16 -19.45 9.66
N VAL A 645 18.73 -20.56 9.22
CA VAL A 645 20.00 -20.55 8.50
C VAL A 645 19.71 -20.13 7.06
N PRO A 646 20.31 -19.04 6.58
CA PRO A 646 20.04 -18.59 5.21
C PRO A 646 20.67 -19.53 4.20
N VAL A 647 19.86 -20.04 3.28
CA VAL A 647 20.29 -21.03 2.30
C VAL A 647 20.37 -20.36 0.95
N SER A 648 21.53 -20.45 0.31
CA SER A 648 21.75 -19.96 -1.04
C SER A 648 22.09 -21.13 -1.93
N VAL A 649 21.44 -21.25 -3.07
CA VAL A 649 21.65 -22.34 -4.01
C VAL A 649 22.45 -21.79 -5.19
N ILE A 650 23.63 -22.35 -5.41
CA ILE A 650 24.47 -22.01 -6.55
C ILE A 650 24.10 -22.96 -7.68
N TYR A 651 23.39 -22.47 -8.68
CA TYR A 651 22.91 -23.29 -9.79
C TYR A 651 23.60 -22.89 -11.08
N ASP A 652 24.08 -23.88 -11.83
CA ASP A 652 24.69 -23.66 -13.13
C ASP A 652 23.84 -24.36 -14.18
N LYS A 653 23.38 -23.59 -15.18
CA LYS A 653 22.43 -24.11 -16.15
C LYS A 653 23.09 -25.05 -17.16
N SER A 654 24.36 -24.82 -17.49
CA SER A 654 25.01 -25.59 -18.54
C SER A 654 25.22 -27.04 -18.13
N SER A 655 25.78 -27.26 -16.94
CA SER A 655 26.01 -28.61 -16.45
C SER A 655 24.81 -29.19 -15.71
N ASN A 656 23.78 -28.38 -15.47
CA ASN A 656 22.57 -28.78 -14.74
C ASN A 656 22.90 -29.35 -13.36
N SER A 657 23.81 -28.71 -12.65
CA SER A 657 24.22 -29.11 -11.32
C SER A 657 24.05 -27.94 -10.36
N HIS A 658 23.77 -28.26 -9.10
CA HIS A 658 23.51 -27.27 -8.08
C HIS A 658 24.40 -27.50 -6.87
N ALA A 659 24.64 -26.44 -6.12
CA ALA A 659 25.36 -26.47 -4.86
C ALA A 659 24.57 -25.69 -3.83
N THR A 660 25.10 -25.62 -2.61
CA THR A 660 24.39 -24.96 -1.52
C THR A 660 25.36 -24.12 -0.69
N LEU A 661 24.97 -22.89 -0.41
CA LEU A 661 25.69 -22.00 0.49
C LEU A 661 24.81 -21.72 1.70
N TYR A 662 25.35 -21.93 2.89
CA TYR A 662 24.68 -21.62 4.14
C TYR A 662 25.34 -20.36 4.70
N GLY A 663 24.70 -19.21 4.49
CA GLY A 663 25.38 -17.94 4.70
C GLY A 663 25.53 -17.59 6.17
N SER A 664 26.72 -17.09 6.51
CA SER A 664 27.07 -16.51 7.80
C SER A 664 26.93 -17.51 8.96
N VAL A 665 27.02 -18.80 8.67
CA VAL A 665 26.94 -19.84 9.70
C VAL A 665 28.19 -20.70 9.56
N ALA A 666 28.36 -21.62 10.51
CA ALA A 666 29.52 -22.50 10.55
C ALA A 666 29.11 -23.96 10.53
N CYS A 667 29.97 -24.84 10.07
CA CYS A 667 29.58 -26.23 9.85
C CYS A 667 29.14 -27.02 11.07
N ASP A 668 29.78 -26.86 12.19
CA ASP A 668 29.29 -27.53 13.38
C ASP A 668 27.79 -27.41 13.62
N HIS A 669 27.13 -26.32 13.26
CA HIS A 669 25.70 -26.20 13.40
C HIS A 669 24.95 -26.96 12.33
N ILE A 670 25.40 -26.92 11.11
CA ILE A 670 24.74 -27.68 10.06
C ILE A 670 24.96 -29.18 10.25
N LYS A 671 25.95 -29.57 11.07
CA LYS A 671 26.02 -30.96 11.50
C LYS A 671 24.87 -31.30 12.42
N MET A 672 24.40 -30.33 13.19
CA MET A 672 23.12 -30.40 13.88
C MET A 672 22.03 -30.01 12.88
N ILE A 673 20.79 -29.90 13.35
CA ILE A 673 19.57 -29.60 12.57
C ILE A 673 19.46 -30.27 11.19
N PRO A 674 19.69 -31.58 11.04
CA PRO A 674 19.55 -32.17 9.70
C PRO A 674 18.11 -32.31 9.24
N SER A 675 17.14 -32.25 10.16
CA SER A 675 15.75 -32.52 9.80
C SER A 675 15.11 -31.39 9.01
N VAL A 676 15.45 -30.14 9.31
CA VAL A 676 14.81 -29.00 8.67
C VAL A 676 15.35 -28.70 7.28
N LEU A 677 16.44 -29.34 6.88
CA LEU A 677 16.98 -29.12 5.54
C LEU A 677 16.21 -29.97 4.53
N SER A 678 16.63 -29.92 3.27
CA SER A 678 15.99 -30.70 2.23
C SER A 678 16.30 -32.17 2.41
N ARG A 679 15.51 -33.01 1.73
CA ARG A 679 15.57 -34.46 1.97
C ARG A 679 16.89 -35.06 1.51
N GLU A 680 17.38 -34.65 0.33
CA GLU A 680 18.68 -35.12 -0.14
C GLU A 680 19.80 -34.64 0.78
N THR A 681 19.74 -33.39 1.22
CA THR A 681 20.73 -32.88 2.14
C THR A 681 20.60 -33.53 3.51
N ALA A 682 19.39 -33.89 3.91
CA ALA A 682 19.21 -34.60 5.17
C ALA A 682 19.80 -36.00 5.12
N THR A 683 19.78 -36.65 3.95
CA THR A 683 20.40 -37.97 3.84
C THR A 683 21.91 -37.90 3.63
N LYS A 684 22.42 -36.86 2.98
CA LYS A 684 23.87 -36.74 2.84
C LYS A 684 24.55 -36.38 4.16
N LEU A 685 23.90 -35.57 5.00
CA LEU A 685 24.51 -35.13 6.25
C LEU A 685 24.34 -36.14 7.37
N ARG A 686 23.45 -37.12 7.22
CA ARG A 686 23.23 -38.14 8.24
C ARG A 686 24.07 -39.39 8.02
N ALA A 687 24.86 -39.44 6.96
CA ALA A 687 25.70 -40.61 6.67
C ALA A 687 27.18 -40.32 6.78
N SER A 688 27.62 -39.09 6.51
CA SER A 688 29.02 -38.75 6.56
C SER A 688 29.17 -37.29 6.93
N ASP A 689 30.34 -36.95 7.48
CA ASP A 689 30.68 -35.57 7.80
C ASP A 689 31.47 -34.90 6.68
N ASN A 690 31.70 -35.60 5.58
CA ASN A 690 32.48 -35.08 4.47
C ASN A 690 31.58 -34.31 3.51
N GLY A 691 32.17 -33.30 2.85
CA GLY A 691 31.46 -32.48 1.89
C GLY A 691 31.24 -31.07 2.34
N LEU A 692 31.48 -30.77 3.62
CA LEU A 692 31.28 -29.43 4.17
C LEU A 692 32.63 -28.70 4.19
N LEU A 693 32.69 -27.56 3.50
CA LEU A 693 33.91 -26.78 3.38
C LEU A 693 33.66 -25.38 3.93
N GLN A 694 34.41 -25.00 4.95
CA GLN A 694 34.23 -23.71 5.60
C GLN A 694 34.90 -22.63 4.78
N THR A 695 34.11 -21.76 4.17
CA THR A 695 34.61 -20.62 3.42
C THR A 695 34.53 -19.36 4.28
N ALA A 696 34.81 -18.22 3.67
CA ALA A 696 34.74 -16.94 4.37
C ALA A 696 33.35 -16.34 4.38
N VAL A 697 32.39 -16.93 3.66
CA VAL A 697 31.01 -16.46 3.63
C VAL A 697 30.05 -17.46 4.22
N GLY A 698 30.52 -18.65 4.57
CA GLY A 698 29.70 -19.66 5.21
C GLY A 698 29.91 -21.06 4.73
N CYS A 699 29.68 -22.07 5.54
CA CYS A 699 29.98 -23.44 5.16
C CYS A 699 29.29 -23.86 3.91
N VAL A 700 29.95 -24.53 2.98
CA VAL A 700 29.20 -24.93 1.80
C VAL A 700 29.28 -26.44 1.64
N ILE A 701 28.18 -27.03 1.18
CA ILE A 701 28.13 -28.44 0.80
C ILE A 701 27.99 -28.53 -0.71
N GLY A 702 28.77 -29.43 -1.32
CA GLY A 702 28.78 -29.58 -2.76
C GLY A 702 29.96 -28.94 -3.46
N PHE A 703 30.90 -28.35 -2.73
CA PHE A 703 32.07 -27.71 -3.29
C PHE A 703 33.31 -28.57 -3.03
N HIS A 704 34.41 -28.19 -3.67
CA HIS A 704 35.72 -28.72 -3.35
C HIS A 704 36.76 -27.62 -3.52
N ASN A 705 37.75 -27.62 -2.64
CA ASN A 705 38.76 -26.56 -2.65
C ASN A 705 39.77 -26.83 -3.76
N THR A 706 39.96 -25.85 -4.63
CA THR A 706 40.80 -26.02 -5.82
C THR A 706 42.10 -25.26 -5.79
N SER A 707 42.24 -24.27 -4.89
CA SER A 707 43.43 -23.42 -4.77
C SER A 707 43.77 -22.74 -6.10
N ASP A 708 42.76 -22.22 -6.77
CA ASP A 708 42.91 -21.56 -8.05
C ASP A 708 42.34 -20.15 -7.97
N THR A 709 42.83 -19.30 -8.87
CA THR A 709 42.43 -17.90 -8.93
C THR A 709 41.83 -17.59 -10.29
N VAL A 710 40.77 -16.78 -10.30
CA VAL A 710 40.12 -16.34 -11.52
C VAL A 710 40.07 -14.82 -11.52
N GLU A 711 40.26 -14.22 -12.70
CA GLU A 711 40.19 -12.77 -12.80
C GLU A 711 38.77 -12.25 -12.92
N ASP A 712 37.81 -13.09 -13.30
CA ASP A 712 36.41 -12.69 -13.29
C ASP A 712 35.55 -13.92 -13.06
N CYS A 713 34.33 -13.70 -12.59
CA CYS A 713 33.43 -14.81 -12.32
C CYS A 713 31.99 -14.38 -12.55
N ASN A 714 31.21 -15.28 -13.13
CA ASN A 714 29.79 -15.07 -13.35
C ASN A 714 28.91 -15.69 -12.26
N LEU A 715 29.51 -16.42 -11.32
CA LEU A 715 28.81 -17.00 -10.18
C LEU A 715 29.56 -16.64 -8.90
N PRO A 716 29.48 -15.39 -8.44
CA PRO A 716 30.23 -15.01 -7.24
C PRO A 716 29.49 -15.32 -5.96
N LEU A 717 30.13 -16.07 -5.05
CA LEU A 717 29.49 -16.41 -3.78
C LEU A 717 29.44 -15.24 -2.83
N GLY A 718 30.53 -14.48 -2.74
CA GLY A 718 30.63 -13.44 -1.75
C GLY A 718 31.85 -12.59 -1.92
N GLN A 719 32.55 -12.31 -0.83
CA GLN A 719 33.71 -11.42 -0.86
C GLN A 719 34.90 -12.14 -1.51
N SER A 720 35.15 -11.77 -2.78
CA SER A 720 36.27 -12.29 -3.59
C SER A 720 36.26 -13.82 -3.67
N LEU A 721 35.07 -14.39 -3.82
CA LEU A 721 34.90 -15.83 -3.96
C LEU A 721 34.09 -16.12 -5.20
N CYS A 722 34.33 -17.30 -5.78
CA CYS A 722 33.68 -17.66 -7.03
C CYS A 722 33.43 -19.16 -7.05
N ALA A 723 32.55 -19.57 -7.96
CA ALA A 723 32.26 -20.99 -8.19
C ALA A 723 32.59 -21.33 -9.63
N LYS A 724 33.40 -22.35 -9.82
CA LYS A 724 33.62 -22.87 -11.16
C LYS A 724 32.66 -24.02 -11.43
N PRO A 725 31.88 -23.95 -12.50
CA PRO A 725 30.98 -25.06 -12.84
C PRO A 725 31.76 -26.31 -13.18
N PRO A 726 31.26 -27.49 -12.81
CA PRO A 726 32.00 -28.73 -13.07
C PRO A 726 31.98 -29.11 -14.54
N SER A 727 33.02 -29.82 -14.96
CA SER A 727 33.22 -30.32 -16.32
C SER A 727 33.15 -29.23 -17.39
N ASN A 733 34.10 -35.66 -7.98
CA ASN A 733 32.84 -35.94 -8.64
C ASN A 733 32.31 -34.71 -9.38
N ASN A 734 30.98 -34.56 -9.39
CA ASN A 734 30.34 -33.40 -10.00
C ASN A 734 30.16 -32.29 -8.98
N THR A 735 31.30 -31.79 -8.50
CA THR A 735 31.34 -30.76 -7.46
C THR A 735 31.88 -29.46 -8.01
N PHE A 736 31.33 -28.35 -7.53
CA PHE A 736 31.79 -27.03 -7.93
C PHE A 736 33.18 -26.76 -7.39
N GLY A 737 33.93 -25.90 -8.10
CA GLY A 737 35.25 -25.51 -7.69
C GLY A 737 35.20 -24.15 -7.01
N LEU A 738 35.73 -24.10 -5.78
CA LEU A 738 35.74 -22.87 -5.00
C LEU A 738 37.05 -22.13 -5.29
N ALA A 739 36.98 -21.12 -6.16
CA ALA A 739 38.13 -20.35 -6.58
C ALA A 739 37.99 -18.91 -6.10
N VAL A 740 39.07 -18.35 -5.57
CA VAL A 740 39.06 -16.96 -5.15
C VAL A 740 39.31 -16.05 -6.35
N MET A 741 38.99 -14.78 -6.19
CA MET A 741 39.18 -13.78 -7.23
C MET A 741 40.48 -13.03 -6.94
N LYS A 742 41.43 -13.11 -7.86
CA LYS A 742 42.68 -12.40 -7.72
C LYS A 742 42.61 -11.04 -8.40
N TYR A 743 43.43 -10.11 -7.90
CA TYR A 743 43.50 -8.78 -8.48
C TYR A 743 44.58 -8.75 -9.54
N GLU A 744 44.18 -8.57 -10.79
CA GLU A 744 45.13 -8.51 -11.89
C GLU A 744 45.89 -7.18 -11.80
N ASN A 745 47.16 -7.25 -11.43
CA ASN A 745 47.96 -6.05 -11.26
C ASN A 745 48.22 -5.38 -12.61
N PRO A 746 48.16 -4.05 -12.67
CA PRO A 746 48.58 -3.35 -13.89
C PRO A 746 50.08 -3.43 -14.08
N LEU A 747 50.53 -2.97 -15.23
CA LEU A 747 51.96 -3.01 -15.55
C LEU A 747 52.70 -2.02 -14.65
N LYS A 748 53.58 -2.55 -13.81
CA LYS A 748 54.27 -1.73 -12.83
C LYS A 748 55.34 -0.88 -13.51
N VAL A 749 55.35 0.40 -13.19
CA VAL A 749 56.42 1.32 -13.62
C VAL A 749 57.00 1.94 -12.36
N GLU A 750 58.26 2.35 -12.45
CA GLU A 750 58.96 2.91 -11.30
C GLU A 750 59.25 4.39 -11.56
N VAL A 751 59.21 5.17 -10.49
CA VAL A 751 59.48 6.60 -10.55
C VAL A 751 60.97 6.86 -10.77
N LEU A 752 61.33 8.11 -11.02
CA LEU A 752 62.65 8.48 -11.48
C LEU A 752 63.32 9.38 -10.43
N ASN A 753 64.55 9.04 -10.07
CA ASN A 753 65.43 10.00 -9.41
C ASN A 753 66.49 10.47 -10.42
N SER A 754 66.00 11.12 -11.48
CA SER A 754 66.83 11.40 -12.64
C SER A 754 66.15 12.44 -13.50
N SER A 755 66.86 12.89 -14.54
CA SER A 755 66.21 13.62 -15.61
C SER A 755 65.42 12.68 -16.52
N GLU A 756 66.01 11.55 -16.86
CA GLU A 756 65.37 10.58 -17.75
C GLU A 756 64.26 9.83 -17.01
N PHE A 757 63.22 9.46 -17.76
CA PHE A 757 62.09 8.75 -17.17
C PHE A 757 61.60 7.63 -18.07
N GLU A 758 61.36 6.48 -17.46
CA GLU A 758 60.91 5.28 -18.17
C GLU A 758 59.49 5.45 -18.68
N ILE A 759 59.24 4.93 -19.89
CA ILE A 759 57.94 5.05 -20.54
C ILE A 759 57.49 3.67 -21.01
N SER A 760 56.18 3.55 -21.21
CA SER A 760 55.57 2.32 -21.73
C SER A 760 54.94 2.66 -23.07
N VAL A 761 55.59 2.25 -24.16
CA VAL A 761 55.14 2.53 -25.52
C VAL A 761 54.78 1.20 -26.16
N PRO A 762 53.64 1.09 -26.84
CA PRO A 762 53.27 -0.17 -27.48
C PRO A 762 54.05 -0.39 -28.78
N THR A 763 53.99 -1.63 -29.26
CA THR A 763 54.55 -1.99 -30.56
C THR A 763 53.60 -2.87 -31.37
N ASN A 764 52.43 -3.20 -30.84
CA ASN A 764 51.46 -4.03 -31.54
C ASN A 764 50.10 -3.74 -30.94
N PHE A 765 49.07 -3.67 -31.79
CA PHE A 765 47.74 -3.31 -31.34
C PHE A 765 46.70 -4.23 -31.99
N SER A 766 45.47 -4.10 -31.50
CA SER A 766 44.33 -4.79 -32.08
C SER A 766 43.08 -4.00 -31.72
N PHE A 767 42.15 -3.91 -32.67
CA PHE A 767 40.91 -3.19 -32.43
C PHE A 767 40.01 -3.98 -31.49
N ARG A 768 39.51 -3.31 -30.45
CA ARG A 768 38.60 -3.93 -29.49
C ARG A 768 37.27 -3.23 -29.59
N VAL A 769 36.22 -4.00 -29.88
CA VAL A 769 34.87 -3.47 -30.04
C VAL A 769 34.11 -3.70 -28.75
N THR A 770 33.63 -2.63 -28.14
CA THR A 770 32.87 -2.70 -26.90
C THR A 770 31.44 -2.26 -27.17
N GLU A 771 30.50 -3.17 -26.99
CA GLU A 771 29.09 -2.92 -27.21
C GLU A 771 28.36 -2.74 -25.89
N GLU A 772 27.34 -1.88 -25.90
CA GLU A 772 26.69 -1.47 -24.66
C GLU A 772 25.34 -0.83 -24.98
N PHE A 773 24.32 -1.17 -24.20
CA PHE A 773 22.93 -0.82 -24.49
C PHE A 773 22.39 0.07 -23.38
N ILE A 774 21.67 1.12 -23.78
CA ILE A 774 20.99 2.02 -22.84
C ILE A 774 19.50 2.01 -23.14
N GLU A 775 18.69 1.81 -22.11
CA GLU A 775 17.24 1.74 -22.25
C GLU A 775 16.65 3.09 -21.91
N THR A 776 16.12 3.79 -22.92
CA THR A 776 15.65 5.15 -22.76
C THR A 776 14.16 5.33 -23.02
N SER A 777 13.38 4.25 -23.04
CA SER A 777 11.94 4.36 -23.29
C SER A 777 11.20 3.41 -22.36
N ILE A 778 10.19 3.94 -21.67
CA ILE A 778 9.30 3.11 -20.86
C ILE A 778 8.17 2.62 -21.74
N GLN A 779 7.42 1.63 -21.26
CA GLN A 779 6.26 1.10 -21.96
C GLN A 779 5.05 1.96 -21.61
N LYS A 780 4.57 2.72 -22.59
CA LYS A 780 3.42 3.59 -22.38
C LYS A 780 2.15 2.75 -22.38
N VAL A 781 1.44 2.74 -21.24
CA VAL A 781 0.21 1.99 -21.09
C VAL A 781 -0.85 2.90 -20.49
N THR A 782 -2.11 2.59 -20.80
CA THR A 782 -3.25 3.26 -20.20
C THR A 782 -4.17 2.20 -19.63
N VAL A 783 -4.61 2.40 -18.39
CA VAL A 783 -5.44 1.44 -17.68
C VAL A 783 -6.83 2.04 -17.51
N ASP A 784 -7.85 1.27 -17.88
CA ASP A 784 -9.23 1.62 -17.61
C ASP A 784 -9.50 1.28 -16.16
N CYS A 785 -9.47 2.30 -15.28
CA CYS A 785 -9.56 2.06 -13.85
C CYS A 785 -10.91 1.49 -13.43
N LYS A 786 -12.00 2.02 -13.98
CA LYS A 786 -13.34 1.58 -13.59
C LYS A 786 -13.58 0.12 -13.97
N GLN A 787 -13.19 -0.25 -15.19
CA GLN A 787 -13.35 -1.63 -15.63
C GLN A 787 -12.39 -2.57 -14.90
N TYR A 788 -11.18 -2.10 -14.59
CA TYR A 788 -10.23 -2.92 -13.85
C TYR A 788 -10.73 -3.22 -12.45
N VAL A 789 -11.25 -2.23 -11.75
CA VAL A 789 -11.61 -2.43 -10.35
C VAL A 789 -12.96 -3.12 -10.22
N CYS A 790 -13.97 -2.66 -10.96
CA CYS A 790 -15.33 -3.09 -10.67
C CYS A 790 -15.98 -3.92 -11.76
N ASN A 791 -15.36 -4.06 -12.93
CA ASN A 791 -15.83 -4.92 -14.03
C ASN A 791 -17.24 -4.55 -14.50
N GLY A 792 -17.60 -3.28 -14.39
CA GLY A 792 -18.88 -2.81 -14.87
C GLY A 792 -20.07 -3.19 -14.01
N PHE A 793 -19.86 -3.50 -12.74
CA PHE A 793 -20.94 -3.83 -11.83
C PHE A 793 -21.34 -2.59 -11.04
N GLU A 794 -22.64 -2.30 -11.03
CA GLU A 794 -23.11 -1.06 -10.40
C GLU A 794 -22.98 -1.10 -8.89
N ARG A 795 -23.07 -2.28 -8.27
CA ARG A 795 -22.90 -2.38 -6.83
C ARG A 795 -21.46 -2.07 -6.42
N CYS A 796 -20.49 -2.61 -7.16
CA CYS A 796 -19.10 -2.28 -6.92
C CYS A 796 -18.82 -0.81 -7.20
N GLU A 797 -19.44 -0.24 -8.23
CA GLU A 797 -19.24 1.16 -8.54
C GLU A 797 -19.86 2.07 -7.48
N GLN A 798 -20.95 1.62 -6.85
CA GLN A 798 -21.48 2.36 -5.70
C GLN A 798 -20.53 2.28 -4.52
N LEU A 799 -19.93 1.12 -4.28
CA LEU A 799 -18.99 1.00 -3.16
C LEU A 799 -17.64 1.66 -3.42
N LEU A 800 -17.27 1.85 -4.69
CA LEU A 800 -15.99 2.48 -5.01
C LEU A 800 -15.99 3.98 -4.80
N GLU A 801 -17.16 4.62 -4.83
CA GLU A 801 -17.22 6.07 -4.73
C GLU A 801 -16.91 6.59 -3.32
N GLN A 802 -16.88 5.71 -2.31
CA GLN A 802 -16.46 6.10 -0.98
C GLN A 802 -14.96 5.99 -0.78
N TYR A 803 -14.22 5.51 -1.78
CA TYR A 803 -12.77 5.56 -1.77
C TYR A 803 -12.22 6.80 -2.46
N GLY A 804 -13.09 7.70 -2.90
CA GLY A 804 -12.66 8.97 -3.46
C GLY A 804 -12.82 9.08 -4.96
N GLN A 805 -11.87 9.74 -5.60
CA GLN A 805 -11.87 9.96 -7.04
C GLN A 805 -10.70 9.19 -7.64
N PHE A 806 -10.57 7.92 -7.24
CA PHE A 806 -9.39 7.12 -7.54
C PHE A 806 -9.15 6.98 -9.04
N CYS A 807 -10.21 6.74 -9.81
CA CYS A 807 -10.04 6.47 -11.23
C CYS A 807 -9.59 7.70 -12.00
N ALA A 808 -10.12 8.88 -11.63
CA ALA A 808 -9.65 10.10 -12.27
C ALA A 808 -8.19 10.40 -11.95
N LYS A 809 -7.77 10.15 -10.70
CA LYS A 809 -6.39 10.37 -10.31
C LYS A 809 -5.45 9.42 -11.04
N ILE A 810 -5.85 8.16 -11.18
CA ILE A 810 -5.02 7.18 -11.86
C ILE A 810 -4.93 7.48 -13.35
N ASN A 811 -6.06 7.89 -13.96
CA ASN A 811 -6.06 8.28 -15.36
C ASN A 811 -5.17 9.48 -15.61
N GLN A 812 -5.20 10.48 -14.72
CA GLN A 812 -4.35 11.64 -14.89
C GLN A 812 -2.88 11.29 -14.70
N ALA A 813 -2.57 10.37 -13.77
CA ALA A 813 -1.17 9.99 -13.58
C ALA A 813 -0.62 9.23 -14.79
N LEU A 814 -1.39 8.29 -15.33
CA LEU A 814 -0.93 7.57 -16.52
C LEU A 814 -0.80 8.50 -17.72
N HIS A 815 -1.75 9.43 -17.89
CA HIS A 815 -1.65 10.37 -19.00
C HIS A 815 -0.44 11.28 -18.84
N GLY A 816 -0.12 11.66 -17.60
CA GLY A 816 1.05 12.48 -17.37
C GLY A 816 2.34 11.78 -17.72
N VAL A 817 2.49 10.51 -17.30
CA VAL A 817 3.72 9.81 -17.62
C VAL A 817 3.82 9.51 -19.11
N ASN A 818 2.69 9.29 -19.79
CA ASN A 818 2.74 9.05 -21.23
C ASN A 818 3.12 10.33 -21.99
N LEU A 819 2.57 11.47 -21.57
CA LEU A 819 2.93 12.75 -22.19
C LEU A 819 4.40 13.07 -21.99
N ARG A 820 4.92 12.81 -20.78
CA ARG A 820 6.33 13.06 -20.53
C ARG A 820 7.23 12.14 -21.34
N GLN A 821 6.80 10.88 -21.53
CA GLN A 821 7.58 9.97 -22.38
C GLN A 821 7.59 10.42 -23.84
N ASP A 822 6.44 10.91 -24.34
CA ASP A 822 6.40 11.42 -25.71
C ASP A 822 7.30 12.65 -25.89
N ASP A 823 7.28 13.56 -24.92
CA ASP A 823 8.16 14.72 -24.99
C ASP A 823 9.62 14.32 -24.92
N ALA A 824 9.95 13.33 -24.09
CA ALA A 824 11.33 12.85 -23.99
C ALA A 824 11.80 12.23 -25.30
N THR A 825 10.93 11.45 -25.95
CA THR A 825 11.28 10.86 -27.25
C THR A 825 11.50 11.94 -28.30
N LYS A 826 10.62 12.95 -28.34
CA LYS A 826 10.79 14.04 -29.29
C LYS A 826 12.09 14.79 -29.07
N SER A 827 12.41 15.10 -27.81
CA SER A 827 13.65 15.82 -27.52
C SER A 827 14.88 14.98 -27.83
N LEU A 828 14.83 13.68 -27.54
CA LEU A 828 15.97 12.81 -27.83
C LEU A 828 16.22 12.71 -29.32
N PHE A 829 15.17 12.57 -30.12
CA PHE A 829 15.39 12.46 -31.55
C PHE A 829 15.73 13.81 -32.18
N GLU A 830 15.30 14.91 -31.57
CA GLU A 830 15.74 16.22 -32.05
C GLU A 830 17.21 16.46 -31.72
N SER A 831 17.71 15.89 -30.63
CA SER A 831 19.13 15.99 -30.32
C SER A 831 19.97 15.07 -31.20
N ILE A 832 19.44 13.89 -31.54
CA ILE A 832 20.17 12.95 -32.39
C ILE A 832 20.27 13.47 -33.83
N ARG A 833 19.28 14.25 -34.27
CA ARG A 833 19.23 14.75 -35.64
C ARG A 833 20.45 15.60 -35.99
N VAL A 834 21.04 15.32 -37.15
CA VAL A 834 22.26 15.98 -37.61
C VAL A 834 21.92 16.81 -38.85
N PRO A 835 22.42 18.04 -38.98
CA PRO A 835 22.04 18.87 -40.14
C PRO A 835 22.68 18.45 -41.45
N GLN A 836 23.77 17.68 -41.43
CA GLN A 836 24.43 17.27 -42.66
C GLN A 836 24.79 15.79 -42.56
N SER A 837 24.63 15.06 -43.66
CA SER A 837 24.95 13.65 -43.68
C SER A 837 25.26 13.22 -45.11
N ALA A 838 26.01 12.13 -45.22
CA ALA A 838 26.34 11.54 -46.51
C ALA A 838 25.73 10.15 -46.59
N PRO A 839 24.65 9.95 -47.35
CA PRO A 839 23.98 8.64 -47.37
C PRO A 839 24.79 7.56 -48.06
N LEU A 840 25.69 7.92 -48.97
CA LEU A 840 26.47 6.94 -49.71
C LEU A 840 27.84 6.67 -49.08
N MET A 841 28.12 7.21 -47.90
CA MET A 841 29.44 7.04 -47.30
C MET A 841 29.62 5.61 -46.79
N ALA A 842 28.58 5.04 -46.20
CA ALA A 842 28.70 3.72 -45.60
C ALA A 842 28.87 2.62 -46.64
N SER A 843 28.41 2.85 -47.87
CA SER A 843 28.62 1.90 -48.95
C SER A 843 29.92 2.16 -49.71
N LEU A 844 30.28 3.43 -49.89
CA LEU A 844 31.51 3.81 -50.59
C LEU A 844 32.63 3.90 -49.56
N SER A 845 33.32 2.78 -49.35
CA SER A 845 34.42 2.72 -48.41
C SER A 845 35.44 1.73 -48.93
N GLY A 846 36.58 1.67 -48.26
CA GLY A 846 37.64 0.78 -48.66
C GLY A 846 37.42 -0.64 -48.19
N ASP A 847 38.43 -1.23 -47.56
CA ASP A 847 38.28 -2.59 -47.04
C ASP A 847 37.56 -2.65 -45.71
N TYR A 848 37.16 -1.51 -45.16
CA TYR A 848 36.36 -1.49 -43.94
C TYR A 848 34.97 -2.03 -44.25
N ASN A 849 34.70 -3.25 -43.81
CA ASN A 849 33.40 -3.89 -44.04
C ASN A 849 32.38 -3.25 -43.10
N LEU A 850 31.76 -2.18 -43.58
CA LEU A 850 30.80 -1.40 -42.80
C LEU A 850 29.37 -1.77 -43.15
N SER A 851 29.15 -3.00 -43.62
CA SER A 851 27.83 -3.43 -44.07
C SER A 851 26.88 -3.72 -42.93
N LEU A 852 27.35 -3.76 -41.70
CA LEU A 852 26.45 -3.97 -40.57
C LEU A 852 25.57 -2.76 -40.32
N PHE A 853 26.06 -1.56 -40.63
CA PHE A 853 25.31 -0.32 -40.43
C PHE A 853 24.83 0.28 -41.74
N GLU A 854 24.82 -0.51 -42.80
CA GLU A 854 24.45 -0.01 -44.12
C GLU A 854 22.96 -0.16 -44.36
N THR A 855 22.32 0.93 -44.75
CA THR A 855 20.90 0.91 -45.08
C THR A 855 20.71 0.25 -46.44
N PRO A 856 19.88 -0.80 -46.56
CA PRO A 856 19.71 -1.49 -47.84
C PRO A 856 18.82 -0.71 -48.81
N GLY A 864 9.75 -1.06 -48.07
CA GLY A 864 9.83 -2.22 -47.22
C GLY A 864 10.35 -1.92 -45.83
N ASN A 865 11.59 -2.34 -45.55
CA ASN A 865 12.22 -2.13 -44.27
C ASN A 865 13.42 -1.21 -44.44
N TYR A 866 13.51 -0.18 -43.60
CA TYR A 866 14.59 0.79 -43.64
C TYR A 866 15.63 0.54 -42.56
N ARG A 867 15.56 -0.60 -41.88
CA ARG A 867 16.50 -0.91 -40.82
C ARG A 867 17.78 -1.49 -41.38
N SER A 868 18.88 -1.29 -40.66
CA SER A 868 20.16 -1.84 -41.06
C SER A 868 20.27 -3.30 -40.65
N ALA A 869 21.45 -3.89 -40.87
CA ALA A 869 21.64 -5.30 -40.53
C ALA A 869 21.68 -5.51 -39.03
N LEU A 870 22.35 -4.60 -38.30
CA LEU A 870 22.45 -4.74 -36.85
C LEU A 870 21.12 -4.46 -36.16
N GLU A 871 20.35 -3.49 -36.66
CA GLU A 871 19.04 -3.21 -36.09
C GLU A 871 18.09 -4.39 -36.29
N ASP A 872 18.11 -4.99 -37.49
CA ASP A 872 17.30 -6.17 -37.73
C ASP A 872 17.75 -7.34 -36.87
N LEU A 873 19.07 -7.49 -36.68
CA LEU A 873 19.59 -8.56 -35.83
C LEU A 873 19.15 -8.39 -34.38
N LEU A 874 19.17 -7.15 -33.89
CA LEU A 874 18.74 -6.88 -32.52
C LEU A 874 17.24 -7.13 -32.35
N PHE A 875 16.43 -6.70 -33.32
CA PHE A 875 14.99 -6.89 -33.20
C PHE A 875 14.54 -8.32 -33.48
N ASP A 876 15.39 -9.13 -34.11
CA ASP A 876 15.05 -10.53 -34.38
C ASP A 876 15.55 -11.48 -33.31
N LYS A 877 16.73 -11.25 -32.75
CA LYS A 877 17.25 -12.17 -31.75
C LYS A 877 16.60 -12.00 -30.38
N VAL A 878 15.93 -10.90 -30.13
CA VAL A 878 15.25 -10.71 -28.85
C VAL A 878 13.87 -11.36 -28.92
N THR A 879 13.42 -11.89 -27.78
CA THR A 879 12.11 -12.52 -27.69
C THR A 879 11.08 -11.46 -27.26
N LEU A 880 10.74 -10.61 -28.22
CA LEU A 880 9.84 -9.49 -28.00
C LEU A 880 8.57 -9.72 -28.81
N SER A 881 7.42 -9.69 -28.14
CA SER A 881 6.12 -9.86 -28.80
C SER A 881 5.55 -8.47 -29.06
N VAL A 882 5.70 -8.00 -30.29
CA VAL A 882 5.20 -6.69 -30.69
C VAL A 882 3.69 -6.80 -30.86
N PRO A 883 2.89 -6.01 -30.12
CA PRO A 883 1.44 -6.09 -30.26
C PRO A 883 0.97 -5.60 -31.61
N GLY A 884 -0.14 -6.19 -32.07
CA GLY A 884 -0.75 -5.77 -33.31
C GLY A 884 -1.42 -4.42 -33.16
N TYR A 885 -0.80 -3.38 -33.73
CA TYR A 885 -1.35 -2.04 -33.60
C TYR A 885 -2.47 -1.78 -34.59
N MET A 886 -2.58 -2.52 -35.68
CA MET A 886 -3.60 -2.19 -36.68
C MET A 886 -4.82 -3.04 -36.62
N LYS A 887 -4.65 -4.31 -36.36
CA LYS A 887 -5.85 -5.13 -36.21
C LYS A 887 -5.69 -6.21 -35.14
N GLY A 888 -4.89 -5.97 -34.10
CA GLY A 888 -4.52 -7.00 -33.14
C GLY A 888 -5.67 -7.59 -32.34
N TYR A 889 -6.78 -6.84 -32.22
CA TYR A 889 -7.97 -7.37 -31.57
C TYR A 889 -8.61 -8.49 -32.39
N ASP A 890 -8.40 -8.48 -33.72
CA ASP A 890 -9.03 -9.48 -34.57
C ASP A 890 -8.41 -10.85 -34.41
N GLU A 891 -7.14 -10.92 -33.98
CA GLU A 891 -6.51 -12.21 -33.73
C GLU A 891 -6.35 -12.54 -32.26
N CYS A 892 -6.31 -11.55 -31.36
CA CYS A 892 -6.25 -11.87 -29.94
C CYS A 892 -7.56 -12.48 -29.47
N MET A 893 -8.67 -11.87 -29.80
CA MET A 893 -9.98 -12.50 -29.69
C MET A 893 -10.42 -12.96 -31.07
N LYS A 894 -11.66 -13.46 -31.16
CA LYS A 894 -12.27 -13.97 -32.39
C LYS A 894 -11.42 -15.06 -33.05
N LYS A 895 -10.77 -15.86 -32.21
CA LYS A 895 -9.92 -16.96 -32.64
C LYS A 895 -9.82 -17.95 -31.49
N ASP A 902 0.19 -14.53 -22.99
CA ASP A 902 0.01 -13.58 -24.08
C ASP A 902 -0.38 -12.22 -23.56
N LEU A 903 0.62 -11.39 -23.26
CA LEU A 903 0.36 -10.05 -22.75
C LEU A 903 -0.14 -9.10 -23.82
N ILE A 904 0.08 -9.43 -25.09
CA ILE A 904 -0.51 -8.64 -26.18
C ILE A 904 -1.96 -9.01 -26.41
N CYS A 905 -2.43 -10.12 -25.85
CA CYS A 905 -3.81 -10.56 -25.98
C CYS A 905 -4.58 -10.54 -24.67
N ALA A 906 -3.92 -10.32 -23.55
CA ALA A 906 -4.58 -10.22 -22.26
C ALA A 906 -4.95 -8.80 -21.89
N GLN A 907 -4.62 -7.82 -22.73
CA GLN A 907 -5.01 -6.44 -22.47
C GLN A 907 -6.48 -6.19 -22.75
N TYR A 908 -7.11 -7.01 -23.57
CA TYR A 908 -8.52 -6.84 -23.88
C TYR A 908 -9.44 -7.53 -22.88
N VAL A 909 -8.89 -8.31 -21.96
CA VAL A 909 -9.68 -8.89 -20.88
C VAL A 909 -9.35 -8.27 -19.53
N ALA A 910 -8.15 -7.71 -19.34
CA ALA A 910 -7.76 -7.11 -18.07
C ALA A 910 -7.94 -5.60 -18.06
N GLY A 911 -8.42 -5.01 -19.15
CA GLY A 911 -8.72 -3.59 -19.19
C GLY A 911 -7.54 -2.64 -19.13
N TYR A 912 -6.45 -2.96 -19.83
CA TYR A 912 -5.38 -2.00 -20.08
C TYR A 912 -5.06 -2.01 -21.57
N LYS A 913 -4.13 -1.15 -21.97
CA LYS A 913 -3.75 -1.07 -23.38
C LYS A 913 -2.35 -0.49 -23.49
N VAL A 914 -1.47 -1.20 -24.19
CA VAL A 914 -0.14 -0.70 -24.47
C VAL A 914 -0.22 0.27 -25.64
N LEU A 915 0.14 1.52 -25.40
CA LEU A 915 0.05 2.54 -26.43
C LEU A 915 1.12 2.33 -27.49
N PRO A 916 0.82 2.63 -28.75
CA PRO A 916 1.81 2.49 -29.81
C PRO A 916 2.90 3.54 -29.68
N PRO A 917 4.09 3.29 -30.21
CA PRO A 917 5.18 4.26 -30.07
C PRO A 917 4.92 5.53 -30.85
N LEU A 918 5.64 6.59 -30.46
CA LEU A 918 5.45 7.90 -31.08
C LEU A 918 5.92 7.90 -32.53
N TYR A 919 7.00 7.19 -32.83
CA TYR A 919 7.55 7.14 -34.18
C TYR A 919 7.44 5.73 -34.73
N ASP A 920 7.28 5.65 -36.04
CA ASP A 920 7.28 4.37 -36.73
C ASP A 920 8.67 3.73 -36.68
N SER A 921 8.71 2.41 -36.87
CA SER A 921 9.98 1.71 -36.88
C SER A 921 10.87 2.15 -38.04
N ASN A 922 10.26 2.56 -39.16
CA ASN A 922 11.04 3.04 -40.29
C ASN A 922 11.62 4.43 -40.01
N MET A 923 10.80 5.32 -39.43
CA MET A 923 11.22 6.69 -39.22
C MET A 923 12.35 6.82 -38.21
N GLU A 924 12.36 5.95 -37.19
CA GLU A 924 13.48 5.90 -36.26
C GLU A 924 14.75 5.43 -36.95
N ALA A 925 14.61 4.49 -37.88
CA ALA A 925 15.75 3.98 -38.61
C ALA A 925 16.32 5.00 -39.59
N MET A 926 15.50 5.91 -40.10
CA MET A 926 16.10 6.97 -40.92
C MET A 926 16.92 7.95 -40.08
N TYR A 927 16.50 8.24 -38.85
CA TYR A 927 17.33 9.04 -37.95
C TYR A 927 18.65 8.34 -37.66
N THR A 928 18.60 7.05 -37.37
CA THR A 928 19.82 6.30 -37.08
C THR A 928 20.73 6.21 -38.31
N ALA A 929 20.13 6.03 -39.50
CA ALA A 929 20.90 5.95 -40.73
C ALA A 929 21.56 7.28 -41.07
N SER A 930 20.86 8.40 -40.83
CA SER A 930 21.46 9.70 -41.06
C SER A 930 22.61 9.96 -40.10
N LEU A 931 22.44 9.57 -38.84
CA LEU A 931 23.53 9.70 -37.87
C LEU A 931 24.73 8.86 -38.26
N THR A 932 24.49 7.63 -38.73
CA THR A 932 25.59 6.77 -39.17
C THR A 932 26.28 7.32 -40.41
N GLY A 933 25.51 7.89 -41.33
CA GLY A 933 26.10 8.50 -42.52
C GLY A 933 26.84 9.78 -42.24
N SER A 934 26.59 10.42 -41.09
CA SER A 934 27.27 11.65 -40.75
C SER A 934 28.48 11.48 -39.83
N ILE A 935 28.90 10.23 -39.58
CA ILE A 935 30.01 9.97 -38.66
C ILE A 935 31.33 10.51 -39.20
N ALA A 936 31.55 10.42 -40.51
CA ALA A 936 32.86 10.68 -41.11
C ALA A 936 33.03 12.13 -41.55
N GLY A 937 32.47 13.07 -40.80
CA GLY A 937 32.76 14.47 -41.04
C GLY A 937 34.16 14.84 -40.58
N ALA A 938 34.56 16.06 -40.92
CA ALA A 938 35.88 16.54 -40.54
C ALA A 938 35.93 16.80 -39.04
N LEU A 939 36.93 16.22 -38.38
CA LEU A 939 37.06 16.36 -36.93
C LEU A 939 37.44 17.79 -36.55
N TRP A 940 38.31 18.42 -37.33
CA TRP A 940 38.69 19.79 -37.09
C TRP A 940 37.64 20.73 -37.71
N THR A 941 37.75 22.01 -37.36
CA THR A 941 36.81 23.01 -37.83
C THR A 941 36.99 23.29 -39.33
N ALA A 947 28.75 20.09 -42.77
CA ALA A 947 30.06 20.73 -42.80
C ALA A 947 30.92 20.17 -43.93
N ALA A 948 31.75 19.19 -43.60
CA ALA A 948 32.68 18.59 -44.56
C ALA A 948 32.46 17.08 -44.63
N SER A 949 32.48 16.56 -45.85
CA SER A 949 32.28 15.13 -46.08
C SER A 949 33.61 14.48 -46.48
N LEU A 950 33.96 13.41 -45.79
CA LEU A 950 35.22 12.69 -45.96
C LEU A 950 34.93 11.21 -46.14
N PRO A 951 35.82 10.46 -46.79
CA PRO A 951 35.66 9.00 -46.85
C PRO A 951 35.86 8.42 -45.47
N PHE A 952 35.37 7.19 -45.30
CA PHE A 952 35.50 6.54 -44.00
C PHE A 952 36.96 6.23 -43.68
N ALA A 953 37.72 5.79 -44.68
CA ALA A 953 39.14 5.49 -44.48
C ALA A 953 39.93 6.72 -44.09
N GLN A 954 39.66 7.86 -44.75
CA GLN A 954 40.33 9.11 -44.39
C GLN A 954 39.95 9.56 -43.00
N SER A 955 38.70 9.31 -42.60
CA SER A 955 38.24 9.73 -41.27
C SER A 955 38.88 8.89 -40.16
N ILE A 956 38.97 7.57 -40.35
CA ILE A 956 39.61 6.77 -39.32
C ILE A 956 41.12 7.01 -39.33
N TYR A 957 41.67 7.40 -40.49
CA TYR A 957 43.05 7.86 -40.54
C TYR A 957 43.27 9.10 -39.69
N TYR A 958 42.40 10.10 -39.82
CA TYR A 958 42.54 11.31 -39.00
C TYR A 958 42.26 11.05 -37.52
N ARG A 959 41.43 10.06 -37.21
CA ARG A 959 41.21 9.73 -35.80
C ARG A 959 42.43 9.06 -35.18
N MET A 960 43.01 8.09 -35.89
CA MET A 960 44.17 7.38 -35.38
C MET A 960 45.46 8.20 -35.46
N ASN A 961 45.49 9.24 -36.30
CA ASN A 961 46.61 10.17 -36.25
C ASN A 961 46.60 10.98 -34.97
N GLY A 962 45.42 11.44 -34.56
CA GLY A 962 45.30 12.13 -33.29
C GLY A 962 45.35 11.24 -32.08
N ILE A 963 45.23 9.92 -32.29
CA ILE A 963 45.43 8.97 -31.20
C ILE A 963 46.87 9.06 -30.68
N GLY A 964 47.85 9.13 -31.58
CA GLY A 964 49.24 9.14 -31.19
C GLY A 964 50.11 8.34 -32.16
N ILE A 965 49.46 7.65 -33.09
CA ILE A 965 50.18 6.89 -34.10
C ILE A 965 50.76 7.85 -35.14
N THR A 966 52.01 7.64 -35.51
CA THR A 966 52.77 8.59 -36.29
C THR A 966 52.30 8.56 -37.75
N GLN A 967 52.56 9.66 -38.47
CA GLN A 967 52.19 9.83 -39.88
C GLN A 967 52.64 8.67 -40.76
N ASN A 968 53.91 8.25 -40.62
CA ASN A 968 54.44 7.25 -41.54
C ASN A 968 53.97 5.84 -41.24
N VAL A 969 53.44 5.57 -40.05
CA VAL A 969 52.95 4.23 -39.73
C VAL A 969 51.67 3.93 -40.49
N LEU A 970 50.79 4.93 -40.64
CA LEU A 970 49.48 4.72 -41.27
C LEU A 970 49.63 4.36 -42.74
N MET A 971 50.52 5.05 -43.45
CA MET A 971 50.74 4.79 -44.87
C MET A 971 51.33 3.41 -45.10
N GLU A 972 52.15 2.93 -44.16
CA GLU A 972 52.73 1.60 -44.30
C GLU A 972 51.83 0.48 -43.80
N ASN A 973 50.78 0.79 -43.03
CA ASN A 973 49.93 -0.26 -42.48
C ASN A 973 48.45 0.00 -42.76
N GLN A 974 48.14 0.65 -43.88
CA GLN A 974 46.75 0.83 -44.30
C GLN A 974 46.00 -0.50 -44.45
N LYS A 975 46.60 -1.47 -45.15
CA LYS A 975 45.96 -2.77 -45.37
C LYS A 975 45.81 -3.53 -44.06
N LEU A 976 46.86 -3.52 -43.23
CA LEU A 976 46.82 -4.23 -41.97
C LEU A 976 45.79 -3.64 -41.02
N ILE A 977 45.65 -2.32 -41.02
CA ILE A 977 44.67 -1.66 -40.17
C ILE A 977 43.24 -2.01 -40.61
N ALA A 978 42.98 -2.00 -41.92
CA ALA A 978 41.64 -2.37 -42.37
C ALA A 978 41.33 -3.84 -42.09
N ASN A 979 42.32 -4.72 -42.24
CA ASN A 979 42.11 -6.13 -41.94
C ASN A 979 41.94 -6.37 -40.45
N LYS A 980 42.54 -5.53 -39.60
CA LYS A 980 42.33 -5.65 -38.17
C LYS A 980 40.97 -5.12 -37.75
N PHE A 981 40.47 -4.09 -38.45
CA PHE A 981 39.14 -3.54 -38.15
C PHE A 981 38.06 -4.56 -38.49
N ASN A 982 38.20 -5.24 -39.64
CA ASN A 982 37.18 -6.20 -40.04
C ASN A 982 37.14 -7.41 -39.12
N GLN A 983 38.27 -7.81 -38.53
CA GLN A 983 38.29 -8.93 -37.60
C GLN A 983 37.49 -8.62 -36.34
N ALA A 984 37.67 -7.41 -35.80
CA ALA A 984 36.91 -7.01 -34.61
C ALA A 984 35.43 -6.92 -34.89
N LEU A 985 35.05 -6.36 -36.06
CA LEU A 985 33.63 -6.29 -36.37
C LEU A 985 33.03 -7.67 -36.62
N GLY A 986 33.79 -8.58 -37.22
CA GLY A 986 33.29 -9.94 -37.38
C GLY A 986 33.14 -10.68 -36.05
N ALA A 987 34.08 -10.45 -35.13
CA ALA A 987 33.96 -11.05 -33.81
C ALA A 987 32.75 -10.52 -33.06
N MET A 988 32.46 -9.23 -33.21
CA MET A 988 31.25 -8.69 -32.59
C MET A 988 30.00 -9.22 -33.26
N GLN A 989 30.06 -9.48 -34.57
CA GLN A 989 28.92 -10.07 -35.27
C GLN A 989 28.65 -11.50 -34.80
N THR A 990 29.69 -12.29 -34.62
CA THR A 990 29.50 -13.69 -34.26
C THR A 990 29.27 -13.90 -32.76
N GLY A 991 29.42 -12.85 -31.95
CA GLY A 991 29.23 -12.95 -30.52
C GLY A 991 27.82 -12.73 -30.02
N PHE A 992 26.85 -12.58 -30.93
CA PHE A 992 25.46 -12.32 -30.54
C PHE A 992 24.83 -13.63 -30.07
N THR A 993 25.12 -13.97 -28.82
CA THR A 993 24.62 -15.19 -28.18
C THR A 993 24.27 -14.82 -26.75
N THR A 994 24.14 -15.83 -25.89
CA THR A 994 23.95 -15.60 -24.46
C THR A 994 25.26 -15.40 -23.71
N THR A 995 26.33 -15.01 -24.41
CA THR A 995 27.64 -14.82 -23.81
C THR A 995 27.99 -13.37 -23.54
N ASN A 996 27.48 -12.43 -24.33
CA ASN A 996 27.74 -11.01 -24.10
C ASN A 996 26.66 -10.41 -23.21
N GLN A 997 27.08 -9.59 -22.26
CA GLN A 997 26.16 -9.03 -21.27
C GLN A 997 25.32 -7.89 -21.83
N ALA A 998 25.82 -7.18 -22.84
CA ALA A 998 25.13 -5.99 -23.35
C ALA A 998 23.83 -6.34 -24.06
N PHE A 999 23.84 -7.42 -24.85
CA PHE A 999 22.60 -7.88 -25.46
C PHE A 999 21.66 -8.50 -24.42
N GLN A 1000 22.23 -9.07 -23.36
CA GLN A 1000 21.42 -9.55 -22.26
C GLN A 1000 20.70 -8.41 -21.56
N LYS A 1001 21.27 -7.20 -21.54
CA LYS A 1001 20.53 -6.06 -21.02
C LYS A 1001 19.31 -5.74 -21.88
N VAL A 1002 19.43 -5.91 -23.20
CA VAL A 1002 18.29 -5.69 -24.09
C VAL A 1002 17.20 -6.72 -23.82
N GLN A 1003 17.61 -7.95 -23.51
CA GLN A 1003 16.61 -8.95 -23.13
C GLN A 1003 15.98 -8.65 -21.77
N ASP A 1004 16.77 -8.16 -20.80
CA ASP A 1004 16.22 -7.87 -19.47
C ASP A 1004 15.26 -6.69 -19.48
N ALA A 1005 15.42 -5.74 -20.40
CA ALA A 1005 14.44 -4.65 -20.49
C ALA A 1005 13.06 -5.18 -20.92
N VAL A 1006 13.04 -6.04 -21.94
CA VAL A 1006 11.80 -6.64 -22.40
C VAL A 1006 11.20 -7.54 -21.32
N ASN A 1007 12.05 -8.28 -20.61
CA ASN A 1007 11.56 -9.14 -19.53
C ASN A 1007 10.98 -8.33 -18.39
N ALA A 1008 11.57 -7.17 -18.08
CA ALA A 1008 11.03 -6.30 -17.03
C ALA A 1008 9.66 -5.76 -17.42
N ASN A 1009 9.51 -5.32 -18.68
CA ASN A 1009 8.20 -4.83 -19.13
C ASN A 1009 7.15 -5.94 -19.09
N ALA A 1010 7.53 -7.15 -19.53
CA ALA A 1010 6.60 -8.26 -19.52
C ALA A 1010 6.19 -8.66 -18.10
N GLN A 1011 7.14 -8.65 -17.16
CA GLN A 1011 6.81 -8.96 -15.76
C GLN A 1011 5.90 -7.91 -15.16
N ALA A 1012 6.11 -6.64 -15.50
CA ALA A 1012 5.22 -5.58 -15.00
C ALA A 1012 3.80 -5.75 -15.53
N LEU A 1013 3.65 -6.06 -16.81
CA LEU A 1013 2.32 -6.24 -17.38
C LEU A 1013 1.63 -7.49 -16.81
N SER A 1014 2.38 -8.57 -16.62
CA SER A 1014 1.79 -9.78 -16.03
C SER A 1014 1.40 -9.56 -14.59
N LYS A 1015 2.20 -8.81 -13.83
CA LYS A 1015 1.84 -8.49 -12.45
C LYS A 1015 0.60 -7.61 -12.39
N LEU A 1016 0.44 -6.71 -13.37
CA LEU A 1016 -0.80 -5.93 -13.44
C LEU A 1016 -2.00 -6.81 -13.75
N ALA A 1017 -1.85 -7.76 -14.66
CA ALA A 1017 -2.98 -8.57 -15.08
C ALA A 1017 -3.29 -9.74 -14.15
N SER A 1018 -2.41 -10.09 -13.22
CA SER A 1018 -2.60 -11.28 -12.41
C SER A 1018 -3.44 -11.07 -11.15
N GLU A 1019 -3.82 -9.84 -10.83
CA GLU A 1019 -4.68 -9.57 -9.68
C GLU A 1019 -6.16 -9.68 -9.99
N LEU A 1020 -6.53 -9.99 -11.23
CA LEU A 1020 -7.94 -10.21 -11.52
C LEU A 1020 -8.41 -11.58 -11.06
N SER A 1021 -7.49 -12.49 -10.77
CA SER A 1021 -7.84 -13.83 -10.29
C SER A 1021 -7.71 -13.98 -8.78
N ASN A 1022 -7.01 -13.07 -8.11
CA ASN A 1022 -6.86 -13.15 -6.66
C ASN A 1022 -8.15 -12.78 -5.96
N THR A 1023 -8.48 -13.54 -4.90
CA THR A 1023 -9.67 -13.27 -4.13
C THR A 1023 -9.44 -12.28 -2.99
N PHE A 1024 -8.20 -12.17 -2.50
CA PHE A 1024 -7.84 -11.30 -1.38
C PHE A 1024 -8.64 -11.62 -0.13
N GLY A 1025 -8.93 -12.89 0.08
CA GLY A 1025 -9.69 -13.32 1.24
C GLY A 1025 -11.19 -13.44 1.04
N ALA A 1026 -11.72 -13.00 -0.10
CA ALA A 1026 -13.14 -13.11 -0.37
C ALA A 1026 -13.50 -14.53 -0.79
N ILE A 1027 -14.78 -14.77 -1.06
CA ILE A 1027 -15.21 -16.10 -1.47
C ILE A 1027 -14.71 -16.42 -2.87
N SER A 1028 -14.68 -15.42 -3.75
CA SER A 1028 -14.22 -15.60 -5.11
C SER A 1028 -13.81 -14.26 -5.67
N ALA A 1029 -13.01 -14.30 -6.75
CA ALA A 1029 -12.55 -13.08 -7.39
C ALA A 1029 -13.59 -12.48 -8.34
N SER A 1030 -14.70 -13.16 -8.56
CA SER A 1030 -15.75 -12.66 -9.45
C SER A 1030 -16.78 -11.91 -8.61
N ILE A 1031 -17.02 -10.64 -8.97
CA ILE A 1031 -17.95 -9.81 -8.22
C ILE A 1031 -19.39 -10.30 -8.40
N GLY A 1032 -19.72 -10.81 -9.59
CA GLY A 1032 -21.05 -11.33 -9.82
C GLY A 1032 -21.38 -12.55 -8.97
N ASP A 1033 -20.39 -13.41 -8.73
CA ASP A 1033 -20.61 -14.57 -7.87
C ASP A 1033 -20.82 -14.15 -6.43
N ILE A 1034 -20.12 -13.10 -5.98
CA ILE A 1034 -20.33 -12.56 -4.64
C ILE A 1034 -21.73 -11.96 -4.53
N LEU A 1035 -22.17 -11.26 -5.57
CA LEU A 1035 -23.52 -10.69 -5.56
C LEU A 1035 -24.59 -11.76 -5.58
N LYS A 1036 -24.36 -12.87 -6.27
CA LYS A 1036 -25.36 -13.93 -6.31
C LYS A 1036 -25.41 -14.72 -5.01
N ARG A 1037 -24.26 -15.02 -4.41
CA ARG A 1037 -24.22 -15.96 -3.31
C ARG A 1037 -24.55 -15.34 -1.95
N LEU A 1038 -24.26 -14.06 -1.74
CA LEU A 1038 -24.27 -13.47 -0.41
C LEU A 1038 -25.31 -12.36 -0.30
N ASP A 1039 -25.76 -12.12 0.94
CA ASP A 1039 -26.76 -11.12 1.25
C ASP A 1039 -26.15 -9.72 1.24
N THR A 1040 -27.02 -8.72 1.39
CA THR A 1040 -26.66 -7.33 1.14
C THR A 1040 -25.62 -6.81 2.14
N LEU A 1041 -25.72 -7.24 3.40
CA LEU A 1041 -24.84 -6.70 4.43
C LEU A 1041 -23.40 -7.20 4.27
N GLU A 1042 -23.23 -8.44 3.78
CA GLU A 1042 -21.91 -9.06 3.73
C GLU A 1042 -21.24 -8.87 2.38
N GLN A 1043 -22.04 -8.57 1.35
CA GLN A 1043 -21.50 -8.21 0.04
C GLN A 1043 -20.61 -6.99 0.12
N GLU A 1044 -20.94 -6.03 0.99
CA GLU A 1044 -20.10 -4.85 1.17
C GLU A 1044 -18.72 -5.23 1.68
N VAL A 1045 -18.65 -6.17 2.63
CA VAL A 1045 -17.37 -6.58 3.19
C VAL A 1045 -16.53 -7.30 2.14
N GLN A 1046 -17.14 -8.23 1.41
CA GLN A 1046 -16.35 -8.99 0.44
C GLN A 1046 -15.94 -8.14 -0.76
N ILE A 1047 -16.84 -7.28 -1.25
CA ILE A 1047 -16.51 -6.43 -2.38
C ILE A 1047 -15.48 -5.38 -1.98
N ASP A 1048 -15.55 -4.89 -0.74
CA ASP A 1048 -14.54 -3.94 -0.27
C ASP A 1048 -13.16 -4.60 -0.14
N ARG A 1049 -13.10 -5.85 0.30
CA ARG A 1049 -11.78 -6.48 0.36
C ARG A 1049 -11.26 -6.88 -1.01
N LEU A 1050 -12.12 -7.02 -2.02
CA LEU A 1050 -11.60 -7.12 -3.39
C LEU A 1050 -11.13 -5.77 -3.90
N ILE A 1051 -11.88 -4.71 -3.59
CA ILE A 1051 -11.58 -3.36 -4.06
C ILE A 1051 -10.24 -2.89 -3.54
N ASN A 1052 -9.94 -3.16 -2.27
CA ASN A 1052 -8.65 -2.74 -1.70
C ASN A 1052 -7.48 -3.40 -2.41
N GLY A 1053 -7.62 -4.68 -2.76
CA GLY A 1053 -6.55 -5.35 -3.49
C GLY A 1053 -6.35 -4.76 -4.87
N ARG A 1054 -7.44 -4.46 -5.58
CA ARG A 1054 -7.29 -3.85 -6.91
C ARG A 1054 -6.70 -2.44 -6.83
N LEU A 1055 -7.09 -1.67 -5.80
CA LEU A 1055 -6.50 -0.34 -5.59
C LEU A 1055 -5.02 -0.43 -5.31
N THR A 1056 -4.61 -1.40 -4.47
CA THR A 1056 -3.19 -1.57 -4.18
C THR A 1056 -2.41 -1.95 -5.42
N SER A 1057 -2.98 -2.81 -6.26
CA SER A 1057 -2.31 -3.20 -7.51
C SER A 1057 -2.13 -2.01 -8.43
N LEU A 1058 -3.19 -1.19 -8.60
CA LEU A 1058 -3.09 -0.05 -9.50
C LEU A 1058 -2.11 1.00 -8.97
N ASN A 1059 -2.12 1.25 -7.67
CA ASN A 1059 -1.20 2.23 -7.09
C ASN A 1059 0.25 1.75 -7.18
N ALA A 1060 0.49 0.46 -6.97
CA ALA A 1060 1.83 -0.09 -7.15
C ALA A 1060 2.29 0.04 -8.59
N PHE A 1061 1.40 -0.19 -9.55
CA PHE A 1061 1.75 -0.02 -10.95
C PHE A 1061 2.09 1.43 -11.28
N VAL A 1062 1.33 2.39 -10.74
CA VAL A 1062 1.61 3.79 -11.03
C VAL A 1062 2.94 4.23 -10.42
N SER A 1063 3.23 3.78 -9.20
CA SER A 1063 4.52 4.12 -8.59
C SER A 1063 5.68 3.49 -9.36
N GLN A 1064 5.50 2.26 -9.85
CA GLN A 1064 6.52 1.63 -10.67
C GLN A 1064 6.73 2.40 -11.97
N GLN A 1065 5.65 2.89 -12.58
CA GLN A 1065 5.78 3.68 -13.79
C GLN A 1065 6.51 4.99 -13.54
N LEU A 1066 6.28 5.61 -12.37
CA LEU A 1066 7.00 6.84 -12.04
C LEU A 1066 8.50 6.59 -11.86
N VAL A 1067 8.86 5.50 -11.17
CA VAL A 1067 10.28 5.18 -10.99
C VAL A 1067 10.94 4.86 -12.33
N ARG A 1068 10.25 4.09 -13.17
CA ARG A 1068 10.78 3.79 -14.49
C ARG A 1068 10.89 5.04 -15.36
N SER A 1069 9.98 6.00 -15.19
CA SER A 1069 10.08 7.26 -15.92
C SER A 1069 11.31 8.05 -15.49
N GLU A 1070 11.62 8.03 -14.19
CA GLU A 1070 12.82 8.72 -13.72
C GLU A 1070 14.09 8.07 -14.27
N ALA A 1071 14.13 6.73 -14.27
CA ALA A 1071 15.24 6.01 -14.88
C ALA A 1071 15.36 6.31 -16.36
N ALA A 1072 14.23 6.39 -17.07
CA ALA A 1072 14.23 6.69 -18.50
C ALA A 1072 14.72 8.11 -18.77
N ALA A 1073 14.38 9.07 -17.91
CA ALA A 1073 14.89 10.44 -18.08
C ALA A 1073 16.40 10.50 -17.90
N ARG A 1074 16.92 9.83 -16.86
CA ARG A 1074 18.37 9.79 -16.67
C ARG A 1074 19.08 9.10 -17.83
N SER A 1075 18.52 7.98 -18.31
CA SER A 1075 19.14 7.28 -19.43
C SER A 1075 19.00 8.06 -20.73
N SER A 1076 17.95 8.89 -20.86
CA SER A 1076 17.81 9.73 -22.04
C SER A 1076 18.88 10.82 -22.07
N GLN A 1077 19.15 11.44 -20.92
CA GLN A 1077 20.26 12.39 -20.86
C GLN A 1077 21.59 11.69 -21.13
N LEU A 1078 21.74 10.47 -20.63
CA LEU A 1078 22.96 9.69 -20.89
C LEU A 1078 23.12 9.39 -22.37
N VAL A 1079 22.03 9.03 -23.05
CA VAL A 1079 22.08 8.74 -24.48
C VAL A 1079 22.41 9.98 -25.28
N LYS A 1080 21.84 11.13 -24.87
CA LYS A 1080 22.17 12.40 -25.53
C LYS A 1080 23.67 12.70 -25.43
N ASP A 1081 24.23 12.57 -24.23
CA ASP A 1081 25.66 12.82 -24.05
C ASP A 1081 26.51 11.82 -24.83
N LYS A 1082 26.13 10.53 -24.80
CA LYS A 1082 26.87 9.50 -25.49
C LYS A 1082 26.87 9.72 -27.00
N VAL A 1083 25.72 10.06 -27.58
CA VAL A 1083 25.63 10.32 -29.01
C VAL A 1083 26.47 11.53 -29.37
N ASN A 1084 26.23 12.66 -28.69
CA ASN A 1084 26.89 13.91 -29.05
C ASN A 1084 28.38 13.88 -28.80
N GLU A 1085 28.86 12.97 -27.96
CA GLU A 1085 30.30 12.95 -27.72
C GLU A 1085 30.96 11.84 -28.55
N CYS A 1086 30.49 10.59 -28.39
CA CYS A 1086 31.13 9.45 -29.03
C CYS A 1086 30.86 9.41 -30.53
N VAL A 1087 29.60 9.59 -30.94
CA VAL A 1087 29.29 9.36 -32.35
C VAL A 1087 29.74 10.54 -33.20
N LYS A 1088 29.70 11.75 -32.64
CA LYS A 1088 29.99 12.96 -33.39
C LYS A 1088 31.40 13.49 -33.17
N SER A 1089 32.21 12.83 -32.34
CA SER A 1089 33.58 13.26 -32.08
C SER A 1089 34.38 12.07 -31.57
N GLN A 1090 35.57 12.35 -31.04
CA GLN A 1090 36.47 11.36 -30.47
C GLN A 1090 36.70 11.69 -29.01
N SER A 1091 36.76 10.68 -28.15
CA SER A 1091 36.84 10.94 -26.72
C SER A 1091 38.29 11.09 -26.25
N SER A 1092 38.51 12.09 -25.41
CA SER A 1092 39.78 12.28 -24.73
C SER A 1092 39.77 11.70 -23.31
N ARG A 1093 38.67 11.07 -22.91
CA ARG A 1093 38.52 10.55 -21.56
C ARG A 1093 38.37 9.03 -21.59
N ASN A 1094 38.98 8.37 -20.60
CA ASN A 1094 38.99 6.92 -20.53
C ASN A 1094 37.66 6.41 -19.96
N GLY A 1095 37.31 5.19 -20.36
CA GLY A 1095 36.09 4.55 -19.85
C GLY A 1095 34.81 4.97 -20.54
N PHE A 1096 34.60 6.27 -20.66
CA PHE A 1096 33.50 6.79 -21.47
C PHE A 1096 33.77 6.48 -22.93
N CYS A 1097 32.68 6.27 -23.68
CA CYS A 1097 32.74 5.77 -25.07
C CYS A 1097 33.49 4.45 -25.15
N GLY A 1098 33.22 3.55 -24.20
CA GLY A 1098 33.79 2.23 -24.20
C GLY A 1098 35.19 2.18 -23.59
N GLN A 1099 35.61 0.97 -23.23
CA GLN A 1099 36.93 0.77 -22.66
C GLN A 1099 38.00 0.86 -23.74
N GLY A 1100 39.24 1.00 -23.30
CA GLY A 1100 40.33 1.21 -24.22
C GLY A 1100 40.49 2.69 -24.51
N THR A 1101 40.85 3.05 -25.73
CA THR A 1101 40.91 4.45 -26.14
C THR A 1101 40.08 4.60 -27.41
N HIS A 1102 39.13 5.54 -27.38
CA HIS A 1102 38.08 5.61 -28.39
C HIS A 1102 38.61 6.07 -29.74
N ILE A 1103 38.06 5.48 -30.81
CA ILE A 1103 38.39 5.86 -32.17
C ILE A 1103 37.13 6.24 -32.93
N VAL A 1104 36.15 5.34 -32.97
CA VAL A 1104 34.90 5.59 -33.67
C VAL A 1104 33.79 4.82 -32.96
N SER A 1105 32.59 5.38 -32.98
CA SER A 1105 31.43 4.77 -32.36
C SER A 1105 30.24 4.83 -33.31
N PHE A 1106 29.42 3.78 -33.29
CA PHE A 1106 28.21 3.70 -34.09
C PHE A 1106 27.02 3.50 -33.17
N ALA A 1107 25.95 4.24 -33.42
CA ALA A 1107 24.73 4.15 -32.64
C ALA A 1107 23.61 3.62 -33.53
N VAL A 1108 22.94 2.56 -33.06
CA VAL A 1108 21.82 1.97 -33.77
C VAL A 1108 20.64 1.86 -32.82
N ASN A 1109 19.47 1.58 -33.38
CA ASN A 1109 18.26 1.47 -32.57
C ASN A 1109 18.22 0.12 -31.86
N ALA A 1110 17.38 0.07 -30.83
CA ALA A 1110 17.20 -1.11 -29.98
C ALA A 1110 15.71 -1.23 -29.67
N PRO A 1111 15.25 -2.41 -29.24
CA PRO A 1111 13.81 -2.56 -28.92
C PRO A 1111 13.28 -1.60 -27.87
N ASN A 1112 14.06 -1.28 -26.85
CA ASN A 1112 13.60 -0.38 -25.79
C ASN A 1112 14.47 0.85 -25.62
N GLY A 1113 15.57 0.96 -26.35
CA GLY A 1113 16.45 2.10 -26.21
C GLY A 1113 17.38 2.27 -27.40
N PHE A 1114 18.64 2.56 -27.12
CA PHE A 1114 19.64 2.75 -28.17
C PHE A 1114 20.83 1.84 -27.90
N TYR A 1115 21.41 1.31 -28.97
CA TYR A 1115 22.52 0.37 -28.91
C TYR A 1115 23.76 1.01 -29.49
N PHE A 1116 24.85 0.99 -28.74
CA PHE A 1116 26.10 1.64 -29.13
C PHE A 1116 27.18 0.60 -29.39
N VAL A 1117 27.90 0.78 -30.48
CA VAL A 1117 29.05 -0.05 -30.82
C VAL A 1117 30.27 0.85 -30.80
N HIS A 1118 31.13 0.66 -29.82
CA HIS A 1118 32.31 1.50 -29.63
C HIS A 1118 33.54 0.74 -30.09
N VAL A 1119 34.27 1.30 -31.04
CA VAL A 1119 35.50 0.71 -31.54
C VAL A 1119 36.67 1.43 -30.88
N GLY A 1120 37.50 0.69 -30.16
CA GLY A 1120 38.60 1.25 -29.41
C GLY A 1120 39.96 0.80 -29.92
N TYR A 1121 40.99 1.37 -29.30
CA TYR A 1121 42.38 1.07 -29.61
C TYR A 1121 42.98 0.31 -28.43
N HIS A 1122 43.19 -0.98 -28.61
CA HIS A 1122 43.68 -1.84 -27.54
C HIS A 1122 45.07 -2.36 -27.88
N PRO A 1123 46.13 -1.77 -27.34
CA PRO A 1123 47.48 -2.28 -27.62
C PRO A 1123 47.74 -3.59 -26.88
N THR A 1124 48.64 -4.39 -27.45
CA THR A 1124 48.92 -5.73 -26.94
C THR A 1124 50.33 -5.88 -26.38
N ASP A 1125 51.36 -5.56 -27.16
CA ASP A 1125 52.75 -5.76 -26.76
C ASP A 1125 53.39 -4.42 -26.48
N TYR A 1126 54.05 -4.30 -25.34
CA TYR A 1126 54.71 -3.06 -24.92
C TYR A 1126 56.21 -3.23 -24.91
N VAL A 1127 56.92 -2.14 -25.20
CA VAL A 1127 58.36 -2.08 -25.16
C VAL A 1127 58.76 -1.00 -24.15
N ASN A 1128 59.64 -1.35 -23.22
CA ASN A 1128 60.13 -0.39 -22.24
C ASN A 1128 61.21 0.49 -22.86
N GLN A 1129 61.10 1.80 -22.63
CA GLN A 1129 62.07 2.77 -23.12
C GLN A 1129 62.26 3.85 -22.07
N THR A 1130 63.17 4.79 -22.35
CA THR A 1130 63.37 5.97 -21.53
C THR A 1130 63.44 7.19 -22.43
N SER A 1131 63.08 8.35 -21.87
CA SER A 1131 62.99 9.57 -22.65
C SER A 1131 63.26 10.76 -21.73
N ALA A 1132 62.94 11.96 -22.18
CA ALA A 1132 63.24 13.16 -21.43
C ALA A 1132 62.09 14.16 -21.56
N TYR A 1133 62.01 15.07 -20.58
CA TYR A 1133 61.01 16.13 -20.63
C TYR A 1133 61.23 17.03 -21.83
N GLY A 1134 62.50 17.23 -22.18
CA GLY A 1134 62.82 18.04 -23.31
C GLY A 1134 64.30 18.17 -23.48
N LEU A 1135 64.79 17.98 -24.68
CA LEU A 1135 66.21 18.13 -24.95
C LEU A 1135 66.67 19.47 -25.52
N CYS A 1136 67.92 19.91 -25.28
CA CYS A 1136 68.49 21.08 -25.93
C CYS A 1136 69.98 21.15 -25.66
N ASP A 1137 70.63 22.09 -26.34
CA ASP A 1137 72.07 22.22 -26.33
C ASP A 1137 72.56 22.75 -24.97
N SER A 1138 73.88 22.73 -24.80
CA SER A 1138 74.49 23.10 -23.53
C SER A 1138 74.34 24.59 -23.23
N SER A 1139 74.13 25.43 -24.25
CA SER A 1139 73.97 26.85 -24.01
C SER A 1139 72.62 27.19 -23.39
N ASN A 1140 71.62 26.30 -23.56
CA ASN A 1140 70.24 26.50 -23.07
C ASN A 1140 69.61 27.77 -23.62
N THR A 1141 70.00 28.16 -24.84
CA THR A 1141 69.39 29.34 -25.45
C THR A 1141 67.96 29.05 -25.90
N LYS A 1142 67.75 27.92 -26.57
CA LYS A 1142 66.43 27.49 -26.99
C LYS A 1142 66.28 26.01 -26.67
N CYS A 1143 65.08 25.62 -26.25
CA CYS A 1143 64.84 24.23 -25.91
C CYS A 1143 63.48 23.80 -26.43
N ILE A 1144 63.39 22.52 -26.81
CA ILE A 1144 62.22 21.96 -27.47
C ILE A 1144 61.65 20.83 -26.61
N ALA A 1145 60.43 20.44 -26.94
CA ALA A 1145 59.74 19.37 -26.23
C ALA A 1145 59.01 18.49 -27.24
N ALA A 1146 58.74 17.26 -26.84
CA ALA A 1146 58.08 16.31 -27.73
C ALA A 1146 56.60 16.63 -27.88
N LYS A 1147 56.09 16.48 -29.11
CA LYS A 1147 54.68 16.71 -29.43
C LYS A 1147 54.06 15.40 -29.84
N ASN A 1148 53.03 14.97 -29.10
CA ASN A 1148 52.30 13.72 -29.34
C ASN A 1148 53.22 12.51 -29.36
N GLY A 1149 54.16 12.45 -28.43
CA GLY A 1149 55.10 11.35 -28.41
C GLY A 1149 56.20 11.60 -27.39
N TYR A 1150 57.28 10.83 -27.52
CA TYR A 1150 58.41 10.91 -26.61
C TYR A 1150 59.71 10.94 -27.39
N PHE A 1151 60.72 11.59 -26.81
CA PHE A 1151 62.08 11.59 -27.35
C PHE A 1151 62.85 10.39 -26.84
N ILE A 1152 62.77 9.28 -27.56
CA ILE A 1152 63.49 8.07 -27.19
C ILE A 1152 64.95 8.21 -27.59
N LYS A 1153 65.79 7.32 -27.08
CA LYS A 1153 67.22 7.30 -27.38
C LYS A 1153 67.55 6.01 -28.13
N ASN A 1154 68.25 6.14 -29.25
CA ASN A 1154 68.64 5.01 -30.07
C ASN A 1154 70.14 4.79 -29.89
N GLY A 1155 70.49 4.03 -28.86
CA GLY A 1155 71.88 3.82 -28.52
C GLY A 1155 72.34 4.75 -27.41
N SER A 1156 73.63 5.11 -27.43
CA SER A 1156 74.17 6.03 -26.44
C SER A 1156 73.88 7.49 -26.77
N ASP A 1157 73.49 7.79 -28.01
CA ASP A 1157 73.25 9.15 -28.46
C ASP A 1157 72.26 9.08 -29.62
N ASP A 1158 72.14 10.18 -30.36
CA ASP A 1158 71.28 10.30 -31.54
C ASP A 1158 69.82 10.05 -31.15
N TRP A 1159 69.30 10.98 -30.35
CA TRP A 1159 67.91 10.95 -29.91
C TRP A 1159 66.96 10.98 -31.10
N MET A 1160 65.91 10.17 -31.03
CA MET A 1160 64.90 10.08 -32.07
C MET A 1160 63.52 10.36 -31.47
N PHE A 1161 62.51 10.33 -32.33
CA PHE A 1161 61.13 10.57 -31.95
C PHE A 1161 60.27 9.39 -32.34
N THR A 1162 59.34 9.01 -31.46
CA THR A 1162 58.38 7.96 -31.75
C THR A 1162 57.00 8.42 -31.34
N GLY A 1163 55.99 7.73 -31.86
CA GLY A 1163 54.63 8.01 -31.48
C GLY A 1163 54.29 7.53 -30.09
N SER A 1164 53.25 8.11 -29.52
CA SER A 1164 52.84 7.75 -28.17
C SER A 1164 52.01 6.47 -28.11
N SER A 1165 51.63 5.92 -29.27
CA SER A 1165 50.83 4.70 -29.30
C SER A 1165 51.45 3.60 -30.15
N TYR A 1166 52.44 3.90 -30.98
CA TYR A 1166 53.11 2.90 -31.79
C TYR A 1166 54.61 3.19 -31.79
N TYR A 1167 55.40 2.12 -31.89
CA TYR A 1167 56.85 2.23 -31.88
C TYR A 1167 57.35 2.38 -33.30
N GLN A 1168 57.89 3.55 -33.63
CA GLN A 1168 58.50 3.82 -34.92
C GLN A 1168 59.48 4.97 -34.79
N PRO A 1169 60.75 4.69 -34.50
CA PRO A 1169 61.72 5.79 -34.38
C PRO A 1169 61.97 6.49 -35.70
N GLU A 1170 62.20 7.79 -35.61
CA GLU A 1170 62.41 8.63 -36.78
C GLU A 1170 63.17 9.88 -36.34
N PRO A 1171 63.84 10.57 -37.26
CA PRO A 1171 64.54 11.81 -36.88
C PRO A 1171 63.57 12.89 -36.41
N ILE A 1172 64.06 13.72 -35.50
CA ILE A 1172 63.25 14.79 -34.94
C ILE A 1172 63.05 15.88 -36.00
N THR A 1173 61.80 16.27 -36.21
CA THR A 1173 61.43 17.20 -37.26
C THR A 1173 60.59 18.30 -36.62
N ASN A 1174 60.61 19.50 -37.22
CA ASN A 1174 59.90 20.66 -36.66
C ASN A 1174 58.40 20.46 -36.54
N PHE A 1175 57.82 19.52 -37.29
CA PHE A 1175 56.39 19.26 -37.19
C PHE A 1175 56.01 18.30 -36.08
N ASN A 1176 56.98 17.77 -35.33
CA ASN A 1176 56.66 16.93 -34.17
C ASN A 1176 57.32 17.44 -32.90
N SER A 1177 57.67 18.73 -32.84
CA SER A 1177 58.24 19.32 -31.65
C SER A 1177 58.00 20.82 -31.69
N ARG A 1178 58.05 21.35 -30.46
CA ARG A 1178 57.76 22.73 -30.24
C ARG A 1178 58.84 23.43 -29.50
N SER A 1179 58.99 24.73 -29.67
CA SER A 1179 59.93 25.42 -28.82
C SER A 1179 59.25 25.85 -27.53
N VAL A 1180 59.85 25.48 -26.39
CA VAL A 1180 59.31 25.75 -25.07
C VAL A 1180 60.34 26.51 -24.24
N GLU A 1181 59.95 26.89 -23.03
CA GLU A 1181 60.86 27.55 -22.11
C GLU A 1181 61.96 26.58 -21.68
N PRO A 1182 63.19 27.05 -21.48
CA PRO A 1182 64.23 26.19 -20.93
C PRO A 1182 63.91 25.81 -19.48
N GLU A 1183 64.33 24.60 -19.11
CA GLU A 1183 64.10 24.09 -17.76
C GLU A 1183 65.39 23.49 -17.22
N VAL A 1184 65.50 23.45 -15.89
CA VAL A 1184 66.69 22.93 -15.24
C VAL A 1184 66.79 21.43 -15.29
N THR A 1185 65.71 20.73 -15.64
CA THR A 1185 65.71 19.28 -15.75
C THR A 1185 65.85 18.80 -17.18
N PHE A 1186 66.09 19.71 -18.12
CA PHE A 1186 66.18 19.34 -19.52
C PHE A 1186 67.54 18.71 -19.83
N GLN A 1187 67.54 17.80 -20.80
CA GLN A 1187 68.77 17.13 -21.19
C GLN A 1187 69.68 18.09 -21.97
N ASN A 1188 70.98 17.98 -21.70
CA ASN A 1188 71.99 18.78 -22.39
C ASN A 1188 72.78 17.86 -23.31
N LEU A 1189 72.73 18.13 -24.61
CA LEU A 1189 73.41 17.31 -25.60
C LEU A 1189 74.14 18.20 -26.59
N THR A 1190 75.29 17.71 -27.08
CA THR A 1190 76.08 18.46 -28.04
C THR A 1190 76.64 17.63 -29.18
N ASN A 1191 76.66 16.30 -29.08
CA ASN A 1191 77.31 15.49 -30.12
C ASN A 1191 76.48 15.46 -31.40
N ASN A 1192 75.18 15.26 -31.28
CA ASN A 1192 74.27 15.15 -32.43
C ASN A 1192 73.07 16.05 -32.17
N LEU A 1193 73.00 17.17 -32.88
CA LEU A 1193 71.91 18.11 -32.67
C LEU A 1193 70.85 17.93 -33.73
N PRO A 1194 69.58 17.79 -33.33
CA PRO A 1194 68.49 17.74 -34.31
C PRO A 1194 68.34 19.07 -35.03
N PRO A 1195 67.79 19.07 -36.24
CA PRO A 1195 67.69 20.31 -37.05
C PRO A 1195 66.89 21.43 -36.38
N PRO A 1196 65.90 21.15 -35.52
CA PRO A 1196 65.38 22.26 -34.70
C PRO A 1196 66.40 22.89 -33.77
N LEU A 1197 67.44 22.17 -33.35
CA LEU A 1197 68.39 22.70 -32.39
C LEU A 1197 69.62 23.33 -33.04
N SER A 1198 70.00 22.88 -34.23
CA SER A 1198 71.20 23.38 -34.88
C SER A 1198 70.97 24.79 -35.45
N CYS B 22 -10.24 7.82 74.98
CA CYS B 22 -9.52 8.42 73.86
C CYS B 22 -8.83 9.71 74.30
N ILE B 23 -7.54 9.81 74.00
CA ILE B 23 -6.68 10.87 74.52
C ILE B 23 -6.96 12.20 73.80
N VAL B 24 -6.45 13.29 74.36
CA VAL B 24 -6.59 14.62 73.79
C VAL B 24 -5.36 14.90 72.94
N VAL B 25 -5.53 15.74 71.92
CA VAL B 25 -4.45 16.04 70.98
C VAL B 25 -4.03 17.48 71.16
N ASP B 26 -3.00 17.90 70.42
CA ASP B 26 -2.58 19.30 70.35
C ASP B 26 -2.48 19.64 68.88
N MET B 27 -3.56 20.13 68.30
CA MET B 27 -3.68 20.34 66.85
C MET B 27 -3.44 21.82 66.55
N GLN B 28 -2.20 22.16 66.23
CA GLN B 28 -1.85 23.46 65.65
C GLN B 28 -1.18 23.22 64.32
N PRO B 29 -1.90 23.31 63.20
CA PRO B 29 -1.29 23.07 61.88
C PRO B 29 -0.47 24.21 61.34
N SER B 30 -0.26 25.28 62.12
CA SER B 30 0.54 26.41 61.65
C SER B 30 2.02 26.03 61.50
N TYR B 31 2.52 25.20 62.41
CA TYR B 31 3.93 24.85 62.40
C TYR B 31 4.27 23.81 61.33
N PHE B 32 3.28 23.16 60.75
CA PHE B 32 3.49 22.14 59.74
C PHE B 32 3.45 22.70 58.32
N GLN B 33 3.25 23.99 58.15
CA GLN B 33 3.12 24.61 56.83
C GLN B 33 4.45 24.95 56.20
N ARG B 34 5.56 24.69 56.88
CA ARG B 34 6.87 24.97 56.32
C ARG B 34 7.17 24.02 55.17
N ASP B 35 7.90 24.52 54.18
CA ASP B 35 7.97 23.90 52.86
C ASP B 35 9.37 23.39 52.56
N TRP B 36 9.46 22.13 52.14
CA TRP B 36 10.68 21.54 51.61
C TRP B 36 10.34 20.97 50.24
N PRO B 37 10.46 21.77 49.18
CA PRO B 37 9.90 21.37 47.89
C PRO B 37 10.74 20.29 47.23
N ARG B 38 10.06 19.26 46.72
CA ARG B 38 10.68 18.22 45.91
C ARG B 38 9.86 18.05 44.63
N PRO B 39 10.16 18.85 43.59
CA PRO B 39 9.55 18.59 42.29
C PRO B 39 9.92 17.21 41.77
N ILE B 40 8.99 16.58 41.08
CA ILE B 40 9.24 15.27 40.50
C ILE B 40 10.06 15.46 39.22
N ASN B 41 10.98 14.53 38.98
CA ASN B 41 11.99 14.66 37.93
C ASN B 41 11.86 13.48 36.98
N MET B 42 11.58 13.76 35.71
CA MET B 42 11.39 12.70 34.73
C MET B 42 12.69 12.04 34.31
N SER B 43 13.79 12.79 34.33
CA SER B 43 15.07 12.23 33.89
C SER B 43 15.59 11.19 34.87
N ALA B 44 15.21 11.29 36.14
CA ALA B 44 15.52 10.27 37.13
C ALA B 44 14.49 9.15 37.14
N ALA B 45 13.46 9.25 36.31
CA ALA B 45 12.32 8.32 36.27
C ALA B 45 11.68 8.20 37.66
N ASP B 46 11.33 9.34 38.24
CA ASP B 46 10.76 9.37 39.57
C ASP B 46 9.27 9.08 39.51
N GLY B 47 8.80 8.17 40.37
CA GLY B 47 7.40 7.85 40.46
C GLY B 47 6.81 7.19 39.24
N ILE B 48 7.48 6.20 38.68
CA ILE B 48 7.05 5.52 37.47
C ILE B 48 6.63 4.11 37.83
N ILE B 49 5.36 3.79 37.62
CA ILE B 49 4.91 2.41 37.70
C ILE B 49 5.48 1.65 36.51
N TYR B 50 6.09 0.51 36.77
CA TYR B 50 6.60 -0.32 35.69
C TYR B 50 5.44 -0.91 34.89
N PRO B 51 5.54 -0.96 33.57
CA PRO B 51 4.42 -1.47 32.76
C PRO B 51 4.28 -2.98 32.85
N VAL B 52 3.53 -3.45 33.86
CA VAL B 52 3.35 -4.88 34.08
C VAL B 52 2.56 -5.49 32.92
N GLY B 53 2.75 -6.80 32.74
CA GLY B 53 2.16 -7.52 31.64
C GLY B 53 3.09 -7.75 30.47
N ARG B 54 4.15 -6.96 30.39
CA ARG B 54 5.14 -7.08 29.32
C ARG B 54 6.46 -6.46 29.75
N THR B 55 7.56 -7.19 29.57
CA THR B 55 8.87 -6.69 29.95
C THR B 55 9.62 -6.17 28.74
N TYR B 56 10.58 -5.29 29.00
CA TYR B 56 11.44 -4.74 27.96
C TYR B 56 12.87 -4.72 28.46
N ALA B 57 13.82 -4.64 27.52
CA ALA B 57 15.23 -4.67 27.88
C ALA B 57 16.03 -3.88 26.84
N ASN B 58 16.43 -2.67 27.23
CA ASN B 58 17.32 -1.76 26.50
C ASN B 58 16.66 -1.48 25.14
N ILE B 59 15.62 -0.63 25.20
CA ILE B 59 14.86 -0.19 24.04
C ILE B 59 14.11 1.06 24.48
N THR B 60 14.01 2.05 23.59
CA THR B 60 13.15 3.20 23.82
C THR B 60 11.79 2.98 23.17
N ILE B 61 10.73 3.33 23.90
CA ILE B 61 9.36 3.04 23.46
C ILE B 61 8.43 4.03 24.15
N MET B 62 7.41 4.47 23.42
CA MET B 62 6.42 5.40 23.97
C MET B 62 5.26 4.60 24.55
N LEU B 63 5.06 4.70 25.85
CA LEU B 63 3.97 4.02 26.53
C LEU B 63 2.83 4.98 26.85
N SER B 64 1.72 4.41 27.29
CA SER B 64 0.57 5.15 27.77
C SER B 64 0.09 4.47 29.05
N GLY B 65 -0.11 5.26 30.10
CA GLY B 65 -0.54 4.70 31.37
C GLY B 65 -0.73 5.77 32.41
N LEU B 66 -0.77 5.34 33.67
CA LEU B 66 -0.98 6.24 34.79
C LEU B 66 0.38 6.76 35.26
N PHE B 67 0.66 8.02 34.97
CA PHE B 67 1.92 8.65 35.31
C PHE B 67 1.68 10.04 35.87
N PRO B 68 2.54 10.52 36.77
CA PRO B 68 2.39 11.88 37.30
C PRO B 68 3.02 12.90 36.37
N HIS B 69 2.38 14.06 36.27
CA HIS B 69 2.87 15.10 35.38
C HIS B 69 4.14 15.74 35.96
N GLN B 70 4.96 16.28 35.07
CA GLN B 70 6.30 16.72 35.44
C GLN B 70 6.25 18.04 36.20
N ALA B 71 7.26 18.25 37.05
CA ALA B 71 7.35 19.40 37.97
C ALA B 71 6.11 19.49 38.86
N ASP B 72 5.71 18.35 39.41
CA ASP B 72 4.60 18.29 40.35
C ASP B 72 5.17 18.30 41.75
N LYS B 73 4.81 19.31 42.53
CA LYS B 73 5.27 19.40 43.91
C LYS B 73 4.55 18.42 44.82
N GLY B 74 3.36 17.96 44.44
CA GLY B 74 2.61 17.06 45.26
C GLY B 74 2.05 17.77 46.49
N LYS B 75 1.65 16.95 47.46
CA LYS B 75 1.24 17.43 48.78
C LYS B 75 2.19 16.84 49.81
N GLN B 76 2.80 17.70 50.61
CA GLN B 76 3.81 17.29 51.57
C GLN B 76 3.17 17.14 52.95
N TYR B 77 3.40 15.99 53.57
CA TYR B 77 2.88 15.69 54.90
C TYR B 77 4.04 15.42 55.85
N ILE B 78 3.98 16.00 57.04
CA ILE B 78 5.07 15.95 58.01
C ILE B 78 4.56 15.30 59.28
N TYR B 79 5.36 14.39 59.84
CA TYR B 79 5.06 13.72 61.10
C TYR B 79 5.99 14.23 62.20
N SER B 80 5.43 14.50 63.37
CA SER B 80 6.17 15.07 64.49
C SER B 80 6.03 14.17 65.71
N MET B 81 6.70 14.56 66.78
CA MET B 81 6.63 13.83 68.05
C MET B 81 5.55 14.42 68.94
N TYR B 82 5.57 14.05 70.21
CA TYR B 82 4.78 14.69 71.25
C TYR B 82 5.31 16.10 71.51
N HIS B 83 4.53 16.88 72.27
CA HIS B 83 4.92 18.26 72.55
C HIS B 83 6.13 18.33 73.49
N MET B 84 6.18 17.47 74.49
CA MET B 84 7.28 17.52 75.45
C MET B 84 8.55 16.91 74.88
N VAL B 90 0.37 13.10 80.36
CA VAL B 90 1.46 14.03 80.66
C VAL B 90 1.68 14.96 79.47
N ASN B 91 2.02 14.37 78.33
CA ASN B 91 2.24 15.12 77.09
C ASN B 91 1.22 14.71 76.04
N ASP B 92 0.86 15.66 75.18
CA ASP B 92 -0.15 15.51 74.15
C ASP B 92 0.49 15.36 72.78
N PRO B 93 -0.10 14.57 71.89
CA PRO B 93 0.44 14.43 70.54
C PRO B 93 0.32 15.74 69.76
N PHE B 94 1.31 15.97 68.89
CA PHE B 94 1.39 17.18 68.09
C PHE B 94 1.15 16.81 66.64
N ILE B 95 -0.01 17.18 66.11
CA ILE B 95 -0.41 16.85 64.75
C ILE B 95 -1.05 18.07 64.10
N SER B 96 -1.16 18.00 62.77
CA SER B 96 -1.89 18.99 62.00
C SER B 96 -3.25 18.42 61.62
N ASN B 97 -4.00 19.16 60.80
CA ASN B 97 -5.34 18.74 60.42
C ASN B 97 -5.34 17.90 59.15
N TYR B 98 -4.52 16.86 59.13
CA TYR B 98 -4.49 15.95 57.99
C TYR B 98 -5.74 15.09 57.95
N SER B 99 -6.37 14.86 59.10
CA SER B 99 -7.53 13.98 59.17
C SER B 99 -8.79 14.61 58.60
N TYR B 100 -8.80 15.93 58.40
CA TYR B 100 -9.98 16.62 57.89
C TYR B 100 -10.05 16.65 56.37
N TYR B 101 -9.03 16.13 55.68
CA TYR B 101 -8.95 16.18 54.23
C TYR B 101 -9.23 14.79 53.66
N THR B 102 -10.14 14.74 52.69
CA THR B 102 -10.44 13.52 51.94
C THR B 102 -10.16 13.83 50.48
N GLU B 103 -8.91 13.68 50.08
CA GLU B 103 -8.51 14.00 48.72
C GLU B 103 -9.03 12.95 47.74
N PRO B 104 -9.34 13.34 46.50
CA PRO B 104 -9.84 12.37 45.53
C PRO B 104 -8.80 11.33 45.14
N PHE B 105 -9.28 10.13 44.83
CA PHE B 105 -8.39 9.05 44.43
C PHE B 105 -7.79 9.31 43.06
N ASP B 106 -8.63 9.41 42.02
CA ASP B 106 -8.28 9.89 40.69
C ASP B 106 -7.16 9.04 40.05
N ASN B 107 -7.55 7.80 39.74
CA ASN B 107 -6.66 6.78 39.14
C ASN B 107 -5.46 6.48 40.02
N GLY B 108 -5.63 6.53 41.33
CA GLY B 108 -4.56 6.19 42.25
C GLY B 108 -3.57 7.32 42.43
N PHE B 109 -2.52 7.01 43.19
CA PHE B 109 -1.48 8.00 43.48
C PHE B 109 -0.16 7.29 43.70
N VAL B 110 0.89 8.08 43.85
CA VAL B 110 2.23 7.59 44.11
C VAL B 110 2.84 8.40 45.26
N VAL B 111 3.50 7.70 46.18
CA VAL B 111 4.03 8.29 47.40
C VAL B 111 5.54 8.12 47.41
N ARG B 112 6.26 9.22 47.65
CA ARG B 112 7.71 9.21 47.78
C ARG B 112 8.06 9.20 49.26
N ILE B 113 8.49 8.05 49.77
CA ILE B 113 8.80 7.86 51.17
C ILE B 113 10.30 8.01 51.36
N GLY B 114 10.70 8.91 52.25
CA GLY B 114 12.12 9.18 52.47
C GLY B 114 12.55 10.42 51.69
N ALA B 115 13.68 10.30 50.98
CA ALA B 115 14.27 11.34 50.14
C ALA B 115 14.62 12.61 50.92
N ASN B 116 14.66 12.54 52.24
CA ASN B 116 15.05 13.66 53.07
C ASN B 116 15.96 13.26 54.20
N SER B 117 16.28 11.98 54.36
CA SER B 117 17.01 11.48 55.51
C SER B 117 18.49 11.86 55.43
N ASN B 118 19.24 11.43 56.44
CA ASN B 118 20.69 11.56 56.55
C ASN B 118 21.17 13.01 56.61
N ILE B 119 20.30 13.95 56.98
CA ILE B 119 20.70 15.35 57.13
C ILE B 119 20.22 15.84 58.49
N THR B 120 20.84 16.92 58.96
CA THR B 120 20.44 17.53 60.22
C THR B 120 19.20 18.36 59.93
N GLY B 121 18.05 17.86 60.38
CA GLY B 121 16.78 18.50 60.19
C GLY B 121 16.31 19.24 61.42
N SER B 122 14.99 19.39 61.54
CA SER B 122 14.41 20.06 62.71
C SER B 122 13.04 19.47 62.98
N SER B 123 12.77 19.19 64.25
CA SER B 123 11.45 18.74 64.65
C SER B 123 10.46 19.89 64.57
N VAL B 124 9.19 19.53 64.34
CA VAL B 124 8.15 20.54 64.16
C VAL B 124 7.85 21.25 65.48
N VAL B 125 7.72 20.49 66.57
CA VAL B 125 7.37 21.09 67.85
C VAL B 125 8.56 21.83 68.45
N GLY B 126 9.76 21.27 68.34
CA GLY B 126 10.91 21.83 68.99
C GLY B 126 11.66 22.83 68.12
N SER B 127 12.24 23.84 68.77
CA SER B 127 13.06 24.82 68.08
C SER B 127 14.48 24.33 67.84
N ALA B 128 14.85 23.19 68.40
CA ALA B 128 16.19 22.65 68.23
C ALA B 128 16.29 21.89 66.92
N ASN B 129 17.43 21.24 66.69
CA ASN B 129 17.69 20.51 65.46
C ASN B 129 18.13 19.09 65.79
N ALA B 130 17.76 18.15 64.92
CA ALA B 130 18.11 16.76 65.11
C ALA B 130 18.08 16.06 63.76
N THR B 131 18.70 14.87 63.72
CA THR B 131 18.74 14.10 62.49
C THR B 131 17.35 13.58 62.14
N VAL B 132 17.11 13.41 60.84
CA VAL B 132 15.83 12.96 60.33
C VAL B 132 15.92 11.51 59.91
N LYS B 133 14.86 10.77 60.16
CA LYS B 133 14.80 9.33 59.89
C LYS B 133 13.60 9.01 59.00
N LYS B 134 13.64 7.83 58.40
CA LYS B 134 12.59 7.40 57.49
C LYS B 134 11.36 6.96 58.27
N ILE B 135 10.20 7.46 57.87
CA ILE B 135 8.92 7.09 58.48
C ILE B 135 7.95 6.74 57.36
N TYR B 136 6.96 5.90 57.69
CA TYR B 136 6.04 5.40 56.69
C TYR B 136 4.66 6.03 56.85
N PRO B 137 3.96 6.30 55.76
CA PRO B 137 2.62 6.88 55.87
C PRO B 137 1.58 5.87 56.31
N ALA B 138 0.59 6.36 57.06
CA ALA B 138 -0.57 5.57 57.46
C ALA B 138 -1.75 6.12 56.66
N LEU B 139 -2.23 5.33 55.70
CA LEU B 139 -3.20 5.81 54.74
C LEU B 139 -4.59 5.27 55.06
N MET B 140 -5.59 6.14 54.94
CA MET B 140 -7.00 5.80 55.07
C MET B 140 -7.64 5.94 53.70
N LEU B 141 -8.26 4.86 53.21
CA LEU B 141 -8.89 4.87 51.90
C LEU B 141 -10.30 4.32 52.01
N GLY B 142 -11.14 4.72 51.07
CA GLY B 142 -12.53 4.27 51.09
C GLY B 142 -13.25 4.73 49.85
N SER B 143 -14.55 4.46 49.84
CA SER B 143 -15.40 4.78 48.69
C SER B 143 -16.33 5.96 48.92
N VAL B 144 -16.98 6.03 50.07
CA VAL B 144 -17.91 7.11 50.38
C VAL B 144 -17.48 7.78 51.67
N VAL B 145 -17.57 9.11 51.71
CA VAL B 145 -17.14 9.90 52.86
C VAL B 145 -18.36 10.56 53.50
N GLY B 146 -18.12 11.28 54.59
CA GLY B 146 -19.19 11.96 55.27
C GLY B 146 -18.65 12.87 56.36
N LYS B 147 -19.53 13.23 57.28
CA LYS B 147 -19.19 14.09 58.39
C LYS B 147 -19.30 13.31 59.69
N PHE B 148 -18.38 13.59 60.61
CA PHE B 148 -18.44 13.03 61.94
C PHE B 148 -19.59 13.65 62.73
N PRO B 149 -20.03 13.02 63.83
CA PRO B 149 -21.08 13.64 64.66
C PRO B 149 -20.70 14.98 65.26
N SER B 150 -19.41 15.30 65.35
CA SER B 150 -18.97 16.63 65.77
C SER B 150 -18.84 17.61 64.62
N ASN B 151 -19.53 17.34 63.50
CA ASN B 151 -19.54 18.19 62.31
C ASN B 151 -18.14 18.46 61.76
N LYS B 152 -17.31 17.42 61.73
CA LYS B 152 -15.96 17.52 61.20
C LYS B 152 -15.76 16.47 60.11
N THR B 153 -15.23 16.91 58.97
CA THR B 153 -15.07 16.03 57.82
C THR B 153 -13.97 15.00 58.09
N GLY B 154 -14.14 13.79 57.56
CA GLY B 154 -13.13 12.77 57.71
C GLY B 154 -13.70 11.40 58.03
N ARG B 155 -15.02 11.29 58.05
CA ARG B 155 -15.68 10.02 58.34
C ARG B 155 -15.81 9.21 57.06
N TYR B 156 -15.32 7.98 57.09
CA TYR B 156 -15.39 7.06 55.96
C TYR B 156 -16.43 5.99 56.25
N PHE B 157 -17.50 5.96 55.47
CA PHE B 157 -18.57 5.00 55.64
C PHE B 157 -18.24 3.71 54.87
N ASN B 158 -18.98 2.66 55.21
CA ASN B 158 -18.96 1.34 54.56
C ASN B 158 -17.57 0.73 54.68
N HIS B 159 -17.21 -0.15 53.77
CA HIS B 159 -15.95 -0.88 53.87
C HIS B 159 -14.81 0.02 53.44
N THR B 160 -13.84 0.20 54.33
CA THR B 160 -12.71 1.09 54.12
C THR B 160 -11.42 0.29 54.19
N LEU B 161 -10.49 0.60 53.30
CA LEU B 161 -9.16 0.01 53.32
C LEU B 161 -8.21 0.99 54.00
N VAL B 162 -7.56 0.53 55.07
CA VAL B 162 -6.52 1.33 55.71
C VAL B 162 -5.20 0.59 55.57
N ILE B 163 -4.14 1.33 55.28
CA ILE B 163 -2.79 0.79 55.19
C ILE B 163 -1.96 1.49 56.24
N LEU B 164 -1.47 0.74 57.21
CA LEU B 164 -0.73 1.32 58.30
C LEU B 164 0.45 0.42 58.68
N PRO B 165 1.63 0.99 58.83
CA PRO B 165 2.77 0.19 59.30
C PRO B 165 2.64 -0.13 60.78
N GLU B 166 3.43 -1.10 61.22
CA GLU B 166 3.54 -1.43 62.64
C GLU B 166 4.86 -2.14 62.88
N LYS B 167 5.15 -2.34 64.17
CA LYS B 167 6.40 -2.95 64.65
C LYS B 167 7.61 -2.18 64.13
N CYS B 168 7.65 -0.89 64.50
CA CYS B 168 8.70 0.08 64.12
C CYS B 168 8.96 0.09 62.61
N GLY B 169 7.88 -0.04 61.84
CA GLY B 169 7.96 -0.05 60.39
C GLY B 169 8.66 -1.27 59.82
N THR B 170 8.49 -2.43 60.43
CA THR B 170 9.04 -3.67 59.91
C THR B 170 7.97 -4.63 59.40
N GLN B 171 6.70 -4.23 59.44
CA GLN B 171 5.62 -5.07 58.95
C GLN B 171 4.47 -4.17 58.50
N ILE B 172 4.00 -4.38 57.28
CA ILE B 172 2.94 -3.57 56.69
C ILE B 172 1.66 -4.39 56.68
N THR B 173 0.61 -3.85 57.28
CA THR B 173 -0.69 -4.50 57.28
C THR B 173 -1.68 -3.65 56.50
N ALA B 174 -2.68 -4.32 55.91
CA ALA B 174 -3.71 -3.66 55.12
C ALA B 174 -5.02 -4.38 55.38
N LEU B 175 -5.82 -3.85 56.29
CA LEU B 175 -7.06 -4.48 56.70
C LEU B 175 -8.26 -3.80 56.05
N TYR B 176 -9.25 -4.59 55.67
CA TYR B 176 -10.45 -4.13 54.98
C TYR B 176 -11.64 -4.34 55.92
N CYS B 177 -11.85 -3.39 56.83
CA CYS B 177 -12.91 -3.45 57.82
C CYS B 177 -13.90 -2.32 57.56
N VAL B 178 -14.93 -2.25 58.39
CA VAL B 178 -15.84 -1.11 58.45
C VAL B 178 -15.55 -0.36 59.73
N LEU B 179 -15.13 0.89 59.61
CA LEU B 179 -14.70 1.68 60.75
C LEU B 179 -15.90 2.40 61.34
N GLN B 180 -16.31 2.00 62.54
CA GLN B 180 -17.43 2.62 63.22
C GLN B 180 -16.94 3.46 64.39
N PRO B 181 -17.47 4.67 64.55
CA PRO B 181 -17.05 5.53 65.66
C PRO B 181 -17.46 4.96 67.01
N LYS B 182 -16.62 5.21 68.01
CA LYS B 182 -16.82 4.72 69.37
C LYS B 182 -17.30 5.88 70.23
N ASN B 183 -18.55 5.81 70.68
CA ASN B 183 -19.21 6.93 71.37
C ASN B 183 -18.63 7.07 72.78
N GLN B 184 -17.49 7.73 72.85
CA GLN B 184 -16.87 8.10 74.11
C GLN B 184 -16.56 9.58 74.08
N THR B 185 -16.45 10.18 75.27
CA THR B 185 -16.16 11.60 75.37
C THR B 185 -14.76 11.89 74.85
N ASN B 186 -14.63 12.94 74.04
CA ASN B 186 -13.38 13.35 73.39
C ASN B 186 -12.81 12.19 72.57
N CYS B 187 -13.63 11.72 71.62
CA CYS B 187 -13.28 10.57 70.78
C CYS B 187 -14.18 10.61 69.55
N THR B 188 -13.94 9.69 68.63
CA THR B 188 -14.67 9.67 67.36
C THR B 188 -16.13 9.29 67.60
N GLY B 189 -17.05 10.20 67.28
CA GLY B 189 -18.47 9.93 67.42
C GLY B 189 -19.17 10.74 68.48
N HIS B 190 -18.46 11.57 69.23
CA HIS B 190 -19.06 12.40 70.27
C HIS B 190 -19.36 13.79 69.72
N THR B 191 -19.96 14.62 70.56
CA THR B 191 -20.26 16.00 70.15
C THR B 191 -18.99 16.86 70.13
N THR B 192 -18.02 16.55 70.98
CA THR B 192 -16.73 17.23 70.99
C THR B 192 -15.65 16.26 70.53
N TYR B 193 -14.80 16.71 69.61
CA TYR B 193 -13.89 15.83 68.91
C TYR B 193 -12.86 16.64 68.13
N THR B 194 -11.62 16.17 68.11
CA THR B 194 -10.56 16.85 67.36
C THR B 194 -9.97 16.01 66.24
N SER B 195 -9.42 14.83 66.53
CA SER B 195 -8.72 14.03 65.52
C SER B 195 -8.54 12.61 66.04
N TYR B 196 -7.96 11.75 65.18
CA TYR B 196 -7.80 10.33 65.47
C TYR B 196 -6.33 9.92 65.33
N VAL B 197 -5.43 10.66 65.98
CA VAL B 197 -4.00 10.38 65.88
C VAL B 197 -3.68 8.99 66.38
N LEU B 198 -2.84 8.27 65.63
CA LEU B 198 -2.37 6.96 66.01
C LEU B 198 -1.04 7.12 66.74
N VAL B 199 -0.98 6.68 67.99
CA VAL B 199 0.15 6.94 68.86
C VAL B 199 0.94 5.66 69.08
N GLU B 200 2.26 5.80 69.18
CA GLU B 200 3.14 4.67 69.46
C GLU B 200 4.38 5.20 70.17
N ASN B 201 5.25 4.28 70.58
CA ASN B 201 6.46 4.61 71.33
C ASN B 201 7.69 4.46 70.44
N LYS B 202 8.84 4.81 71.01
CA LYS B 202 10.09 4.84 70.24
C LYS B 202 10.53 3.44 69.82
N THR B 203 10.28 2.44 70.67
CA THR B 203 10.66 1.06 70.37
C THR B 203 9.90 0.48 69.17
N ASN B 211 2.20 -1.45 68.51
CA ASN B 211 1.53 -1.57 67.22
C ASN B 211 0.44 -0.54 67.06
N LEU B 212 0.26 -0.10 65.81
CA LEU B 212 -0.74 0.90 65.46
C LEU B 212 -2.13 0.31 65.27
N LYS B 213 -2.24 -1.02 65.21
CA LYS B 213 -3.54 -1.68 65.19
C LYS B 213 -4.31 -1.44 66.48
N GLN B 214 -3.64 -1.58 67.62
CA GLN B 214 -4.31 -1.33 68.89
C GLN B 214 -4.59 0.15 69.11
N SER B 215 -3.76 1.01 68.52
CA SER B 215 -4.04 2.44 68.58
C SER B 215 -5.25 2.82 67.73
N LEU B 216 -5.43 2.13 66.59
CA LEU B 216 -6.65 2.34 65.80
C LEU B 216 -7.88 1.78 66.50
N GLN B 217 -7.71 0.70 67.28
CA GLN B 217 -8.84 0.09 67.98
C GLN B 217 -9.45 1.02 69.02
N THR B 218 -8.68 1.98 69.54
CA THR B 218 -9.22 2.92 70.53
C THR B 218 -10.17 3.93 69.88
N TRP B 219 -9.81 4.45 68.70
CA TRP B 219 -10.63 5.48 68.06
C TRP B 219 -11.83 4.88 67.37
N PHE B 220 -11.63 3.84 66.57
CA PHE B 220 -12.71 3.21 65.82
C PHE B 220 -12.89 1.77 66.30
N ASP B 221 -14.11 1.26 66.13
CA ASP B 221 -14.44 -0.11 66.49
C ASP B 221 -14.61 -0.93 65.20
N LEU B 222 -13.84 -2.02 65.10
CA LEU B 222 -13.79 -2.81 63.88
C LEU B 222 -15.02 -3.71 63.79
N LYS B 223 -15.57 -3.66 62.59
CA LYS B 223 -16.77 -4.40 62.35
C LYS B 223 -16.86 -5.00 60.97
N ASP B 224 -17.46 -6.16 60.86
CA ASP B 224 -17.81 -6.75 59.57
C ASP B 224 -16.65 -6.65 58.59
N CYS B 225 -15.57 -7.34 58.96
CA CYS B 225 -14.27 -7.09 58.35
C CYS B 225 -13.86 -8.28 57.51
N LEU B 226 -13.38 -8.00 56.29
CA LEU B 226 -13.13 -9.05 55.31
C LEU B 226 -11.79 -9.74 55.55
N PHE B 227 -10.69 -9.00 55.41
CA PHE B 227 -9.36 -9.62 55.47
C PHE B 227 -8.39 -8.69 56.18
N GLU B 228 -7.20 -9.24 56.44
CA GLU B 228 -6.09 -8.47 57.00
C GLU B 228 -4.80 -9.07 56.43
N LYS B 229 -4.30 -8.48 55.35
CA LYS B 229 -3.07 -8.96 54.74
C LYS B 229 -1.86 -8.34 55.45
N LYS B 230 -0.79 -9.12 55.53
CA LYS B 230 0.43 -8.69 56.21
C LYS B 230 1.62 -8.89 55.28
N TYR B 231 2.47 -7.87 55.19
CA TYR B 231 3.65 -7.87 54.34
C TYR B 231 4.87 -7.49 55.14
N ASN B 232 5.99 -8.17 54.88
CA ASN B 232 7.22 -7.95 55.61
C ASN B 232 8.09 -6.94 54.88
N VAL B 233 8.62 -5.97 55.62
CA VAL B 233 9.50 -4.95 55.07
C VAL B 233 10.73 -4.84 55.97
N SER B 234 11.90 -4.74 55.34
CA SER B 234 13.16 -4.62 56.07
C SER B 234 13.49 -3.14 56.30
N ALA B 235 13.83 -2.81 57.53
CA ALA B 235 14.08 -1.42 57.90
C ALA B 235 15.38 -0.92 57.28
N ASP B 236 15.32 0.27 56.68
CA ASP B 236 16.47 0.90 56.06
C ASP B 236 16.32 2.40 56.20
N GLU B 237 17.14 3.16 55.45
CA GLU B 237 17.04 4.61 55.45
C GLU B 237 17.03 5.19 54.04
N ARG B 238 17.00 4.35 53.01
CA ARG B 238 17.04 4.80 51.63
C ARG B 238 15.67 5.33 51.20
N GLU B 239 15.67 6.00 50.05
CA GLU B 239 14.43 6.52 49.49
C GLU B 239 13.59 5.39 48.92
N GLU B 240 12.29 5.40 49.24
CA GLU B 240 11.36 4.36 48.82
C GLU B 240 10.20 4.99 48.09
N TRP B 241 9.70 4.29 47.08
CA TRP B 241 8.52 4.71 46.33
C TRP B 241 7.39 3.72 46.55
N PHE B 242 6.21 4.23 46.85
CA PHE B 242 5.02 3.41 47.04
C PHE B 242 3.89 4.00 46.22
N GLY B 243 3.10 3.14 45.60
CA GLY B 243 2.02 3.59 44.74
C GLY B 243 0.87 2.63 44.76
N ILE B 244 -0.33 3.16 44.53
CA ILE B 244 -1.55 2.37 44.57
C ILE B 244 -2.34 2.66 43.30
N THR B 245 -3.14 1.67 42.88
CA THR B 245 -3.86 1.74 41.62
C THR B 245 -4.96 0.69 41.66
N GLN B 246 -6.19 1.09 41.32
CA GLN B 246 -7.32 0.17 41.30
C GLN B 246 -7.67 -0.22 39.87
N ASP B 247 -7.95 -1.50 39.67
CA ASP B 247 -8.31 -2.03 38.35
C ASP B 247 -9.57 -2.88 38.46
N GLN B 248 -9.88 -3.61 37.39
CA GLN B 248 -11.01 -4.52 37.43
C GLN B 248 -10.73 -5.74 38.30
N GLN B 249 -9.46 -6.12 38.43
CA GLN B 249 -9.05 -7.28 39.21
C GLN B 249 -8.85 -6.98 40.68
N GLY B 250 -9.01 -5.74 41.10
CA GLY B 250 -8.85 -5.35 42.49
C GLY B 250 -7.84 -4.24 42.63
N VAL B 251 -7.54 -3.89 43.88
CA VAL B 251 -6.62 -2.81 44.17
C VAL B 251 -5.20 -3.33 44.13
N HIS B 252 -4.38 -2.74 43.27
CA HIS B 252 -2.98 -3.12 43.15
C HIS B 252 -2.11 -2.24 44.04
N LEU B 253 -1.04 -2.83 44.56
CA LEU B 253 -0.08 -2.13 45.39
C LEU B 253 1.30 -2.28 44.77
N TYR B 254 2.03 -1.17 44.68
CA TYR B 254 3.33 -1.14 44.04
C TYR B 254 4.38 -0.63 45.02
N THR B 255 5.61 -1.11 44.86
CA THR B 255 6.71 -0.67 45.71
C THR B 255 8.01 -0.75 44.92
N SER B 256 9.02 -0.04 45.42
CA SER B 256 10.33 -0.01 44.80
C SER B 256 11.30 -1.00 45.42
N ARG B 257 10.86 -1.77 46.41
CA ARG B 257 11.74 -2.73 47.08
C ARG B 257 11.86 -4.05 46.34
N LYS B 258 11.09 -4.26 45.28
CA LYS B 258 11.14 -5.51 44.54
C LYS B 258 12.44 -5.60 43.75
N ASN B 259 12.78 -6.84 43.36
CA ASN B 259 13.95 -7.15 42.52
C ASN B 259 15.25 -6.67 43.14
N GLY B 260 15.40 -6.88 44.45
CA GLY B 260 16.64 -6.61 45.13
C GLY B 260 16.84 -5.18 45.62
N PHE B 261 15.90 -4.28 45.35
CA PHE B 261 15.92 -2.88 45.79
C PHE B 261 17.18 -2.17 45.29
N LYS B 262 17.34 -2.17 43.97
CA LYS B 262 18.49 -1.55 43.31
C LYS B 262 18.07 -0.52 42.28
N SER B 263 16.84 -0.02 42.36
CA SER B 263 16.35 0.97 41.42
C SER B 263 15.19 1.72 42.07
N ASN B 264 14.79 2.82 41.42
CA ASN B 264 13.63 3.58 41.86
C ASN B 264 12.36 3.19 41.14
N ASN B 265 12.41 2.18 40.27
CA ASN B 265 11.21 1.70 39.59
C ASN B 265 10.30 0.98 40.57
N MET B 266 9.03 0.87 40.19
CA MET B 266 7.98 0.38 41.08
C MET B 266 7.34 -0.86 40.48
N PHE B 267 7.34 -1.95 41.23
CA PHE B 267 6.83 -3.23 40.78
C PHE B 267 5.70 -3.69 41.68
N LEU B 268 4.78 -4.47 41.13
CA LEU B 268 3.60 -4.90 41.86
C LEU B 268 3.97 -6.00 42.84
N PHE B 269 3.54 -5.84 44.09
CA PHE B 269 3.77 -6.86 45.11
C PHE B 269 2.51 -7.36 45.79
N ALA B 270 1.35 -6.78 45.50
CA ALA B 270 0.11 -7.20 46.14
C ALA B 270 -1.07 -6.86 45.25
N THR B 271 -2.17 -7.58 45.45
CA THR B 271 -3.42 -7.32 44.75
C THR B 271 -4.54 -7.64 45.72
N LEU B 272 -5.06 -6.62 46.37
CA LEU B 272 -6.10 -6.82 47.37
C LEU B 272 -7.44 -7.08 46.70
N PRO B 273 -8.28 -7.96 47.25
CA PRO B 273 -9.60 -8.23 46.65
C PRO B 273 -10.65 -7.20 47.07
N ILE B 274 -10.48 -5.97 46.59
CA ILE B 274 -11.41 -4.88 46.84
C ILE B 274 -12.05 -4.51 45.51
N TYR B 275 -13.30 -4.88 45.32
CA TYR B 275 -14.00 -4.63 44.07
C TYR B 275 -14.91 -3.42 44.14
N GLU B 276 -14.90 -2.68 45.24
CA GLU B 276 -15.58 -1.40 45.33
C GLU B 276 -14.64 -0.29 44.87
N ARG B 277 -15.19 0.66 44.13
CA ARG B 277 -14.37 1.74 43.57
C ARG B 277 -13.96 2.69 44.68
N LEU B 278 -12.65 2.75 44.97
CA LEU B 278 -12.15 3.71 45.93
C LEU B 278 -12.14 5.10 45.30
N ARG B 279 -12.68 6.08 46.02
CA ARG B 279 -12.77 7.44 45.50
C ARG B 279 -12.04 8.47 46.35
N TYR B 280 -11.79 8.21 47.62
CA TYR B 280 -11.16 9.17 48.51
C TYR B 280 -10.05 8.51 49.30
N TYR B 281 -9.00 9.29 49.60
CA TYR B 281 -7.93 8.83 50.47
C TYR B 281 -7.58 9.94 51.45
N THR B 282 -7.15 9.53 52.65
CA THR B 282 -6.85 10.46 53.73
C THR B 282 -5.59 10.00 54.44
N VAL B 283 -4.65 10.91 54.67
CA VAL B 283 -3.43 10.59 55.39
C VAL B 283 -3.71 10.67 56.89
N MET B 284 -3.50 9.58 57.59
CA MET B 284 -3.76 9.55 59.03
C MET B 284 -2.63 10.23 59.77
N PRO B 285 -2.91 11.16 60.68
CA PRO B 285 -1.84 11.75 61.48
C PRO B 285 -1.36 10.77 62.53
N ARG B 286 -0.05 10.80 62.78
CA ARG B 286 0.53 9.93 63.80
C ARG B 286 1.73 10.60 64.43
N SER B 287 1.99 10.26 65.68
CA SER B 287 3.14 10.76 66.42
C SER B 287 3.78 9.61 67.19
N ILE B 288 5.07 9.73 67.45
CA ILE B 288 5.85 8.68 68.10
C ILE B 288 6.39 9.21 69.41
N LYS B 289 6.19 8.44 70.48
CA LYS B 289 6.67 8.85 71.80
C LYS B 289 8.19 8.70 71.88
N THR B 290 8.83 9.67 72.52
CA THR B 290 10.28 9.72 72.59
C THR B 290 10.78 9.48 74.02
N ASN B 294 12.74 18.61 74.26
CA ASN B 294 11.88 19.18 73.23
C ASN B 294 12.14 18.54 71.88
N ASP B 295 13.41 18.26 71.60
CA ASP B 295 13.83 17.66 70.34
C ASP B 295 14.75 16.48 70.61
N HIS B 296 14.43 15.33 70.02
CA HIS B 296 15.27 14.14 70.10
C HIS B 296 15.57 13.54 68.73
N MET B 297 14.58 13.47 67.84
CA MET B 297 14.84 13.24 66.43
C MET B 297 13.65 13.75 65.62
N ALA B 298 13.83 13.80 64.31
CA ALA B 298 12.78 14.21 63.39
C ALA B 298 12.57 13.11 62.36
N TRP B 299 11.47 13.22 61.62
CA TRP B 299 11.09 12.18 60.67
C TRP B 299 10.86 12.80 59.30
N SER B 300 11.17 12.02 58.26
CA SER B 300 11.09 12.49 56.89
C SER B 300 9.65 12.78 56.48
N ALA B 301 9.50 13.73 55.57
CA ALA B 301 8.20 14.11 55.04
C ALA B 301 7.96 13.39 53.72
N PHE B 302 6.84 12.69 53.63
CA PHE B 302 6.49 11.96 52.42
C PHE B 302 5.60 12.82 51.53
N TYR B 303 5.80 12.71 50.23
CA TYR B 303 5.09 13.51 49.24
C TYR B 303 4.20 12.59 48.42
N ILE B 304 2.96 13.02 48.19
CA ILE B 304 1.98 12.24 47.44
C ILE B 304 1.72 12.95 46.11
N TYR B 305 1.96 12.25 45.02
CA TYR B 305 1.74 12.78 43.68
C TYR B 305 0.59 12.03 43.02
N GLN B 306 -0.33 12.76 42.41
CA GLN B 306 -1.46 12.14 41.74
C GLN B 306 -1.01 11.46 40.44
N LEU B 307 -1.77 10.46 40.03
CA LEU B 307 -1.50 9.73 38.80
C LEU B 307 -2.48 10.15 37.72
N HIS B 308 -1.95 10.51 36.55
CA HIS B 308 -2.76 10.96 35.42
C HIS B 308 -2.57 9.99 34.25
N LYS B 309 -3.64 9.77 33.50
CA LYS B 309 -3.58 8.95 32.30
C LYS B 309 -2.98 9.79 31.18
N LEU B 310 -1.71 9.56 30.87
CA LEU B 310 -1.01 10.34 29.87
C LEU B 310 0.13 9.52 29.29
N ASN B 311 0.90 10.14 28.40
CA ASN B 311 1.90 9.46 27.59
C ASN B 311 3.30 9.86 28.04
N TYR B 312 4.15 8.85 28.26
CA TYR B 312 5.59 9.06 28.33
C TYR B 312 6.30 8.37 27.19
N LEU B 313 7.47 8.89 26.86
CA LEU B 313 8.49 8.19 26.09
C LEU B 313 9.58 7.80 27.07
N VAL B 314 9.86 6.51 27.17
CA VAL B 314 10.75 5.99 28.21
C VAL B 314 11.95 5.32 27.55
N GLU B 315 12.98 5.09 28.36
CA GLU B 315 14.16 4.37 27.93
C GLU B 315 14.50 3.29 28.96
N PHE B 316 14.62 2.05 28.50
CA PHE B 316 15.04 0.95 29.35
C PHE B 316 16.53 0.71 29.20
N ASP B 317 17.13 0.15 30.23
CA ASP B 317 18.54 -0.15 30.19
C ASP B 317 18.75 -1.63 29.94
N VAL B 318 19.93 -2.19 30.21
CA VAL B 318 20.23 -3.57 29.83
C VAL B 318 19.55 -4.58 30.76
N GLU B 319 19.35 -4.25 32.03
CA GLU B 319 18.69 -5.17 32.94
C GLU B 319 17.19 -4.94 33.06
N GLY B 320 16.64 -3.98 32.31
CA GLY B 320 15.21 -3.81 32.23
C GLY B 320 14.62 -2.83 33.21
N TYR B 321 15.30 -1.71 33.43
CA TYR B 321 14.83 -0.66 34.30
C TYR B 321 14.69 0.63 33.51
N ILE B 322 13.67 1.42 33.85
CA ILE B 322 13.47 2.72 33.23
C ILE B 322 14.48 3.69 33.84
N VAL B 323 15.48 4.08 33.05
CA VAL B 323 16.50 5.00 33.56
C VAL B 323 16.10 6.46 33.36
N ARG B 324 15.31 6.76 32.33
CA ARG B 324 14.86 8.12 32.09
C ARG B 324 13.56 8.08 31.31
N ALA B 325 12.82 9.18 31.39
CA ALA B 325 11.53 9.30 30.73
C ALA B 325 11.29 10.76 30.38
N SER B 326 10.33 10.98 29.48
CA SER B 326 9.97 12.33 29.04
C SER B 326 8.46 12.50 29.11
N ASP B 327 8.00 13.47 29.89
CA ASP B 327 6.59 13.82 29.91
C ASP B 327 6.24 14.57 28.64
N CYS B 328 5.34 13.99 27.83
CA CYS B 328 5.14 14.45 26.46
C CYS B 328 4.58 15.85 26.38
N GLY B 329 3.79 16.27 27.37
CA GLY B 329 3.25 17.61 27.35
C GLY B 329 3.93 18.59 28.29
N ALA B 330 5.12 18.23 28.78
CA ALA B 330 5.81 19.07 29.75
C ALA B 330 6.28 20.38 29.13
N ASN B 331 6.97 20.31 28.00
CA ASN B 331 7.43 21.51 27.31
C ASN B 331 7.53 21.19 25.83
N ASP B 332 8.12 22.12 25.06
CA ASP B 332 8.23 21.93 23.62
C ASP B 332 9.31 20.92 23.24
N TYR B 333 10.38 20.85 24.02
CA TYR B 333 11.45 19.90 23.72
C TYR B 333 10.99 18.47 23.95
N THR B 334 10.18 18.24 24.98
CA THR B 334 9.64 16.90 25.18
C THR B 334 8.54 16.57 24.17
N GLN B 335 7.85 17.58 23.63
CA GLN B 335 6.99 17.33 22.48
C GLN B 335 7.81 16.92 21.27
N LEU B 336 9.00 17.48 21.12
CA LEU B 336 9.90 17.06 20.04
C LEU B 336 10.34 15.61 20.23
N GLN B 337 10.73 15.24 21.46
CA GLN B 337 11.17 13.87 21.73
C GLN B 337 10.04 12.88 21.56
N CYS B 338 8.84 13.22 22.04
CA CYS B 338 7.71 12.30 21.92
C CYS B 338 7.23 12.18 20.48
N SER B 339 7.30 13.26 19.70
CA SER B 339 6.85 13.19 18.32
C SER B 339 7.82 12.43 17.44
N TYR B 340 9.12 12.56 17.70
CA TYR B 340 10.10 11.85 16.90
C TYR B 340 10.55 10.52 17.48
N GLY B 341 10.12 10.18 18.68
CA GLY B 341 10.46 8.90 19.30
C GLY B 341 11.93 8.71 19.57
N GLN B 342 12.60 9.75 20.05
CA GLN B 342 14.04 9.72 20.26
C GLN B 342 14.39 10.63 21.43
N PHE B 343 15.41 10.25 22.19
CA PHE B 343 15.85 11.05 23.32
C PHE B 343 16.97 12.01 22.94
N ASP B 344 18.07 11.49 22.41
CA ASP B 344 19.20 12.30 21.98
C ASP B 344 19.04 12.62 20.50
N MET B 345 18.83 13.90 20.19
CA MET B 345 18.52 14.32 18.84
C MET B 345 19.53 15.36 18.39
N ASN B 346 19.82 15.37 17.09
CA ASN B 346 20.77 16.33 16.55
C ASN B 346 20.14 17.71 16.45
N SER B 347 20.99 18.72 16.25
CA SER B 347 20.52 20.09 16.14
C SER B 347 19.79 20.31 14.82
N GLY B 348 18.74 21.10 14.87
CA GLY B 348 18.00 21.43 13.66
C GLY B 348 16.65 22.00 14.00
N VAL B 349 15.95 22.40 12.95
CA VAL B 349 14.58 22.91 13.05
C VAL B 349 13.65 21.79 12.65
N TYR B 350 12.80 21.35 13.58
CA TYR B 350 11.96 20.19 13.38
C TYR B 350 10.50 20.60 13.26
N SER B 351 9.62 19.60 13.21
CA SER B 351 8.18 19.81 13.19
C SER B 351 7.58 18.98 14.32
N ALA B 352 7.27 19.62 15.44
CA ALA B 352 6.75 18.92 16.60
C ALA B 352 5.23 18.79 16.53
N SER B 353 4.72 17.82 17.27
CA SER B 353 3.28 17.56 17.35
C SER B 353 2.71 18.21 18.61
N TYR B 354 1.41 18.01 18.81
CA TYR B 354 0.70 18.53 19.97
C TYR B 354 0.39 17.36 20.90
N PHE B 355 1.05 17.32 22.05
CA PHE B 355 0.80 16.27 23.03
C PHE B 355 0.03 16.76 24.25
N ASN B 356 -0.22 18.06 24.37
CA ASN B 356 -1.11 18.60 25.38
C ASN B 356 -2.21 19.35 24.63
N ALA B 357 -3.20 18.60 24.14
CA ALA B 357 -4.31 19.17 23.38
C ALA B 357 -5.61 18.44 23.68
N GLN B 358 -5.70 17.83 24.86
CA GLN B 358 -6.89 17.09 25.22
C GLN B 358 -8.07 18.04 25.44
N PRO B 359 -9.30 17.59 25.18
CA PRO B 359 -10.47 18.45 25.42
C PRO B 359 -10.64 18.78 26.89
N ARG B 360 -10.99 20.04 27.16
CA ARG B 360 -11.16 20.53 28.51
C ARG B 360 -12.57 21.07 28.75
N GLY B 361 -13.53 20.66 27.95
CA GLY B 361 -14.88 21.17 28.10
C GLY B 361 -15.87 20.35 27.30
N TYR B 362 -17.11 20.81 27.31
CA TYR B 362 -18.18 20.15 26.59
C TYR B 362 -19.22 21.17 26.18
N TYR B 363 -19.82 20.96 25.01
CA TYR B 363 -20.86 21.84 24.50
C TYR B 363 -21.89 21.00 23.75
N TYR B 364 -23.17 21.23 24.05
CA TYR B 364 -24.24 20.47 23.41
C TYR B 364 -25.45 21.37 23.24
N VAL B 365 -25.84 21.63 22.00
CA VAL B 365 -27.08 22.31 21.68
C VAL B 365 -27.84 21.53 20.62
N ALA B 366 -29.16 21.72 20.60
CA ALA B 366 -30.03 21.10 19.62
C ALA B 366 -31.31 21.91 19.56
N ASN B 367 -31.95 21.89 18.39
CA ASN B 367 -33.20 22.61 18.21
C ASN B 367 -34.32 21.95 19.01
N GLU B 368 -35.14 22.77 19.64
CA GLU B 368 -36.27 22.29 20.43
C GLU B 368 -37.54 22.48 19.63
N LEU B 369 -38.18 21.37 19.26
CA LEU B 369 -39.44 21.44 18.52
C LEU B 369 -40.52 20.64 19.25
N GLU B 370 -41.66 20.45 18.60
CA GLU B 370 -42.78 19.77 19.23
C GLU B 370 -42.48 18.27 19.38
N GLU B 371 -43.26 17.61 20.24
CA GLU B 371 -43.08 16.20 20.49
C GLU B 371 -43.44 15.36 19.27
N CYS B 372 -42.57 14.41 18.94
CA CYS B 372 -42.82 13.49 17.85
C CYS B 372 -43.94 12.54 18.25
N ALA B 373 -44.74 12.13 17.27
CA ALA B 373 -45.96 11.37 17.55
C ALA B 373 -45.66 9.88 17.64
N LEU B 374 -44.91 9.51 18.68
CA LEU B 374 -44.67 8.10 18.97
C LEU B 374 -45.73 7.54 19.92
N ASP B 375 -46.99 7.77 19.60
CA ASP B 375 -48.11 7.23 20.35
C ASP B 375 -49.14 6.54 19.47
N VAL B 376 -49.10 6.75 18.15
CA VAL B 376 -49.94 5.99 17.23
C VAL B 376 -49.44 4.57 17.02
N LEU B 377 -48.24 4.24 17.53
CA LEU B 377 -47.75 2.88 17.48
C LEU B 377 -48.63 1.95 18.30
N PHE B 378 -49.06 2.40 19.47
CA PHE B 378 -49.89 1.60 20.36
C PHE B 378 -51.38 1.87 20.18
N LYS B 379 -51.75 2.88 19.41
CA LYS B 379 -53.14 3.18 19.14
C LYS B 379 -53.72 2.18 18.14
N ASN B 380 -55.05 2.06 18.13
CA ASN B 380 -55.81 1.14 17.30
C ASN B 380 -55.38 -0.32 17.50
N ILE B 381 -55.71 -1.17 16.53
CA ILE B 381 -55.38 -2.59 16.60
C ILE B 381 -53.98 -2.79 16.04
N ALA B 382 -53.39 -3.94 16.37
CA ALA B 382 -52.07 -4.28 15.86
C ALA B 382 -52.17 -4.64 14.38
N PRO B 383 -51.34 -4.05 13.52
CA PRO B 383 -51.45 -4.33 12.09
C PRO B 383 -50.95 -5.72 11.75
N GLN B 384 -51.49 -6.25 10.65
CA GLN B 384 -50.98 -7.49 10.11
C GLN B 384 -49.64 -7.24 9.43
N ILE B 385 -48.89 -8.32 9.19
CA ILE B 385 -47.68 -8.17 8.39
C ILE B 385 -48.01 -8.09 6.91
N ALA B 386 -49.15 -8.64 6.48
CA ALA B 386 -49.56 -8.49 5.09
C ALA B 386 -50.00 -7.06 4.80
N ASN B 387 -50.56 -6.37 5.78
CA ASN B 387 -50.96 -4.97 5.65
C ASN B 387 -50.40 -4.22 6.87
N TYR B 388 -49.15 -3.83 6.79
CA TYR B 388 -48.52 -3.09 7.88
C TYR B 388 -48.48 -1.61 7.55
N SER B 389 -48.23 -0.81 8.58
CA SER B 389 -48.31 0.63 8.48
C SER B 389 -46.93 1.25 8.69
N ARG B 390 -46.71 2.38 8.03
CA ARG B 390 -45.44 3.09 8.09
C ARG B 390 -45.69 4.53 8.53
N ARG B 391 -44.82 5.02 9.42
CA ARG B 391 -44.86 6.41 9.85
C ARG B 391 -43.48 7.03 9.68
N VAL B 392 -43.45 8.26 9.17
CA VAL B 392 -42.22 9.01 8.99
C VAL B 392 -42.32 10.27 9.83
N PHE B 393 -41.38 10.47 10.75
CA PHE B 393 -41.38 11.59 11.67
C PHE B 393 -40.31 12.58 11.25
N THR B 394 -40.74 13.79 10.90
CA THR B 394 -39.83 14.87 10.54
C THR B 394 -40.21 16.12 11.31
N ASN B 395 -39.20 16.94 11.61
CA ASN B 395 -39.36 18.23 12.28
C ASN B 395 -40.07 18.10 13.63
N CYS B 396 -39.62 17.13 14.42
CA CYS B 396 -40.13 16.97 15.78
C CYS B 396 -39.08 16.29 16.63
N ASN B 397 -39.21 16.46 17.93
CA ASN B 397 -38.28 15.90 18.92
C ASN B 397 -38.91 14.64 19.50
N TYR B 398 -38.21 13.53 19.38
CA TYR B 398 -38.75 12.24 19.77
C TYR B 398 -38.25 11.83 21.14
N ASN B 399 -39.12 11.16 21.89
CA ASN B 399 -38.79 10.56 23.17
C ASN B 399 -38.97 9.05 22.97
N LEU B 400 -37.89 8.39 22.54
CA LEU B 400 -37.95 6.96 22.24
C LEU B 400 -38.07 6.11 23.50
N THR B 401 -37.85 6.71 24.67
CA THR B 401 -38.06 5.99 25.94
C THR B 401 -39.53 5.63 26.14
N LYS B 402 -40.45 6.43 25.56
CA LYS B 402 -41.88 6.14 25.68
C LYS B 402 -42.24 4.81 25.05
N LEU B 403 -41.62 4.47 23.92
CA LEU B 403 -41.86 3.17 23.31
C LEU B 403 -41.21 2.04 24.11
N LEU B 404 -39.99 2.26 24.60
CA LEU B 404 -39.23 1.17 25.21
C LEU B 404 -39.60 0.91 26.65
N SER B 405 -40.10 1.93 27.36
CA SER B 405 -40.56 1.73 28.73
C SER B 405 -41.96 1.13 28.79
N LEU B 406 -42.64 1.02 27.65
CA LEU B 406 -43.97 0.46 27.59
C LEU B 406 -43.98 -1.00 27.13
N VAL B 407 -42.88 -1.46 26.54
CA VAL B 407 -42.76 -2.83 26.06
C VAL B 407 -41.56 -3.48 26.75
N GLU B 408 -41.42 -4.78 26.55
CA GLU B 408 -40.20 -5.48 26.93
C GLU B 408 -39.60 -6.12 25.67
N VAL B 409 -38.29 -5.98 25.51
CA VAL B 409 -37.61 -6.35 24.28
C VAL B 409 -37.09 -7.77 24.39
N ASP B 410 -37.40 -8.60 23.40
CA ASP B 410 -36.95 -9.97 23.36
C ASP B 410 -35.74 -10.17 22.46
N GLU B 411 -35.62 -9.38 21.40
CA GLU B 411 -34.44 -9.39 20.53
C GLU B 411 -34.42 -8.11 19.72
N PHE B 412 -33.23 -7.51 19.59
CA PHE B 412 -33.01 -6.39 18.70
C PHE B 412 -31.90 -6.72 17.71
N VAL B 413 -32.09 -6.34 16.46
CA VAL B 413 -31.10 -6.51 15.42
C VAL B 413 -30.85 -5.17 14.77
N CYS B 414 -29.63 -4.65 14.90
CA CYS B 414 -29.28 -3.34 14.38
C CYS B 414 -28.07 -3.43 13.45
N ASP B 415 -28.06 -2.59 12.43
CA ASP B 415 -26.89 -2.36 11.62
C ASP B 415 -26.61 -0.86 11.54
N LYS B 416 -25.33 -0.51 11.62
CA LYS B 416 -24.78 0.84 11.57
C LYS B 416 -25.19 1.72 12.76
N THR B 417 -26.01 1.22 13.68
CA THR B 417 -26.38 1.92 14.91
C THR B 417 -26.52 0.89 16.03
N THR B 418 -26.88 1.40 17.20
CA THR B 418 -27.19 0.60 18.38
C THR B 418 -28.43 1.21 19.03
N PRO B 419 -29.17 0.42 19.81
CA PRO B 419 -30.29 1.01 20.56
C PRO B 419 -29.86 2.05 21.58
N GLU B 420 -28.63 1.98 22.07
CA GLU B 420 -28.14 3.02 22.96
C GLU B 420 -27.93 4.34 22.22
N SER B 421 -27.56 4.27 20.94
CA SER B 421 -27.34 5.46 20.13
C SER B 421 -28.54 5.85 19.28
N LEU B 422 -29.58 5.00 19.25
CA LEU B 422 -30.80 5.36 18.53
C LEU B 422 -31.62 6.39 19.29
N ALA B 423 -31.41 6.52 20.60
CA ALA B 423 -32.16 7.47 21.42
C ALA B 423 -31.41 8.78 21.65
N THR B 424 -30.23 8.96 21.07
CA THR B 424 -29.44 10.16 21.30
C THR B 424 -29.09 10.92 20.03
N GLY B 425 -29.02 10.27 18.89
CA GLY B 425 -28.61 10.96 17.68
C GLY B 425 -29.72 11.80 17.08
N CYS B 426 -29.31 12.79 16.31
CA CYS B 426 -30.23 13.65 15.56
C CYS B 426 -30.31 13.17 14.11
N TYR B 427 -31.52 13.15 13.57
CA TYR B 427 -31.77 12.53 12.28
C TYR B 427 -32.48 13.50 11.35
N SER B 428 -32.38 13.24 10.05
CA SER B 428 -33.22 13.95 9.10
C SER B 428 -34.64 13.42 9.09
N SER B 429 -34.81 12.12 9.29
CA SER B 429 -36.14 11.51 9.34
C SER B 429 -36.05 10.23 10.15
N LEU B 430 -37.22 9.72 10.52
CA LEU B 430 -37.31 8.50 11.34
C LEU B 430 -38.49 7.69 10.82
N VAL B 431 -38.18 6.62 10.09
CA VAL B 431 -39.19 5.76 9.49
C VAL B 431 -39.42 4.57 10.41
N VAL B 432 -40.66 4.38 10.85
CA VAL B 432 -41.02 3.28 11.73
C VAL B 432 -42.07 2.43 11.03
N ASP B 433 -41.77 1.14 10.87
CA ASP B 433 -42.70 0.16 10.33
C ASP B 433 -42.98 -0.87 11.41
N TRP B 434 -44.25 -1.12 11.69
CA TRP B 434 -44.58 -2.08 12.73
C TRP B 434 -45.75 -2.96 12.30
N PHE B 435 -45.78 -4.16 12.85
CA PHE B 435 -46.84 -5.13 12.64
C PHE B 435 -46.79 -6.12 13.80
N ALA B 436 -47.61 -7.15 13.74
CA ALA B 436 -47.66 -8.19 14.75
C ALA B 436 -47.07 -9.48 14.17
N LEU B 437 -46.19 -10.12 14.95
CA LEU B 437 -45.53 -11.34 14.49
C LEU B 437 -45.07 -12.14 15.69
N PRO B 438 -45.26 -13.45 15.71
CA PRO B 438 -44.79 -14.25 16.86
C PRO B 438 -43.28 -14.35 16.89
N LEU B 439 -42.77 -14.66 18.08
CA LEU B 439 -41.34 -14.88 18.25
C LEU B 439 -40.88 -16.18 17.61
N SER B 440 -41.78 -17.13 17.40
CA SER B 440 -41.41 -18.41 16.82
C SER B 440 -41.01 -18.30 15.36
N MET B 441 -41.47 -17.25 14.67
CA MET B 441 -41.12 -17.02 13.28
C MET B 441 -40.33 -15.74 13.11
N LYS B 442 -39.54 -15.37 14.11
CA LYS B 442 -38.63 -14.23 14.00
C LYS B 442 -37.46 -14.53 13.07
N SER B 443 -37.20 -15.80 12.77
CA SER B 443 -36.15 -16.15 11.84
C SER B 443 -36.55 -15.91 10.38
N THR B 444 -37.86 -15.80 10.12
CA THR B 444 -38.30 -15.48 8.76
C THR B 444 -38.03 -14.03 8.38
N LEU B 445 -37.78 -13.17 9.37
CA LEU B 445 -37.42 -11.79 9.13
C LEU B 445 -35.92 -11.56 9.10
N ALA B 446 -35.12 -12.59 9.36
CA ALA B 446 -33.68 -12.45 9.34
C ALA B 446 -33.17 -12.26 7.92
N ILE B 447 -31.96 -11.73 7.81
CA ILE B 447 -31.38 -11.46 6.50
C ILE B 447 -30.98 -12.78 5.85
N GLY B 448 -31.29 -12.92 4.58
CA GLY B 448 -30.97 -14.14 3.85
C GLY B 448 -32.00 -15.24 3.94
N SER B 449 -33.13 -15.00 4.60
CA SER B 449 -34.15 -16.04 4.71
C SER B 449 -34.84 -16.26 3.36
N ALA B 450 -35.23 -17.51 3.11
CA ALA B 450 -35.84 -17.91 1.85
C ALA B 450 -37.30 -18.33 2.03
N GLU B 451 -37.98 -17.73 2.99
CA GLU B 451 -39.37 -18.08 3.29
C GLU B 451 -40.31 -16.99 2.80
N ALA B 452 -41.61 -17.26 2.93
CA ALA B 452 -42.62 -16.43 2.28
C ALA B 452 -42.79 -15.07 2.93
N ILE B 453 -42.25 -14.87 4.14
CA ILE B 453 -42.38 -13.57 4.79
C ILE B 453 -41.51 -12.54 4.10
N SER B 454 -40.22 -12.83 3.95
CA SER B 454 -39.23 -11.87 3.49
C SER B 454 -39.14 -11.80 1.97
N MET B 455 -40.13 -12.34 1.27
CA MET B 455 -40.18 -12.28 -0.18
C MET B 455 -41.53 -11.84 -0.72
N PHE B 456 -42.57 -11.78 0.12
CA PHE B 456 -43.88 -11.32 -0.32
C PHE B 456 -44.44 -10.26 0.61
N ASN B 457 -44.03 -10.25 1.88
CA ASN B 457 -44.68 -9.42 2.89
C ASN B 457 -43.80 -8.26 3.34
N TYR B 458 -42.58 -8.53 3.80
CA TYR B 458 -41.71 -7.47 4.29
C TYR B 458 -40.27 -7.73 3.87
N ASN B 459 -39.77 -6.92 2.95
CA ASN B 459 -38.36 -6.89 2.60
C ASN B 459 -37.75 -5.63 3.18
N GLN B 460 -36.67 -5.78 3.93
CA GLN B 460 -36.10 -4.68 4.70
C GLN B 460 -34.93 -4.06 3.94
N ASP B 461 -34.94 -2.73 3.84
CA ASP B 461 -33.87 -2.00 3.18
C ASP B 461 -32.68 -1.88 4.13
N TYR B 462 -31.54 -2.42 3.72
CA TYR B 462 -30.35 -2.42 4.57
C TYR B 462 -29.35 -1.34 4.18
N SER B 463 -29.77 -0.36 3.38
CA SER B 463 -28.90 0.74 2.96
C SER B 463 -28.86 1.88 3.97
N ASN B 464 -29.66 1.80 5.02
CA ASN B 464 -29.77 2.85 6.03
C ASN B 464 -29.65 2.24 7.41
N PRO B 465 -29.24 3.03 8.40
CA PRO B 465 -29.21 2.52 9.78
C PRO B 465 -30.60 2.14 10.27
N THR B 466 -30.77 0.85 10.57
CA THR B 466 -32.05 0.30 10.99
C THR B 466 -31.88 -0.49 12.27
N CYS B 467 -32.97 -0.62 13.01
CA CYS B 467 -33.07 -1.53 14.15
C CYS B 467 -34.41 -2.24 14.12
N ARG B 468 -34.38 -3.56 14.19
CA ARG B 468 -35.58 -4.39 14.20
C ARG B 468 -35.77 -4.92 15.60
N ILE B 469 -36.78 -4.42 16.29
CA ILE B 469 -37.01 -4.72 17.70
C ILE B 469 -38.17 -5.71 17.80
N HIS B 470 -37.88 -6.92 18.27
CA HIS B 470 -38.91 -7.91 18.56
C HIS B 470 -39.32 -7.75 20.02
N ALA B 471 -40.44 -7.08 20.23
CA ALA B 471 -40.90 -6.76 21.58
C ALA B 471 -42.31 -7.29 21.79
N THR B 472 -42.64 -7.58 23.03
CA THR B 472 -43.97 -8.06 23.40
C THR B 472 -44.56 -7.15 24.47
N ILE B 473 -45.88 -7.01 24.43
CA ILE B 473 -46.63 -6.18 25.36
C ILE B 473 -47.56 -7.06 26.16
N ASN B 474 -47.44 -7.01 27.49
CA ASN B 474 -48.23 -7.86 28.35
C ASN B 474 -49.69 -7.41 28.36
N SER B 475 -50.53 -8.20 29.04
CA SER B 475 -51.97 -8.00 28.99
C SER B 475 -52.40 -6.72 29.69
N ASN B 476 -51.74 -6.36 30.79
CA ASN B 476 -52.19 -5.23 31.60
C ASN B 476 -51.96 -3.90 30.88
N VAL B 477 -50.78 -3.74 30.26
CA VAL B 477 -50.46 -2.51 29.56
C VAL B 477 -51.33 -2.36 28.32
N SER B 478 -51.48 -3.44 27.54
CA SER B 478 -52.29 -3.37 26.32
C SER B 478 -53.76 -3.16 26.65
N SER B 479 -54.24 -3.73 27.75
CA SER B 479 -55.62 -3.50 28.16
C SER B 479 -55.82 -2.11 28.73
N SER B 480 -54.77 -1.50 29.29
CA SER B 480 -54.91 -0.15 29.84
C SER B 480 -55.03 0.93 28.78
N LEU B 481 -54.54 0.67 27.56
CA LEU B 481 -54.51 1.68 26.51
C LEU B 481 -55.15 1.20 25.21
N ASN B 482 -56.04 0.21 25.29
CA ASN B 482 -56.90 -0.23 24.19
C ASN B 482 -56.09 -0.75 22.99
N PHE B 483 -55.01 -1.47 23.27
CA PHE B 483 -54.23 -2.10 22.21
C PHE B 483 -54.68 -3.55 22.13
N THR B 484 -55.42 -3.88 21.06
CA THR B 484 -56.10 -5.16 20.97
C THR B 484 -55.74 -5.84 19.65
N ALA B 485 -55.99 -7.15 19.61
CA ALA B 485 -55.85 -7.95 18.39
C ALA B 485 -56.88 -9.08 18.48
N ASN B 486 -58.06 -8.84 17.91
CA ASN B 486 -59.18 -9.76 18.04
C ASN B 486 -59.76 -10.13 16.68
N ASN B 487 -58.93 -10.16 15.65
CA ASN B 487 -59.35 -10.59 14.33
C ASN B 487 -58.27 -11.45 13.70
N ASN B 488 -58.58 -12.01 12.55
CA ASN B 488 -57.67 -12.95 11.90
C ASN B 488 -56.45 -12.21 11.34
N TYR B 489 -55.27 -12.77 11.58
CA TYR B 489 -54.02 -12.26 11.04
C TYR B 489 -53.48 -13.24 10.01
N ALA B 490 -52.92 -12.72 8.93
CA ALA B 490 -52.43 -13.57 7.86
C ALA B 490 -51.34 -12.86 7.09
N TYR B 491 -50.60 -13.64 6.31
CA TYR B 491 -49.55 -13.12 5.45
C TYR B 491 -49.65 -13.74 4.06
N ILE B 492 -49.14 -13.02 3.08
CA ILE B 492 -49.20 -13.46 1.69
C ILE B 492 -48.14 -14.53 1.48
N SER B 493 -48.59 -15.77 1.26
CA SER B 493 -47.66 -16.87 1.01
C SER B 493 -47.45 -17.14 -0.47
N ARG B 494 -48.15 -16.44 -1.35
CA ARG B 494 -47.99 -16.62 -2.79
C ARG B 494 -48.50 -15.37 -3.48
N CYS B 495 -47.73 -14.85 -4.44
CA CYS B 495 -48.11 -13.67 -5.19
C CYS B 495 -47.77 -13.82 -6.67
N GLN B 496 -48.12 -14.97 -7.23
CA GLN B 496 -47.88 -15.20 -8.65
C GLN B 496 -48.90 -14.45 -9.49
N GLY B 497 -48.52 -14.15 -10.72
CA GLY B 497 -49.41 -13.56 -11.70
C GLY B 497 -50.05 -14.61 -12.57
N THR B 498 -50.44 -14.20 -13.78
CA THR B 498 -50.93 -15.16 -14.77
C THR B 498 -49.81 -16.12 -15.17
N ASP B 499 -48.62 -15.59 -15.43
CA ASP B 499 -47.45 -16.44 -15.62
C ASP B 499 -47.01 -17.02 -14.29
N GLY B 500 -46.56 -18.27 -14.32
CA GLY B 500 -46.25 -18.99 -13.09
C GLY B 500 -44.93 -18.63 -12.44
N LYS B 501 -44.73 -17.36 -12.10
CA LYS B 501 -43.54 -16.92 -11.41
C LYS B 501 -43.91 -16.03 -10.23
N PRO B 502 -43.12 -16.07 -9.16
CA PRO B 502 -43.43 -15.22 -8.00
C PRO B 502 -43.04 -13.77 -8.24
N ILE B 503 -43.90 -12.86 -7.78
CA ILE B 503 -43.61 -11.43 -7.82
C ILE B 503 -42.87 -11.09 -6.53
N LEU B 504 -41.56 -10.87 -6.64
CA LEU B 504 -40.74 -10.64 -5.47
C LEU B 504 -40.89 -9.20 -4.99
N LEU B 505 -41.08 -9.04 -3.68
CA LEU B 505 -41.18 -7.71 -3.11
C LEU B 505 -39.81 -7.04 -3.09
N GLN B 506 -39.76 -5.78 -3.52
CA GLN B 506 -38.50 -5.05 -3.53
C GLN B 506 -38.14 -4.59 -2.12
N LYS B 507 -36.89 -4.14 -1.96
CA LYS B 507 -36.38 -3.78 -0.66
C LYS B 507 -37.03 -2.49 -0.17
N GLY B 508 -37.48 -2.49 1.07
CA GLY B 508 -38.04 -1.31 1.71
C GLY B 508 -39.33 -0.81 1.09
N GLN B 509 -40.24 -1.72 0.74
CA GLN B 509 -41.47 -1.34 0.07
C GLN B 509 -42.66 -2.03 0.71
N LEU B 510 -43.82 -1.41 0.59
CA LEU B 510 -45.06 -2.05 0.99
C LEU B 510 -45.38 -3.18 0.00
N PRO B 511 -46.09 -4.21 0.45
CA PRO B 511 -46.37 -5.36 -0.43
C PRO B 511 -47.27 -4.97 -1.60
N ASN B 512 -47.34 -5.91 -2.56
CA ASN B 512 -48.05 -5.67 -3.82
C ASN B 512 -49.53 -5.44 -3.56
N ILE B 513 -50.10 -4.43 -4.23
CA ILE B 513 -51.45 -4.00 -3.92
C ILE B 513 -52.49 -5.04 -4.33
N ALA B 514 -52.23 -5.79 -5.41
CA ALA B 514 -53.17 -6.81 -5.86
C ALA B 514 -53.22 -7.97 -4.87
N CYS B 515 -52.06 -8.48 -4.49
CA CYS B 515 -52.01 -9.58 -3.52
C CYS B 515 -52.46 -9.13 -2.15
N ARG B 516 -52.15 -7.90 -1.74
CA ARG B 516 -52.60 -7.42 -0.44
C ARG B 516 -54.12 -7.26 -0.41
N SER B 517 -54.71 -6.75 -1.50
CA SER B 517 -56.16 -6.64 -1.56
C SER B 517 -56.83 -8.01 -1.56
N GLY B 518 -56.26 -8.96 -2.30
CA GLY B 518 -56.84 -10.29 -2.34
C GLY B 518 -56.71 -11.03 -1.02
N VAL B 519 -55.57 -10.90 -0.35
CA VAL B 519 -55.36 -11.59 0.92
C VAL B 519 -56.22 -10.98 2.02
N LEU B 520 -56.30 -9.65 2.09
CA LEU B 520 -57.17 -9.04 3.08
C LEU B 520 -58.65 -9.28 2.77
N GLY B 521 -58.98 -9.55 1.51
CA GLY B 521 -60.36 -9.89 1.18
C GLY B 521 -60.81 -11.22 1.76
N LEU B 522 -59.94 -12.23 1.70
CA LEU B 522 -60.32 -13.57 2.14
C LEU B 522 -60.38 -13.66 3.66
N SER B 523 -60.99 -14.74 4.15
CA SER B 523 -61.11 -15.00 5.57
C SER B 523 -60.64 -16.38 6.00
N ASN B 524 -60.38 -17.29 5.07
CA ASN B 524 -59.90 -18.63 5.40
C ASN B 524 -58.62 -18.91 4.62
N ASP B 525 -57.81 -19.81 5.15
CA ASP B 525 -56.53 -20.13 4.54
C ASP B 525 -56.72 -20.86 3.22
N VAL B 526 -55.93 -20.46 2.22
CA VAL B 526 -55.97 -21.06 0.89
C VAL B 526 -54.61 -20.83 0.24
N ASP B 527 -54.14 -21.81 -0.51
CA ASP B 527 -52.78 -21.80 -1.04
C ASP B 527 -52.68 -21.29 -2.46
N TYR B 528 -53.65 -21.59 -3.32
CA TYR B 528 -53.60 -21.24 -4.74
C TYR B 528 -54.95 -20.66 -5.16
N PHE B 529 -55.39 -19.64 -4.42
CA PHE B 529 -56.61 -18.94 -4.77
C PHE B 529 -56.40 -18.11 -6.02
N GLY B 530 -57.44 -18.00 -6.84
CA GLY B 530 -57.37 -17.19 -8.05
C GLY B 530 -58.12 -15.88 -7.92
N TYR B 531 -57.39 -14.77 -7.92
CA TYR B 531 -57.97 -13.45 -7.72
C TYR B 531 -58.07 -12.70 -9.05
N ASN B 532 -58.93 -11.69 -9.06
CA ASN B 532 -59.15 -10.84 -10.23
C ASN B 532 -59.13 -9.39 -9.75
N PHE B 533 -57.99 -8.71 -9.91
CA PHE B 533 -57.85 -7.37 -9.40
C PHE B 533 -58.60 -6.35 -10.27
N ASN B 534 -58.18 -6.20 -11.53
CA ASN B 534 -58.88 -5.32 -12.44
C ASN B 534 -59.00 -5.92 -13.85
N GLY B 535 -58.76 -7.22 -13.99
CA GLY B 535 -58.76 -7.86 -15.29
C GLY B 535 -57.61 -8.85 -15.38
N ARG B 536 -56.60 -8.65 -14.55
CA ARG B 536 -55.49 -9.57 -14.46
C ARG B 536 -55.81 -10.65 -13.45
N ILE B 537 -55.49 -11.89 -13.80
CA ILE B 537 -55.74 -13.04 -12.93
C ILE B 537 -54.48 -13.19 -12.09
N PHE B 538 -54.58 -12.88 -10.80
CA PHE B 538 -53.49 -13.01 -9.86
C PHE B 538 -53.74 -14.25 -9.01
N TYR B 539 -52.78 -15.16 -8.97
CA TYR B 539 -52.92 -16.37 -8.17
C TYR B 539 -52.22 -16.14 -6.83
N ILE B 540 -53.01 -16.02 -5.77
CA ILE B 540 -52.49 -15.63 -4.47
C ILE B 540 -52.62 -16.79 -3.49
N GLY B 541 -51.98 -16.65 -2.34
CA GLY B 541 -52.10 -17.63 -1.28
C GLY B 541 -52.09 -16.93 0.06
N ARG B 542 -52.83 -17.50 1.00
CA ARG B 542 -53.02 -16.90 2.32
C ARG B 542 -52.73 -17.92 3.40
N LYS B 543 -51.86 -17.55 4.34
CA LYS B 543 -51.55 -18.39 5.50
C LYS B 543 -51.71 -17.57 6.76
N SER B 544 -52.43 -18.11 7.73
CA SER B 544 -52.75 -17.36 8.94
C SER B 544 -51.74 -17.64 10.04
N TYR B 545 -51.70 -16.74 11.02
CA TYR B 545 -50.85 -16.88 12.19
C TYR B 545 -51.49 -16.14 13.35
N THR B 546 -51.07 -16.48 14.56
CA THR B 546 -51.56 -15.83 15.77
C THR B 546 -50.39 -15.28 16.57
N PRO B 547 -50.39 -13.99 16.90
CA PRO B 547 -49.27 -13.43 17.67
C PRO B 547 -49.48 -13.52 19.18
N ARG B 548 -50.72 -13.66 19.61
CA ARG B 548 -51.04 -13.66 21.03
C ARG B 548 -50.60 -14.97 21.67
N THR B 549 -49.93 -14.87 22.81
CA THR B 549 -49.52 -16.04 23.56
C THR B 549 -50.68 -16.56 24.40
N SER B 550 -50.44 -17.65 25.13
CA SER B 550 -51.46 -18.19 26.01
C SER B 550 -51.66 -17.34 27.25
N GLU B 551 -50.70 -16.48 27.58
CA GLU B 551 -50.85 -15.56 28.71
C GLU B 551 -51.62 -14.30 28.35
N GLY B 552 -51.85 -14.05 27.06
CA GLY B 552 -52.58 -12.88 26.61
C GLY B 552 -51.72 -11.75 26.10
N SER B 553 -50.40 -11.88 26.14
CA SER B 553 -49.52 -10.84 25.65
C SER B 553 -49.45 -10.83 24.13
N ILE B 554 -49.28 -9.64 23.57
CA ILE B 554 -49.21 -9.44 22.12
C ILE B 554 -47.76 -9.24 21.72
N GLN B 555 -47.30 -10.02 20.75
CA GLN B 555 -45.92 -9.95 20.29
C GLN B 555 -45.85 -9.10 19.02
N MET B 556 -44.92 -8.14 19.00
CA MET B 556 -44.85 -7.14 17.96
C MET B 556 -43.44 -7.07 17.39
N VAL B 557 -43.33 -6.47 16.21
CA VAL B 557 -42.06 -6.21 15.55
C VAL B 557 -42.04 -4.73 15.18
N TYR B 558 -41.01 -4.01 15.63
CA TYR B 558 -40.83 -2.61 15.30
C TYR B 558 -39.52 -2.45 14.53
N VAL B 559 -39.61 -1.88 13.33
CA VAL B 559 -38.44 -1.63 12.51
C VAL B 559 -38.29 -0.12 12.40
N ILE B 560 -37.32 0.44 13.11
CA ILE B 560 -37.03 1.87 13.07
C ILE B 560 -35.89 2.11 12.10
N THR B 561 -36.17 2.85 11.03
CA THR B 561 -35.15 3.22 10.05
C THR B 561 -34.75 4.66 10.28
N ALA B 562 -33.45 4.90 10.43
CA ALA B 562 -32.92 6.21 10.75
C ALA B 562 -32.08 6.72 9.59
N ASN B 563 -32.28 7.99 9.23
CA ASN B 563 -31.58 8.59 8.10
C ASN B 563 -30.72 9.74 8.59
N TYR B 564 -29.45 9.75 8.16
CA TYR B 564 -28.53 10.82 8.47
C TYR B 564 -28.24 11.62 7.22
N ALA B 565 -28.09 12.93 7.39
CA ALA B 565 -27.68 13.80 6.30
C ALA B 565 -26.60 14.75 6.80
N GLU B 566 -25.75 15.20 5.87
CA GLU B 566 -24.68 16.11 6.23
C GLU B 566 -25.19 17.52 6.50
N GLY B 567 -26.41 17.84 6.06
CA GLY B 567 -26.99 19.14 6.28
C GLY B 567 -27.63 19.26 7.64
N PRO B 568 -28.95 19.53 7.63
CA PRO B 568 -29.63 19.77 8.90
C PRO B 568 -30.38 18.58 9.45
N ASN B 569 -29.94 18.12 10.62
CA ASN B 569 -30.61 17.01 11.30
C ASN B 569 -31.57 17.62 12.33
N ASN B 570 -32.87 17.50 12.07
CA ASN B 570 -33.86 18.14 12.91
C ASN B 570 -34.59 17.20 13.85
N VAL B 571 -34.55 15.89 13.60
CA VAL B 571 -35.23 14.93 14.49
C VAL B 571 -34.22 14.58 15.57
N CYS B 572 -34.15 15.43 16.57
CA CYS B 572 -33.27 15.38 17.72
C CYS B 572 -34.00 14.79 18.92
N PRO B 573 -33.30 14.17 19.89
CA PRO B 573 -33.98 13.62 21.05
C PRO B 573 -34.54 14.72 21.96
N LEU B 574 -35.55 14.34 22.73
CA LEU B 574 -36.19 15.28 23.65
C LEU B 574 -35.35 15.41 24.92
N LYS B 575 -35.12 16.66 25.33
CA LYS B 575 -34.40 16.95 26.55
C LYS B 575 -35.20 17.96 27.37
N ASP B 576 -34.96 17.96 28.67
CA ASP B 576 -35.68 18.84 29.58
C ASP B 576 -35.28 20.30 29.45
N ASN B 583 -23.23 29.81 27.27
CA ASN B 583 -22.43 28.69 27.74
C ASN B 583 -21.17 28.53 26.92
N LEU B 584 -21.30 28.76 25.60
CA LEU B 584 -20.15 28.63 24.72
C LEU B 584 -19.14 29.75 24.93
N ASP B 585 -19.60 30.92 25.38
CA ASP B 585 -18.71 32.07 25.56
C ASP B 585 -17.70 31.84 26.68
N SER B 586 -18.02 30.98 27.64
CA SER B 586 -17.10 30.66 28.71
C SER B 586 -16.06 29.62 28.31
N LEU B 587 -16.25 28.94 27.18
CA LEU B 587 -15.34 27.90 26.73
C LEU B 587 -14.49 28.33 25.54
N LEU B 588 -14.46 29.62 25.22
CA LEU B 588 -13.66 30.09 24.09
C LEU B 588 -12.19 30.05 24.43
N GLY B 589 -11.40 29.48 23.53
CA GLY B 589 -9.95 29.47 23.69
C GLY B 589 -9.37 28.10 23.88
N GLN B 590 -9.99 27.26 24.69
CA GLN B 590 -9.49 25.92 24.95
C GLN B 590 -10.27 24.89 24.15
N CYS B 591 -9.67 23.71 23.99
CA CYS B 591 -10.22 22.66 23.15
C CYS B 591 -11.39 22.01 23.88
N ILE B 592 -12.53 21.90 23.20
CA ILE B 592 -13.74 21.34 23.80
C ILE B 592 -14.34 20.31 22.86
N ASP B 593 -15.19 19.46 23.42
CA ASP B 593 -16.00 18.52 22.66
C ASP B 593 -17.35 19.15 22.40
N TYR B 594 -17.73 19.31 21.14
CA TYR B 594 -18.98 19.94 20.78
C TYR B 594 -19.91 18.92 20.14
N ASP B 595 -21.20 19.02 20.48
CA ASP B 595 -22.26 18.22 19.87
C ASP B 595 -23.35 19.19 19.47
N ILE B 596 -23.21 19.78 18.28
CA ILE B 596 -24.10 20.83 17.81
C ILE B 596 -24.94 20.26 16.67
N ASN B 597 -26.25 20.12 16.94
CA ASN B 597 -27.24 19.64 15.97
C ASN B 597 -26.85 18.30 15.36
N GLY B 598 -26.35 17.40 16.18
CA GLY B 598 -25.96 16.08 15.71
C GLY B 598 -24.59 15.99 15.09
N VAL B 599 -23.76 17.03 15.19
CA VAL B 599 -22.41 17.03 14.65
C VAL B 599 -21.44 16.89 15.81
N VAL B 600 -20.62 15.85 15.78
CA VAL B 600 -19.73 15.49 16.87
C VAL B 600 -18.29 15.74 16.44
N GLY B 601 -17.52 16.39 17.30
CA GLY B 601 -16.13 16.64 16.98
C GLY B 601 -15.44 17.35 18.13
N GLN B 602 -14.21 17.76 17.87
CA GLN B 602 -13.42 18.55 18.80
C GLN B 602 -12.95 19.82 18.11
N GLY B 603 -12.73 20.86 18.90
CA GLY B 603 -12.19 22.08 18.33
C GLY B 603 -12.26 23.22 19.32
N VAL B 604 -11.55 24.29 18.97
CA VAL B 604 -11.56 25.51 19.75
C VAL B 604 -12.50 26.49 19.06
N PHE B 605 -12.98 27.47 19.82
CA PHE B 605 -13.97 28.43 19.34
C PHE B 605 -13.47 29.83 19.62
N GLN B 606 -13.54 30.69 18.61
CA GLN B 606 -13.25 32.11 18.75
C GLN B 606 -14.42 32.91 18.20
N LYS B 607 -14.60 34.12 18.72
CA LYS B 607 -15.65 35.01 18.24
C LYS B 607 -15.14 35.72 16.99
N CYS B 608 -15.59 35.27 15.83
CA CYS B 608 -15.20 35.85 14.55
C CYS B 608 -16.34 36.69 13.98
N ASN B 609 -16.00 37.52 13.00
CA ASN B 609 -17.01 38.31 12.31
C ASN B 609 -17.85 37.43 11.40
N SER B 610 -19.15 37.72 11.35
CA SER B 610 -20.08 36.92 10.58
C SER B 610 -19.84 37.05 9.08
N ILE B 613 -23.92 32.93 5.45
CA ILE B 613 -25.37 33.02 5.50
C ILE B 613 -25.89 32.43 6.81
N PRO B 614 -26.73 33.19 7.52
CA PRO B 614 -27.25 32.71 8.82
C PRO B 614 -28.29 31.62 8.70
N SER B 615 -28.78 31.32 7.49
CA SER B 615 -29.75 30.25 7.33
C SER B 615 -29.15 28.89 7.65
N GLN B 616 -27.92 28.66 7.21
CA GLN B 616 -27.19 27.44 7.54
C GLN B 616 -26.38 27.68 8.81
N VAL B 617 -26.49 26.76 9.77
CA VAL B 617 -25.81 26.94 11.05
C VAL B 617 -24.31 26.72 10.94
N PHE B 618 -23.85 26.07 9.88
CA PHE B 618 -22.44 25.72 9.73
C PHE B 618 -21.89 26.31 8.43
N VAL B 619 -20.61 26.68 8.48
CA VAL B 619 -19.89 27.15 7.30
C VAL B 619 -18.88 26.08 6.92
N TYR B 620 -18.94 25.62 5.69
CA TYR B 620 -18.15 24.50 5.23
C TYR B 620 -17.02 24.96 4.32
N ASP B 621 -16.03 24.10 4.16
CA ASP B 621 -14.92 24.30 3.24
C ASP B 621 -15.15 23.51 1.96
N SER B 622 -14.26 23.72 0.98
CA SER B 622 -14.33 22.97 -0.26
C SER B 622 -13.98 21.50 -0.07
N PHE B 623 -13.23 21.17 0.98
CA PHE B 623 -12.94 19.78 1.33
C PHE B 623 -13.91 19.24 2.37
N HIS B 624 -15.08 19.89 2.53
CA HIS B 624 -16.11 19.55 3.51
C HIS B 624 -15.55 19.55 4.94
N ASN B 625 -15.04 20.72 5.34
CA ASN B 625 -14.53 20.94 6.68
C ASN B 625 -15.26 22.12 7.29
N ILE B 626 -15.74 21.95 8.52
CA ILE B 626 -16.51 23.00 9.17
C ILE B 626 -15.56 24.07 9.68
N ILE B 627 -15.78 25.32 9.28
CA ILE B 627 -14.91 26.42 9.65
C ILE B 627 -15.61 27.48 10.48
N GLY B 628 -16.93 27.45 10.61
CA GLY B 628 -17.63 28.47 11.35
C GLY B 628 -18.98 27.96 11.82
N TYR B 629 -19.45 28.54 12.92
CA TYR B 629 -20.71 28.16 13.53
C TYR B 629 -21.56 29.41 13.76
N HIS B 630 -22.80 29.38 13.26
CA HIS B 630 -23.75 30.47 13.43
C HIS B 630 -24.69 30.12 14.57
N SER B 631 -24.55 30.80 15.71
CA SER B 631 -25.37 30.49 16.86
C SER B 631 -26.80 30.98 16.64
N LYS B 632 -27.71 30.47 17.48
CA LYS B 632 -29.12 30.85 17.38
C LYS B 632 -29.36 32.28 17.88
N ASN B 633 -28.47 32.81 18.71
CA ASN B 633 -28.60 34.18 19.20
C ASN B 633 -28.10 35.22 18.21
N GLY B 634 -27.49 34.80 17.11
CA GLY B 634 -27.01 35.69 16.08
C GLY B 634 -25.50 35.81 15.99
N THR B 635 -24.79 35.48 17.06
CA THR B 635 -23.34 35.57 17.04
C THR B 635 -22.73 34.44 16.22
N TYR B 636 -21.54 34.70 15.68
CA TYR B 636 -20.85 33.76 14.80
C TYR B 636 -19.54 33.34 15.43
N TYR B 637 -19.35 32.03 15.58
CA TYR B 637 -18.12 31.47 16.14
C TYR B 637 -17.37 30.74 15.03
N CYS B 638 -16.06 30.96 14.97
CA CYS B 638 -15.21 30.29 13.99
C CYS B 638 -14.51 29.12 14.65
N MET B 639 -14.58 27.95 14.02
CA MET B 639 -14.01 26.72 14.55
C MET B 639 -12.63 26.47 13.95
N ALA B 640 -11.82 25.76 14.71
CA ALA B 640 -10.49 25.30 14.32
C ALA B 640 -10.35 23.86 14.75
N PRO B 641 -9.52 23.07 14.09
CA PRO B 641 -9.42 21.63 14.43
C PRO B 641 -8.67 21.32 15.71
N CYS B 642 -8.43 22.31 16.57
CA CYS B 642 -7.85 22.20 17.92
C CYS B 642 -6.35 21.90 17.88
N VAL B 643 -5.85 21.53 16.70
CA VAL B 643 -4.43 21.48 16.39
C VAL B 643 -4.32 22.08 15.00
N SER B 644 -4.06 23.39 14.91
CA SER B 644 -4.08 24.03 13.61
C SER B 644 -2.83 24.87 13.39
N VAL B 645 -2.27 25.41 14.48
CA VAL B 645 -1.08 26.25 14.38
C VAL B 645 0.14 25.34 14.26
N PRO B 646 0.88 25.41 13.16
CA PRO B 646 2.05 24.52 13.01
C PRO B 646 3.19 24.97 13.90
N VAL B 647 3.73 24.02 14.67
CA VAL B 647 4.74 24.30 15.69
C VAL B 647 6.06 23.70 15.24
N SER B 648 7.10 24.52 15.20
CA SER B 648 8.45 24.09 14.90
C SER B 648 9.32 24.31 16.12
N VAL B 649 10.17 23.34 16.44
CA VAL B 649 11.05 23.41 17.59
C VAL B 649 12.48 23.55 17.08
N ILE B 650 13.16 24.61 17.51
CA ILE B 650 14.55 24.85 17.14
C ILE B 650 15.40 24.36 18.30
N TYR B 651 16.03 23.20 18.14
CA TYR B 651 16.81 22.57 19.19
C TYR B 651 18.29 22.65 18.83
N ASP B 652 19.11 23.04 19.80
CA ASP B 652 20.56 23.08 19.68
C ASP B 652 21.15 22.07 20.65
N LYS B 653 21.91 21.11 20.11
CA LYS B 653 22.40 20.00 20.93
C LYS B 653 23.50 20.43 21.88
N SER B 654 24.38 21.34 21.44
CA SER B 654 25.55 21.71 22.24
C SER B 654 25.15 22.49 23.49
N SER B 655 24.30 23.49 23.34
CA SER B 655 23.87 24.29 24.48
C SER B 655 22.69 23.69 25.22
N ASN B 656 22.08 22.64 24.66
CA ASN B 656 20.91 21.96 25.23
C ASN B 656 19.75 22.94 25.47
N SER B 657 19.54 23.84 24.52
CA SER B 657 18.47 24.82 24.58
C SER B 657 17.52 24.61 23.42
N HIS B 658 16.24 24.97 23.64
CA HIS B 658 15.22 24.84 22.62
C HIS B 658 14.45 26.14 22.49
N ALA B 659 13.99 26.40 21.27
CA ALA B 659 13.11 27.52 20.97
C ALA B 659 11.95 27.00 20.13
N THR B 660 10.93 27.83 19.95
CA THR B 660 9.70 27.40 19.31
C THR B 660 9.31 28.40 18.23
N LEU B 661 9.02 27.90 17.04
CA LEU B 661 8.52 28.70 15.93
C LEU B 661 7.09 28.28 15.62
N TYR B 662 6.18 29.24 15.62
CA TYR B 662 4.79 29.03 15.21
C TYR B 662 4.66 29.54 13.78
N GLY B 663 4.58 28.61 12.82
CA GLY B 663 4.74 28.98 11.42
C GLY B 663 3.53 29.70 10.87
N SER B 664 3.78 30.83 10.20
CA SER B 664 2.81 31.54 9.37
C SER B 664 1.62 32.07 10.16
N VAL B 665 1.80 32.36 11.45
CA VAL B 665 0.74 32.90 12.28
C VAL B 665 1.28 34.13 13.02
N ALA B 666 0.40 35.10 13.26
CA ALA B 666 0.78 36.32 13.95
C ALA B 666 0.86 36.06 15.45
N CYS B 667 1.28 37.08 16.19
CA CYS B 667 1.47 36.97 17.64
C CYS B 667 0.29 37.47 18.44
N ASP B 668 -0.84 37.75 17.79
CA ASP B 668 -2.09 37.99 18.49
C ASP B 668 -2.94 36.75 18.63
N HIS B 669 -2.72 35.75 17.77
CA HIS B 669 -3.38 34.46 17.89
C HIS B 669 -2.69 33.52 18.87
N ILE B 670 -1.39 33.74 19.14
CA ILE B 670 -0.70 32.91 20.11
C ILE B 670 -0.93 33.44 21.52
N LYS B 671 -1.24 34.74 21.65
CA LYS B 671 -1.59 35.29 22.96
C LYS B 671 -2.88 34.68 23.49
N MET B 672 -3.84 34.41 22.59
CA MET B 672 -5.00 33.62 22.94
C MET B 672 -4.69 32.16 22.60
N ILE B 673 -5.70 31.29 22.75
CA ILE B 673 -5.60 29.83 22.74
C ILE B 673 -4.37 29.24 23.44
N PRO B 674 -4.01 29.69 24.66
CA PRO B 674 -2.80 29.16 25.28
C PRO B 674 -2.96 27.81 25.95
N SER B 675 -4.17 27.25 25.98
CA SER B 675 -4.40 25.98 26.67
C SER B 675 -4.04 24.77 25.81
N VAL B 676 -3.88 24.94 24.50
CA VAL B 676 -3.56 23.82 23.63
C VAL B 676 -2.08 23.66 23.37
N LEU B 677 -1.25 24.55 23.90
CA LEU B 677 0.19 24.44 23.76
C LEU B 677 0.73 23.56 24.89
N SER B 678 2.05 23.48 25.01
CA SER B 678 2.64 22.75 26.11
C SER B 678 2.46 23.50 27.42
N ARG B 679 2.61 22.78 28.54
CA ARG B 679 2.31 23.35 29.84
C ARG B 679 3.29 24.45 30.23
N GLU B 680 4.57 24.27 29.91
CA GLU B 680 5.57 25.31 30.19
C GLU B 680 5.30 26.55 29.34
N THR B 681 4.97 26.36 28.06
CA THR B 681 4.64 27.48 27.20
C THR B 681 3.34 28.14 27.62
N ALA B 682 2.38 27.35 28.11
CA ALA B 682 1.13 27.92 28.62
C ALA B 682 1.38 28.82 29.83
N THR B 683 2.22 28.38 30.76
CA THR B 683 2.51 29.21 31.92
C THR B 683 3.30 30.46 31.54
N LYS B 684 4.24 30.34 30.60
CA LYS B 684 4.97 31.51 30.15
C LYS B 684 4.07 32.51 29.43
N LEU B 685 3.09 32.02 28.66
CA LEU B 685 2.19 32.91 27.94
C LEU B 685 1.10 33.48 28.83
N ARG B 686 0.81 32.85 29.97
CA ARG B 686 -0.14 33.43 30.91
C ARG B 686 0.50 34.37 31.90
N ALA B 687 1.80 34.25 32.17
CA ALA B 687 2.46 35.19 33.07
C ALA B 687 2.61 36.56 32.44
N SER B 688 3.00 36.61 31.16
CA SER B 688 3.31 37.88 30.52
C SER B 688 3.09 37.76 29.02
N ASP B 689 3.00 38.92 28.36
CA ASP B 689 2.89 39.01 26.91
C ASP B 689 4.24 39.21 26.24
N ASN B 690 5.33 39.31 27.00
CA ASN B 690 6.64 39.56 26.44
C ASN B 690 7.30 38.25 26.03
N GLY B 691 8.03 38.29 24.93
CA GLY B 691 8.75 37.12 24.44
C GLY B 691 8.32 36.66 23.07
N LEU B 692 7.39 37.35 22.40
CA LEU B 692 6.90 36.96 21.09
C LEU B 692 7.43 37.94 20.06
N LEU B 693 8.03 37.40 19.00
CA LEU B 693 8.62 38.22 17.94
C LEU B 693 7.96 37.88 16.61
N GLN B 694 7.64 38.91 15.82
CA GLN B 694 7.11 38.72 14.49
C GLN B 694 8.28 38.72 13.51
N THR B 695 8.61 37.53 12.98
CA THR B 695 9.87 37.33 12.28
C THR B 695 9.70 37.16 10.77
N ALA B 696 8.52 37.46 10.22
CA ALA B 696 8.20 37.35 8.79
C ALA B 696 8.34 35.93 8.26
N VAL B 697 8.42 34.93 9.14
CA VAL B 697 8.37 33.52 8.77
C VAL B 697 7.41 32.87 9.75
N GLY B 698 7.08 33.60 10.80
CA GLY B 698 6.17 33.11 11.82
C GLY B 698 6.20 33.99 13.05
N CYS B 699 5.84 33.42 14.19
CA CYS B 699 5.89 34.10 15.48
C CYS B 699 6.60 33.17 16.47
N VAL B 700 7.71 33.64 17.02
CA VAL B 700 8.58 32.78 17.81
C VAL B 700 8.53 33.18 19.29
N ILE B 701 8.80 32.20 20.15
CA ILE B 701 9.07 32.43 21.57
C ILE B 701 10.42 31.78 21.89
N GLY B 702 11.28 32.53 22.56
CA GLY B 702 12.61 32.08 22.88
C GLY B 702 13.72 32.73 22.10
N PHE B 703 13.40 33.74 21.28
CA PHE B 703 14.36 34.45 20.47
C PHE B 703 14.51 35.89 20.97
N HIS B 704 15.61 36.52 20.57
CA HIS B 704 15.79 37.95 20.74
C HIS B 704 16.32 38.53 19.44
N ASN B 705 15.83 39.71 19.07
CA ASN B 705 16.22 40.36 17.82
C ASN B 705 17.58 41.00 18.03
N THR B 706 18.63 40.25 17.68
CA THR B 706 19.99 40.72 17.88
C THR B 706 20.46 41.67 16.79
N SER B 707 19.73 41.74 15.66
CA SER B 707 20.09 42.57 14.51
C SER B 707 21.48 42.23 13.98
N ASP B 708 21.84 40.96 14.06
CA ASP B 708 23.13 40.48 13.58
C ASP B 708 22.95 39.90 12.18
N THR B 709 24.06 39.44 11.60
CA THR B 709 24.06 38.97 10.22
C THR B 709 25.17 37.94 10.07
N VAL B 710 24.82 36.77 9.56
CA VAL B 710 25.75 35.66 9.44
C VAL B 710 25.69 35.12 8.01
N GLU B 711 26.80 34.55 7.56
CA GLU B 711 26.89 33.98 6.21
C GLU B 711 26.87 32.45 6.18
N ASP B 712 27.31 31.76 7.23
CA ASP B 712 27.19 30.31 7.31
C ASP B 712 26.23 29.99 8.44
N CYS B 713 25.20 29.21 8.15
CA CYS B 713 24.08 29.05 9.06
C CYS B 713 23.79 27.57 9.28
N ASN B 714 23.70 27.17 10.54
CA ASN B 714 23.46 25.77 10.90
C ASN B 714 22.01 25.48 11.27
N LEU B 715 21.23 26.51 11.62
CA LEU B 715 19.82 26.35 11.95
C LEU B 715 19.02 27.34 11.11
N PRO B 716 18.73 27.00 9.85
CA PRO B 716 17.97 27.91 8.99
C PRO B 716 16.52 27.96 9.42
N LEU B 717 16.08 29.14 9.87
CA LEU B 717 14.72 29.31 10.35
C LEU B 717 13.69 29.36 9.25
N GLY B 718 14.10 29.69 8.02
CA GLY B 718 13.13 29.85 6.95
C GLY B 718 13.59 30.81 5.88
N GLN B 719 12.76 31.81 5.59
CA GLN B 719 13.01 32.73 4.47
C GLN B 719 14.14 33.68 4.84
N SER B 720 15.37 33.20 4.64
CA SER B 720 16.61 33.94 4.89
C SER B 720 16.72 34.40 6.35
N LEU B 721 16.57 33.45 7.27
CA LEU B 721 16.71 33.68 8.69
C LEU B 721 17.57 32.58 9.30
N CYS B 722 17.99 32.80 10.54
CA CYS B 722 18.84 31.86 11.24
C CYS B 722 18.46 31.83 12.71
N ALA B 723 19.10 30.92 13.45
CA ALA B 723 18.96 30.82 14.89
C ALA B 723 20.36 30.65 15.47
N LYS B 724 20.93 31.71 16.01
CA LYS B 724 22.23 31.64 16.65
C LYS B 724 22.08 31.02 18.03
N PRO B 725 22.78 29.93 18.34
CA PRO B 725 22.64 29.31 19.65
C PRO B 725 23.22 30.19 20.74
N PRO B 726 22.68 30.13 21.96
CA PRO B 726 23.20 30.98 23.03
C PRO B 726 24.54 30.47 23.54
N SER B 727 25.33 31.42 24.07
CA SER B 727 26.65 31.18 24.67
C SER B 727 27.62 30.45 23.73
N ASN B 733 19.11 36.24 28.53
CA ASN B 733 19.11 34.95 29.17
C ASN B 733 19.65 33.87 28.24
N ASN B 734 19.06 32.67 28.30
CA ASN B 734 19.42 31.57 27.41
C ASN B 734 18.47 31.56 26.22
N THR B 735 18.56 32.62 25.42
CA THR B 735 17.68 32.83 24.28
C THR B 735 18.47 32.78 22.98
N PHE B 736 17.85 32.21 21.94
CA PHE B 736 18.47 32.14 20.63
C PHE B 736 18.55 33.51 19.99
N GLY B 737 19.59 33.72 19.18
CA GLY B 737 19.76 34.96 18.45
C GLY B 737 19.15 34.85 17.07
N LEU B 738 18.38 35.86 16.69
CA LEU B 738 17.69 35.89 15.41
C LEU B 738 18.55 36.68 14.42
N ALA B 739 19.29 35.96 13.57
CA ALA B 739 20.17 36.56 12.60
C ALA B 739 19.60 36.38 11.19
N VAL B 740 20.05 37.24 10.28
CA VAL B 740 19.65 37.16 8.88
C VAL B 740 20.87 36.78 8.06
N MET B 741 20.60 36.34 6.83
CA MET B 741 21.67 35.98 5.89
C MET B 741 21.84 37.11 4.89
N LYS B 742 23.08 37.53 4.67
CA LYS B 742 23.39 38.51 3.65
C LYS B 742 23.93 37.79 2.42
N TYR B 743 23.85 38.46 1.28
CA TYR B 743 24.54 37.99 0.09
C TYR B 743 25.96 38.53 0.14
N GLU B 744 26.92 37.63 0.36
CA GLU B 744 28.33 38.03 0.36
C GLU B 744 28.72 38.43 -1.05
N ASN B 745 28.86 39.73 -1.28
CA ASN B 745 29.08 40.24 -2.62
C ASN B 745 30.47 39.84 -3.12
N PRO B 746 30.58 39.45 -4.38
CA PRO B 746 31.91 39.19 -4.95
C PRO B 746 32.67 40.48 -5.15
N LEU B 747 33.94 40.36 -5.52
CA LEU B 747 34.79 41.52 -5.71
C LEU B 747 34.30 42.27 -6.94
N LYS B 748 33.81 43.49 -6.73
CA LYS B 748 33.22 44.26 -7.80
C LYS B 748 34.29 44.75 -8.76
N VAL B 749 34.07 44.52 -10.05
CA VAL B 749 34.91 45.07 -11.11
C VAL B 749 34.02 45.94 -11.99
N GLU B 750 34.62 46.95 -12.60
CA GLU B 750 33.88 47.90 -13.42
C GLU B 750 34.26 47.73 -14.88
N VAL B 751 33.27 47.87 -15.77
CA VAL B 751 33.53 47.73 -17.18
C VAL B 751 34.34 48.92 -17.71
N LEU B 752 34.76 48.81 -18.95
CA LEU B 752 35.85 49.58 -19.51
C LEU B 752 35.30 50.40 -20.68
N ASN B 753 35.61 51.69 -20.73
CA ASN B 753 35.36 52.42 -21.96
C ASN B 753 36.61 52.45 -22.84
N SER B 754 37.78 52.53 -22.21
CA SER B 754 39.05 52.64 -22.92
C SER B 754 39.49 51.27 -23.44
N SER B 755 40.59 51.26 -24.20
CA SER B 755 41.19 50.01 -24.65
C SER B 755 41.72 49.19 -23.47
N GLU B 756 42.33 49.86 -22.50
CA GLU B 756 42.79 49.23 -21.28
C GLU B 756 41.62 48.59 -20.53
N PHE B 757 41.88 47.42 -19.92
CA PHE B 757 40.89 46.78 -19.07
C PHE B 757 41.47 46.32 -17.75
N GLU B 758 40.73 46.60 -16.68
CA GLU B 758 41.11 46.21 -15.33
C GLU B 758 41.02 44.70 -15.15
N ILE B 759 41.93 44.16 -14.35
CA ILE B 759 42.02 42.73 -14.12
C ILE B 759 42.11 42.46 -12.63
N SER B 760 41.80 41.23 -12.25
CA SER B 760 41.87 40.77 -10.87
C SER B 760 42.95 39.69 -10.78
N VAL B 761 44.17 40.09 -10.43
CA VAL B 761 45.28 39.14 -10.32
C VAL B 761 45.64 38.98 -8.84
N PRO B 762 45.86 37.76 -8.37
CA PRO B 762 46.22 37.57 -6.97
C PRO B 762 47.71 37.83 -6.74
N THR B 763 48.05 37.89 -5.45
CA THR B 763 49.44 38.01 -5.02
C THR B 763 49.79 37.08 -3.86
N ASN B 764 48.83 36.30 -3.38
CA ASN B 764 49.05 35.37 -2.27
C ASN B 764 47.97 34.31 -2.35
N PHE B 765 48.36 33.06 -2.13
CA PHE B 765 47.45 31.94 -2.28
C PHE B 765 47.55 31.01 -1.07
N SER B 766 46.66 30.02 -1.06
CA SER B 766 46.67 28.96 -0.07
C SER B 766 45.95 27.76 -0.66
N PHE B 767 46.29 26.58 -0.14
CA PHE B 767 45.68 25.33 -0.60
C PHE B 767 44.43 25.05 0.21
N ARG B 768 43.31 24.89 -0.48
CA ARG B 768 42.04 24.58 0.15
C ARG B 768 41.59 23.19 -0.29
N VAL B 769 41.33 22.33 0.67
CA VAL B 769 40.84 20.98 0.38
C VAL B 769 39.32 20.98 0.49
N THR B 770 38.68 20.17 -0.35
CA THR B 770 37.22 20.06 -0.40
C THR B 770 36.89 18.59 -0.59
N GLU B 771 36.63 17.90 0.51
CA GLU B 771 36.30 16.49 0.48
C GLU B 771 34.79 16.30 0.31
N GLU B 772 34.43 15.15 -0.26
CA GLU B 772 33.04 14.84 -0.54
C GLU B 772 32.87 13.33 -0.56
N PHE B 773 31.62 12.90 -0.41
CA PHE B 773 31.28 11.49 -0.35
C PHE B 773 30.13 11.20 -1.31
N ILE B 774 30.30 10.19 -2.15
CA ILE B 774 29.27 9.73 -3.07
C ILE B 774 29.02 8.25 -2.80
N GLU B 775 27.76 7.89 -2.60
CA GLU B 775 27.38 6.53 -2.21
C GLU B 775 26.96 5.75 -3.44
N THR B 776 27.75 4.73 -3.80
CA THR B 776 27.54 3.98 -5.02
C THR B 776 26.87 2.63 -4.80
N SER B 777 26.88 2.11 -3.58
CA SER B 777 26.40 0.76 -3.31
C SER B 777 25.18 0.81 -2.40
N ILE B 778 24.22 -0.05 -2.66
CA ILE B 778 23.08 -0.24 -1.78
C ILE B 778 23.31 -1.48 -0.94
N GLN B 779 22.50 -1.65 0.10
CA GLN B 779 22.58 -2.83 0.94
C GLN B 779 21.80 -3.95 0.28
N LYS B 780 22.50 -4.99 -0.15
CA LYS B 780 21.87 -6.12 -0.83
C LYS B 780 21.24 -7.03 0.22
N VAL B 781 19.92 -7.14 0.21
CA VAL B 781 19.16 -7.89 1.19
C VAL B 781 18.27 -8.88 0.46
N THR B 782 18.35 -10.15 0.84
CA THR B 782 17.41 -11.17 0.39
C THR B 782 16.49 -11.51 1.54
N VAL B 783 15.18 -11.46 1.31
CA VAL B 783 14.18 -11.71 2.34
C VAL B 783 13.47 -13.01 2.01
N ASP B 784 13.36 -13.89 3.00
CA ASP B 784 12.58 -15.12 2.88
C ASP B 784 11.11 -14.77 3.08
N CYS B 785 10.38 -14.64 1.97
CA CYS B 785 8.98 -14.23 2.02
C CYS B 785 8.11 -15.23 2.78
N LYS B 786 8.31 -16.52 2.52
CA LYS B 786 7.45 -17.55 3.10
C LYS B 786 7.58 -17.60 4.62
N GLN B 787 8.80 -17.42 5.13
CA GLN B 787 9.00 -17.38 6.58
C GLN B 787 8.58 -16.04 7.16
N TYR B 788 8.81 -14.94 6.43
CA TYR B 788 8.48 -13.62 6.94
C TYR B 788 6.99 -13.44 7.15
N VAL B 789 6.18 -13.89 6.19
CA VAL B 789 4.75 -13.60 6.26
C VAL B 789 4.05 -14.56 7.21
N CYS B 790 4.34 -15.85 7.12
CA CYS B 790 3.52 -16.86 7.77
C CYS B 790 4.19 -17.59 8.93
N ASN B 791 5.52 -17.45 9.08
CA ASN B 791 6.29 -18.09 10.15
C ASN B 791 6.14 -19.61 10.13
N GLY B 792 6.02 -20.18 8.93
CA GLY B 792 5.96 -21.62 8.77
C GLY B 792 4.73 -22.29 9.34
N PHE B 793 3.56 -21.69 9.17
CA PHE B 793 2.30 -22.24 9.65
C PHE B 793 1.47 -22.67 8.45
N GLU B 794 0.91 -23.88 8.53
CA GLU B 794 0.18 -24.44 7.39
C GLU B 794 -1.10 -23.68 7.12
N ARG B 795 -1.79 -23.22 8.16
CA ARG B 795 -3.05 -22.48 7.96
C ARG B 795 -2.79 -21.13 7.31
N CYS B 796 -1.73 -20.43 7.75
CA CYS B 796 -1.37 -19.18 7.11
C CYS B 796 -0.94 -19.40 5.66
N GLU B 797 -0.24 -20.51 5.40
CA GLU B 797 0.17 -20.78 4.02
C GLU B 797 -1.03 -21.14 3.15
N GLN B 798 -2.06 -21.75 3.73
CA GLN B 798 -3.30 -21.97 3.00
C GLN B 798 -4.04 -20.66 2.74
N LEU B 799 -3.92 -19.70 3.66
CA LEU B 799 -4.57 -18.41 3.49
C LEU B 799 -3.73 -17.42 2.68
N LEU B 800 -2.48 -17.77 2.35
CA LEU B 800 -1.64 -16.88 1.56
C LEU B 800 -1.75 -17.13 0.06
N GLU B 801 -2.20 -18.32 -0.36
CA GLU B 801 -2.27 -18.61 -1.79
C GLU B 801 -3.41 -17.89 -2.48
N GLN B 802 -4.32 -17.27 -1.74
CA GLN B 802 -5.36 -16.43 -2.33
C GLN B 802 -4.90 -15.00 -2.56
N TYR B 803 -3.67 -14.68 -2.20
CA TYR B 803 -3.06 -13.40 -2.52
C TYR B 803 -2.11 -13.50 -3.71
N GLY B 804 -2.17 -14.59 -4.47
CA GLY B 804 -1.33 -14.77 -5.63
C GLY B 804 0.01 -15.37 -5.29
N GLN B 805 0.88 -15.37 -6.30
CA GLN B 805 2.27 -15.82 -6.14
C GLN B 805 3.13 -14.66 -5.64
N PHE B 806 2.81 -14.19 -4.43
CA PHE B 806 3.47 -13.02 -3.86
C PHE B 806 4.95 -13.28 -3.62
N CYS B 807 5.29 -14.42 -3.04
CA CYS B 807 6.65 -14.63 -2.58
C CYS B 807 7.61 -14.91 -3.73
N ALA B 808 7.13 -15.55 -4.80
CA ALA B 808 7.95 -15.71 -5.99
C ALA B 808 8.24 -14.36 -6.64
N LYS B 809 7.26 -13.47 -6.68
CA LYS B 809 7.46 -12.14 -7.25
C LYS B 809 8.44 -11.32 -6.41
N ILE B 810 8.33 -11.42 -5.08
CA ILE B 810 9.22 -10.68 -4.19
C ILE B 810 10.64 -11.22 -4.30
N ASN B 811 10.78 -12.55 -4.38
CA ASN B 811 12.09 -13.16 -4.53
C ASN B 811 12.75 -12.78 -5.84
N GLN B 812 11.98 -12.74 -6.94
CA GLN B 812 12.54 -12.31 -8.21
C GLN B 812 12.91 -10.84 -8.21
N ALA B 813 12.14 -10.00 -7.52
CA ALA B 813 12.47 -8.57 -7.49
C ALA B 813 13.75 -8.32 -6.71
N LEU B 814 13.90 -8.95 -5.54
CA LEU B 814 15.12 -8.73 -4.77
C LEU B 814 16.34 -9.35 -5.44
N HIS B 815 16.17 -10.51 -6.08
CA HIS B 815 17.29 -11.09 -6.81
C HIS B 815 17.69 -10.22 -8.00
N GLY B 816 16.70 -9.59 -8.65
CA GLY B 816 17.01 -8.69 -9.75
C GLY B 816 17.79 -7.47 -9.31
N VAL B 817 17.38 -6.85 -8.20
CA VAL B 817 18.12 -5.67 -7.74
C VAL B 817 19.51 -6.07 -7.24
N ASN B 818 19.67 -7.26 -6.68
CA ASN B 818 21.01 -7.69 -6.24
C ASN B 818 21.92 -7.98 -7.43
N LEU B 819 21.39 -8.61 -8.48
CA LEU B 819 22.17 -8.85 -9.68
C LEU B 819 22.58 -7.54 -10.35
N ARG B 820 21.67 -6.57 -10.39
CA ARG B 820 22.01 -5.28 -10.96
C ARG B 820 23.07 -4.56 -10.13
N GLN B 821 23.02 -4.69 -8.80
CA GLN B 821 24.05 -4.09 -7.96
C GLN B 821 25.41 -4.74 -8.19
N ASP B 822 25.45 -6.07 -8.34
CA ASP B 822 26.71 -6.74 -8.64
C ASP B 822 27.29 -6.31 -9.98
N ASP B 823 26.44 -6.20 -11.00
CA ASP B 823 26.91 -5.74 -12.31
C ASP B 823 27.40 -4.30 -12.26
N ALA B 824 26.72 -3.45 -11.49
CA ALA B 824 27.14 -2.06 -11.34
C ALA B 824 28.49 -1.97 -10.64
N THR B 825 28.70 -2.77 -9.59
CA THR B 825 30.00 -2.76 -8.90
C THR B 825 31.12 -3.24 -9.81
N LYS B 826 30.87 -4.30 -10.59
CA LYS B 826 31.87 -4.79 -11.54
C LYS B 826 32.22 -3.72 -12.57
N SER B 827 31.21 -3.07 -13.14
CA SER B 827 31.46 -2.06 -14.15
C SER B 827 32.18 -0.84 -13.57
N LEU B 828 31.81 -0.43 -12.36
CA LEU B 828 32.45 0.71 -11.73
C LEU B 828 33.92 0.43 -11.43
N PHE B 829 34.23 -0.76 -10.92
CA PHE B 829 35.63 -1.06 -10.63
C PHE B 829 36.43 -1.32 -11.90
N GLU B 830 35.77 -1.78 -12.97
CA GLU B 830 36.48 -1.90 -14.25
C GLU B 830 36.75 -0.53 -14.86
N SER B 831 35.90 0.46 -14.58
CA SER B 831 36.18 1.82 -15.04
C SER B 831 37.25 2.50 -14.18
N ILE B 832 37.30 2.21 -12.89
CA ILE B 832 38.31 2.81 -12.02
C ILE B 832 39.70 2.25 -12.32
N ARG B 833 39.77 1.00 -12.79
CA ARG B 833 41.04 0.33 -13.05
C ARG B 833 41.88 1.07 -14.10
N VAL B 834 43.16 1.25 -13.79
CA VAL B 834 44.09 2.02 -14.61
C VAL B 834 45.17 1.09 -15.14
N PRO B 835 45.56 1.18 -16.42
CA PRO B 835 46.49 0.20 -16.99
C PRO B 835 47.93 0.33 -16.50
N GLN B 836 48.35 1.46 -15.95
CA GLN B 836 49.69 1.63 -15.42
C GLN B 836 49.65 2.31 -14.07
N SER B 837 50.59 1.94 -13.20
CA SER B 837 50.65 2.55 -11.88
C SER B 837 52.08 2.45 -11.36
N ALA B 838 52.40 3.34 -10.43
CA ALA B 838 53.69 3.34 -9.75
C ALA B 838 53.46 3.12 -8.26
N PRO B 839 53.76 1.94 -7.72
CA PRO B 839 53.49 1.68 -6.30
C PRO B 839 54.38 2.46 -5.36
N LEU B 840 55.58 2.84 -5.79
CA LEU B 840 56.54 3.54 -4.94
C LEU B 840 56.46 5.05 -5.08
N MET B 841 55.48 5.57 -5.83
CA MET B 841 55.36 7.01 -6.01
C MET B 841 54.92 7.69 -4.73
N ALA B 842 53.94 7.10 -4.03
CA ALA B 842 53.38 7.75 -2.85
C ALA B 842 54.36 7.76 -1.70
N SER B 843 55.20 6.72 -1.59
CA SER B 843 56.22 6.70 -0.55
C SER B 843 57.37 7.66 -0.89
N LEU B 844 57.79 7.69 -2.15
CA LEU B 844 58.83 8.62 -2.60
C LEU B 844 58.24 9.92 -3.12
N SER B 845 57.40 10.55 -2.30
CA SER B 845 56.75 11.80 -2.69
C SER B 845 57.64 13.02 -2.46
N GLY B 846 58.73 12.89 -1.72
CA GLY B 846 59.60 14.02 -1.46
C GLY B 846 59.11 14.83 -0.28
N ASP B 847 59.05 16.15 -0.46
CA ASP B 847 58.60 17.03 0.61
C ASP B 847 57.09 16.95 0.83
N TYR B 848 56.34 16.49 -0.16
CA TYR B 848 54.90 16.38 -0.02
C TYR B 848 54.55 15.17 0.84
N ASN B 849 53.71 15.38 1.84
CA ASN B 849 53.34 14.34 2.79
C ASN B 849 52.11 13.60 2.25
N LEU B 850 52.32 12.40 1.72
CA LEU B 850 51.25 11.56 1.22
C LEU B 850 51.08 10.30 2.08
N SER B 851 51.33 10.42 3.38
CA SER B 851 51.23 9.28 4.27
C SER B 851 49.79 8.85 4.50
N LEU B 852 48.83 9.71 4.17
CA LEU B 852 47.42 9.38 4.32
C LEU B 852 46.88 8.52 3.19
N PHE B 853 47.60 8.42 2.07
CA PHE B 853 47.12 7.69 0.91
C PHE B 853 48.01 6.52 0.51
N GLU B 854 49.04 6.21 1.31
CA GLU B 854 49.97 5.15 0.97
C GLU B 854 49.66 3.89 1.75
N THR B 855 49.92 2.75 1.12
CA THR B 855 49.74 1.46 1.75
C THR B 855 50.87 1.20 2.75
N PRO B 856 50.59 0.48 3.86
CA PRO B 856 51.63 0.17 4.84
C PRO B 856 52.68 -0.82 4.33
N GLY B 864 46.10 -9.15 7.90
CA GLY B 864 46.71 -8.23 6.96
C GLY B 864 45.72 -7.27 6.33
N ASN B 865 45.82 -5.99 6.71
CA ASN B 865 44.97 -4.94 6.17
C ASN B 865 45.74 -4.14 5.13
N TYR B 866 45.18 -4.03 3.94
CA TYR B 866 45.82 -3.33 2.83
C TYR B 866 45.21 -1.97 2.57
N ARG B 867 44.59 -1.36 3.57
CA ARG B 867 43.98 -0.06 3.43
C ARG B 867 44.98 1.04 3.79
N SER B 868 44.72 2.23 3.26
CA SER B 868 45.53 3.40 3.58
C SER B 868 45.11 3.96 4.93
N ALA B 869 45.72 5.09 5.31
CA ALA B 869 45.38 5.72 6.58
C ALA B 869 43.99 6.35 6.54
N LEU B 870 43.65 6.98 5.41
CA LEU B 870 42.34 7.62 5.30
C LEU B 870 41.22 6.58 5.19
N GLU B 871 41.47 5.47 4.49
CA GLU B 871 40.47 4.41 4.39
C GLU B 871 40.20 3.79 5.74
N ASP B 872 41.26 3.54 6.52
CA ASP B 872 41.09 3.01 7.87
C ASP B 872 40.39 4.02 8.77
N LEU B 873 40.71 5.31 8.64
CA LEU B 873 40.04 6.34 9.43
C LEU B 873 38.56 6.43 9.10
N LEU B 874 38.21 6.32 7.82
CA LEU B 874 36.81 6.37 7.42
C LEU B 874 36.05 5.15 7.91
N PHE B 875 36.67 3.97 7.84
CA PHE B 875 36.00 2.76 8.31
C PHE B 875 36.01 2.61 9.82
N ASP B 876 36.79 3.43 10.54
CA ASP B 876 36.81 3.38 11.99
C ASP B 876 35.95 4.44 12.66
N LYS B 877 35.87 5.64 12.10
CA LYS B 877 35.11 6.69 12.77
C LYS B 877 33.60 6.59 12.59
N VAL B 878 33.11 5.75 11.69
CA VAL B 878 31.69 5.52 11.57
C VAL B 878 31.29 4.34 12.44
N THR B 879 30.00 4.22 12.70
CA THR B 879 29.44 3.13 13.50
C THR B 879 28.81 2.13 12.54
N LEU B 880 29.60 1.13 12.13
CA LEU B 880 29.15 0.12 11.18
C LEU B 880 28.72 -1.13 11.93
N SER B 881 27.52 -1.62 11.62
CA SER B 881 27.08 -2.93 12.07
C SER B 881 27.42 -3.92 10.97
N VAL B 882 28.69 -4.28 10.91
CA VAL B 882 29.18 -5.23 9.90
C VAL B 882 28.87 -6.65 10.38
N PRO B 883 28.08 -7.40 9.62
CA PRO B 883 27.75 -8.76 10.05
C PRO B 883 28.95 -9.70 9.92
N GLY B 884 28.95 -10.73 10.76
CA GLY B 884 29.95 -11.76 10.65
C GLY B 884 29.67 -12.65 9.46
N TYR B 885 30.47 -12.50 8.41
CA TYR B 885 30.23 -13.27 7.19
C TYR B 885 30.65 -14.72 7.35
N MET B 886 31.65 -14.99 8.19
CA MET B 886 32.17 -16.34 8.33
C MET B 886 31.35 -17.15 9.32
N LYS B 887 31.21 -16.66 10.54
CA LYS B 887 30.51 -17.39 11.60
C LYS B 887 29.65 -16.45 12.45
N GLY B 888 28.89 -15.57 11.80
CA GLY B 888 28.08 -14.61 12.53
C GLY B 888 26.90 -15.24 13.25
N TYR B 889 26.38 -16.35 12.73
CA TYR B 889 25.28 -17.03 13.40
C TYR B 889 25.72 -17.60 14.74
N ASP B 890 26.95 -18.11 14.81
CA ASP B 890 27.47 -18.65 16.05
C ASP B 890 27.69 -17.54 17.08
N GLU B 891 28.23 -16.40 16.65
CA GLU B 891 28.44 -15.27 17.55
C GLU B 891 27.14 -14.57 17.90
N CYS B 892 26.04 -14.85 17.21
CA CYS B 892 24.76 -14.24 17.55
C CYS B 892 23.87 -15.12 18.41
N MET B 893 23.83 -16.43 18.16
CA MET B 893 22.87 -17.29 18.85
C MET B 893 23.31 -17.55 20.29
N LYS B 894 24.51 -18.11 20.50
CA LYS B 894 24.91 -18.49 21.85
C LYS B 894 25.43 -17.30 22.63
N LYS B 895 26.30 -16.51 22.02
CA LYS B 895 26.94 -15.36 22.66
C LYS B 895 25.92 -14.28 23.01
N ASP B 902 19.87 -4.43 17.59
CA ASP B 902 21.06 -5.06 17.02
C ASP B 902 20.70 -5.78 15.73
N LEU B 903 20.98 -5.12 14.61
CA LEU B 903 20.51 -5.61 13.30
C LEU B 903 21.38 -6.71 12.73
N ILE B 904 22.58 -6.92 13.26
CA ILE B 904 23.41 -8.02 12.74
C ILE B 904 22.92 -9.36 13.29
N CYS B 905 22.32 -9.37 14.47
CA CYS B 905 21.76 -10.58 15.05
C CYS B 905 20.26 -10.69 14.86
N ALA B 906 19.64 -9.73 14.18
CA ALA B 906 18.21 -9.76 13.91
C ALA B 906 17.86 -10.42 12.59
N GLN B 907 18.87 -10.81 11.79
CA GLN B 907 18.60 -11.46 10.53
C GLN B 907 18.04 -12.87 10.72
N TYR B 908 18.50 -13.56 11.75
CA TYR B 908 18.19 -14.98 11.94
C TYR B 908 16.89 -15.21 12.70
N VAL B 909 16.22 -14.16 13.16
CA VAL B 909 14.93 -14.29 13.82
C VAL B 909 13.82 -13.56 13.08
N ALA B 910 14.14 -12.76 12.06
CA ALA B 910 13.14 -12.05 11.27
C ALA B 910 12.88 -12.72 9.93
N GLY B 911 13.93 -12.96 9.14
CA GLY B 911 13.75 -13.67 7.90
C GLY B 911 14.57 -13.14 6.74
N TYR B 912 15.30 -12.05 6.95
CA TYR B 912 16.13 -11.48 5.91
C TYR B 912 17.61 -11.84 6.14
N LYS B 913 18.43 -11.48 5.16
CA LYS B 913 19.87 -11.69 5.26
C LYS B 913 20.58 -10.62 4.45
N VAL B 914 21.58 -10.00 5.06
CA VAL B 914 22.40 -9.01 4.35
C VAL B 914 23.48 -9.75 3.59
N LEU B 915 23.45 -9.65 2.26
CA LEU B 915 24.39 -10.37 1.44
C LEU B 915 25.79 -9.76 1.57
N PRO B 916 26.83 -10.60 1.51
CA PRO B 916 28.19 -10.07 1.58
C PRO B 916 28.53 -9.26 0.36
N PRO B 917 29.47 -8.33 0.45
CA PRO B 917 29.86 -7.52 -0.71
C PRO B 917 30.53 -8.37 -1.78
N LEU B 918 30.50 -7.84 -3.01
CA LEU B 918 31.06 -8.57 -4.14
C LEU B 918 32.58 -8.75 -4.00
N TYR B 919 33.27 -7.71 -3.54
CA TYR B 919 34.72 -7.74 -3.43
C TYR B 919 35.14 -7.70 -1.98
N ASP B 920 36.29 -8.30 -1.69
CA ASP B 920 36.87 -8.21 -0.36
C ASP B 920 37.34 -6.79 -0.08
N SER B 921 37.62 -6.51 1.19
CA SER B 921 38.17 -5.21 1.57
C SER B 921 39.55 -4.99 0.96
N ASN B 922 40.37 -6.04 0.92
CA ASN B 922 41.71 -5.92 0.38
C ASN B 922 41.68 -5.65 -1.11
N MET B 923 40.87 -6.40 -1.86
CA MET B 923 40.84 -6.23 -3.31
C MET B 923 40.17 -4.93 -3.70
N GLU B 924 39.22 -4.45 -2.88
CA GLU B 924 38.69 -3.10 -3.07
C GLU B 924 39.76 -2.06 -2.82
N ALA B 925 40.64 -2.30 -1.84
CA ALA B 925 41.69 -1.32 -1.54
C ALA B 925 42.82 -1.35 -2.56
N MET B 926 43.00 -2.46 -3.28
CA MET B 926 44.06 -2.50 -4.29
C MET B 926 43.74 -1.63 -5.51
N TYR B 927 42.46 -1.55 -5.90
CA TYR B 927 42.07 -0.65 -6.97
C TYR B 927 42.34 0.81 -6.60
N THR B 928 42.00 1.18 -5.37
CA THR B 928 42.24 2.53 -4.87
C THR B 928 43.74 2.82 -4.77
N ALA B 929 44.53 1.85 -4.30
CA ALA B 929 45.97 2.04 -4.20
C ALA B 929 46.61 2.18 -5.58
N SER B 930 46.17 1.38 -6.56
CA SER B 930 46.69 1.51 -7.92
C SER B 930 46.30 2.83 -8.54
N LEU B 931 45.06 3.28 -8.32
CA LEU B 931 44.62 4.57 -8.82
C LEU B 931 45.43 5.70 -8.21
N THR B 932 45.65 5.67 -6.89
CA THR B 932 46.42 6.70 -6.21
C THR B 932 47.87 6.69 -6.66
N GLY B 933 48.43 5.51 -6.96
CA GLY B 933 49.76 5.45 -7.51
C GLY B 933 49.85 5.89 -8.97
N SER B 934 48.73 5.95 -9.67
CA SER B 934 48.72 6.36 -11.07
C SER B 934 48.38 7.83 -11.31
N ILE B 935 48.17 8.62 -10.25
CA ILE B 935 47.75 10.02 -10.45
C ILE B 935 48.85 10.90 -11.01
N ALA B 936 50.12 10.51 -10.87
CA ALA B 936 51.23 11.37 -11.26
C ALA B 936 51.77 11.04 -12.64
N GLY B 937 50.90 10.65 -13.57
CA GLY B 937 51.31 10.45 -14.94
C GLY B 937 51.51 11.78 -15.65
N ALA B 938 52.00 11.68 -16.88
CA ALA B 938 52.21 12.86 -17.69
C ALA B 938 50.87 13.43 -18.14
N LEU B 939 50.66 14.73 -17.89
CA LEU B 939 49.41 15.37 -18.25
C LEU B 939 49.28 15.48 -19.77
N TRP B 940 50.37 15.81 -20.46
CA TRP B 940 50.38 15.84 -21.90
C TRP B 940 50.54 14.42 -22.46
N THR B 941 50.29 14.29 -23.76
CA THR B 941 50.35 12.98 -24.41
C THR B 941 51.78 12.45 -24.52
N ALA B 947 51.32 5.16 -19.42
CA ALA B 947 51.91 6.27 -20.16
C ALA B 947 53.30 6.59 -19.64
N ALA B 948 53.37 7.53 -18.70
CA ALA B 948 54.62 7.98 -18.11
C ALA B 948 54.51 8.02 -16.60
N SER B 949 55.65 7.82 -15.93
CA SER B 949 55.75 7.93 -14.49
C SER B 949 56.60 9.16 -14.19
N LEU B 950 56.09 10.01 -13.30
CA LEU B 950 56.75 11.23 -12.85
C LEU B 950 56.75 11.27 -11.32
N PRO B 951 57.68 12.00 -10.71
CA PRO B 951 57.59 12.23 -9.26
C PRO B 951 56.40 13.11 -8.95
N PHE B 952 55.96 13.06 -7.69
CA PHE B 952 54.81 13.87 -7.30
C PHE B 952 55.11 15.35 -7.34
N ALA B 953 56.34 15.74 -6.99
CA ALA B 953 56.72 17.15 -7.03
C ALA B 953 56.66 17.70 -8.45
N GLN B 954 57.18 16.97 -9.42
CA GLN B 954 57.12 17.42 -10.80
C GLN B 954 55.71 17.34 -11.36
N SER B 955 54.89 16.41 -10.86
CA SER B 955 53.51 16.32 -11.32
C SER B 955 52.68 17.50 -10.83
N ILE B 956 52.83 17.88 -9.55
CA ILE B 956 52.10 19.05 -9.08
C ILE B 956 52.72 20.32 -9.65
N TYR B 957 54.00 20.28 -10.03
CA TYR B 957 54.60 21.39 -10.76
C TYR B 957 53.94 21.60 -12.11
N TYR B 958 53.78 20.53 -12.90
CA TYR B 958 53.11 20.66 -14.19
C TYR B 958 51.62 20.95 -14.02
N ARG B 959 51.01 20.54 -12.92
CA ARG B 959 49.61 20.86 -12.70
C ARG B 959 49.44 22.34 -12.36
N MET B 960 50.34 22.90 -11.56
CA MET B 960 50.24 24.30 -11.18
C MET B 960 50.74 25.26 -12.26
N ASN B 961 51.59 24.80 -13.17
CA ASN B 961 52.06 25.66 -14.25
C ASN B 961 50.94 25.99 -15.22
N GLY B 962 50.04 25.04 -15.46
CA GLY B 962 48.92 25.27 -16.35
C GLY B 962 47.81 26.13 -15.78
N ILE B 963 47.81 26.35 -14.46
CA ILE B 963 46.83 27.23 -13.84
C ILE B 963 47.05 28.67 -14.28
N GLY B 964 48.30 29.09 -14.36
CA GLY B 964 48.62 30.45 -14.71
C GLY B 964 49.82 30.99 -13.97
N ILE B 965 50.33 30.20 -13.01
CA ILE B 965 51.53 30.60 -12.28
C ILE B 965 52.74 30.45 -13.17
N THR B 966 53.58 31.48 -13.18
CA THR B 966 54.73 31.55 -14.08
C THR B 966 55.76 30.49 -13.70
N GLN B 967 56.42 29.93 -14.73
CA GLN B 967 57.50 28.96 -14.54
C GLN B 967 58.62 29.50 -13.64
N ASN B 968 58.89 30.80 -13.71
CA ASN B 968 59.95 31.37 -12.88
C ASN B 968 59.56 31.44 -11.41
N VAL B 969 58.27 31.52 -11.12
CA VAL B 969 57.83 31.62 -9.73
C VAL B 969 58.04 30.30 -9.01
N LEU B 970 57.73 29.18 -9.66
CA LEU B 970 57.65 27.89 -8.99
C LEU B 970 59.02 27.38 -8.54
N MET B 971 60.09 27.68 -9.29
CA MET B 971 61.44 27.36 -8.83
C MET B 971 61.85 28.21 -7.63
N GLU B 972 61.28 29.40 -7.48
CA GLU B 972 61.74 30.30 -6.42
C GLU B 972 61.24 29.85 -5.05
N ASN B 973 59.99 29.38 -4.97
CA ASN B 973 59.37 29.07 -3.69
C ASN B 973 58.76 27.66 -3.68
N GLN B 974 59.56 26.67 -4.12
CA GLN B 974 59.10 25.29 -4.12
C GLN B 974 58.85 24.76 -2.71
N LYS B 975 59.73 25.13 -1.78
CA LYS B 975 59.62 24.72 -0.39
C LYS B 975 58.35 25.26 0.24
N LEU B 976 58.00 26.51 -0.07
CA LEU B 976 56.79 27.13 0.47
C LEU B 976 55.54 26.43 -0.06
N ILE B 977 55.53 26.05 -1.33
CA ILE B 977 54.39 25.35 -1.91
C ILE B 977 54.20 23.99 -1.25
N ALA B 978 55.31 23.26 -1.05
CA ALA B 978 55.20 21.95 -0.38
C ALA B 978 54.77 22.10 1.07
N ASN B 979 55.23 23.14 1.75
CA ASN B 979 54.83 23.37 3.14
C ASN B 979 53.35 23.73 3.23
N LYS B 980 52.83 24.51 2.28
CA LYS B 980 51.42 24.85 2.29
C LYS B 980 50.53 23.66 1.94
N PHE B 981 51.01 22.77 1.05
CA PHE B 981 50.29 21.54 0.76
C PHE B 981 50.21 20.65 2.00
N ASN B 982 51.31 20.52 2.72
CA ASN B 982 51.29 19.74 3.95
C ASN B 982 50.43 20.39 5.03
N GLN B 983 50.41 21.73 5.08
CA GLN B 983 49.54 22.42 6.02
C GLN B 983 48.07 22.15 5.73
N ALA B 984 47.69 22.18 4.45
CA ALA B 984 46.29 21.91 4.08
C ALA B 984 45.88 20.49 4.43
N LEU B 985 46.73 19.50 4.11
CA LEU B 985 46.37 18.12 4.43
C LEU B 985 46.35 17.86 5.93
N GLY B 986 47.26 18.47 6.68
CA GLY B 986 47.24 18.33 8.13
C GLY B 986 46.02 18.98 8.76
N ALA B 987 45.61 20.15 8.25
CA ALA B 987 44.40 20.80 8.74
C ALA B 987 43.17 19.96 8.45
N MET B 988 43.22 19.10 7.43
CA MET B 988 42.09 18.21 7.15
C MET B 988 41.89 17.06 8.09
N GLN B 989 42.94 16.39 8.51
CA GLN B 989 42.81 15.18 9.34
C GLN B 989 42.15 15.49 10.68
N THR B 990 42.38 16.67 11.24
CA THR B 990 41.75 17.05 12.49
C THR B 990 40.29 17.20 12.24
N GLY B 991 39.93 17.65 11.08
CA GLY B 991 38.53 17.88 10.69
C GLY B 991 37.68 16.67 10.62
N PHE B 992 38.26 15.52 10.40
CA PHE B 992 37.51 14.33 10.06
C PHE B 992 36.55 13.88 11.10
N THR B 993 36.72 14.28 12.33
CA THR B 993 35.87 13.72 13.34
C THR B 993 34.37 13.95 13.16
N THR B 994 33.91 15.11 12.75
CA THR B 994 32.47 15.25 12.46
C THR B 994 32.09 16.59 11.92
N THR B 995 32.86 17.61 12.22
CA THR B 995 32.55 18.98 11.85
C THR B 995 32.26 19.11 10.36
N ASN B 996 32.99 18.37 9.52
CA ASN B 996 32.76 18.40 8.08
C ASN B 996 31.46 17.70 7.73
N GLN B 997 30.71 18.27 6.78
CA GLN B 997 29.45 17.69 6.36
C GLN B 997 29.66 16.47 5.46
N ALA B 998 30.81 16.37 4.80
CA ALA B 998 31.07 15.28 3.88
C ALA B 998 31.18 13.95 4.63
N PHE B 999 31.74 13.97 5.83
CA PHE B 999 31.78 12.77 6.66
C PHE B 999 30.42 12.48 7.27
N GLN B 1000 29.63 13.52 7.51
CA GLN B 1000 28.27 13.33 7.99
C GLN B 1000 27.41 12.64 6.94
N LYS B 1001 27.69 12.86 5.66
CA LYS B 1001 27.00 12.10 4.62
C LYS B 1001 27.34 10.61 4.69
N VAL B 1002 28.60 10.29 5.03
CA VAL B 1002 29.01 8.90 5.21
C VAL B 1002 28.24 8.27 6.35
N GLN B 1003 28.06 9.01 7.44
CA GLN B 1003 27.26 8.47 8.54
C GLN B 1003 25.78 8.39 8.18
N ASP B 1004 25.28 9.31 7.35
CA ASP B 1004 23.86 9.28 6.97
C ASP B 1004 23.53 8.08 6.10
N ALA B 1005 24.48 7.63 5.27
CA ALA B 1005 24.21 6.44 4.46
C ALA B 1005 24.05 5.20 5.33
N VAL B 1006 24.94 5.03 6.32
CA VAL B 1006 24.85 3.90 7.24
C VAL B 1006 23.57 3.97 8.06
N ASN B 1007 23.21 5.18 8.51
CA ASN B 1007 21.98 5.34 9.29
C ASN B 1007 20.74 5.03 8.46
N ALA B 1008 20.76 5.39 7.16
CA ALA B 1008 19.64 5.06 6.28
C ALA B 1008 19.49 3.56 6.10
N ASN B 1009 20.60 2.85 5.87
CA ASN B 1009 20.53 1.39 5.74
C ASN B 1009 20.04 0.75 7.03
N ALA B 1010 20.52 1.24 8.18
CA ALA B 1010 20.09 0.69 9.46
C ALA B 1010 18.61 0.93 9.70
N GLN B 1011 18.09 2.11 9.35
CA GLN B 1011 16.67 2.39 9.52
C GLN B 1011 15.82 1.53 8.59
N ALA B 1012 16.29 1.27 7.37
CA ALA B 1012 15.55 0.38 6.47
C ALA B 1012 15.46 -1.03 7.03
N LEU B 1013 16.57 -1.56 7.54
CA LEU B 1013 16.56 -2.91 8.12
C LEU B 1013 15.71 -2.95 9.39
N SER B 1014 15.76 -1.90 10.20
CA SER B 1014 14.94 -1.85 11.41
C SER B 1014 13.46 -1.80 11.08
N LYS B 1015 13.09 -1.05 10.04
CA LYS B 1015 11.68 -1.02 9.63
C LYS B 1015 11.24 -2.37 9.08
N LEU B 1016 12.14 -3.09 8.41
CA LEU B 1016 11.81 -4.43 7.95
C LEU B 1016 11.61 -5.40 9.11
N ALA B 1017 12.45 -5.28 10.15
CA ALA B 1017 12.43 -6.27 11.23
C ALA B 1017 11.43 -5.96 12.33
N SER B 1018 11.07 -4.69 12.55
CA SER B 1018 10.26 -4.32 13.70
C SER B 1018 8.77 -4.33 13.41
N GLU B 1019 8.37 -4.54 12.16
CA GLU B 1019 6.95 -4.61 11.82
C GLU B 1019 6.43 -6.04 11.86
N LEU B 1020 7.24 -6.98 12.32
CA LEU B 1020 6.77 -8.34 12.57
C LEU B 1020 6.07 -8.47 13.91
N SER B 1021 6.25 -7.51 14.82
CA SER B 1021 5.62 -7.52 16.12
C SER B 1021 4.31 -6.74 16.16
N ASN B 1022 3.93 -6.10 15.07
CA ASN B 1022 2.68 -5.36 15.02
C ASN B 1022 1.52 -6.32 14.79
N THR B 1023 0.42 -6.09 15.51
CA THR B 1023 -0.75 -6.94 15.37
C THR B 1023 -1.68 -6.51 14.24
N PHE B 1024 -1.62 -5.23 13.84
CA PHE B 1024 -2.44 -4.66 12.77
C PHE B 1024 -3.94 -4.82 13.03
N GLY B 1025 -4.35 -4.82 14.29
CA GLY B 1025 -5.74 -4.99 14.65
C GLY B 1025 -6.12 -6.37 15.12
N ALA B 1026 -5.24 -7.36 14.99
CA ALA B 1026 -5.53 -8.70 15.45
C ALA B 1026 -5.38 -8.79 16.96
N ILE B 1027 -5.77 -9.93 17.52
CA ILE B 1027 -5.65 -10.13 18.96
C ILE B 1027 -4.20 -10.34 19.38
N SER B 1028 -3.35 -10.78 18.47
CA SER B 1028 -1.95 -11.04 18.79
C SER B 1028 -1.14 -10.99 17.50
N ALA B 1029 0.16 -10.80 17.66
CA ALA B 1029 1.08 -10.80 16.53
C ALA B 1029 1.67 -12.17 16.25
N SER B 1030 1.24 -13.20 16.97
CA SER B 1030 1.70 -14.56 16.76
C SER B 1030 0.58 -15.37 16.14
N ILE B 1031 0.88 -16.08 15.05
CA ILE B 1031 -0.12 -16.89 14.37
C ILE B 1031 -0.54 -18.06 15.26
N GLY B 1032 0.42 -18.65 15.99
CA GLY B 1032 0.11 -19.77 16.86
C GLY B 1032 -0.86 -19.43 17.97
N ASP B 1033 -0.73 -18.23 18.55
CA ASP B 1033 -1.67 -17.80 19.57
C ASP B 1033 -3.05 -17.53 18.99
N ILE B 1034 -3.12 -17.04 17.75
CA ILE B 1034 -4.40 -16.83 17.07
C ILE B 1034 -5.07 -18.16 16.81
N LEU B 1035 -4.32 -19.15 16.35
CA LEU B 1035 -4.88 -20.48 16.12
C LEU B 1035 -5.28 -21.16 17.42
N LYS B 1036 -4.58 -20.86 18.53
CA LYS B 1036 -4.97 -21.44 19.80
C LYS B 1036 -6.21 -20.78 20.40
N ARG B 1037 -6.41 -19.48 20.15
CA ARG B 1037 -7.45 -18.76 20.87
C ARG B 1037 -8.77 -18.62 20.13
N LEU B 1038 -8.82 -18.82 18.81
CA LEU B 1038 -10.02 -18.53 18.04
C LEU B 1038 -10.49 -19.74 17.27
N ASP B 1039 -11.77 -19.70 16.88
CA ASP B 1039 -12.38 -20.72 16.04
C ASP B 1039 -11.95 -20.51 14.59
N THR B 1040 -12.50 -21.32 13.67
CA THR B 1040 -11.99 -21.37 12.30
C THR B 1040 -12.28 -20.08 11.53
N LEU B 1041 -13.50 -19.55 11.65
CA LEU B 1041 -13.88 -18.36 10.90
C LEU B 1041 -13.11 -17.13 11.37
N GLU B 1042 -12.99 -16.94 12.68
CA GLU B 1042 -12.21 -15.82 13.18
C GLU B 1042 -10.72 -16.03 12.98
N GLN B 1043 -10.26 -17.28 12.90
CA GLN B 1043 -8.87 -17.53 12.51
C GLN B 1043 -8.63 -17.02 11.09
N GLU B 1044 -9.55 -17.33 10.18
CA GLU B 1044 -9.43 -16.86 8.81
C GLU B 1044 -9.49 -15.35 8.72
N VAL B 1045 -10.34 -14.72 9.55
CA VAL B 1045 -10.48 -13.27 9.52
C VAL B 1045 -9.24 -12.58 10.10
N GLN B 1046 -8.77 -13.05 11.25
CA GLN B 1046 -7.71 -12.35 11.97
C GLN B 1046 -6.32 -12.63 11.40
N ILE B 1047 -6.09 -13.79 10.78
CA ILE B 1047 -4.78 -14.03 10.17
C ILE B 1047 -4.62 -13.17 8.92
N ASP B 1048 -5.71 -12.89 8.21
CA ASP B 1048 -5.64 -12.12 6.96
C ASP B 1048 -5.18 -10.69 7.19
N ARG B 1049 -5.55 -10.09 8.32
CA ARG B 1049 -5.12 -8.72 8.59
C ARG B 1049 -3.70 -8.64 9.11
N LEU B 1050 -3.14 -9.76 9.59
CA LEU B 1050 -1.70 -9.83 9.79
C LEU B 1050 -0.98 -9.98 8.46
N ILE B 1051 -1.55 -10.81 7.57
CA ILE B 1051 -0.96 -11.09 6.27
C ILE B 1051 -0.86 -9.81 5.45
N ASN B 1052 -1.92 -8.98 5.47
CA ASN B 1052 -1.91 -7.72 4.75
C ASN B 1052 -0.79 -6.78 5.24
N GLY B 1053 -0.57 -6.75 6.55
CA GLY B 1053 0.51 -5.93 7.08
C GLY B 1053 1.88 -6.41 6.66
N ARG B 1054 2.09 -7.73 6.67
CA ARG B 1054 3.37 -8.26 6.21
C ARG B 1054 3.60 -8.01 4.72
N LEU B 1055 2.53 -8.13 3.91
CA LEU B 1055 2.67 -7.84 2.47
C LEU B 1055 2.98 -6.38 2.25
N THR B 1056 2.35 -5.48 3.01
CA THR B 1056 2.65 -4.06 2.90
C THR B 1056 4.09 -3.76 3.27
N SER B 1057 4.60 -4.42 4.33
CA SER B 1057 5.99 -4.23 4.73
C SER B 1057 6.95 -4.69 3.64
N LEU B 1058 6.69 -5.87 3.06
CA LEU B 1058 7.58 -6.39 2.02
C LEU B 1058 7.54 -5.54 0.76
N ASN B 1059 6.36 -5.09 0.36
CA ASN B 1059 6.25 -4.25 -0.83
C ASN B 1059 6.90 -2.89 -0.61
N ALA B 1060 6.77 -2.32 0.59
CA ALA B 1060 7.44 -1.07 0.89
C ALA B 1060 8.95 -1.22 0.85
N PHE B 1061 9.46 -2.34 1.38
CA PHE B 1061 10.90 -2.59 1.32
C PHE B 1061 11.39 -2.74 -0.11
N VAL B 1062 10.63 -3.44 -0.96
CA VAL B 1062 11.06 -3.64 -2.34
C VAL B 1062 11.04 -2.32 -3.12
N SER B 1063 10.01 -1.49 -2.94
CA SER B 1063 9.96 -0.21 -3.62
C SER B 1063 11.07 0.72 -3.14
N GLN B 1064 11.36 0.71 -1.84
CA GLN B 1064 12.47 1.51 -1.31
C GLN B 1064 13.81 1.03 -1.88
N GLN B 1065 13.98 -0.29 -2.02
CA GLN B 1065 15.21 -0.81 -2.62
C GLN B 1065 15.33 -0.43 -4.09
N LEU B 1066 14.21 -0.35 -4.80
CA LEU B 1066 14.25 0.08 -6.20
C LEU B 1066 14.66 1.55 -6.33
N VAL B 1067 14.11 2.41 -5.45
CA VAL B 1067 14.51 3.82 -5.47
C VAL B 1067 15.98 3.98 -5.11
N ARG B 1068 16.44 3.23 -4.10
CA ARG B 1068 17.85 3.28 -3.75
C ARG B 1068 18.74 2.73 -4.86
N SER B 1069 18.26 1.74 -5.62
CA SER B 1069 19.03 1.23 -6.75
C SER B 1069 19.17 2.27 -7.84
N GLU B 1070 18.11 3.05 -8.09
CA GLU B 1070 18.20 4.14 -9.05
C GLU B 1070 19.19 5.20 -8.59
N ALA B 1071 19.17 5.52 -7.28
CA ALA B 1071 20.16 6.44 -6.72
C ALA B 1071 21.57 5.92 -6.89
N ALA B 1072 21.77 4.62 -6.66
CA ALA B 1072 23.08 4.02 -6.79
C ALA B 1072 23.58 4.03 -8.23
N ALA B 1073 22.67 3.83 -9.19
CA ALA B 1073 23.07 3.90 -10.59
C ALA B 1073 23.50 5.32 -10.99
N ARG B 1074 22.74 6.33 -10.57
CA ARG B 1074 23.12 7.70 -10.86
C ARG B 1074 24.44 8.08 -10.21
N SER B 1075 24.63 7.66 -8.96
CA SER B 1075 25.88 7.99 -8.26
C SER B 1075 27.06 7.20 -8.80
N SER B 1076 26.84 5.99 -9.32
CA SER B 1076 27.92 5.26 -9.96
C SER B 1076 28.38 5.95 -11.23
N GLN B 1077 27.44 6.43 -12.04
CA GLN B 1077 27.82 7.21 -13.23
C GLN B 1077 28.55 8.49 -12.83
N LEU B 1078 28.08 9.15 -11.76
CA LEU B 1078 28.74 10.35 -11.26
C LEU B 1078 30.16 10.07 -10.80
N VAL B 1079 30.36 8.94 -10.11
CA VAL B 1079 31.69 8.59 -9.60
C VAL B 1079 32.64 8.26 -10.75
N LYS B 1080 32.14 7.55 -11.77
CA LYS B 1080 32.95 7.25 -12.95
C LYS B 1080 33.40 8.53 -13.65
N ASP B 1081 32.47 9.45 -13.87
CA ASP B 1081 32.80 10.71 -14.52
C ASP B 1081 33.74 11.55 -13.65
N LYS B 1082 33.53 11.55 -12.33
CA LYS B 1082 34.36 12.35 -11.44
C LYS B 1082 35.78 11.79 -11.35
N VAL B 1083 35.92 10.45 -11.36
CA VAL B 1083 37.25 9.85 -11.37
C VAL B 1083 37.98 10.21 -12.65
N ASN B 1084 37.33 10.02 -13.81
CA ASN B 1084 37.98 10.29 -15.08
C ASN B 1084 38.20 11.78 -15.32
N GLU B 1085 37.52 12.66 -14.58
CA GLU B 1085 37.68 14.10 -14.75
C GLU B 1085 38.62 14.73 -13.73
N CYS B 1086 38.71 14.17 -12.52
CA CYS B 1086 39.50 14.77 -11.44
C CYS B 1086 40.71 13.96 -11.06
N VAL B 1087 40.60 12.64 -10.93
CA VAL B 1087 41.69 11.86 -10.36
C VAL B 1087 42.75 11.55 -11.41
N LYS B 1088 42.32 11.00 -12.55
CA LYS B 1088 43.27 10.62 -13.59
C LYS B 1088 43.82 11.83 -14.34
N SER B 1089 43.11 12.95 -14.35
CA SER B 1089 43.57 14.13 -15.06
C SER B 1089 43.04 15.37 -14.37
N GLN B 1090 43.69 16.50 -14.62
CA GLN B 1090 43.27 17.77 -14.05
C GLN B 1090 42.16 18.37 -14.89
N SER B 1091 41.09 18.82 -14.23
CA SER B 1091 39.92 19.36 -14.90
C SER B 1091 39.97 20.89 -14.94
N SER B 1092 39.52 21.45 -16.06
CA SER B 1092 39.41 22.89 -16.22
C SER B 1092 38.01 23.40 -15.95
N ARG B 1093 37.13 22.55 -15.41
CA ARG B 1093 35.74 22.92 -15.16
C ARG B 1093 35.61 23.45 -13.75
N ASN B 1094 35.09 24.68 -13.62
CA ASN B 1094 34.87 25.27 -12.32
C ASN B 1094 33.71 24.59 -11.60
N GLY B 1095 33.79 24.56 -10.28
CA GLY B 1095 32.76 23.87 -9.48
C GLY B 1095 32.93 22.38 -9.37
N PHE B 1096 33.15 21.71 -10.50
CA PHE B 1096 33.50 20.30 -10.49
C PHE B 1096 34.89 20.11 -9.88
N CYS B 1097 35.12 18.91 -9.37
CA CYS B 1097 36.37 18.53 -8.70
C CYS B 1097 36.67 19.45 -7.52
N GLY B 1098 35.63 19.82 -6.78
CA GLY B 1098 35.78 20.69 -5.64
C GLY B 1098 35.78 22.16 -6.02
N GLN B 1099 35.55 23.00 -5.02
CA GLN B 1099 35.50 24.44 -5.25
C GLN B 1099 36.90 25.01 -5.46
N GLY B 1100 36.96 26.15 -6.13
CA GLY B 1100 38.23 26.76 -6.46
C GLY B 1100 38.75 26.29 -7.80
N THR B 1101 40.07 26.37 -7.99
CA THR B 1101 40.71 25.87 -9.19
C THR B 1101 41.39 24.54 -8.87
N HIS B 1102 41.03 23.50 -9.61
CA HIS B 1102 41.48 22.16 -9.29
C HIS B 1102 42.96 21.97 -9.57
N ILE B 1103 43.66 21.37 -8.61
CA ILE B 1103 45.07 21.01 -8.76
C ILE B 1103 45.23 19.50 -8.85
N VAL B 1104 44.76 18.76 -7.86
CA VAL B 1104 44.90 17.31 -7.83
C VAL B 1104 43.77 16.74 -6.98
N SER B 1105 43.40 15.49 -7.26
CA SER B 1105 42.33 14.81 -6.55
C SER B 1105 42.79 13.44 -6.08
N PHE B 1106 42.31 13.04 -4.91
CA PHE B 1106 42.63 11.75 -4.32
C PHE B 1106 41.33 11.01 -4.04
N ALA B 1107 41.22 9.78 -4.52
CA ALA B 1107 40.03 8.96 -4.32
C ALA B 1107 40.36 7.78 -3.43
N VAL B 1108 39.60 7.61 -2.35
CA VAL B 1108 39.76 6.50 -1.43
C VAL B 1108 38.40 5.85 -1.21
N ASN B 1109 38.43 4.65 -0.65
CA ASN B 1109 37.20 3.90 -0.40
C ASN B 1109 36.44 4.46 0.79
N ALA B 1110 35.15 4.16 0.84
CA ALA B 1110 34.24 4.61 1.87
C ALA B 1110 33.37 3.43 2.28
N PRO B 1111 32.72 3.49 3.45
CA PRO B 1111 31.84 2.39 3.86
C PRO B 1111 30.73 2.05 2.88
N ASN B 1112 30.12 3.04 2.24
CA ASN B 1112 29.04 2.77 1.29
C ASN B 1112 29.40 3.13 -0.14
N GLY B 1113 30.31 4.07 -0.35
CA GLY B 1113 30.67 4.46 -1.69
C GLY B 1113 32.14 4.79 -1.84
N PHE B 1114 32.45 5.94 -2.41
CA PHE B 1114 33.82 6.39 -2.59
C PHE B 1114 33.99 7.78 -2.00
N TYR B 1115 35.16 8.03 -1.45
CA TYR B 1115 35.50 9.31 -0.84
C TYR B 1115 36.54 10.01 -1.71
N PHE B 1116 36.29 11.27 -2.04
CA PHE B 1116 37.19 12.06 -2.85
C PHE B 1116 37.78 13.19 -2.02
N VAL B 1117 39.08 13.43 -2.17
CA VAL B 1117 39.76 14.56 -1.57
C VAL B 1117 40.26 15.44 -2.71
N HIS B 1118 39.70 16.63 -2.83
CA HIS B 1118 40.03 17.55 -3.92
C HIS B 1118 40.89 18.66 -3.37
N VAL B 1119 42.11 18.79 -3.90
CA VAL B 1119 43.03 19.86 -3.52
C VAL B 1119 42.88 20.98 -4.54
N GLY B 1120 42.53 22.18 -4.07
CA GLY B 1120 42.29 23.31 -4.92
C GLY B 1120 43.29 24.43 -4.73
N TYR B 1121 43.17 25.44 -5.59
CA TYR B 1121 44.00 26.64 -5.54
C TYR B 1121 43.12 27.80 -5.12
N HIS B 1122 43.30 28.26 -3.89
CA HIS B 1122 42.46 29.32 -3.33
C HIS B 1122 43.27 30.57 -3.11
N PRO B 1123 43.16 31.59 -3.96
CA PRO B 1123 43.89 32.84 -3.73
C PRO B 1123 43.29 33.63 -2.58
N THR B 1124 44.12 34.44 -1.95
CA THR B 1124 43.73 35.20 -0.77
C THR B 1124 43.75 36.70 -0.99
N ASP B 1125 44.87 37.25 -1.45
CA ASP B 1125 45.04 38.69 -1.61
C ASP B 1125 45.12 39.05 -3.08
N TYR B 1126 44.29 40.00 -3.50
CA TYR B 1126 44.25 40.46 -4.89
C TYR B 1126 44.87 41.85 -5.01
N VAL B 1127 45.44 42.10 -6.19
CA VAL B 1127 45.97 43.42 -6.54
C VAL B 1127 45.33 43.85 -7.84
N ASN B 1128 44.74 45.05 -7.85
CA ASN B 1128 44.21 45.60 -9.08
C ASN B 1128 45.34 46.04 -10.00
N GLN B 1129 45.12 45.91 -11.30
CA GLN B 1129 46.18 46.19 -12.26
C GLN B 1129 45.58 46.52 -13.62
N THR B 1130 46.41 47.10 -14.48
CA THR B 1130 46.03 47.56 -15.80
C THR B 1130 46.64 46.68 -16.88
N SER B 1131 45.85 46.34 -17.89
CA SER B 1131 46.31 45.44 -18.95
C SER B 1131 45.66 45.85 -20.28
N ALA B 1132 45.86 45.03 -21.31
CA ALA B 1132 45.36 45.34 -22.64
C ALA B 1132 45.09 44.05 -23.40
N TYR B 1133 44.21 44.14 -24.41
CA TYR B 1133 43.87 42.98 -25.22
C TYR B 1133 45.09 42.44 -25.94
N GLY B 1134 45.91 43.34 -26.48
CA GLY B 1134 47.15 42.95 -27.11
C GLY B 1134 47.96 44.18 -27.48
N LEU B 1135 49.23 44.19 -27.11
CA LEU B 1135 50.10 45.31 -27.47
C LEU B 1135 50.62 45.11 -28.89
N CYS B 1136 50.62 46.20 -29.65
CA CYS B 1136 51.01 46.16 -31.06
C CYS B 1136 51.87 47.39 -31.35
N ASP B 1137 52.71 47.26 -32.38
CA ASP B 1137 53.62 48.34 -32.72
C ASP B 1137 52.87 49.51 -33.36
N SER B 1138 53.60 50.60 -33.58
CA SER B 1138 53.00 51.83 -34.08
C SER B 1138 52.44 51.64 -35.49
N SER B 1139 53.15 50.90 -36.34
CA SER B 1139 52.73 50.71 -37.72
C SER B 1139 51.61 49.68 -37.87
N ASN B 1140 51.27 48.96 -36.81
CA ASN B 1140 50.28 47.87 -36.83
C ASN B 1140 50.63 46.81 -37.86
N THR B 1141 51.92 46.51 -37.98
CA THR B 1141 52.36 45.46 -38.90
C THR B 1141 52.23 44.09 -38.24
N LYS B 1142 52.84 43.92 -37.08
CA LYS B 1142 52.72 42.70 -36.29
C LYS B 1142 52.26 43.06 -34.87
N CYS B 1143 51.30 42.31 -34.36
CA CYS B 1143 50.84 42.46 -32.99
C CYS B 1143 50.85 41.12 -32.27
N ILE B 1144 51.07 41.18 -30.96
CA ILE B 1144 51.10 40.01 -30.10
C ILE B 1144 50.08 40.18 -29.00
N ALA B 1145 49.71 39.06 -28.38
CA ALA B 1145 48.82 39.07 -27.23
C ALA B 1145 49.39 38.12 -26.18
N ALA B 1146 48.96 38.33 -24.93
CA ALA B 1146 49.49 37.56 -23.82
C ALA B 1146 49.01 36.11 -23.88
N LYS B 1147 49.83 35.22 -23.33
CA LYS B 1147 49.52 33.80 -23.25
C LYS B 1147 49.58 33.37 -21.80
N ASN B 1148 48.46 32.84 -21.29
CA ASN B 1148 48.32 32.40 -19.89
C ASN B 1148 48.66 33.53 -18.91
N GLY B 1149 48.15 34.73 -19.19
CA GLY B 1149 48.44 35.86 -18.33
C GLY B 1149 47.94 37.14 -18.96
N TYR B 1150 48.41 38.26 -18.39
CA TYR B 1150 48.02 39.58 -18.83
C TYR B 1150 49.25 40.46 -19.00
N PHE B 1151 49.13 41.47 -19.86
CA PHE B 1151 50.22 42.41 -20.12
C PHE B 1151 50.06 43.61 -19.20
N ILE B 1152 50.72 43.56 -18.04
CA ILE B 1152 50.61 44.64 -17.06
C ILE B 1152 51.53 45.79 -17.43
N LYS B 1153 51.35 46.93 -16.77
CA LYS B 1153 52.13 48.13 -17.02
C LYS B 1153 52.75 48.62 -15.72
N ASN B 1154 53.93 49.23 -15.84
CA ASN B 1154 54.64 49.77 -14.69
C ASN B 1154 54.28 51.24 -14.45
N GLY B 1155 54.52 52.08 -15.45
CA GLY B 1155 54.16 53.48 -15.38
C GLY B 1155 53.40 53.91 -16.61
N SER B 1156 53.87 54.97 -17.28
CA SER B 1156 53.26 55.39 -18.53
C SER B 1156 53.69 54.53 -19.71
N ASP B 1157 54.73 53.72 -19.55
CA ASP B 1157 55.25 52.90 -20.64
C ASP B 1157 55.82 51.63 -20.02
N ASP B 1158 56.65 50.91 -20.78
CA ASP B 1158 57.32 49.68 -20.36
C ASP B 1158 56.32 48.60 -19.97
N TRP B 1159 55.54 48.19 -20.97
CA TRP B 1159 54.61 47.08 -20.80
C TRP B 1159 55.37 45.78 -20.56
N MET B 1160 54.82 44.94 -19.68
CA MET B 1160 55.52 43.71 -19.28
C MET B 1160 54.50 42.69 -18.82
N PHE B 1161 54.94 41.44 -18.71
CA PHE B 1161 54.08 40.28 -18.57
C PHE B 1161 54.14 39.70 -17.16
N THR B 1162 53.01 39.21 -16.66
CA THR B 1162 52.93 38.50 -15.41
C THR B 1162 52.02 37.29 -15.57
N GLY B 1163 52.06 36.39 -14.59
CA GLY B 1163 51.17 35.25 -14.60
C GLY B 1163 49.74 35.64 -14.27
N SER B 1164 48.81 34.76 -14.62
CA SER B 1164 47.39 35.02 -14.40
C SER B 1164 46.90 34.56 -13.04
N SER B 1165 47.72 33.84 -12.27
CA SER B 1165 47.33 33.37 -10.97
C SER B 1165 48.30 33.78 -9.87
N TYR B 1166 49.37 34.49 -10.21
CA TYR B 1166 50.32 35.00 -9.22
C TYR B 1166 50.97 36.25 -9.80
N TYR B 1167 51.22 37.22 -8.92
CA TYR B 1167 51.82 38.48 -9.33
C TYR B 1167 53.34 38.35 -9.35
N GLN B 1168 53.93 38.44 -10.53
CA GLN B 1168 55.38 38.45 -10.67
C GLN B 1168 55.75 39.18 -11.96
N PRO B 1169 56.39 40.34 -11.87
CA PRO B 1169 56.73 41.10 -13.08
C PRO B 1169 57.94 40.47 -13.79
N GLU B 1170 57.73 40.04 -15.03
CA GLU B 1170 58.78 39.43 -15.81
C GLU B 1170 58.82 40.06 -17.20
N PRO B 1171 59.98 40.05 -17.86
CA PRO B 1171 60.04 40.60 -19.22
C PRO B 1171 59.26 39.76 -20.21
N ILE B 1172 58.81 40.41 -21.27
CA ILE B 1172 58.01 39.74 -22.31
C ILE B 1172 58.95 38.96 -23.20
N THR B 1173 58.65 37.67 -23.39
CA THR B 1173 59.48 36.76 -24.16
C THR B 1173 58.61 36.08 -25.21
N ASN B 1174 59.23 35.45 -26.19
CA ASN B 1174 58.50 34.74 -27.23
C ASN B 1174 57.75 33.52 -26.71
N PHE B 1175 58.14 32.98 -25.55
CA PHE B 1175 57.50 31.80 -24.99
C PHE B 1175 56.30 32.13 -24.12
N ASN B 1176 55.94 33.40 -23.96
CA ASN B 1176 54.72 33.76 -23.24
C ASN B 1176 53.89 34.76 -24.03
N SER B 1177 54.01 34.75 -25.35
CA SER B 1177 53.22 35.61 -26.22
C SER B 1177 53.19 35.00 -27.61
N ARG B 1178 52.06 35.28 -28.25
CA ARG B 1178 51.81 34.77 -29.55
C ARG B 1178 51.45 35.89 -30.47
N SER B 1179 51.45 35.71 -31.78
CA SER B 1179 51.02 36.77 -32.68
C SER B 1179 49.70 36.39 -33.36
N VAL B 1180 48.80 37.36 -33.45
CA VAL B 1180 47.49 37.18 -34.06
C VAL B 1180 47.23 38.28 -35.08
N GLU B 1181 46.02 38.31 -35.62
CA GLU B 1181 45.61 39.38 -36.52
C GLU B 1181 45.63 40.72 -35.78
N PRO B 1182 45.97 41.81 -36.46
CA PRO B 1182 45.82 43.13 -35.84
C PRO B 1182 44.37 43.46 -35.57
N GLU B 1183 44.14 44.23 -34.52
CA GLU B 1183 42.80 44.68 -34.15
C GLU B 1183 42.82 46.17 -33.88
N VAL B 1184 41.67 46.80 -34.07
CA VAL B 1184 41.58 48.25 -33.92
C VAL B 1184 41.61 48.68 -32.45
N THR B 1185 41.38 47.76 -31.52
CA THR B 1185 41.42 48.06 -30.10
C THR B 1185 42.77 47.76 -29.47
N PHE B 1186 43.76 47.33 -30.26
CA PHE B 1186 45.06 46.98 -29.72
C PHE B 1186 45.84 48.23 -29.37
N GLN B 1187 46.63 48.15 -28.31
CA GLN B 1187 47.41 49.29 -27.86
C GLN B 1187 48.59 49.52 -28.80
N ASN B 1188 48.80 50.78 -29.18
CA ASN B 1188 49.93 51.19 -30.00
C ASN B 1188 50.99 51.81 -29.10
N LEU B 1189 52.18 51.21 -29.08
CA LEU B 1189 53.27 51.71 -28.25
C LEU B 1189 54.52 51.84 -29.11
N THR B 1190 55.32 52.88 -28.83
CA THR B 1190 56.52 53.14 -29.62
C THR B 1190 57.74 53.52 -28.81
N ASN B 1191 57.63 53.85 -27.53
CA ASN B 1191 58.79 54.30 -26.76
C ASN B 1191 59.71 53.14 -26.43
N ASN B 1192 59.20 52.16 -25.67
CA ASN B 1192 59.93 50.94 -25.35
C ASN B 1192 59.07 49.76 -25.79
N LEU B 1193 59.65 48.89 -26.61
CA LEU B 1193 58.87 47.80 -27.18
C LEU B 1193 59.52 46.46 -26.89
N PRO B 1194 58.72 45.41 -26.71
CA PRO B 1194 59.27 44.08 -26.37
C PRO B 1194 60.00 43.46 -27.55
N PRO B 1195 60.93 42.54 -27.28
CA PRO B 1195 61.70 41.88 -28.36
C PRO B 1195 60.86 41.12 -29.36
N PRO B 1196 59.65 40.61 -29.02
CA PRO B 1196 58.77 40.14 -30.10
C PRO B 1196 58.40 41.21 -31.12
N LEU B 1197 58.32 42.47 -30.73
CA LEU B 1197 57.97 43.53 -31.67
C LEU B 1197 59.18 44.19 -32.32
N SER B 1198 60.39 43.70 -32.04
CA SER B 1198 61.59 44.28 -32.63
C SER B 1198 61.78 43.81 -34.07
N CYS C 22 -73.16 15.79 -19.19
CA CYS C 22 -72.89 16.79 -18.18
C CYS C 22 -72.06 17.96 -18.72
N ILE C 23 -70.98 17.65 -19.45
CA ILE C 23 -70.19 18.66 -20.14
C ILE C 23 -69.91 18.14 -21.55
N VAL C 24 -70.23 18.94 -22.55
CA VAL C 24 -70.04 18.57 -23.95
C VAL C 24 -68.70 19.10 -24.44
N VAL C 25 -67.93 18.23 -25.12
CA VAL C 25 -66.66 18.59 -25.72
C VAL C 25 -66.63 18.03 -27.13
N ASP C 26 -65.68 18.52 -27.93
CA ASP C 26 -65.63 18.17 -29.34
C ASP C 26 -64.64 17.07 -29.68
N MET C 27 -63.61 16.85 -28.85
CA MET C 27 -62.61 15.78 -29.04
C MET C 27 -61.91 15.87 -30.39
N GLN C 28 -61.12 16.94 -30.54
CA GLN C 28 -60.36 17.15 -31.77
C GLN C 28 -58.88 17.34 -31.41
N PRO C 29 -58.14 16.24 -31.19
CA PRO C 29 -56.71 16.31 -30.89
C PRO C 29 -55.82 16.23 -32.13
N SER C 30 -56.08 17.11 -33.11
CA SER C 30 -55.29 17.16 -34.32
C SER C 30 -54.53 18.46 -34.51
N TYR C 31 -54.91 19.52 -33.80
CA TYR C 31 -54.25 20.82 -33.90
C TYR C 31 -53.09 20.96 -32.93
N PHE C 32 -52.72 19.88 -32.24
CA PHE C 32 -51.69 19.91 -31.22
C PHE C 32 -50.40 19.22 -31.65
N GLN C 33 -50.36 18.67 -32.86
CA GLN C 33 -49.20 17.89 -33.28
C GLN C 33 -48.02 18.75 -33.71
N ARG C 34 -48.17 20.06 -33.77
CA ARG C 34 -47.05 20.93 -34.12
C ARG C 34 -46.03 20.93 -32.98
N ASP C 35 -44.75 20.99 -33.36
CA ASP C 35 -43.65 20.76 -32.43
C ASP C 35 -42.90 22.06 -32.18
N TRP C 36 -42.63 22.34 -30.91
CA TRP C 36 -41.75 23.42 -30.49
C TRP C 36 -40.67 22.76 -29.65
N PRO C 37 -39.59 22.28 -30.27
CA PRO C 37 -38.61 21.46 -29.55
C PRO C 37 -37.86 22.24 -28.48
N ARG C 38 -37.55 21.55 -27.40
CA ARG C 38 -36.82 22.12 -26.28
C ARG C 38 -36.10 21.00 -25.55
N PRO C 39 -34.97 20.54 -26.08
CA PRO C 39 -34.29 19.41 -25.47
C PRO C 39 -33.53 19.81 -24.21
N ILE C 40 -33.15 18.80 -23.44
CA ILE C 40 -32.36 19.02 -22.23
C ILE C 40 -30.96 19.45 -22.63
N ASN C 41 -30.53 20.60 -22.12
CA ASN C 41 -29.19 21.12 -22.36
C ASN C 41 -28.41 20.99 -21.06
N MET C 42 -27.46 20.06 -21.03
CA MET C 42 -26.70 19.78 -19.81
C MET C 42 -25.71 20.89 -19.46
N SER C 43 -25.32 21.72 -20.43
CA SER C 43 -24.39 22.80 -20.14
C SER C 43 -25.06 23.90 -19.33
N ALA C 44 -26.37 24.05 -19.47
CA ALA C 44 -27.14 25.01 -18.68
C ALA C 44 -27.69 24.39 -17.40
N ALA C 45 -27.36 23.12 -17.13
CA ALA C 45 -27.89 22.34 -16.01
C ALA C 45 -29.42 22.37 -16.00
N ASP C 46 -29.98 21.94 -17.12
CA ASP C 46 -31.43 21.98 -17.33
C ASP C 46 -32.05 20.71 -16.78
N GLY C 47 -33.05 20.89 -15.91
CA GLY C 47 -33.77 19.76 -15.34
C GLY C 47 -32.94 18.88 -14.42
N ILE C 48 -32.15 19.49 -13.55
CA ILE C 48 -31.29 18.76 -12.61
C ILE C 48 -31.77 19.07 -11.20
N ILE C 49 -31.87 18.02 -10.39
CA ILE C 49 -32.32 18.16 -9.01
C ILE C 49 -31.08 18.26 -8.12
N TYR C 50 -31.06 19.26 -7.25
CA TYR C 50 -29.94 19.44 -6.34
C TYR C 50 -29.85 18.27 -5.38
N PRO C 51 -28.66 17.69 -5.17
CA PRO C 51 -28.55 16.51 -4.32
C PRO C 51 -28.80 16.81 -2.85
N VAL C 52 -29.94 16.34 -2.33
CA VAL C 52 -30.30 16.60 -0.95
C VAL C 52 -29.42 15.76 -0.02
N GLY C 53 -29.22 16.26 1.20
CA GLY C 53 -28.41 15.55 2.17
C GLY C 53 -27.05 16.19 2.39
N ARG C 54 -26.39 16.61 1.32
CA ARG C 54 -25.09 17.25 1.40
C ARG C 54 -25.07 18.46 0.48
N THR C 55 -24.53 19.56 0.98
CA THR C 55 -24.38 20.79 0.22
C THR C 55 -22.91 21.00 -0.12
N TYR C 56 -22.62 21.29 -1.39
CA TYR C 56 -21.27 21.51 -1.86
C TYR C 56 -21.11 22.97 -2.30
N ALA C 57 -19.87 23.40 -2.45
CA ALA C 57 -19.64 24.77 -2.93
C ALA C 57 -18.37 24.89 -3.73
N ASN C 58 -18.46 25.48 -4.92
CA ASN C 58 -17.27 25.72 -5.72
C ASN C 58 -16.34 24.51 -5.87
N ILE C 59 -16.90 23.33 -6.17
CA ILE C 59 -16.08 22.15 -6.41
C ILE C 59 -16.59 21.49 -7.68
N THR C 60 -16.02 20.32 -8.01
CA THR C 60 -16.42 19.55 -9.18
C THR C 60 -16.31 18.07 -8.83
N ILE C 61 -17.45 17.40 -8.67
CA ILE C 61 -17.50 16.01 -8.24
C ILE C 61 -18.43 15.22 -9.17
N MET C 62 -18.50 13.91 -8.91
CA MET C 62 -19.34 12.99 -9.67
C MET C 62 -20.57 12.66 -8.84
N LEU C 63 -21.74 12.82 -9.44
CA LEU C 63 -23.00 12.45 -8.81
C LEU C 63 -23.56 11.20 -9.47
N SER C 64 -24.43 10.50 -8.74
CA SER C 64 -25.07 9.29 -9.26
C SER C 64 -26.54 9.26 -8.88
N GLY C 65 -27.22 10.39 -9.01
CA GLY C 65 -28.62 10.50 -8.67
C GLY C 65 -29.53 10.20 -9.84
N LEU C 66 -30.72 10.80 -9.81
CA LEU C 66 -31.72 10.65 -10.87
C LEU C 66 -31.69 11.90 -11.74
N PHE C 67 -31.30 11.73 -13.00
CA PHE C 67 -31.17 12.83 -13.95
C PHE C 67 -31.69 12.39 -15.30
N PRO C 68 -32.20 13.32 -16.10
CA PRO C 68 -32.57 12.99 -17.49
C PRO C 68 -31.35 12.87 -18.38
N HIS C 69 -31.50 12.13 -19.47
CA HIS C 69 -30.39 12.00 -20.39
C HIS C 69 -30.33 13.20 -21.32
N GLN C 70 -29.15 13.42 -21.90
CA GLN C 70 -28.86 14.62 -22.67
C GLN C 70 -29.66 14.63 -23.97
N ALA C 71 -30.13 15.84 -24.35
CA ALA C 71 -30.89 16.08 -25.57
C ALA C 71 -32.17 15.27 -25.60
N ASP C 72 -32.83 15.16 -24.46
CA ASP C 72 -34.14 14.53 -24.37
C ASP C 72 -35.21 15.56 -24.69
N LYS C 73 -35.97 15.31 -25.76
CA LYS C 73 -37.04 16.21 -26.14
C LYS C 73 -38.26 16.08 -25.23
N GLY C 74 -38.40 14.95 -24.54
CA GLY C 74 -39.51 14.76 -23.64
C GLY C 74 -40.83 14.63 -24.37
N LYS C 75 -41.91 14.93 -23.65
CA LYS C 75 -43.25 14.98 -24.20
C LYS C 75 -43.80 16.39 -24.01
N GLN C 76 -44.29 16.98 -25.10
CA GLN C 76 -44.80 18.35 -25.08
C GLN C 76 -46.32 18.32 -25.02
N TYR C 77 -46.88 19.10 -24.10
CA TYR C 77 -48.32 19.19 -23.91
C TYR C 77 -48.76 20.64 -24.05
N ILE C 78 -49.90 20.85 -24.73
CA ILE C 78 -50.41 22.18 -25.02
C ILE C 78 -51.79 22.31 -24.42
N TYR C 79 -52.07 23.46 -23.81
CA TYR C 79 -53.37 23.77 -23.25
C TYR C 79 -54.08 24.81 -24.12
N SER C 80 -55.38 24.65 -24.27
CA SER C 80 -56.17 25.45 -25.20
C SER C 80 -57.15 26.36 -24.47
N MET C 81 -57.99 27.02 -25.24
CA MET C 81 -59.04 27.93 -24.78
C MET C 81 -60.40 27.37 -25.14
N TYR C 82 -61.44 28.12 -24.75
CA TYR C 82 -62.79 27.86 -25.22
C TYR C 82 -62.97 28.44 -26.62
N HIS C 83 -63.87 27.83 -27.40
CA HIS C 83 -64.11 28.28 -28.76
C HIS C 83 -64.76 29.66 -28.78
N MET C 84 -64.63 30.32 -29.93
CA MET C 84 -65.12 31.69 -30.18
C MET C 84 -64.58 32.70 -29.15
N VAL C 90 -73.53 26.96 -27.27
CA VAL C 90 -72.49 27.75 -26.64
C VAL C 90 -71.12 27.19 -27.00
N ASN C 91 -70.07 27.78 -26.43
CA ASN C 91 -68.71 27.34 -26.69
C ASN C 91 -68.39 26.04 -25.95
N ASP C 92 -67.35 25.36 -26.44
CA ASP C 92 -66.96 24.05 -25.95
C ASP C 92 -65.49 24.02 -25.61
N PRO C 93 -65.08 23.17 -24.68
CA PRO C 93 -63.65 23.00 -24.41
C PRO C 93 -62.91 22.36 -25.58
N PHE C 94 -61.62 22.67 -25.67
CA PHE C 94 -60.75 22.12 -26.70
C PHE C 94 -59.61 21.40 -26.01
N ILE C 95 -59.46 20.11 -26.30
CA ILE C 95 -58.55 19.23 -25.56
C ILE C 95 -57.75 18.40 -26.56
N SER C 96 -56.78 17.63 -26.03
CA SER C 96 -55.73 17.07 -26.88
C SER C 96 -55.44 15.61 -26.55
N ASN C 97 -56.47 14.84 -26.21
CA ASN C 97 -56.40 13.40 -25.94
C ASN C 97 -55.44 13.12 -24.78
N TYR C 98 -55.44 13.98 -23.76
CA TYR C 98 -54.45 13.83 -22.70
C TYR C 98 -54.95 12.98 -21.53
N SER C 99 -56.21 12.56 -21.53
CA SER C 99 -56.74 11.74 -20.45
C SER C 99 -56.66 10.25 -20.75
N TYR C 100 -56.07 9.86 -21.88
CA TYR C 100 -56.04 8.46 -22.28
C TYR C 100 -54.68 7.82 -22.05
N TYR C 101 -53.63 8.61 -21.91
CA TYR C 101 -52.27 8.10 -21.77
C TYR C 101 -51.92 7.96 -20.30
N THR C 102 -51.58 6.74 -19.88
CA THR C 102 -51.07 6.49 -18.54
C THR C 102 -49.58 6.18 -18.69
N GLU C 103 -48.77 7.23 -18.71
CA GLU C 103 -47.33 7.06 -18.87
C GLU C 103 -46.73 6.48 -17.59
N PRO C 104 -45.69 5.64 -17.73
CA PRO C 104 -45.06 5.06 -16.54
C PRO C 104 -44.32 6.11 -15.71
N PHE C 105 -44.26 5.87 -14.41
CA PHE C 105 -43.58 6.80 -13.51
C PHE C 105 -42.07 6.73 -13.70
N ASP C 106 -41.48 5.56 -13.43
CA ASP C 106 -40.08 5.23 -13.77
C ASP C 106 -39.10 6.22 -13.12
N ASN C 107 -39.02 6.12 -11.79
CA ASN C 107 -38.16 6.95 -10.94
C ASN C 107 -38.51 8.42 -11.02
N GLY C 108 -39.78 8.75 -11.30
CA GLY C 108 -40.21 10.12 -11.34
C GLY C 108 -39.93 10.78 -12.67
N PHE C 109 -40.35 12.06 -12.75
CA PHE C 109 -40.17 12.84 -13.95
C PHE C 109 -39.80 14.27 -13.55
N VAL C 110 -39.58 15.11 -14.55
CA VAL C 110 -39.29 16.52 -14.34
C VAL C 110 -40.07 17.34 -15.36
N VAL C 111 -40.66 18.44 -14.92
CA VAL C 111 -41.55 19.26 -15.73
C VAL C 111 -40.92 20.63 -15.92
N ARG C 112 -40.87 21.10 -17.16
CA ARG C 112 -40.38 22.43 -17.47
C ARG C 112 -41.59 23.37 -17.58
N ILE C 113 -42.00 23.87 -16.42
CA ILE C 113 -43.20 24.70 -16.33
C ILE C 113 -42.90 26.07 -16.91
N GLY C 114 -43.74 26.52 -17.83
CA GLY C 114 -43.48 27.79 -18.46
C GLY C 114 -42.68 27.64 -19.72
N ALA C 115 -41.70 28.53 -19.92
CA ALA C 115 -40.87 28.65 -21.11
C ALA C 115 -41.69 28.94 -22.37
N ASN C 116 -41.01 29.25 -23.47
CA ASN C 116 -41.63 29.64 -24.74
C ASN C 116 -42.57 30.83 -24.57
N SER C 117 -42.29 31.69 -23.59
CA SER C 117 -43.18 32.77 -23.21
C SER C 117 -42.63 34.10 -23.70
N ASN C 118 -43.37 35.18 -23.40
CA ASN C 118 -43.04 36.55 -23.76
C ASN C 118 -42.92 36.77 -25.27
N ILE C 119 -43.49 35.89 -26.08
CA ILE C 119 -43.42 35.99 -27.53
C ILE C 119 -44.83 35.94 -28.09
N THR C 120 -44.95 36.19 -29.39
CA THR C 120 -46.23 36.11 -30.08
C THR C 120 -46.42 34.65 -30.50
N GLY C 121 -47.32 33.96 -29.83
CA GLY C 121 -47.58 32.57 -30.10
C GLY C 121 -48.73 32.37 -31.08
N SER C 122 -49.31 31.19 -31.04
CA SER C 122 -50.44 30.85 -31.89
C SER C 122 -51.53 30.19 -31.04
N SER C 123 -52.76 30.69 -31.18
CA SER C 123 -53.89 30.03 -30.57
C SER C 123 -54.15 28.71 -31.26
N VAL C 124 -54.48 27.69 -30.48
CA VAL C 124 -54.67 26.35 -31.04
C VAL C 124 -55.96 26.29 -31.86
N VAL C 125 -57.02 26.94 -31.40
CA VAL C 125 -58.28 26.95 -32.12
C VAL C 125 -58.21 27.96 -33.26
N GLY C 126 -58.83 27.61 -34.38
CA GLY C 126 -58.90 28.50 -35.53
C GLY C 126 -57.53 28.83 -36.10
N SER C 127 -57.30 30.12 -36.34
CA SER C 127 -56.00 30.61 -36.79
C SER C 127 -55.85 32.04 -36.29
N ALA C 128 -55.16 32.20 -35.16
CA ALA C 128 -54.98 33.50 -34.55
C ALA C 128 -53.69 33.51 -33.75
N ASN C 129 -53.20 34.71 -33.46
CA ASN C 129 -51.95 34.90 -32.74
C ASN C 129 -52.18 35.78 -31.53
N ALA C 130 -51.56 35.41 -30.41
CA ALA C 130 -51.68 36.17 -29.17
C ALA C 130 -50.45 35.89 -28.31
N THR C 131 -50.25 36.74 -27.31
CA THR C 131 -49.11 36.59 -26.42
C THR C 131 -49.28 35.38 -25.52
N VAL C 132 -48.25 34.55 -25.45
CA VAL C 132 -48.28 33.34 -24.64
C VAL C 132 -47.98 33.66 -23.19
N LYS C 133 -48.68 32.99 -22.28
CA LYS C 133 -48.49 33.15 -20.85
C LYS C 133 -48.24 31.79 -20.21
N LYS C 134 -47.62 31.81 -19.03
CA LYS C 134 -47.31 30.58 -18.33
C LYS C 134 -48.56 29.97 -17.74
N ILE C 135 -48.74 28.67 -17.97
CA ILE C 135 -49.89 27.92 -17.45
C ILE C 135 -49.34 26.74 -16.65
N TYR C 136 -49.91 26.51 -15.48
CA TYR C 136 -49.43 25.43 -14.62
C TYR C 136 -50.14 24.13 -14.96
N PRO C 137 -49.39 23.06 -15.25
CA PRO C 137 -50.02 21.76 -15.50
C PRO C 137 -50.63 21.18 -14.23
N ALA C 138 -51.66 20.36 -14.43
CA ALA C 138 -52.30 19.62 -13.35
C ALA C 138 -52.09 18.14 -13.61
N LEU C 139 -51.40 17.47 -12.69
CA LEU C 139 -51.01 16.08 -12.86
C LEU C 139 -51.99 15.16 -12.15
N MET C 140 -51.83 13.86 -12.39
CA MET C 140 -52.72 12.86 -11.84
C MET C 140 -51.93 11.57 -11.71
N LEU C 141 -51.54 11.22 -10.50
CA LEU C 141 -50.60 10.13 -10.26
C LEU C 141 -51.26 9.03 -9.43
N GLY C 142 -51.12 7.79 -9.89
CA GLY C 142 -51.72 6.66 -9.22
C GLY C 142 -50.83 5.45 -9.30
N SER C 143 -51.26 4.39 -8.61
CA SER C 143 -50.50 3.15 -8.52
C SER C 143 -51.00 2.07 -9.47
N VAL C 144 -52.30 1.99 -9.70
CA VAL C 144 -52.89 0.94 -10.53
C VAL C 144 -53.82 1.59 -11.55
N VAL C 145 -53.80 1.06 -12.77
CA VAL C 145 -54.61 1.59 -13.86
C VAL C 145 -55.73 0.61 -14.18
N GLY C 146 -56.60 1.01 -15.11
CA GLY C 146 -57.65 0.15 -15.57
C GLY C 146 -58.36 0.75 -16.77
N LYS C 147 -59.66 0.49 -16.87
CA LYS C 147 -60.47 1.03 -17.95
C LYS C 147 -61.75 1.62 -17.38
N PHE C 148 -62.19 2.73 -17.95
CA PHE C 148 -63.52 3.24 -17.68
C PHE C 148 -64.56 2.29 -18.29
N PRO C 149 -65.84 2.36 -17.85
CA PRO C 149 -66.89 1.57 -18.50
C PRO C 149 -67.34 2.14 -19.84
N SER C 150 -66.37 2.53 -20.67
CA SER C 150 -66.58 2.90 -22.05
C SER C 150 -65.46 2.35 -22.92
N ASN C 151 -64.65 1.43 -22.38
CA ASN C 151 -63.45 0.88 -23.03
C ASN C 151 -62.49 1.99 -23.44
N LYS C 152 -62.37 3.01 -22.59
CA LYS C 152 -61.45 4.11 -22.80
C LYS C 152 -60.57 4.24 -21.57
N THR C 153 -59.26 4.22 -21.79
CA THR C 153 -58.31 4.15 -20.69
C THR C 153 -58.21 5.50 -19.97
N GLY C 154 -57.61 5.46 -18.77
CA GLY C 154 -57.36 6.67 -18.02
C GLY C 154 -57.93 6.67 -16.62
N ARG C 155 -58.29 5.49 -16.12
CA ARG C 155 -58.89 5.37 -14.80
C ARG C 155 -57.88 4.81 -13.82
N TYR C 156 -57.72 5.48 -12.68
CA TYR C 156 -56.82 5.07 -11.61
C TYR C 156 -57.65 4.50 -10.46
N PHE C 157 -57.53 3.21 -10.23
CA PHE C 157 -58.18 2.59 -9.09
C PHE C 157 -57.38 2.90 -7.82
N ASN C 158 -58.01 2.63 -6.68
CA ASN C 158 -57.46 2.81 -5.33
C ASN C 158 -57.12 4.29 -5.12
N HIS C 159 -56.18 4.58 -4.23
CA HIS C 159 -55.84 5.96 -3.91
C HIS C 159 -55.02 6.57 -5.02
N THR C 160 -55.29 7.84 -5.31
CA THR C 160 -54.70 8.55 -6.44
C THR C 160 -54.21 9.91 -5.98
N LEU C 161 -52.92 10.17 -6.14
CA LEU C 161 -52.38 11.49 -5.86
C LEU C 161 -52.70 12.43 -7.01
N VAL C 162 -53.37 13.54 -6.69
CA VAL C 162 -53.85 14.48 -7.69
C VAL C 162 -53.26 15.85 -7.37
N ILE C 163 -52.44 16.37 -8.28
CA ILE C 163 -51.80 17.67 -8.13
C ILE C 163 -52.42 18.62 -9.13
N LEU C 164 -52.95 19.74 -8.64
CA LEU C 164 -53.68 20.68 -9.48
C LEU C 164 -53.69 22.07 -8.86
N PRO C 165 -53.47 23.13 -9.66
CA PRO C 165 -53.35 24.47 -9.10
C PRO C 165 -54.68 25.16 -8.85
N GLU C 166 -54.65 26.12 -7.93
CA GLU C 166 -55.82 26.89 -7.49
C GLU C 166 -55.65 28.36 -7.83
N LYS C 167 -56.75 28.98 -8.28
CA LYS C 167 -56.91 30.43 -8.39
C LYS C 167 -55.84 31.03 -9.31
N CYS C 168 -55.93 30.64 -10.59
CA CYS C 168 -55.04 31.07 -11.67
C CYS C 168 -53.57 30.86 -11.32
N GLY C 169 -53.29 29.72 -10.70
CA GLY C 169 -51.92 29.34 -10.35
C GLY C 169 -51.27 30.17 -9.26
N THR C 170 -52.02 30.51 -8.20
CA THR C 170 -51.44 31.13 -7.02
C THR C 170 -51.41 30.20 -5.82
N GLN C 171 -52.08 29.05 -5.90
CA GLN C 171 -52.06 28.06 -4.83
C GLN C 171 -52.01 26.68 -5.46
N ILE C 172 -51.20 25.79 -4.88
CA ILE C 172 -51.03 24.43 -5.38
C ILE C 172 -51.67 23.47 -4.39
N THR C 173 -52.64 22.69 -4.86
CA THR C 173 -53.36 21.73 -4.03
C THR C 173 -52.99 20.33 -4.47
N ALA C 174 -52.52 19.51 -3.54
CA ALA C 174 -52.12 18.14 -3.82
C ALA C 174 -52.94 17.21 -2.93
N LEU C 175 -54.13 16.85 -3.40
CA LEU C 175 -54.98 15.91 -2.68
C LEU C 175 -54.71 14.49 -3.15
N TYR C 176 -54.75 13.55 -2.21
CA TYR C 176 -54.39 12.16 -2.48
C TYR C 176 -55.52 11.27 -1.96
N CYS C 177 -56.38 10.80 -2.86
CA CYS C 177 -57.49 9.93 -2.50
C CYS C 177 -58.14 9.32 -3.75
N VAL C 178 -59.12 8.45 -3.49
CA VAL C 178 -59.78 7.65 -4.51
C VAL C 178 -60.77 8.53 -5.27
N LEU C 179 -60.78 8.37 -6.59
CA LEU C 179 -61.68 9.10 -7.47
C LEU C 179 -62.68 8.12 -8.05
N GLN C 180 -63.87 8.07 -7.47
CA GLN C 180 -64.93 7.21 -7.97
C GLN C 180 -65.68 7.91 -9.09
N PRO C 181 -65.89 7.25 -10.23
CA PRO C 181 -66.65 7.86 -11.33
C PRO C 181 -68.10 8.10 -10.95
N LYS C 182 -68.66 9.17 -11.51
CA LYS C 182 -70.02 9.60 -11.21
C LYS C 182 -70.93 9.19 -12.36
N ASN C 183 -71.85 8.25 -12.10
CA ASN C 183 -72.71 7.68 -13.13
C ASN C 183 -73.77 8.71 -13.53
N GLN C 184 -73.38 9.59 -14.45
CA GLN C 184 -74.29 10.57 -15.03
C GLN C 184 -74.16 10.53 -16.54
N THR C 185 -74.77 11.49 -17.23
CA THR C 185 -74.65 11.58 -18.68
C THR C 185 -73.38 12.34 -19.04
N ASN C 186 -72.56 11.73 -19.89
CA ASN C 186 -71.30 12.24 -20.44
C ASN C 186 -70.19 12.44 -19.42
N CYS C 187 -70.43 12.18 -18.13
CA CYS C 187 -69.36 12.17 -17.15
C CYS C 187 -68.69 10.79 -17.12
N THR C 188 -67.64 10.67 -16.31
CA THR C 188 -66.92 9.41 -16.20
C THR C 188 -67.78 8.38 -15.48
N GLY C 189 -67.82 7.16 -16.01
CA GLY C 189 -68.59 6.09 -15.42
C GLY C 189 -69.84 5.70 -16.19
N HIS C 190 -70.05 6.22 -17.39
CA HIS C 190 -71.21 5.92 -18.21
C HIS C 190 -70.76 5.24 -19.50
N THR C 191 -71.73 4.71 -20.24
CA THR C 191 -71.43 4.10 -21.53
C THR C 191 -71.11 5.15 -22.59
N THR C 192 -71.58 6.38 -22.41
CA THR C 192 -71.29 7.48 -23.32
C THR C 192 -70.36 8.44 -22.59
N TYR C 193 -69.09 8.47 -23.03
CA TYR C 193 -68.07 9.23 -22.32
C TYR C 193 -66.91 9.49 -23.27
N THR C 194 -66.50 10.75 -23.39
CA THR C 194 -65.35 11.11 -24.22
C THR C 194 -64.10 11.38 -23.39
N SER C 195 -64.15 12.36 -22.50
CA SER C 195 -63.03 12.71 -21.62
C SER C 195 -63.53 13.61 -20.51
N TYR C 196 -62.69 13.77 -19.50
CA TYR C 196 -62.92 14.73 -18.42
C TYR C 196 -62.03 15.94 -18.64
N VAL C 197 -62.61 17.13 -18.52
CA VAL C 197 -61.91 18.39 -18.76
C VAL C 197 -61.99 19.22 -17.49
N LEU C 198 -60.87 19.81 -17.10
CA LEU C 198 -60.81 20.67 -15.95
C LEU C 198 -60.84 22.12 -16.44
N VAL C 199 -61.98 22.78 -16.23
CA VAL C 199 -62.24 24.09 -16.81
C VAL C 199 -62.43 25.11 -15.70
N GLU C 200 -62.02 26.35 -15.98
CA GLU C 200 -62.08 27.42 -15.00
C GLU C 200 -62.01 28.76 -15.74
N ASN C 201 -62.70 29.76 -15.19
CA ASN C 201 -62.86 31.05 -15.86
C ASN C 201 -61.61 31.91 -15.66
N LYS C 202 -61.73 33.20 -15.96
CA LYS C 202 -60.66 34.16 -15.71
C LYS C 202 -61.03 35.03 -14.52
N THR C 203 -60.18 35.06 -13.51
CA THR C 203 -60.42 35.86 -12.31
C THR C 203 -59.09 36.18 -11.62
N ASN C 211 -61.60 27.90 -9.00
CA ASN C 211 -61.03 26.73 -8.34
C ASN C 211 -61.11 25.50 -9.24
N LEU C 212 -60.05 24.71 -9.23
CA LEU C 212 -59.96 23.54 -10.10
C LEU C 212 -60.54 22.29 -9.44
N LYS C 213 -60.52 22.24 -8.12
CA LYS C 213 -61.05 21.08 -7.40
C LYS C 213 -62.55 20.97 -7.56
N GLN C 214 -63.26 22.10 -7.61
CA GLN C 214 -64.70 22.07 -7.83
C GLN C 214 -65.05 21.59 -9.24
N SER C 215 -64.15 21.81 -10.20
CA SER C 215 -64.32 21.20 -11.51
C SER C 215 -64.00 19.71 -11.48
N LEU C 216 -63.10 19.29 -10.58
CA LEU C 216 -62.86 17.87 -10.41
C LEU C 216 -64.04 17.16 -9.75
N GLN C 217 -64.81 17.85 -8.91
CA GLN C 217 -65.98 17.23 -8.30
C GLN C 217 -67.07 16.88 -9.31
N THR C 218 -67.08 17.54 -10.47
CA THR C 218 -68.12 17.24 -11.46
C THR C 218 -67.91 15.88 -12.11
N TRP C 219 -66.66 15.57 -12.48
CA TRP C 219 -66.39 14.32 -13.18
C TRP C 219 -66.25 13.16 -12.19
N PHE C 220 -65.43 13.32 -11.17
CA PHE C 220 -65.18 12.29 -10.19
C PHE C 220 -65.85 12.61 -8.87
N ASP C 221 -66.05 11.58 -8.05
CA ASP C 221 -66.67 11.72 -6.74
C ASP C 221 -65.65 11.27 -5.70
N LEU C 222 -65.12 12.21 -4.93
CA LEU C 222 -64.11 11.92 -3.92
C LEU C 222 -64.73 11.13 -2.77
N LYS C 223 -63.94 10.21 -2.21
CA LYS C 223 -64.43 9.36 -1.12
C LYS C 223 -63.26 8.88 -0.28
N ASP C 224 -63.40 9.00 1.05
CA ASP C 224 -62.44 8.52 2.05
C ASP C 224 -61.05 9.14 1.79
N CYS C 225 -60.99 10.45 1.98
CA CYS C 225 -59.87 11.22 1.46
C CYS C 225 -58.93 11.63 2.59
N LEU C 226 -57.65 11.32 2.43
CA LEU C 226 -56.69 11.41 3.52
C LEU C 226 -56.31 12.85 3.86
N PHE C 227 -55.67 13.55 2.92
CA PHE C 227 -55.17 14.89 3.19
C PHE C 227 -55.33 15.77 1.97
N GLU C 228 -55.04 17.05 2.17
CA GLU C 228 -55.07 18.04 1.09
C GLU C 228 -54.07 19.13 1.48
N LYS C 229 -52.87 19.08 0.92
CA LYS C 229 -51.84 20.05 1.22
C LYS C 229 -51.94 21.23 0.25
N LYS C 230 -51.84 22.45 0.79
CA LYS C 230 -51.92 23.67 0.00
C LYS C 230 -50.60 24.42 0.11
N TYR C 231 -50.04 24.78 -1.03
CA TYR C 231 -48.77 25.50 -1.11
C TYR C 231 -48.95 26.79 -1.88
N ASN C 232 -48.34 27.86 -1.40
CA ASN C 232 -48.48 29.18 -2.01
C ASN C 232 -47.39 29.42 -3.02
N VAL C 233 -47.77 29.95 -4.18
CA VAL C 233 -46.85 30.30 -5.25
C VAL C 233 -47.21 31.69 -5.78
N SER C 234 -46.20 32.52 -5.97
CA SER C 234 -46.38 33.88 -6.49
C SER C 234 -46.41 33.83 -8.02
N ALA C 235 -47.41 34.50 -8.61
CA ALA C 235 -47.58 34.47 -10.05
C ALA C 235 -46.48 35.27 -10.75
N ASP C 236 -45.87 34.66 -11.76
CA ASP C 236 -44.82 35.30 -12.55
C ASP C 236 -44.93 34.79 -13.98
N GLU C 237 -43.93 35.10 -14.80
CA GLU C 237 -43.87 34.61 -16.17
C GLU C 237 -42.56 33.93 -16.50
N ARG C 238 -41.65 33.79 -15.55
CA ARG C 238 -40.34 33.19 -15.80
C ARG C 238 -40.46 31.68 -15.90
N GLU C 239 -39.45 31.08 -16.52
CA GLU C 239 -39.41 29.63 -16.68
C GLU C 239 -39.14 28.95 -15.34
N GLU C 240 -39.94 27.93 -15.03
CA GLU C 240 -39.91 27.27 -13.73
C GLU C 240 -39.71 25.77 -13.94
N TRP C 241 -38.91 25.17 -13.07
CA TRP C 241 -38.68 23.74 -13.10
C TRP C 241 -39.40 23.07 -11.93
N PHE C 242 -40.09 21.97 -12.22
CA PHE C 242 -40.80 21.19 -11.22
C PHE C 242 -40.46 19.72 -11.42
N GLY C 243 -40.18 19.03 -10.33
CA GLY C 243 -39.83 17.63 -10.39
C GLY C 243 -40.45 16.85 -9.26
N ILE C 244 -40.68 15.57 -9.51
CA ILE C 244 -41.28 14.68 -8.53
C ILE C 244 -40.43 13.42 -8.45
N THR C 245 -40.36 12.85 -7.24
CA THR C 245 -39.52 11.69 -6.97
C THR C 245 -40.08 11.01 -5.74
N GLN C 246 -40.12 9.67 -5.77
CA GLN C 246 -40.66 8.87 -4.68
C GLN C 246 -39.55 8.08 -4.01
N ASP C 247 -39.52 8.12 -2.68
CA ASP C 247 -38.53 7.36 -1.91
C ASP C 247 -39.24 6.57 -0.82
N GLN C 248 -38.46 6.02 0.12
CA GLN C 248 -39.05 5.29 1.25
C GLN C 248 -39.82 6.23 2.17
N GLN C 249 -39.40 7.50 2.26
CA GLN C 249 -40.09 8.45 3.14
C GLN C 249 -41.42 8.87 2.57
N GLY C 250 -41.56 8.92 1.26
CA GLY C 250 -42.77 9.37 0.63
C GLY C 250 -42.46 9.95 -0.74
N VAL C 251 -43.45 10.63 -1.29
CA VAL C 251 -43.34 11.25 -2.61
C VAL C 251 -42.78 12.66 -2.41
N HIS C 252 -41.50 12.82 -2.65
CA HIS C 252 -40.87 14.14 -2.57
C HIS C 252 -41.30 15.00 -3.75
N LEU C 253 -41.37 16.30 -3.52
CA LEU C 253 -41.69 17.29 -4.54
C LEU C 253 -40.59 18.33 -4.59
N TYR C 254 -40.14 18.66 -5.80
CA TYR C 254 -39.04 19.57 -6.01
C TYR C 254 -39.50 20.71 -6.90
N THR C 255 -39.03 21.92 -6.59
CA THR C 255 -39.32 23.09 -7.41
C THR C 255 -38.09 24.00 -7.43
N SER C 256 -38.06 24.89 -8.43
CA SER C 256 -36.95 25.81 -8.60
C SER C 256 -37.17 27.14 -7.90
N ARG C 257 -38.25 27.28 -7.13
CA ARG C 257 -38.59 28.53 -6.47
C ARG C 257 -38.08 28.60 -5.03
N LYS C 258 -37.28 27.63 -4.60
CA LYS C 258 -36.71 27.64 -3.26
C LYS C 258 -35.42 28.45 -3.25
N ASN C 259 -35.11 29.01 -2.06
CA ASN C 259 -33.96 29.88 -1.84
C ASN C 259 -33.96 31.07 -2.80
N GLY C 260 -35.06 31.82 -2.76
CA GLY C 260 -35.28 32.82 -3.77
C GLY C 260 -35.67 32.13 -5.08
N PHE C 261 -35.61 32.90 -6.16
CA PHE C 261 -35.84 32.34 -7.50
C PHE C 261 -34.80 33.02 -8.39
N LYS C 262 -33.62 32.40 -8.49
CA LYS C 262 -32.54 32.96 -9.30
C LYS C 262 -31.77 31.88 -10.05
N SER C 263 -32.29 30.67 -10.16
CA SER C 263 -31.57 29.58 -10.81
C SER C 263 -32.58 28.55 -11.29
N ASN C 264 -32.08 27.59 -12.07
CA ASN C 264 -32.90 26.48 -12.55
C ASN C 264 -32.73 25.22 -11.71
N ASN C 265 -31.95 25.27 -10.63
CA ASN C 265 -31.82 24.14 -9.74
C ASN C 265 -33.09 23.96 -8.92
N MET C 266 -33.34 22.71 -8.51
CA MET C 266 -34.56 22.36 -7.80
C MET C 266 -34.23 21.87 -6.40
N PHE C 267 -34.99 22.35 -5.42
CA PHE C 267 -34.81 21.98 -4.03
C PHE C 267 -36.14 21.46 -3.49
N LEU C 268 -36.04 20.55 -2.52
CA LEU C 268 -37.22 19.89 -1.99
C LEU C 268 -38.06 20.87 -1.18
N PHE C 269 -39.35 20.93 -1.46
CA PHE C 269 -40.27 21.78 -0.72
C PHE C 269 -41.46 21.05 -0.12
N ALA C 270 -41.65 19.77 -0.42
CA ALA C 270 -42.77 19.02 0.12
C ALA C 270 -42.42 17.54 0.15
N THR C 271 -43.02 16.83 1.10
CA THR C 271 -42.88 15.37 1.21
C THR C 271 -44.24 14.83 1.62
N LEU C 272 -45.04 14.45 0.64
CA LEU C 272 -46.38 13.94 0.92
C LEU C 272 -46.29 12.48 1.36
N PRO C 273 -46.95 12.09 2.45
CA PRO C 273 -46.90 10.69 2.87
C PRO C 273 -47.74 9.79 1.97
N ILE C 274 -47.07 9.08 1.06
CA ILE C 274 -47.69 8.12 0.17
C ILE C 274 -46.77 6.91 0.16
N TYR C 275 -47.18 5.84 0.84
CA TYR C 275 -46.27 4.75 1.16
C TYR C 275 -46.42 3.55 0.23
N GLU C 276 -47.30 3.61 -0.76
CA GLU C 276 -47.30 2.66 -1.86
C GLU C 276 -46.83 3.38 -3.11
N ARG C 277 -46.12 2.67 -3.98
CA ARG C 277 -45.46 3.33 -5.08
C ARG C 277 -46.44 3.69 -6.19
N LEU C 278 -46.33 4.92 -6.67
CA LEU C 278 -47.01 5.36 -7.86
C LEU C 278 -46.26 4.83 -9.08
N ARG C 279 -46.99 4.16 -9.98
CA ARG C 279 -46.38 3.62 -11.18
C ARG C 279 -46.82 4.31 -12.46
N TYR C 280 -47.88 5.11 -12.41
CA TYR C 280 -48.41 5.74 -13.60
C TYR C 280 -48.74 7.20 -13.30
N TYR C 281 -48.74 8.01 -14.35
CA TYR C 281 -49.15 9.40 -14.24
C TYR C 281 -49.78 9.84 -15.55
N THR C 282 -50.77 10.73 -15.44
CA THR C 282 -51.37 11.34 -16.61
C THR C 282 -51.55 12.83 -16.34
N VAL C 283 -52.00 13.55 -17.36
CA VAL C 283 -52.15 14.99 -17.32
C VAL C 283 -53.62 15.33 -17.54
N MET C 284 -54.19 16.15 -16.66
CA MET C 284 -55.52 16.68 -16.91
C MET C 284 -55.53 17.52 -18.19
N PRO C 285 -56.45 17.27 -19.10
CA PRO C 285 -56.63 18.19 -20.22
C PRO C 285 -57.32 19.46 -19.74
N ARG C 286 -56.60 20.57 -19.67
CA ARG C 286 -57.13 21.83 -19.15
C ARG C 286 -57.42 22.79 -20.29
N SER C 287 -58.60 23.41 -20.24
CA SER C 287 -58.96 24.50 -21.13
C SER C 287 -59.59 25.62 -20.32
N ILE C 288 -59.22 26.85 -20.63
CA ILE C 288 -59.64 28.03 -19.87
C ILE C 288 -60.63 28.82 -20.70
N LYS C 289 -61.78 29.13 -20.10
CA LYS C 289 -62.81 29.90 -20.79
C LYS C 289 -62.36 31.33 -21.02
N THR C 290 -62.55 31.82 -22.23
CA THR C 290 -62.13 33.17 -22.61
C THR C 290 -63.12 34.24 -22.16
N ASN C 294 -60.96 34.19 -30.70
CA ASN C 294 -59.78 33.35 -30.88
C ASN C 294 -58.51 34.10 -30.46
N ASP C 295 -58.36 35.32 -30.95
CA ASP C 295 -57.18 36.14 -30.67
C ASP C 295 -57.38 36.92 -29.37
N HIS C 296 -57.40 36.17 -28.28
CA HIS C 296 -57.55 36.75 -26.95
C HIS C 296 -56.30 36.56 -26.09
N MET C 297 -55.86 35.32 -25.90
CA MET C 297 -54.62 35.03 -25.19
C MET C 297 -54.16 33.64 -25.58
N ALA C 298 -52.92 33.32 -25.23
CA ALA C 298 -52.37 32.01 -25.52
C ALA C 298 -51.62 31.50 -24.30
N TRP C 299 -51.51 30.18 -24.20
CA TRP C 299 -50.91 29.53 -23.06
C TRP C 299 -49.67 28.75 -23.49
N SER C 300 -48.68 28.71 -22.61
CA SER C 300 -47.41 28.07 -22.90
C SER C 300 -47.56 26.55 -22.91
N ALA C 301 -46.50 25.89 -23.35
CA ALA C 301 -46.45 24.42 -23.41
C ALA C 301 -45.42 23.92 -22.42
N PHE C 302 -45.82 22.97 -21.59
CA PHE C 302 -44.94 22.38 -20.60
C PHE C 302 -44.41 21.04 -21.09
N TYR C 303 -43.14 20.77 -20.82
CA TYR C 303 -42.46 19.58 -21.29
C TYR C 303 -42.12 18.69 -20.10
N ILE C 304 -42.33 17.39 -20.25
CA ILE C 304 -42.09 16.42 -19.19
C ILE C 304 -41.00 15.46 -19.64
N TYR C 305 -39.91 15.41 -18.87
CA TYR C 305 -38.78 14.54 -19.15
C TYR C 305 -38.65 13.49 -18.05
N GLN C 306 -38.24 12.29 -18.43
CA GLN C 306 -38.12 11.21 -17.48
C GLN C 306 -36.76 11.25 -16.76
N LEU C 307 -36.75 10.78 -15.52
CA LEU C 307 -35.54 10.70 -14.73
C LEU C 307 -34.96 9.30 -14.82
N HIS C 308 -33.67 9.22 -15.13
CA HIS C 308 -32.96 7.95 -15.21
C HIS C 308 -31.88 7.91 -14.14
N LYS C 309 -31.57 6.71 -13.68
CA LYS C 309 -30.48 6.50 -12.74
C LYS C 309 -29.18 6.46 -13.53
N LEU C 310 -28.43 7.57 -13.50
CA LEU C 310 -27.20 7.68 -14.27
C LEU C 310 -26.29 8.70 -13.59
N ASN C 311 -25.13 8.92 -14.18
CA ASN C 311 -24.08 9.74 -13.59
C ASN C 311 -23.91 11.04 -14.36
N TYR C 312 -23.91 12.16 -13.64
CA TYR C 312 -23.38 13.41 -14.16
C TYR C 312 -22.06 13.77 -13.49
N LEU C 313 -21.31 14.62 -14.18
CA LEU C 313 -20.20 15.34 -13.60
C LEU C 313 -20.65 16.80 -13.49
N VAL C 314 -20.84 17.27 -12.26
CA VAL C 314 -21.43 18.58 -12.02
C VAL C 314 -20.36 19.55 -11.53
N GLU C 315 -20.66 20.84 -11.66
CA GLU C 315 -19.75 21.89 -11.26
C GLU C 315 -20.54 22.93 -10.49
N PHE C 316 -20.19 23.12 -9.22
CA PHE C 316 -20.87 24.08 -8.35
C PHE C 316 -20.18 25.44 -8.42
N ASP C 317 -20.95 26.49 -8.18
CA ASP C 317 -20.38 27.81 -8.25
C ASP C 317 -20.09 28.33 -6.87
N VAL C 318 -19.93 29.62 -6.70
CA VAL C 318 -19.48 30.14 -5.41
C VAL C 318 -20.60 30.12 -4.36
N GLU C 319 -21.86 30.26 -4.77
CA GLU C 319 -22.98 30.14 -3.85
C GLU C 319 -23.56 28.74 -3.81
N GLY C 320 -22.83 27.75 -4.31
CA GLY C 320 -23.25 26.36 -4.23
C GLY C 320 -24.43 25.99 -5.09
N TYR C 321 -24.51 26.51 -6.31
CA TYR C 321 -25.54 26.16 -7.27
C TYR C 321 -24.91 25.45 -8.46
N ILE C 322 -25.64 24.50 -9.04
CA ILE C 322 -25.16 23.79 -10.22
C ILE C 322 -25.34 24.69 -11.43
N VAL C 323 -24.24 25.07 -12.06
CA VAL C 323 -24.28 25.93 -13.24
C VAL C 323 -24.02 25.16 -14.52
N ARG C 324 -23.35 24.02 -14.47
CA ARG C 324 -23.15 23.20 -15.65
C ARG C 324 -22.92 21.76 -15.23
N ALA C 325 -23.43 20.82 -16.04
CA ALA C 325 -23.28 19.40 -15.80
C ALA C 325 -22.83 18.73 -17.09
N SER C 326 -22.56 17.44 -17.00
CA SER C 326 -22.07 16.68 -18.15
C SER C 326 -22.63 15.27 -18.09
N ASP C 327 -23.54 14.95 -19.00
CA ASP C 327 -24.08 13.60 -19.10
C ASP C 327 -23.00 12.65 -19.57
N CYS C 328 -22.64 11.68 -18.72
CA CYS C 328 -21.43 10.89 -18.92
C CYS C 328 -21.50 10.03 -20.19
N GLY C 329 -22.64 9.41 -20.44
CA GLY C 329 -22.76 8.56 -21.61
C GLY C 329 -23.22 9.24 -22.87
N ALA C 330 -23.31 10.56 -22.89
CA ALA C 330 -23.90 11.27 -24.02
C ALA C 330 -22.97 11.28 -25.23
N ASN C 331 -21.82 11.92 -25.11
CA ASN C 331 -20.86 12.04 -26.19
C ASN C 331 -19.65 11.16 -25.91
N ASP C 332 -18.63 11.29 -26.76
CA ASP C 332 -17.31 10.76 -26.44
C ASP C 332 -16.51 11.77 -25.62
N TYR C 333 -16.71 13.06 -25.85
CA TYR C 333 -16.05 14.10 -25.09
C TYR C 333 -16.55 14.15 -23.65
N THR C 334 -17.83 13.84 -23.43
CA THR C 334 -18.31 13.78 -22.06
C THR C 334 -17.88 12.49 -21.36
N GLN C 335 -17.65 11.41 -22.11
CA GLN C 335 -16.98 10.25 -21.52
C GLN C 335 -15.56 10.61 -21.09
N LEU C 336 -14.89 11.45 -21.88
CA LEU C 336 -13.56 11.94 -21.49
C LEU C 336 -13.63 12.79 -20.22
N GLN C 337 -14.61 13.71 -20.17
CA GLN C 337 -14.76 14.59 -19.01
C GLN C 337 -15.12 13.81 -17.75
N CYS C 338 -15.99 12.81 -17.88
CA CYS C 338 -16.38 12.01 -16.73
C CYS C 338 -15.29 11.05 -16.31
N SER C 339 -14.47 10.57 -17.24
CA SER C 339 -13.39 9.65 -16.90
C SER C 339 -12.24 10.35 -16.20
N TYR C 340 -11.99 11.63 -16.52
CA TYR C 340 -10.94 12.34 -15.81
C TYR C 340 -11.46 13.28 -14.72
N GLY C 341 -12.78 13.45 -14.59
CA GLY C 341 -13.33 14.31 -13.56
C GLY C 341 -12.96 15.76 -13.71
N GLN C 342 -12.96 16.27 -14.94
CA GLN C 342 -12.53 17.62 -15.22
C GLN C 342 -13.38 18.17 -16.36
N PHE C 343 -13.71 19.46 -16.28
CA PHE C 343 -14.51 20.10 -17.32
C PHE C 343 -13.63 20.71 -18.40
N ASP C 344 -12.75 21.63 -18.02
CA ASP C 344 -11.88 22.31 -18.97
C ASP C 344 -10.64 21.46 -19.22
N MET C 345 -10.48 20.99 -20.45
CA MET C 345 -9.44 20.05 -20.81
C MET C 345 -8.42 20.70 -21.74
N ASN C 346 -7.25 20.08 -21.82
CA ASN C 346 -6.19 20.51 -22.72
C ASN C 346 -6.17 19.62 -23.95
N SER C 347 -5.56 20.13 -25.02
CA SER C 347 -5.50 19.39 -26.27
C SER C 347 -4.56 18.19 -26.15
N GLY C 348 -5.00 17.05 -26.64
CA GLY C 348 -4.18 15.86 -26.61
C GLY C 348 -5.00 14.62 -26.81
N VAL C 349 -4.30 13.52 -27.00
CA VAL C 349 -4.93 12.20 -27.12
C VAL C 349 -5.01 11.59 -25.73
N TYR C 350 -6.19 11.15 -25.35
CA TYR C 350 -6.47 10.70 -23.99
C TYR C 350 -6.88 9.23 -24.00
N SER C 351 -7.32 8.74 -22.84
CA SER C 351 -7.84 7.39 -22.69
C SER C 351 -9.15 7.49 -21.93
N ALA C 352 -10.25 7.14 -22.60
CA ALA C 352 -11.58 7.28 -22.03
C ALA C 352 -12.13 5.92 -21.60
N SER C 353 -13.17 5.98 -20.77
CA SER C 353 -13.85 4.79 -20.25
C SER C 353 -15.23 4.69 -20.90
N TYR C 354 -15.93 3.61 -20.60
CA TYR C 354 -17.30 3.41 -21.07
C TYR C 354 -18.25 3.77 -19.95
N PHE C 355 -19.09 4.78 -20.18
CA PHE C 355 -20.15 5.12 -19.24
C PHE C 355 -21.52 4.74 -19.78
N ASN C 356 -21.57 3.96 -20.86
CA ASN C 356 -22.82 3.50 -21.45
C ASN C 356 -22.85 2.00 -21.63
N ALA C 357 -21.94 1.27 -20.96
CA ALA C 357 -21.83 -0.17 -21.10
C ALA C 357 -22.62 -0.93 -20.04
N GLN C 358 -23.73 -0.37 -19.57
CA GLN C 358 -24.59 -1.08 -18.64
C GLN C 358 -25.29 -2.24 -19.35
N PRO C 359 -25.57 -3.32 -18.63
CA PRO C 359 -26.23 -4.47 -19.28
C PRO C 359 -27.65 -4.16 -19.72
N ARG C 360 -28.02 -4.69 -20.88
CA ARG C 360 -29.33 -4.44 -21.48
C ARG C 360 -30.08 -5.73 -21.77
N GLY C 361 -29.75 -6.82 -21.09
CA GLY C 361 -30.40 -8.08 -21.38
C GLY C 361 -30.16 -9.08 -20.27
N TYR C 362 -30.61 -10.31 -20.52
CA TYR C 362 -30.45 -11.39 -19.55
C TYR C 362 -30.44 -12.72 -20.29
N TYR C 363 -29.64 -13.66 -19.78
CA TYR C 363 -29.57 -15.00 -20.35
C TYR C 363 -29.35 -16.00 -19.22
N TYR C 364 -30.13 -17.08 -19.22
CA TYR C 364 -30.04 -18.11 -18.19
C TYR C 364 -30.26 -19.47 -18.81
N VAL C 365 -29.25 -20.33 -18.74
CA VAL C 365 -29.38 -21.73 -19.12
C VAL C 365 -28.74 -22.59 -18.05
N ALA C 366 -29.21 -23.83 -17.94
CA ALA C 366 -28.66 -24.79 -17.01
C ALA C 366 -29.00 -26.19 -17.50
N ASN C 367 -28.24 -27.16 -17.03
CA ASN C 367 -28.48 -28.55 -17.39
C ASN C 367 -29.76 -29.03 -16.73
N GLU C 368 -30.59 -29.74 -17.50
CA GLU C 368 -31.84 -30.28 -17.02
C GLU C 368 -31.67 -31.78 -16.78
N LEU C 369 -31.83 -32.20 -15.52
CA LEU C 369 -31.62 -33.59 -15.15
C LEU C 369 -32.76 -34.11 -14.29
N GLU C 370 -32.63 -35.32 -13.77
CA GLU C 370 -33.66 -35.88 -12.92
C GLU C 370 -33.67 -35.19 -11.55
N GLU C 371 -34.79 -35.32 -10.85
CA GLU C 371 -34.93 -34.73 -9.54
C GLU C 371 -34.08 -35.48 -8.52
N CYS C 372 -33.38 -34.74 -7.66
CA CYS C 372 -32.62 -35.35 -6.58
C CYS C 372 -33.58 -35.96 -5.56
N ALA C 373 -33.10 -37.03 -4.91
CA ALA C 373 -33.90 -37.75 -3.92
C ALA C 373 -33.81 -37.05 -2.56
N LEU C 374 -34.46 -35.90 -2.48
CA LEU C 374 -34.60 -35.20 -1.21
C LEU C 374 -35.74 -35.72 -0.35
N ASP C 375 -36.48 -36.71 -0.85
CA ASP C 375 -37.57 -37.31 -0.07
C ASP C 375 -37.08 -38.34 0.93
N VAL C 376 -35.78 -38.69 0.91
CA VAL C 376 -35.23 -39.57 1.93
C VAL C 376 -35.03 -38.89 3.27
N LEU C 377 -35.15 -37.56 3.30
CA LEU C 377 -35.02 -36.81 4.55
C LEU C 377 -36.24 -36.99 5.44
N PHE C 378 -37.37 -37.43 4.88
CA PHE C 378 -38.65 -37.48 5.56
C PHE C 378 -39.23 -38.88 5.51
N LYS C 379 -38.42 -39.87 5.83
CA LYS C 379 -38.87 -41.26 5.86
C LYS C 379 -37.97 -42.04 6.81
N ASN C 380 -38.36 -43.29 7.06
CA ASN C 380 -37.83 -44.17 8.13
C ASN C 380 -38.03 -43.42 9.45
N ILE C 381 -37.04 -43.40 10.33
CA ILE C 381 -37.12 -42.72 11.61
C ILE C 381 -36.10 -41.59 11.61
N ALA C 382 -36.31 -40.63 12.50
CA ALA C 382 -35.37 -39.53 12.64
C ALA C 382 -34.08 -40.04 13.26
N PRO C 383 -32.92 -39.80 12.66
CA PRO C 383 -31.69 -40.39 13.16
C PRO C 383 -31.23 -39.74 14.45
N GLN C 384 -30.52 -40.52 15.25
CA GLN C 384 -29.86 -39.99 16.43
C GLN C 384 -28.68 -39.12 16.01
N ILE C 385 -28.27 -38.23 16.90
CA ILE C 385 -27.07 -37.44 16.61
C ILE C 385 -25.83 -38.32 16.69
N ALA C 386 -25.85 -39.37 17.52
CA ALA C 386 -24.72 -40.27 17.61
C ALA C 386 -24.61 -41.17 16.39
N ASN C 387 -25.69 -41.36 15.64
CA ASN C 387 -25.72 -42.19 14.45
C ASN C 387 -26.43 -41.45 13.31
N TYR C 388 -26.01 -40.22 13.06
CA TYR C 388 -26.62 -39.44 11.99
C TYR C 388 -26.23 -39.99 10.62
N SER C 389 -27.05 -39.65 9.63
CA SER C 389 -26.87 -40.16 8.28
C SER C 389 -26.52 -39.02 7.34
N ARG C 390 -25.74 -39.34 6.31
CA ARG C 390 -25.27 -38.37 5.34
C ARG C 390 -25.69 -38.82 3.95
N ARG C 391 -26.13 -37.86 3.12
CA ARG C 391 -26.43 -38.11 1.73
C ARG C 391 -25.71 -37.09 0.87
N VAL C 392 -25.14 -37.55 -0.24
CA VAL C 392 -24.46 -36.68 -1.19
C VAL C 392 -25.20 -36.77 -2.51
N PHE C 393 -25.65 -35.62 -3.01
CA PHE C 393 -26.46 -35.55 -4.22
C PHE C 393 -25.63 -34.97 -5.36
N THR C 394 -25.46 -35.75 -6.43
CA THR C 394 -24.73 -35.32 -7.60
C THR C 394 -25.50 -35.71 -8.85
N ASN C 395 -25.26 -34.96 -9.94
CA ASN C 395 -25.80 -35.23 -11.27
C ASN C 395 -27.33 -35.24 -11.29
N CYS C 396 -27.94 -34.37 -10.49
CA CYS C 396 -29.39 -34.27 -10.45
C CYS C 396 -29.77 -32.83 -10.15
N ASN C 397 -30.97 -32.45 -10.57
CA ASN C 397 -31.53 -31.16 -10.22
C ASN C 397 -32.30 -31.27 -8.90
N TYR C 398 -32.14 -30.27 -8.05
CA TYR C 398 -32.72 -30.31 -6.71
C TYR C 398 -33.81 -29.25 -6.56
N ASN C 399 -34.82 -29.58 -5.77
CA ASN C 399 -35.91 -28.66 -5.43
C ASN C 399 -35.95 -28.57 -3.91
N LEU C 400 -35.37 -27.50 -3.36
CA LEU C 400 -35.29 -27.32 -1.92
C LEU C 400 -36.62 -26.90 -1.29
N THR C 401 -37.61 -26.54 -2.12
CA THR C 401 -38.93 -26.23 -1.61
C THR C 401 -39.60 -27.46 -1.02
N LYS C 402 -39.26 -28.66 -1.53
CA LYS C 402 -39.73 -29.89 -0.90
C LYS C 402 -39.17 -30.08 0.50
N LEU C 403 -38.01 -29.50 0.79
CA LEU C 403 -37.48 -29.52 2.15
C LEU C 403 -38.14 -28.45 3.01
N LEU C 404 -38.23 -27.22 2.50
CA LEU C 404 -38.63 -26.08 3.32
C LEU C 404 -40.14 -25.90 3.43
N SER C 405 -40.95 -26.72 2.78
CA SER C 405 -42.39 -26.61 2.92
C SER C 405 -42.95 -27.51 4.01
N LEU C 406 -42.28 -28.59 4.35
CA LEU C 406 -42.76 -29.53 5.36
C LEU C 406 -42.22 -29.24 6.75
N VAL C 407 -41.37 -28.22 6.91
CA VAL C 407 -40.76 -27.91 8.19
C VAL C 407 -41.06 -26.46 8.54
N GLU C 408 -40.91 -26.15 9.82
CA GLU C 408 -41.07 -24.78 10.34
C GLU C 408 -39.69 -24.34 10.81
N VAL C 409 -38.94 -23.70 9.91
CA VAL C 409 -37.60 -23.25 10.23
C VAL C 409 -37.67 -22.05 11.16
N ASP C 410 -36.94 -22.12 12.27
CA ASP C 410 -36.83 -20.98 13.17
C ASP C 410 -35.39 -20.67 13.57
N GLU C 411 -34.41 -21.24 12.87
CA GLU C 411 -33.00 -20.87 13.04
C GLU C 411 -32.22 -21.37 11.83
N PHE C 412 -31.39 -20.51 11.27
CA PHE C 412 -30.42 -20.94 10.28
C PHE C 412 -29.10 -20.24 10.54
N VAL C 413 -28.00 -20.98 10.44
CA VAL C 413 -26.66 -20.45 10.57
C VAL C 413 -25.89 -20.84 9.31
N CYS C 414 -25.47 -19.85 8.53
CA CYS C 414 -24.80 -20.08 7.26
C CYS C 414 -23.52 -19.28 7.18
N ASP C 415 -22.53 -19.83 6.47
CA ASP C 415 -21.32 -19.12 6.12
C ASP C 415 -21.03 -19.34 4.66
N LYS C 416 -20.47 -18.31 4.02
CA LYS C 416 -20.13 -18.24 2.60
C LYS C 416 -21.35 -18.40 1.68
N THR C 417 -22.56 -18.36 2.22
CA THR C 417 -23.79 -18.53 1.45
C THR C 417 -24.93 -18.03 2.32
N THR C 418 -26.13 -18.00 1.72
CA THR C 418 -27.35 -17.63 2.39
C THR C 418 -28.43 -18.63 2.01
N PRO C 419 -29.45 -18.81 2.85
CA PRO C 419 -30.60 -19.65 2.44
C PRO C 419 -31.34 -19.15 1.21
N GLU C 420 -31.33 -17.84 0.94
CA GLU C 420 -31.95 -17.35 -0.28
C GLU C 420 -31.16 -17.82 -1.52
N SER C 421 -29.84 -17.90 -1.40
CA SER C 421 -28.99 -18.35 -2.49
C SER C 421 -28.70 -19.84 -2.44
N LEU C 422 -29.13 -20.54 -1.39
CA LEU C 422 -29.01 -21.99 -1.36
C LEU C 422 -30.06 -22.65 -2.25
N ALA C 423 -31.23 -22.03 -2.40
CA ALA C 423 -32.26 -22.57 -3.28
C ALA C 423 -31.85 -22.46 -4.74
N THR C 424 -31.28 -21.31 -5.13
CA THR C 424 -30.74 -21.14 -6.47
C THR C 424 -29.27 -21.53 -6.46
N GLY C 425 -28.56 -21.24 -7.55
CA GLY C 425 -27.14 -21.52 -7.59
C GLY C 425 -26.82 -22.98 -7.89
N CYS C 426 -25.80 -23.21 -8.71
CA CYS C 426 -25.42 -24.56 -9.12
C CYS C 426 -24.12 -24.95 -8.43
N TYR C 427 -24.08 -26.16 -7.89
CA TYR C 427 -22.95 -26.69 -7.15
C TYR C 427 -22.32 -27.84 -7.91
N SER C 428 -21.30 -28.44 -7.31
CA SER C 428 -20.77 -29.71 -7.80
C SER C 428 -21.27 -30.90 -7.03
N SER C 429 -21.67 -30.71 -5.77
CA SER C 429 -22.27 -31.74 -4.96
C SER C 429 -23.11 -31.06 -3.89
N LEU C 430 -23.91 -31.86 -3.20
CA LEU C 430 -24.80 -31.36 -2.15
C LEU C 430 -24.80 -32.38 -1.02
N VAL C 431 -24.08 -32.08 0.05
CA VAL C 431 -23.98 -32.96 1.20
C VAL C 431 -24.98 -32.51 2.24
N VAL C 432 -25.87 -33.41 2.65
CA VAL C 432 -26.91 -33.12 3.64
C VAL C 432 -26.70 -34.03 4.83
N ASP C 433 -26.58 -33.44 6.02
CA ASP C 433 -26.45 -34.17 7.27
C ASP C 433 -27.65 -33.83 8.14
N TRP C 434 -28.35 -34.84 8.64
CA TRP C 434 -29.51 -34.56 9.47
C TRP C 434 -29.59 -35.53 10.63
N PHE C 435 -30.15 -35.03 11.72
CA PHE C 435 -30.37 -35.79 12.95
C PHE C 435 -31.43 -35.06 13.76
N ALA C 436 -31.88 -35.71 14.83
CA ALA C 436 -32.87 -35.13 15.73
C ALA C 436 -32.15 -34.51 16.93
N LEU C 437 -32.54 -33.28 17.28
CA LEU C 437 -31.91 -32.58 18.39
C LEU C 437 -32.87 -31.51 18.90
N PRO C 438 -33.01 -31.36 20.22
CA PRO C 438 -33.90 -30.31 20.73
C PRO C 438 -33.33 -28.92 20.50
N LEU C 439 -34.23 -27.94 20.50
CA LEU C 439 -33.84 -26.55 20.32
C LEU C 439 -33.22 -25.96 21.57
N SER C 440 -33.45 -26.57 22.73
CA SER C 440 -32.89 -26.07 23.98
C SER C 440 -31.37 -26.27 24.04
N MET C 441 -30.83 -27.21 23.29
CA MET C 441 -29.40 -27.47 23.24
C MET C 441 -28.85 -27.20 21.85
N LYS C 442 -29.33 -26.14 21.22
CA LYS C 442 -28.82 -25.71 19.92
C LYS C 442 -27.52 -24.94 20.01
N SER C 443 -27.11 -24.53 21.21
CA SER C 443 -25.82 -23.88 21.38
C SER C 443 -24.67 -24.87 21.43
N THR C 444 -24.96 -26.17 21.58
CA THR C 444 -23.91 -27.17 21.55
C THR C 444 -23.40 -27.42 20.14
N LEU C 445 -24.18 -27.04 19.13
CA LEU C 445 -23.75 -27.11 17.73
C LEU C 445 -23.12 -25.81 17.25
N ALA C 446 -23.08 -24.79 18.09
CA ALA C 446 -22.49 -23.51 17.70
C ALA C 446 -20.98 -23.65 17.57
N ILE C 447 -20.38 -22.70 16.86
CA ILE C 447 -18.95 -22.78 16.58
C ILE C 447 -18.17 -22.41 17.84
N GLY C 448 -17.13 -23.18 18.14
CA GLY C 448 -16.34 -22.96 19.33
C GLY C 448 -16.92 -23.54 20.59
N SER C 449 -17.95 -24.37 20.50
CA SER C 449 -18.59 -24.92 21.69
C SER C 449 -17.70 -25.94 22.36
N ALA C 450 -17.75 -25.97 23.69
CA ALA C 450 -16.95 -26.88 24.50
C ALA C 450 -17.78 -28.04 25.05
N GLU C 451 -19.02 -28.20 24.59
CA GLU C 451 -19.87 -29.27 25.09
C GLU C 451 -19.46 -30.61 24.49
N ALA C 452 -20.09 -31.67 25.00
CA ALA C 452 -19.75 -33.02 24.55
C ALA C 452 -20.28 -33.32 23.16
N ILE C 453 -21.19 -32.52 22.63
CA ILE C 453 -21.72 -32.75 21.29
C ILE C 453 -20.65 -32.44 20.24
N SER C 454 -19.96 -31.32 20.38
CA SER C 454 -19.05 -30.84 19.36
C SER C 454 -17.70 -31.57 19.34
N MET C 455 -17.42 -32.42 20.33
CA MET C 455 -16.16 -33.13 20.36
C MET C 455 -16.28 -34.63 20.16
N PHE C 456 -17.47 -35.20 20.36
CA PHE C 456 -17.67 -36.64 20.20
C PHE C 456 -18.76 -37.02 19.22
N ASN C 457 -19.65 -36.10 18.84
CA ASN C 457 -20.81 -36.46 18.03
C ASN C 457 -20.77 -35.81 16.65
N TYR C 458 -20.65 -34.49 16.56
CA TYR C 458 -20.73 -33.82 15.26
C TYR C 458 -19.87 -32.57 15.28
N ASN C 459 -18.75 -32.60 14.56
CA ASN C 459 -17.92 -31.43 14.34
C ASN C 459 -18.17 -30.94 12.92
N GLN C 460 -18.54 -29.68 12.78
CA GLN C 460 -18.90 -29.13 11.48
C GLN C 460 -17.67 -28.66 10.73
N ASP C 461 -17.61 -28.99 9.45
CA ASP C 461 -16.53 -28.55 8.57
C ASP C 461 -16.88 -27.19 7.99
N TYR C 462 -16.11 -26.18 8.36
CA TYR C 462 -16.39 -24.80 7.96
C TYR C 462 -15.56 -24.35 6.77
N SER C 463 -14.91 -25.28 6.08
CA SER C 463 -14.12 -24.94 4.90
C SER C 463 -14.95 -24.78 3.64
N ASN C 464 -16.24 -25.11 3.69
CA ASN C 464 -17.14 -25.07 2.55
C ASN C 464 -18.39 -24.29 2.93
N PRO C 465 -19.10 -23.74 1.95
CA PRO C 465 -20.37 -23.07 2.24
C PRO C 465 -21.39 -24.04 2.81
N THR C 466 -21.91 -23.71 3.99
CA THR C 466 -22.83 -24.57 4.72
C THR C 466 -24.04 -23.77 5.19
N CYS C 467 -25.09 -24.51 5.55
CA CYS C 467 -26.26 -23.92 6.20
C CYS C 467 -26.81 -24.94 7.20
N ARG C 468 -26.75 -24.61 8.48
CA ARG C 468 -27.29 -25.47 9.54
C ARG C 468 -28.70 -24.99 9.87
N ILE C 469 -29.69 -25.79 9.51
CA ILE C 469 -31.09 -25.41 9.61
C ILE C 469 -31.70 -26.15 10.81
N HIS C 470 -32.06 -25.40 11.84
CA HIS C 470 -32.81 -25.93 12.98
C HIS C 470 -34.29 -25.80 12.65
N ALA C 471 -34.92 -26.91 12.29
CA ALA C 471 -36.30 -26.90 11.84
C ALA C 471 -37.11 -27.89 12.64
N THR C 472 -38.41 -27.65 12.72
CA THR C 472 -39.33 -28.54 13.42
C THR C 472 -40.46 -28.97 12.48
N ILE C 473 -40.96 -30.17 12.71
CA ILE C 473 -42.06 -30.74 11.94
C ILE C 473 -43.21 -31.00 12.90
N ASN C 474 -44.36 -30.38 12.64
CA ASN C 474 -45.52 -30.59 13.50
C ASN C 474 -46.05 -32.01 13.31
N SER C 475 -46.85 -32.44 14.28
CA SER C 475 -47.31 -33.84 14.32
C SER C 475 -48.24 -34.20 13.18
N ASN C 476 -48.96 -33.23 12.63
CA ASN C 476 -49.89 -33.53 11.54
C ASN C 476 -49.14 -33.91 10.26
N VAL C 477 -48.15 -33.10 9.88
CA VAL C 477 -47.36 -33.36 8.69
C VAL C 477 -46.50 -34.61 8.88
N SER C 478 -45.88 -34.76 10.05
CA SER C 478 -45.02 -35.91 10.31
C SER C 478 -45.82 -37.20 10.34
N SER C 479 -47.04 -37.17 10.88
CA SER C 479 -47.90 -38.34 10.83
C SER C 479 -48.44 -38.58 9.43
N SER C 480 -48.52 -37.55 8.59
CA SER C 480 -48.98 -37.76 7.23
C SER C 480 -47.96 -38.53 6.40
N LEU C 481 -46.67 -38.23 6.57
CA LEU C 481 -45.61 -38.84 5.77
C LEU C 481 -44.79 -39.86 6.55
N ASN C 482 -45.32 -40.35 7.69
CA ASN C 482 -44.73 -41.44 8.48
C ASN C 482 -43.33 -41.08 8.98
N PHE C 483 -43.22 -39.93 9.61
CA PHE C 483 -41.99 -39.53 10.30
C PHE C 483 -42.21 -39.72 11.80
N THR C 484 -41.51 -40.69 12.38
CA THR C 484 -41.74 -41.08 13.76
C THR C 484 -40.43 -41.05 14.53
N ALA C 485 -40.54 -40.92 15.85
CA ALA C 485 -39.40 -40.98 16.76
C ALA C 485 -39.88 -41.61 18.06
N ASN C 486 -39.72 -42.93 18.17
CA ASN C 486 -40.20 -43.65 19.34
C ASN C 486 -39.09 -44.33 20.13
N ASN C 487 -37.95 -44.63 19.52
CA ASN C 487 -36.85 -45.23 20.25
C ASN C 487 -36.12 -44.18 21.09
N ASN C 488 -35.20 -44.67 21.91
CA ASN C 488 -34.41 -43.77 22.73
C ASN C 488 -33.40 -43.01 21.87
N TYR C 489 -33.19 -41.74 22.21
CA TYR C 489 -32.21 -40.90 21.54
C TYR C 489 -31.09 -40.58 22.52
N ALA C 490 -29.85 -40.69 22.06
CA ALA C 490 -28.71 -40.49 22.94
C ALA C 490 -27.52 -40.00 22.14
N TYR C 491 -26.53 -39.45 22.85
CA TYR C 491 -25.30 -38.99 22.24
C TYR C 491 -24.11 -39.47 23.08
N ILE C 492 -22.96 -39.55 22.43
CA ILE C 492 -21.74 -40.02 23.06
C ILE C 492 -21.20 -38.90 23.94
N SER C 493 -21.29 -39.08 25.25
CA SER C 493 -20.79 -38.08 26.19
C SER C 493 -19.35 -38.33 26.62
N ARG C 494 -18.76 -39.46 26.24
CA ARG C 494 -17.37 -39.77 26.56
C ARG C 494 -16.85 -40.77 25.56
N CYS C 495 -15.65 -40.53 25.04
CA CYS C 495 -15.04 -41.42 24.04
C CYS C 495 -13.56 -41.60 24.35
N GLN C 496 -13.23 -41.83 25.61
CA GLN C 496 -11.85 -42.09 25.97
C GLN C 496 -11.42 -43.49 25.56
N GLY C 497 -10.13 -43.68 25.36
CA GLY C 497 -9.56 -44.98 25.10
C GLY C 497 -9.09 -45.64 26.38
N THR C 498 -8.19 -46.60 26.22
CA THR C 498 -7.54 -47.20 27.39
C THR C 498 -6.68 -46.17 28.12
N ASP C 499 -5.92 -45.38 27.37
CA ASP C 499 -5.19 -44.27 27.95
C ASP C 499 -6.15 -43.14 28.33
N GLY C 500 -5.79 -42.41 29.38
CA GLY C 500 -6.68 -41.39 29.91
C GLY C 500 -6.69 -40.09 29.14
N LYS C 501 -7.28 -40.10 27.94
CA LYS C 501 -7.48 -38.88 27.17
C LYS C 501 -8.65 -39.09 26.24
N PRO C 502 -9.44 -38.05 25.97
CA PRO C 502 -10.58 -38.20 25.07
C PRO C 502 -10.16 -38.21 23.61
N ILE C 503 -10.91 -38.97 22.81
CA ILE C 503 -10.68 -39.04 21.38
C ILE C 503 -11.57 -37.98 20.72
N LEU C 504 -10.96 -36.86 20.34
CA LEU C 504 -11.70 -35.80 19.71
C LEU C 504 -12.06 -36.17 18.27
N LEU C 505 -13.09 -35.52 17.76
CA LEU C 505 -13.67 -35.86 16.46
C LEU C 505 -13.25 -34.83 15.43
N GLN C 506 -12.78 -35.31 14.28
CA GLN C 506 -12.29 -34.43 13.24
C GLN C 506 -13.44 -33.68 12.57
N LYS C 507 -13.09 -32.62 11.83
CA LYS C 507 -14.10 -31.81 11.18
C LYS C 507 -14.75 -32.56 10.04
N GLY C 508 -16.08 -32.55 10.02
CA GLY C 508 -16.84 -33.20 8.96
C GLY C 508 -16.73 -34.70 8.92
N GLN C 509 -16.81 -35.37 10.07
CA GLN C 509 -16.66 -36.81 10.15
C GLN C 509 -17.76 -37.42 10.99
N LEU C 510 -18.06 -38.68 10.71
CA LEU C 510 -19.00 -39.44 11.51
C LEU C 510 -18.36 -39.81 12.85
N PRO C 511 -19.16 -40.14 13.87
CA PRO C 511 -18.58 -40.53 15.16
C PRO C 511 -17.74 -41.80 15.05
N ASN C 512 -16.79 -41.91 15.99
CA ASN C 512 -15.86 -43.04 16.02
C ASN C 512 -16.62 -44.35 16.18
N ILE C 513 -16.27 -45.33 15.35
CA ILE C 513 -17.03 -46.57 15.28
C ILE C 513 -16.96 -47.37 16.58
N ALA C 514 -15.88 -47.22 17.34
CA ALA C 514 -15.74 -47.93 18.61
C ALA C 514 -16.69 -47.38 19.66
N CYS C 515 -16.76 -46.05 19.76
CA CYS C 515 -17.69 -45.44 20.70
C CYS C 515 -19.13 -45.52 20.20
N ARG C 516 -19.33 -45.40 18.89
CA ARG C 516 -20.69 -45.39 18.35
C ARG C 516 -21.34 -46.76 18.45
N SER C 517 -20.58 -47.83 18.23
CA SER C 517 -21.15 -49.17 18.37
C SER C 517 -21.54 -49.45 19.82
N GLY C 518 -20.70 -49.05 20.77
CA GLY C 518 -21.01 -49.24 22.17
C GLY C 518 -22.18 -48.40 22.65
N VAL C 519 -22.26 -47.14 22.19
CA VAL C 519 -23.33 -46.26 22.61
C VAL C 519 -24.67 -46.72 22.03
N LEU C 520 -24.68 -47.12 20.77
CA LEU C 520 -25.90 -47.66 20.19
C LEU C 520 -26.27 -49.01 20.79
N GLY C 521 -25.30 -49.74 21.33
CA GLY C 521 -25.60 -51.00 21.99
C GLY C 521 -26.39 -50.84 23.29
N LEU C 522 -26.01 -49.86 24.11
CA LEU C 522 -26.64 -49.70 25.42
C LEU C 522 -28.05 -49.13 25.29
N SER C 523 -28.80 -49.22 26.40
CA SER C 523 -30.15 -48.69 26.46
C SER C 523 -30.40 -47.82 27.68
N ASN C 524 -29.44 -47.68 28.59
CA ASN C 524 -29.59 -46.86 29.78
C ASN C 524 -28.40 -45.91 29.88
N ASP C 525 -28.65 -44.75 30.49
CA ASP C 525 -27.62 -43.74 30.60
C ASP C 525 -26.55 -44.15 31.60
N VAL C 526 -25.28 -44.01 31.20
CA VAL C 526 -24.14 -44.35 32.04
C VAL C 526 -22.96 -43.49 31.58
N ASP C 527 -22.13 -43.09 32.53
CA ASP C 527 -21.11 -42.09 32.27
C ASP C 527 -19.74 -42.66 31.95
N TYR C 528 -19.35 -43.76 32.59
CA TYR C 528 -18.00 -44.30 32.46
C TYR C 528 -18.08 -45.81 32.25
N PHE C 529 -18.90 -46.22 31.29
CA PHE C 529 -19.01 -47.64 30.95
C PHE C 529 -17.74 -48.13 30.27
N GLY C 530 -17.36 -49.37 30.57
CA GLY C 530 -16.21 -49.97 29.92
C GLY C 530 -16.60 -50.88 28.78
N TYR C 531 -16.49 -50.40 27.55
CA TYR C 531 -16.82 -51.19 26.38
C TYR C 531 -15.59 -51.95 25.90
N ASN C 532 -15.83 -53.07 25.21
CA ASN C 532 -14.75 -53.93 24.74
C ASN C 532 -14.48 -53.77 23.25
N PHE C 533 -15.54 -53.74 22.44
CA PHE C 533 -15.47 -53.66 20.96
C PHE C 533 -14.65 -54.85 20.45
N ASN C 534 -13.54 -54.63 19.74
CA ASN C 534 -12.69 -55.72 19.27
C ASN C 534 -11.25 -55.38 19.62
N GLY C 535 -10.69 -56.10 20.59
CA GLY C 535 -9.33 -55.85 21.01
C GLY C 535 -9.22 -54.92 22.19
N ARG C 536 -8.78 -53.69 21.94
CA ARG C 536 -8.60 -52.72 23.02
C ARG C 536 -9.94 -52.25 23.56
N ILE C 537 -9.96 -51.97 24.85
CA ILE C 537 -11.19 -51.57 25.54
C ILE C 537 -11.33 -50.06 25.51
N PHE C 538 -12.51 -49.58 25.15
CA PHE C 538 -12.82 -48.16 25.09
C PHE C 538 -13.78 -47.83 26.22
N TYR C 539 -13.47 -46.78 26.98
CA TYR C 539 -14.32 -46.34 28.06
C TYR C 539 -15.25 -45.25 27.51
N ILE C 540 -16.54 -45.55 27.46
CA ILE C 540 -17.51 -44.70 26.77
C ILE C 540 -18.54 -44.18 27.78
N GLY C 541 -19.31 -43.21 27.34
CA GLY C 541 -20.39 -42.67 28.14
C GLY C 541 -21.58 -42.35 27.27
N ARG C 542 -22.77 -42.50 27.84
CA ARG C 542 -24.02 -42.35 27.11
C ARG C 542 -24.96 -41.43 27.88
N LYS C 543 -25.47 -40.40 27.21
CA LYS C 543 -26.44 -39.48 27.80
C LYS C 543 -27.60 -39.32 26.84
N SER C 544 -28.82 -39.41 27.37
CA SER C 544 -30.02 -39.43 26.56
C SER C 544 -30.62 -38.04 26.41
N TYR C 545 -31.46 -37.88 25.39
CA TYR C 545 -32.19 -36.65 25.16
C TYR C 545 -33.50 -36.96 24.46
N THR C 546 -34.47 -36.06 24.61
CA THR C 546 -35.78 -36.23 23.99
C THR C 546 -35.97 -35.16 22.91
N PRO C 547 -36.04 -35.53 21.63
CA PRO C 547 -36.18 -34.52 20.58
C PRO C 547 -37.62 -34.07 20.34
N ARG C 548 -38.61 -34.77 20.88
CA ARG C 548 -40.01 -34.46 20.62
C ARG C 548 -40.51 -33.39 21.58
N THR C 549 -41.10 -32.34 21.03
CA THR C 549 -41.74 -31.32 21.84
C THR C 549 -43.02 -31.88 22.47
N SER C 550 -43.32 -31.43 23.70
CA SER C 550 -44.47 -31.93 24.43
C SER C 550 -45.80 -31.63 23.74
N GLU C 551 -45.83 -30.67 22.82
CA GLU C 551 -47.00 -30.51 21.96
C GLU C 551 -47.19 -31.72 21.05
N GLY C 552 -46.09 -32.27 20.55
CA GLY C 552 -46.15 -33.42 19.68
C GLY C 552 -45.21 -33.31 18.49
N SER C 553 -44.72 -32.11 18.23
CA SER C 553 -43.84 -31.87 17.10
C SER C 553 -42.44 -32.42 17.38
N ILE C 554 -41.71 -32.70 16.30
CA ILE C 554 -40.37 -33.26 16.36
C ILE C 554 -39.38 -32.19 15.89
N GLN C 555 -38.27 -32.06 16.61
CA GLN C 555 -37.27 -31.05 16.31
C GLN C 555 -36.08 -31.69 15.61
N MET C 556 -35.73 -31.14 14.44
CA MET C 556 -34.68 -31.67 13.59
C MET C 556 -33.59 -30.63 13.40
N VAL C 557 -32.43 -31.10 12.94
CA VAL C 557 -31.31 -30.23 12.56
C VAL C 557 -30.81 -30.71 11.21
N TYR C 558 -30.79 -29.82 10.22
CA TYR C 558 -30.31 -30.14 8.88
C TYR C 558 -29.08 -29.31 8.59
N VAL C 559 -27.99 -29.97 8.21
CA VAL C 559 -26.76 -29.30 7.80
C VAL C 559 -26.55 -29.58 6.33
N ILE C 560 -26.61 -28.54 5.50
CA ILE C 560 -26.49 -28.66 4.05
C ILE C 560 -25.18 -28.03 3.63
N THR C 561 -24.28 -28.84 3.07
CA THR C 561 -22.98 -28.38 2.60
C THR C 561 -22.99 -28.30 1.09
N ALA C 562 -22.64 -27.12 0.55
CA ALA C 562 -22.62 -26.89 -0.88
C ALA C 562 -21.18 -26.76 -1.34
N ASN C 563 -20.82 -27.50 -2.38
CA ASN C 563 -19.47 -27.51 -2.92
C ASN C 563 -19.46 -26.81 -4.27
N TYR C 564 -18.77 -25.69 -4.36
CA TYR C 564 -18.61 -24.97 -5.60
C TYR C 564 -17.29 -25.35 -6.26
N ALA C 565 -17.29 -25.36 -7.59
CA ALA C 565 -16.09 -25.64 -8.36
C ALA C 565 -16.23 -25.02 -9.73
N GLU C 566 -15.13 -25.00 -10.47
CA GLU C 566 -15.10 -24.46 -11.82
C GLU C 566 -15.41 -25.52 -12.88
N GLY C 567 -15.79 -26.72 -12.46
CA GLY C 567 -16.06 -27.80 -13.38
C GLY C 567 -17.41 -27.68 -14.06
N PRO C 568 -18.09 -28.83 -14.23
CA PRO C 568 -19.35 -28.81 -14.98
C PRO C 568 -20.52 -28.21 -14.20
N ASN C 569 -20.49 -28.30 -12.86
CA ASN C 569 -21.55 -27.81 -11.97
C ASN C 569 -22.89 -28.46 -12.31
N ASN C 570 -22.94 -29.78 -12.12
CA ASN C 570 -24.07 -30.57 -12.58
C ASN C 570 -25.33 -30.29 -11.76
N VAL C 571 -25.22 -30.29 -10.43
CA VAL C 571 -26.41 -30.11 -9.60
C VAL C 571 -26.84 -28.65 -9.64
N CYS C 572 -28.08 -28.43 -10.06
CA CYS C 572 -28.62 -27.11 -10.36
C CYS C 572 -30.03 -27.04 -9.82
N PRO C 573 -30.56 -25.84 -9.57
CA PRO C 573 -31.95 -25.73 -9.11
C PRO C 573 -32.93 -26.22 -10.17
N LEU C 574 -34.06 -26.74 -9.71
CA LEU C 574 -35.09 -27.27 -10.58
C LEU C 574 -36.02 -26.15 -11.03
N LYS C 575 -36.28 -26.10 -12.34
CA LYS C 575 -37.19 -25.11 -12.90
C LYS C 575 -38.10 -25.79 -13.91
N ASP C 576 -39.24 -25.16 -14.16
CA ASP C 576 -40.23 -25.70 -15.09
C ASP C 576 -39.77 -25.66 -16.55
N ASN C 583 -32.56 -18.08 -27.91
CA ASN C 583 -32.74 -16.91 -27.07
C ASN C 583 -31.50 -16.03 -27.09
N LEU C 584 -30.33 -16.66 -27.16
CA LEU C 584 -29.09 -15.91 -27.15
C LEU C 584 -28.86 -15.18 -28.47
N ASP C 585 -29.40 -15.71 -29.57
CA ASP C 585 -29.20 -15.09 -30.88
C ASP C 585 -29.88 -13.73 -30.99
N SER C 586 -30.90 -13.46 -30.18
CA SER C 586 -31.54 -12.15 -30.17
C SER C 586 -30.81 -11.13 -29.34
N LEU C 587 -29.80 -11.54 -28.56
CA LEU C 587 -29.06 -10.64 -27.69
C LEU C 587 -27.59 -10.53 -28.06
N LEU C 588 -27.25 -10.86 -29.31
CA LEU C 588 -25.87 -10.78 -29.75
C LEU C 588 -25.43 -9.33 -29.91
N GLY C 589 -24.20 -9.04 -29.49
CA GLY C 589 -23.62 -7.73 -29.66
C GLY C 589 -23.95 -6.71 -28.59
N GLN C 590 -24.72 -7.08 -27.58
CA GLN C 590 -25.07 -6.17 -26.50
C GLN C 590 -24.57 -6.72 -25.18
N CYS C 591 -24.31 -5.81 -24.25
CA CYS C 591 -23.93 -6.18 -22.89
C CYS C 591 -25.13 -6.80 -22.20
N ILE C 592 -24.99 -8.06 -21.76
CA ILE C 592 -26.09 -8.77 -21.11
C ILE C 592 -25.56 -9.42 -19.84
N ASP C 593 -26.49 -9.76 -18.95
CA ASP C 593 -26.20 -10.54 -17.76
C ASP C 593 -26.41 -12.01 -18.09
N TYR C 594 -25.34 -12.78 -18.14
CA TYR C 594 -25.43 -14.19 -18.45
C TYR C 594 -25.28 -15.03 -17.19
N ASP C 595 -26.08 -16.09 -17.11
CA ASP C 595 -26.05 -17.06 -16.02
C ASP C 595 -26.07 -18.44 -16.68
N ILE C 596 -24.89 -18.95 -17.00
CA ILE C 596 -24.76 -20.18 -17.78
C ILE C 596 -24.12 -21.23 -16.89
N ASN C 597 -24.89 -22.27 -16.55
CA ASN C 597 -24.44 -23.42 -15.76
C ASN C 597 -23.82 -23.00 -14.43
N GLY C 598 -24.45 -22.02 -13.77
CA GLY C 598 -23.96 -21.53 -12.51
C GLY C 598 -22.85 -20.50 -12.60
N VAL C 599 -22.46 -20.08 -13.80
CA VAL C 599 -21.42 -19.09 -13.98
C VAL C 599 -22.08 -17.76 -14.32
N VAL C 600 -21.83 -16.74 -13.51
CA VAL C 600 -22.46 -15.45 -13.66
C VAL C 600 -21.42 -14.42 -14.06
N GLY C 601 -21.90 -13.32 -14.64
CA GLY C 601 -21.02 -12.26 -15.07
C GLY C 601 -21.72 -11.36 -16.07
N GLN C 602 -20.91 -10.58 -16.77
CA GLN C 602 -21.39 -9.67 -17.81
C GLN C 602 -20.53 -9.84 -19.05
N GLY C 603 -21.14 -9.66 -20.21
CA GLY C 603 -20.39 -9.72 -21.45
C GLY C 603 -21.24 -9.67 -22.69
N VAL C 604 -20.65 -9.24 -23.80
CA VAL C 604 -21.32 -9.28 -25.09
C VAL C 604 -21.07 -10.64 -25.72
N PHE C 605 -21.87 -11.00 -26.71
CA PHE C 605 -21.77 -12.29 -27.36
C PHE C 605 -21.73 -12.13 -28.88
N GLN C 606 -20.83 -12.86 -29.52
CA GLN C 606 -20.74 -12.92 -30.96
C GLN C 606 -20.76 -14.38 -31.38
N LYS C 607 -20.74 -14.61 -32.70
CA LYS C 607 -20.71 -15.95 -33.26
C LYS C 607 -19.34 -16.17 -33.89
N CYS C 608 -18.47 -16.90 -33.20
CA CYS C 608 -17.16 -17.24 -33.70
C CYS C 608 -17.12 -18.70 -34.14
N ASN C 609 -16.07 -19.03 -34.89
CA ASN C 609 -15.86 -20.41 -35.30
C ASN C 609 -15.40 -21.26 -34.12
N SER C 610 -15.86 -22.50 -34.09
CA SER C 610 -15.55 -23.42 -32.98
C SER C 610 -14.08 -23.79 -32.95
N ILE C 613 -12.77 -28.17 -27.70
CA ILE C 613 -13.60 -29.33 -27.41
C ILE C 613 -15.01 -28.88 -27.06
N PRO C 614 -16.01 -29.34 -27.84
CA PRO C 614 -17.40 -28.93 -27.56
C PRO C 614 -18.08 -29.78 -26.50
N SER C 615 -17.36 -30.08 -25.42
CA SER C 615 -17.92 -30.71 -24.24
C SER C 615 -17.49 -30.07 -22.93
N GLN C 616 -16.37 -29.34 -22.93
CA GLN C 616 -15.90 -28.60 -21.77
C GLN C 616 -16.57 -27.24 -21.67
N VAL C 617 -17.34 -26.86 -22.68
CA VAL C 617 -18.26 -25.70 -22.71
C VAL C 617 -17.50 -24.39 -22.64
N PHE C 618 -16.95 -24.06 -21.48
CA PHE C 618 -16.29 -22.78 -21.27
C PHE C 618 -14.82 -22.91 -21.61
N VAL C 619 -14.42 -22.40 -22.77
CA VAL C 619 -13.00 -22.32 -23.07
C VAL C 619 -12.42 -21.11 -22.36
N TYR C 620 -11.30 -21.31 -21.67
CA TYR C 620 -10.72 -20.32 -20.78
C TYR C 620 -9.48 -19.70 -21.42
N ASP C 621 -8.83 -18.85 -20.63
CA ASP C 621 -7.57 -18.20 -20.99
C ASP C 621 -6.53 -18.61 -19.95
N SER C 622 -5.26 -18.27 -20.20
CA SER C 622 -4.20 -18.55 -19.25
C SER C 622 -4.41 -17.85 -17.92
N PHE C 623 -5.09 -16.70 -17.93
CA PHE C 623 -5.47 -16.00 -16.71
C PHE C 623 -6.83 -16.42 -16.18
N HIS C 624 -7.35 -17.57 -16.66
CA HIS C 624 -8.67 -18.11 -16.31
C HIS C 624 -9.78 -17.11 -16.58
N ASN C 625 -9.70 -16.43 -17.71
CA ASN C 625 -10.76 -15.55 -18.19
C ASN C 625 -11.54 -16.27 -19.27
N ILE C 626 -12.86 -16.25 -19.17
CA ILE C 626 -13.70 -16.99 -20.10
C ILE C 626 -13.75 -16.24 -21.42
N ILE C 627 -13.40 -16.91 -22.51
CA ILE C 627 -13.31 -16.28 -23.82
C ILE C 627 -14.31 -16.82 -24.82
N GLY C 628 -15.00 -17.92 -24.51
CA GLY C 628 -15.97 -18.46 -25.43
C GLY C 628 -16.85 -19.48 -24.74
N TYR C 629 -18.01 -19.74 -25.35
CA TYR C 629 -19.02 -20.61 -24.79
C TYR C 629 -19.53 -21.54 -25.88
N HIS C 630 -19.58 -22.84 -25.58
CA HIS C 630 -20.09 -23.84 -26.50
C HIS C 630 -21.54 -24.15 -26.11
N SER C 631 -22.46 -23.78 -26.98
CA SER C 631 -23.87 -23.98 -26.70
C SER C 631 -24.25 -25.45 -26.79
N LYS C 632 -25.41 -25.78 -26.21
CA LYS C 632 -25.87 -27.16 -26.22
C LYS C 632 -26.31 -27.60 -27.61
N ASN C 633 -26.82 -26.68 -28.43
CA ASN C 633 -27.28 -27.04 -29.76
C ASN C 633 -26.13 -27.29 -30.73
N GLY C 634 -24.92 -26.87 -30.39
CA GLY C 634 -23.74 -27.12 -31.20
C GLY C 634 -22.99 -25.87 -31.63
N THR C 635 -23.65 -24.72 -31.66
CA THR C 635 -22.99 -23.49 -32.08
C THR C 635 -22.02 -23.01 -30.99
N TYR C 636 -21.01 -22.27 -31.42
CA TYR C 636 -19.98 -21.75 -30.53
C TYR C 636 -20.14 -20.24 -30.42
N TYR C 637 -20.28 -19.75 -29.19
CA TYR C 637 -20.48 -18.34 -28.95
C TYR C 637 -19.19 -17.71 -28.43
N CYS C 638 -19.03 -16.43 -28.70
CA CYS C 638 -17.75 -15.74 -28.63
C CYS C 638 -17.89 -14.55 -27.68
N MET C 639 -17.65 -14.77 -26.39
CA MET C 639 -17.90 -13.68 -25.46
C MET C 639 -16.66 -12.82 -25.26
N ALA C 640 -16.90 -11.57 -24.88
CA ALA C 640 -15.89 -10.61 -24.53
C ALA C 640 -16.46 -9.72 -23.44
N PRO C 641 -15.63 -9.08 -22.62
CA PRO C 641 -16.14 -8.10 -21.67
C PRO C 641 -16.77 -6.92 -22.39
N CYS C 642 -17.74 -6.29 -21.72
CA CYS C 642 -18.47 -5.17 -22.32
C CYS C 642 -17.56 -3.98 -22.55
N VAL C 643 -16.53 -3.81 -21.73
CA VAL C 643 -15.50 -2.81 -21.94
C VAL C 643 -14.21 -3.53 -22.33
N SER C 644 -14.01 -3.74 -23.63
CA SER C 644 -12.83 -4.47 -24.08
C SER C 644 -12.11 -3.71 -25.19
N VAL C 645 -12.85 -2.98 -26.01
CA VAL C 645 -12.26 -2.21 -27.10
C VAL C 645 -11.71 -0.91 -26.53
N PRO C 646 -10.41 -0.64 -26.65
CA PRO C 646 -9.86 0.59 -26.07
C PRO C 646 -10.26 1.81 -26.87
N VAL C 647 -10.59 2.88 -26.16
CA VAL C 647 -11.09 4.10 -26.77
C VAL C 647 -10.18 5.26 -26.38
N SER C 648 -9.67 5.97 -27.38
CA SER C 648 -8.90 7.19 -27.18
C SER C 648 -9.67 8.35 -27.78
N VAL C 649 -9.78 9.45 -27.05
CA VAL C 649 -10.52 10.62 -27.49
C VAL C 649 -9.51 11.71 -27.86
N ILE C 650 -9.54 12.13 -29.12
CA ILE C 650 -8.67 13.19 -29.61
C ILE C 650 -9.44 14.49 -29.47
N TYR C 651 -9.08 15.28 -28.48
CA TYR C 651 -9.75 16.54 -28.18
C TYR C 651 -8.82 17.72 -28.49
N ASP C 652 -9.35 18.72 -29.19
CA ASP C 652 -8.64 19.95 -29.47
C ASP C 652 -9.34 21.09 -28.75
N LYS C 653 -8.61 21.82 -27.91
CA LYS C 653 -9.21 22.85 -27.08
C LYS C 653 -9.60 24.09 -27.88
N SER C 654 -8.83 24.44 -28.90
CA SER C 654 -9.11 25.64 -29.67
C SER C 654 -10.36 25.48 -30.51
N SER C 655 -10.47 24.38 -31.24
CA SER C 655 -11.62 24.14 -32.10
C SER C 655 -12.83 23.60 -31.35
N ASN C 656 -12.63 23.11 -30.11
CA ASN C 656 -13.67 22.49 -29.29
C ASN C 656 -14.35 21.32 -30.01
N SER C 657 -13.54 20.53 -30.73
CA SER C 657 -14.02 19.37 -31.45
C SER C 657 -13.33 18.12 -30.92
N HIS C 658 -14.02 16.99 -31.00
CA HIS C 658 -13.51 15.72 -30.51
C HIS C 658 -13.60 14.67 -31.59
N ALA C 659 -12.69 13.70 -31.52
CA ALA C 659 -12.69 12.54 -32.39
C ALA C 659 -12.29 11.33 -31.57
N THR C 660 -12.57 10.14 -32.11
CA THR C 660 -12.42 8.90 -31.34
C THR C 660 -11.47 7.95 -32.05
N LEU C 661 -10.56 7.35 -31.29
CA LEU C 661 -9.68 6.29 -31.75
C LEU C 661 -10.06 4.98 -31.07
N TYR C 662 -10.31 3.95 -31.88
CA TYR C 662 -10.53 2.60 -31.37
C TYR C 662 -9.25 1.82 -31.64
N GLY C 663 -8.39 1.74 -30.64
CA GLY C 663 -7.02 1.29 -30.86
C GLY C 663 -6.93 -0.21 -31.06
N SER C 664 -6.07 -0.61 -32.00
CA SER C 664 -5.65 -1.99 -32.24
C SER C 664 -6.80 -2.91 -32.64
N VAL C 665 -7.89 -2.36 -33.17
CA VAL C 665 -9.02 -3.16 -33.57
C VAL C 665 -9.35 -2.86 -35.03
N ALA C 666 -9.68 -3.91 -35.77
CA ALA C 666 -10.07 -3.75 -37.16
C ALA C 666 -11.49 -3.21 -37.22
N CYS C 667 -11.83 -2.56 -38.32
CA CYS C 667 -12.93 -1.62 -38.29
C CYS C 667 -14.24 -2.28 -38.77
N ASP C 668 -14.27 -3.61 -38.78
CA ASP C 668 -15.49 -4.37 -38.96
C ASP C 668 -16.14 -4.69 -37.63
N HIS C 669 -15.36 -4.69 -36.54
CA HIS C 669 -15.85 -5.09 -35.23
C HIS C 669 -16.71 -4.00 -34.58
N ILE C 670 -16.37 -2.72 -34.81
CA ILE C 670 -17.09 -1.64 -34.16
C ILE C 670 -18.52 -1.57 -34.68
N LYS C 671 -18.71 -1.84 -35.97
CA LYS C 671 -20.02 -1.80 -36.60
C LYS C 671 -20.98 -2.85 -36.06
N MET C 672 -20.48 -3.88 -35.37
CA MET C 672 -21.35 -4.89 -34.78
C MET C 672 -21.38 -4.83 -33.25
N ILE C 673 -20.82 -3.79 -32.64
CA ILE C 673 -21.11 -3.51 -31.23
C ILE C 673 -21.48 -2.04 -31.03
N PRO C 674 -22.59 -1.56 -31.58
CA PRO C 674 -22.94 -0.14 -31.38
C PRO C 674 -23.68 0.14 -30.08
N SER C 675 -24.11 -0.89 -29.35
CA SER C 675 -24.88 -0.67 -28.12
C SER C 675 -24.00 -0.22 -26.97
N VAL C 676 -22.75 -0.73 -26.88
CA VAL C 676 -21.89 -0.44 -25.73
C VAL C 676 -21.13 0.87 -25.88
N LEU C 677 -21.21 1.54 -27.02
CA LEU C 677 -20.51 2.79 -27.22
C LEU C 677 -21.33 3.94 -26.62
N SER C 678 -20.87 5.17 -26.85
CA SER C 678 -21.58 6.33 -26.33
C SER C 678 -22.89 6.54 -27.07
N ARG C 679 -23.74 7.41 -26.49
CA ARG C 679 -25.09 7.58 -27.02
C ARG C 679 -25.12 8.33 -28.34
N GLU C 680 -24.08 9.09 -28.68
CA GLU C 680 -24.03 9.76 -29.97
C GLU C 680 -23.36 8.91 -31.04
N THR C 681 -22.32 8.17 -30.66
CA THR C 681 -21.65 7.28 -31.60
C THR C 681 -22.55 6.14 -32.02
N ALA C 682 -23.45 5.70 -31.14
CA ALA C 682 -24.41 4.66 -31.49
C ALA C 682 -25.35 5.13 -32.59
N THR C 683 -25.85 6.37 -32.50
CA THR C 683 -26.73 6.87 -33.53
C THR C 683 -25.99 7.18 -34.82
N LYS C 684 -24.73 7.61 -34.73
CA LYS C 684 -23.96 7.80 -35.95
C LYS C 684 -23.65 6.47 -36.64
N LEU C 685 -23.40 5.41 -35.87
CA LEU C 685 -23.05 4.13 -36.46
C LEU C 685 -24.26 3.28 -36.81
N ARG C 686 -25.45 3.62 -36.34
CA ARG C 686 -26.65 2.89 -36.72
C ARG C 686 -27.34 3.48 -37.93
N ALA C 687 -27.21 4.79 -38.14
CA ALA C 687 -27.79 5.45 -39.31
C ALA C 687 -26.77 5.41 -40.45
N SER C 688 -27.02 4.53 -41.42
CA SER C 688 -26.20 4.31 -42.62
C SER C 688 -24.80 3.88 -42.17
N ASP C 689 -23.78 4.25 -42.94
CA ASP C 689 -22.42 3.80 -42.71
C ASP C 689 -21.50 4.99 -42.96
N ASN C 690 -20.19 4.70 -43.12
CA ASN C 690 -19.14 5.64 -43.52
C ASN C 690 -18.82 6.61 -42.39
N GLY C 691 -17.66 7.25 -42.45
CA GLY C 691 -17.12 8.04 -41.35
C GLY C 691 -16.04 7.31 -40.58
N LEU C 692 -15.81 6.05 -40.91
CA LEU C 692 -14.83 5.20 -40.25
C LEU C 692 -13.66 4.93 -41.19
N LEU C 693 -12.44 5.25 -40.74
CA LEU C 693 -11.22 5.05 -41.51
C LEU C 693 -10.33 4.03 -40.83
N GLN C 694 -9.63 3.23 -41.61
CA GLN C 694 -8.71 2.22 -41.09
C GLN C 694 -7.29 2.76 -41.15
N THR C 695 -6.75 3.15 -39.99
CA THR C 695 -5.39 3.65 -39.90
C THR C 695 -4.45 2.50 -39.53
N ALA C 696 -3.20 2.84 -39.23
CA ALA C 696 -2.24 1.85 -38.76
C ALA C 696 -2.30 1.64 -37.25
N VAL C 697 -3.12 2.41 -36.54
CA VAL C 697 -3.29 2.26 -35.11
C VAL C 697 -4.71 1.88 -34.72
N GLY C 698 -5.67 1.93 -35.63
CA GLY C 698 -7.01 1.46 -35.34
C GLY C 698 -8.06 1.88 -36.34
N CYS C 699 -9.31 2.04 -35.92
CA CYS C 699 -10.36 2.61 -36.75
C CYS C 699 -10.84 3.89 -36.08
N VAL C 700 -10.60 5.03 -36.73
CA VAL C 700 -11.01 6.34 -36.24
C VAL C 700 -12.38 6.69 -36.78
N ILE C 701 -13.18 7.38 -35.97
CA ILE C 701 -14.42 7.99 -36.42
C ILE C 701 -14.34 9.47 -36.11
N GLY C 702 -14.68 10.30 -37.10
CA GLY C 702 -14.51 11.73 -37.00
C GLY C 702 -13.28 12.28 -37.70
N PHE C 703 -12.56 11.45 -38.43
CA PHE C 703 -11.38 11.86 -39.19
C PHE C 703 -11.71 11.91 -40.68
N HIS C 704 -10.75 12.40 -41.46
CA HIS C 704 -10.82 12.28 -42.91
C HIS C 704 -9.39 12.22 -43.45
N ASN C 705 -9.19 11.38 -44.46
CA ASN C 705 -7.87 11.21 -45.04
C ASN C 705 -7.52 12.40 -45.91
N THR C 706 -6.36 13.01 -45.66
CA THR C 706 -5.97 14.22 -46.35
C THR C 706 -4.69 14.09 -47.17
N SER C 707 -3.89 13.04 -46.95
CA SER C 707 -2.61 12.81 -47.64
C SER C 707 -1.66 13.98 -47.48
N ASP C 708 -1.62 14.55 -46.29
CA ASP C 708 -0.72 15.66 -45.96
C ASP C 708 0.37 15.16 -45.03
N THR C 709 1.57 15.69 -45.21
CA THR C 709 2.72 15.33 -44.38
C THR C 709 3.14 16.53 -43.54
N VAL C 710 3.42 16.26 -42.26
CA VAL C 710 3.77 17.29 -41.30
C VAL C 710 5.11 16.94 -40.65
N GLU C 711 5.76 17.98 -40.10
CA GLU C 711 7.03 17.82 -39.42
C GLU C 711 6.93 17.87 -37.91
N ASP C 712 5.87 18.46 -37.35
CA ASP C 712 5.65 18.44 -35.92
C ASP C 712 4.15 18.32 -35.68
N CYS C 713 3.79 17.69 -34.56
CA CYS C 713 2.39 17.36 -34.30
C CYS C 713 2.08 17.61 -32.83
N ASN C 714 1.04 18.41 -32.57
CA ASN C 714 0.65 18.65 -31.18
C ASN C 714 -0.27 17.58 -30.64
N LEU C 715 -0.84 16.74 -31.50
CA LEU C 715 -1.68 15.62 -31.09
C LEU C 715 -1.16 14.36 -31.77
N PRO C 716 -0.10 13.76 -31.24
CA PRO C 716 0.44 12.53 -31.88
C PRO C 716 -0.50 11.36 -31.68
N LEU C 717 -0.84 10.70 -32.78
CA LEU C 717 -1.83 9.64 -32.76
C LEU C 717 -1.24 8.26 -32.54
N GLY C 718 -0.03 8.02 -33.01
CA GLY C 718 0.53 6.69 -32.96
C GLY C 718 1.80 6.55 -33.77
N GLN C 719 1.85 5.53 -34.64
CA GLN C 719 3.05 5.22 -35.39
C GLN C 719 3.28 6.24 -36.50
N SER C 720 3.97 7.34 -36.16
CA SER C 720 4.30 8.43 -37.10
C SER C 720 3.04 9.00 -37.73
N LEU C 721 2.02 9.21 -36.92
CA LEU C 721 0.71 9.61 -37.39
C LEU C 721 0.24 10.82 -36.60
N CYS C 722 -0.25 11.84 -37.30
CA CYS C 722 -0.72 13.10 -36.74
C CYS C 722 -2.24 13.13 -36.64
N ALA C 723 -2.74 14.29 -36.22
CA ALA C 723 -4.17 14.59 -36.22
C ALA C 723 -4.29 16.11 -36.32
N LYS C 724 -4.51 16.61 -37.54
CA LYS C 724 -4.64 18.05 -37.73
C LYS C 724 -6.01 18.51 -37.25
N PRO C 725 -6.08 19.45 -36.31
CA PRO C 725 -7.39 19.92 -35.85
C PRO C 725 -8.09 20.74 -36.91
N PRO C 726 -9.42 20.74 -36.95
CA PRO C 726 -10.13 21.51 -37.96
C PRO C 726 -10.07 23.00 -37.66
N SER C 727 -10.26 23.79 -38.71
CA SER C 727 -10.23 25.25 -38.59
C SER C 727 -11.53 25.86 -39.09
N ASN C 733 -16.45 18.35 -43.42
CA ASN C 733 -17.13 19.12 -42.39
C ASN C 733 -16.16 19.55 -41.29
N ASN C 734 -16.61 19.42 -40.04
CA ASN C 734 -15.78 19.74 -38.88
C ASN C 734 -15.10 18.46 -38.39
N THR C 735 -14.20 17.96 -39.23
CA THR C 735 -13.51 16.70 -38.98
C THR C 735 -12.01 16.92 -38.89
N PHE C 736 -11.37 16.12 -38.05
CA PHE C 736 -9.92 16.18 -37.90
C PHE C 736 -9.23 15.65 -39.16
N GLY C 737 -8.07 16.22 -39.47
CA GLY C 737 -7.29 15.79 -40.61
C GLY C 737 -6.27 14.75 -40.20
N LEU C 738 -6.21 13.66 -40.94
CA LEU C 738 -5.31 12.55 -40.63
C LEU C 738 -4.03 12.73 -41.43
N ALA C 739 -3.03 13.34 -40.81
CA ALA C 739 -1.73 13.57 -41.44
C ALA C 739 -0.72 12.57 -40.92
N VAL C 740 0.38 12.42 -41.66
CA VAL C 740 1.47 11.55 -41.27
C VAL C 740 2.71 12.40 -41.02
N MET C 741 3.60 11.88 -40.18
CA MET C 741 4.87 12.52 -39.91
C MET C 741 5.84 12.19 -41.04
N LYS C 742 6.47 13.21 -41.60
CA LYS C 742 7.49 13.01 -42.62
C LYS C 742 8.85 13.33 -42.03
N TYR C 743 9.85 12.54 -42.41
CA TYR C 743 11.21 12.74 -41.91
C TYR C 743 11.87 13.84 -42.74
N GLU C 744 12.10 14.99 -42.12
CA GLU C 744 12.77 16.10 -42.79
C GLU C 744 14.23 15.71 -43.02
N ASN C 745 14.59 15.45 -44.26
CA ASN C 745 15.92 15.01 -44.58
C ASN C 745 16.93 16.14 -44.36
N PRO C 746 18.12 15.83 -43.86
CA PRO C 746 19.16 16.85 -43.77
C PRO C 746 19.71 17.18 -45.14
N LEU C 747 20.55 18.21 -45.19
CA LEU C 747 21.16 18.63 -46.44
C LEU C 747 22.14 17.55 -46.89
N LYS C 748 21.80 16.86 -47.98
CA LYS C 748 22.61 15.75 -48.43
C LYS C 748 23.92 16.24 -49.02
N VAL C 749 25.03 15.65 -48.59
CA VAL C 749 26.33 15.87 -49.18
C VAL C 749 26.83 14.54 -49.72
N GLU C 750 27.72 14.62 -50.71
CA GLU C 750 28.25 13.43 -51.35
C GLU C 750 29.73 13.30 -51.03
N VAL C 751 30.19 12.06 -50.91
CA VAL C 751 31.60 11.83 -50.62
C VAL C 751 32.44 12.11 -51.87
N LEU C 752 33.76 12.14 -51.68
CA LEU C 752 34.73 12.46 -52.71
C LEU C 752 35.53 11.23 -53.11
N ASN C 753 35.69 11.04 -54.42
CA ASN C 753 36.77 10.21 -54.92
C ASN C 753 38.06 11.02 -55.08
N SER C 754 37.95 12.29 -55.48
CA SER C 754 39.10 13.13 -55.76
C SER C 754 39.81 13.55 -54.47
N SER C 755 40.83 14.38 -54.62
CA SER C 755 41.44 15.04 -53.46
C SER C 755 40.52 16.13 -52.91
N GLU C 756 39.89 16.90 -53.80
CA GLU C 756 39.02 18.00 -53.39
C GLU C 756 37.73 17.48 -52.76
N PHE C 757 37.34 18.08 -51.64
CA PHE C 757 36.12 17.70 -50.93
C PHE C 757 35.16 18.87 -50.82
N GLU C 758 33.92 18.61 -51.24
CA GLU C 758 32.89 19.63 -51.22
C GLU C 758 32.47 19.95 -49.79
N ILE C 759 32.11 21.22 -49.57
CA ILE C 759 31.78 21.73 -48.25
C ILE C 759 30.49 22.52 -48.34
N SER C 760 29.84 22.67 -47.19
CA SER C 760 28.61 23.45 -47.06
C SER C 760 28.88 24.59 -46.09
N VAL C 761 29.00 25.81 -46.62
CA VAL C 761 29.28 26.99 -45.79
C VAL C 761 28.08 27.92 -45.87
N PRO C 762 27.73 28.61 -44.79
CA PRO C 762 26.62 29.54 -44.83
C PRO C 762 27.01 30.87 -45.48
N THR C 763 25.98 31.64 -45.82
CA THR C 763 26.15 33.00 -46.30
C THR C 763 25.19 33.97 -45.63
N ASN C 764 24.36 33.51 -44.71
CA ASN C 764 23.38 34.34 -44.03
C ASN C 764 22.96 33.61 -42.77
N PHE C 765 22.89 34.34 -41.65
CA PHE C 765 22.59 33.75 -40.36
C PHE C 765 21.46 34.51 -39.69
N SER C 766 21.02 33.97 -38.56
CA SER C 766 20.01 34.60 -37.73
C SER C 766 20.10 34.01 -36.33
N PHE C 767 20.03 34.87 -35.32
CA PHE C 767 20.06 34.40 -33.94
C PHE C 767 18.74 33.75 -33.58
N ARG C 768 18.80 32.56 -32.99
CA ARG C 768 17.62 31.89 -32.47
C ARG C 768 17.84 31.56 -31.00
N VAL C 769 16.75 31.58 -30.25
CA VAL C 769 16.80 31.31 -28.81
C VAL C 769 16.12 29.98 -28.52
N THR C 770 16.61 29.31 -27.49
CA THR C 770 16.06 28.02 -27.07
C THR C 770 16.03 28.03 -25.55
N GLU C 771 14.88 28.36 -24.98
CA GLU C 771 14.71 28.39 -23.54
C GLU C 771 14.30 27.02 -23.01
N GLU C 772 14.76 26.70 -21.81
CA GLU C 772 14.38 25.46 -21.16
C GLU C 772 14.41 25.65 -19.66
N PHE C 773 13.58 24.88 -18.96
CA PHE C 773 13.39 25.01 -17.52
C PHE C 773 13.74 23.69 -16.87
N ILE C 774 14.53 23.76 -15.80
CA ILE C 774 14.94 22.58 -15.03
C ILE C 774 14.49 22.78 -13.60
N GLU C 775 13.75 21.80 -13.06
CA GLU C 775 13.11 21.91 -11.76
C GLU C 775 13.97 21.22 -10.71
N THR C 776 14.55 22.01 -9.81
CA THR C 776 15.48 21.48 -8.81
C THR C 776 14.95 21.52 -7.38
N SER C 777 13.84 22.20 -7.13
CA SER C 777 13.31 22.35 -5.78
C SER C 777 12.00 21.59 -5.66
N ILE C 778 11.94 20.69 -4.69
CA ILE C 778 10.69 20.02 -4.34
C ILE C 778 9.96 20.87 -3.31
N GLN C 779 8.69 20.58 -3.10
CA GLN C 779 7.90 21.27 -2.08
C GLN C 779 8.17 20.60 -0.74
N LYS C 780 8.79 21.32 0.18
CA LYS C 780 9.11 20.77 1.50
C LYS C 780 7.87 20.85 2.37
N VAL C 781 7.31 19.69 2.71
CA VAL C 781 6.06 19.59 3.47
C VAL C 781 6.32 18.78 4.71
N THR C 782 5.91 19.31 5.86
CA THR C 782 5.90 18.57 7.13
C THR C 782 4.46 18.25 7.49
N VAL C 783 4.21 17.00 7.84
CA VAL C 783 2.86 16.51 8.13
C VAL C 783 2.79 16.12 9.59
N ASP C 784 1.78 16.61 10.30
CA ASP C 784 1.46 16.18 11.65
C ASP C 784 0.74 14.85 11.54
N CYS C 785 1.48 13.75 11.74
CA CYS C 785 0.93 12.41 11.56
C CYS C 785 -0.20 12.09 12.53
N LYS C 786 -0.04 12.46 13.80
CA LYS C 786 -1.04 12.11 14.81
C LYS C 786 -2.38 12.80 14.53
N GLN C 787 -2.34 14.09 14.21
CA GLN C 787 -3.56 14.82 13.88
C GLN C 787 -4.13 14.37 12.54
N TYR C 788 -3.28 14.02 11.58
CA TYR C 788 -3.76 13.53 10.29
C TYR C 788 -4.53 12.24 10.44
N VAL C 789 -3.98 11.28 11.19
CA VAL C 789 -4.62 9.97 11.24
C VAL C 789 -5.79 9.96 12.21
N CYS C 790 -5.65 10.56 13.39
CA CYS C 790 -6.63 10.34 14.44
C CYS C 790 -7.47 11.56 14.81
N ASN C 791 -7.10 12.76 14.36
CA ASN C 791 -7.80 14.02 14.64
C ASN C 791 -7.93 14.27 16.15
N GLY C 792 -6.91 13.88 16.90
CA GLY C 792 -6.86 14.12 18.33
C GLY C 792 -7.89 13.36 19.15
N PHE C 793 -8.17 12.12 18.78
CA PHE C 793 -9.13 11.28 19.49
C PHE C 793 -8.37 10.20 20.25
N GLU C 794 -8.68 10.04 21.53
CA GLU C 794 -7.93 9.10 22.36
C GLU C 794 -8.22 7.65 21.98
N ARG C 795 -9.44 7.36 21.51
CA ARG C 795 -9.75 6.00 21.10
C ARG C 795 -8.97 5.59 19.86
N CYS C 796 -8.86 6.51 18.89
CA CYS C 796 -8.05 6.25 17.70
C CYS C 796 -6.56 6.15 18.07
N GLU C 797 -6.11 6.98 19.00
CA GLU C 797 -4.72 6.95 19.41
C GLU C 797 -4.39 5.65 20.14
N GLN C 798 -5.35 5.10 20.89
CA GLN C 798 -5.18 3.76 21.44
C GLN C 798 -5.14 2.72 20.34
N LEU C 799 -5.98 2.87 19.32
CA LEU C 799 -6.00 1.91 18.22
C LEU C 799 -4.83 2.06 17.26
N LEU C 800 -4.13 3.18 17.29
CA LEU C 800 -2.96 3.36 16.42
C LEU C 800 -1.69 2.75 17.01
N GLU C 801 -1.71 2.35 18.29
CA GLU C 801 -0.53 1.78 18.91
C GLU C 801 -0.17 0.41 18.35
N GLN C 802 -1.12 -0.30 17.76
CA GLN C 802 -0.86 -1.62 17.21
C GLN C 802 -0.40 -1.58 15.76
N TYR C 803 -0.22 -0.38 15.20
CA TYR C 803 0.42 -0.22 13.90
C TYR C 803 1.87 0.24 14.03
N GLY C 804 2.45 0.15 15.22
CA GLY C 804 3.82 0.52 15.44
C GLY C 804 3.98 2.01 15.67
N GLN C 805 5.24 2.45 15.70
CA GLN C 805 5.58 3.86 15.79
C GLN C 805 5.54 4.50 14.40
N PHE C 806 4.33 4.53 13.84
CA PHE C 806 4.15 5.01 12.47
C PHE C 806 4.47 6.48 12.34
N CYS C 807 4.02 7.29 13.30
CA CYS C 807 4.16 8.73 13.19
C CYS C 807 5.60 9.19 13.39
N ALA C 808 6.35 8.50 14.27
CA ALA C 808 7.76 8.81 14.42
C ALA C 808 8.53 8.50 13.14
N LYS C 809 8.22 7.39 12.49
CA LYS C 809 8.90 7.02 11.25
C LYS C 809 8.55 7.99 10.13
N ILE C 810 7.29 8.42 10.05
CA ILE C 810 6.88 9.36 9.03
C ILE C 810 7.53 10.72 9.25
N ASN C 811 7.59 11.16 10.52
CA ASN C 811 8.21 12.44 10.85
C ASN C 811 9.69 12.42 10.52
N GLN C 812 10.38 11.32 10.84
CA GLN C 812 11.80 11.23 10.52
C GLN C 812 12.06 11.18 9.02
N ALA C 813 11.19 10.52 8.25
CA ALA C 813 11.38 10.47 6.80
C ALA C 813 11.17 11.84 6.17
N LEU C 814 10.14 12.58 6.58
CA LEU C 814 9.93 13.90 6.01
C LEU C 814 10.98 14.89 6.46
N HIS C 815 11.45 14.80 7.71
CA HIS C 815 12.54 15.67 8.13
C HIS C 815 13.83 15.35 7.38
N GLY C 816 14.07 14.08 7.07
CA GLY C 816 15.24 13.73 6.29
C GLY C 816 15.20 14.28 4.89
N VAL C 817 14.05 14.18 4.21
CA VAL C 817 14.00 14.72 2.85
C VAL C 817 14.05 16.24 2.86
N ASN C 818 13.52 16.91 3.90
CA ASN C 818 13.63 18.36 3.97
C ASN C 818 15.06 18.81 4.22
N LEU C 819 15.78 18.11 5.10
CA LEU C 819 17.18 18.43 5.35
C LEU C 819 18.03 18.22 4.10
N ARG C 820 17.76 17.14 3.36
CA ARG C 820 18.49 16.89 2.12
C ARG C 820 18.19 17.97 1.09
N GLN C 821 16.95 18.44 1.00
CA GLN C 821 16.63 19.52 0.08
C GLN C 821 17.32 20.83 0.45
N ASP C 822 17.38 21.15 1.74
CA ASP C 822 18.08 22.37 2.17
C ASP C 822 19.56 22.29 1.85
N ASP C 823 20.19 21.13 2.09
CA ASP C 823 21.60 20.97 1.76
C ASP C 823 21.84 21.06 0.25
N ALA C 824 20.91 20.52 -0.55
CA ALA C 824 21.02 20.61 -1.99
C ALA C 824 20.92 22.05 -2.47
N THR C 825 20.02 22.84 -1.88
CA THR C 825 19.90 24.25 -2.24
C THR C 825 21.16 25.02 -1.89
N LYS C 826 21.73 24.77 -0.69
CA LYS C 826 22.96 25.42 -0.29
C LYS C 826 24.11 25.09 -1.25
N SER C 827 24.24 23.80 -1.60
CA SER C 827 25.32 23.39 -2.50
C SER C 827 25.13 23.96 -3.91
N LEU C 828 23.89 24.01 -4.40
CA LEU C 828 23.62 24.55 -5.72
C LEU C 828 23.94 26.04 -5.80
N PHE C 829 23.57 26.80 -4.77
CA PHE C 829 23.86 28.23 -4.80
C PHE C 829 25.33 28.51 -4.52
N GLU C 830 26.01 27.62 -3.79
CA GLU C 830 27.45 27.78 -3.64
C GLU C 830 28.18 27.47 -4.95
N SER C 831 27.64 26.57 -5.77
CA SER C 831 28.24 26.32 -7.08
C SER C 831 27.92 27.43 -8.08
N ILE C 832 26.73 28.05 -7.96
CA ILE C 832 26.37 29.15 -8.85
C ILE C 832 27.22 30.39 -8.58
N ARG C 833 27.59 30.61 -7.31
CA ARG C 833 28.30 31.81 -6.89
C ARG C 833 29.64 31.97 -7.62
N VAL C 834 29.90 33.19 -8.10
CA VAL C 834 31.06 33.51 -8.92
C VAL C 834 31.91 34.53 -8.18
N PRO C 835 33.24 34.39 -8.15
CA PRO C 835 34.06 35.31 -7.35
C PRO C 835 34.22 36.71 -7.91
N GLN C 836 33.85 36.96 -9.18
CA GLN C 836 33.97 38.29 -9.76
C GLN C 836 32.68 38.63 -10.50
N SER C 837 32.32 39.91 -10.49
CA SER C 837 31.09 40.33 -11.13
C SER C 837 31.18 41.80 -11.50
N ALA C 838 30.52 42.15 -12.60
CA ALA C 838 30.40 43.55 -13.04
C ALA C 838 28.93 43.94 -13.01
N PRO C 839 28.48 44.67 -11.99
CA PRO C 839 27.05 45.01 -11.89
C PRO C 839 26.56 46.00 -12.94
N LEU C 840 27.45 46.78 -13.54
CA LEU C 840 27.07 47.77 -14.54
C LEU C 840 27.29 47.27 -15.97
N MET C 841 27.56 45.98 -16.13
CA MET C 841 27.82 45.43 -17.46
C MET C 841 26.55 45.43 -18.32
N ALA C 842 25.42 45.00 -17.74
CA ALA C 842 24.19 44.92 -18.51
C ALA C 842 23.62 46.29 -18.84
N SER C 843 23.81 47.26 -17.95
CA SER C 843 23.31 48.61 -18.20
C SER C 843 24.17 49.35 -19.23
N LEU C 844 25.48 49.18 -19.18
CA LEU C 844 26.38 49.90 -20.07
C LEU C 844 26.48 49.29 -21.46
N SER C 845 25.89 48.12 -21.68
CA SER C 845 25.85 47.51 -23.01
C SER C 845 24.73 48.17 -23.80
N GLY C 846 25.04 49.35 -24.34
CA GLY C 846 24.05 50.08 -25.10
C GLY C 846 23.79 49.53 -26.49
N ASP C 847 24.75 48.80 -27.06
CA ASP C 847 24.58 48.26 -28.40
C ASP C 847 23.61 47.09 -28.43
N TYR C 848 23.61 46.27 -27.38
CA TYR C 848 22.76 45.08 -27.30
C TYR C 848 21.72 45.28 -26.21
N ASN C 849 20.45 45.13 -26.56
CA ASN C 849 19.37 45.32 -25.60
C ASN C 849 19.35 44.16 -24.61
N LEU C 850 19.65 44.45 -23.35
CA LEU C 850 19.66 43.47 -22.28
C LEU C 850 18.78 43.92 -21.13
N SER C 851 17.60 44.46 -21.44
CA SER C 851 16.68 44.93 -20.42
C SER C 851 16.00 43.80 -19.66
N LEU C 852 16.10 42.56 -20.16
CA LEU C 852 15.46 41.44 -19.48
C LEU C 852 16.23 41.02 -18.24
N PHE C 853 17.56 41.10 -18.27
CA PHE C 853 18.40 40.50 -17.25
C PHE C 853 19.06 41.53 -16.34
N GLU C 854 18.57 42.76 -16.32
CA GLU C 854 19.16 43.82 -15.50
C GLU C 854 18.25 44.14 -14.32
N THR C 855 18.87 44.32 -13.15
CA THR C 855 18.12 44.73 -11.98
C THR C 855 17.76 46.22 -12.07
N PRO C 856 16.57 46.60 -11.55
CA PRO C 856 16.16 48.00 -11.61
C PRO C 856 16.98 48.92 -10.72
N GLY C 864 11.44 47.51 -3.79
CA GLY C 864 11.85 46.49 -2.84
C GLY C 864 12.01 45.13 -3.47
N ASN C 865 11.97 45.08 -4.79
CA ASN C 865 12.11 43.84 -5.55
C ASN C 865 13.43 43.86 -6.30
N TYR C 866 14.26 42.84 -6.07
CA TYR C 866 15.56 42.72 -6.71
C TYR C 866 15.53 41.83 -7.94
N ARG C 867 14.36 41.32 -8.32
CA ARG C 867 14.26 40.47 -9.49
C ARG C 867 14.36 41.30 -10.76
N SER C 868 14.80 40.66 -11.83
CA SER C 868 14.94 41.31 -13.12
C SER C 868 13.59 41.30 -13.84
N ALA C 869 13.58 41.67 -15.12
CA ALA C 869 12.34 41.69 -15.87
C ALA C 869 11.87 40.27 -16.21
N LEU C 870 12.80 39.39 -16.58
CA LEU C 870 12.43 38.03 -16.94
C LEU C 870 12.00 37.22 -15.72
N GLU C 871 12.67 37.42 -14.57
CA GLU C 871 12.27 36.72 -13.36
C GLU C 871 10.88 37.14 -12.90
N ASP C 872 10.58 38.44 -12.95
CA ASP C 872 9.26 38.94 -12.61
C ASP C 872 8.21 38.42 -13.60
N LEU C 873 8.55 38.39 -14.89
CA LEU C 873 7.63 37.87 -15.89
C LEU C 873 7.38 36.38 -15.70
N LEU C 874 8.40 35.63 -15.27
CA LEU C 874 8.22 34.21 -15.01
C LEU C 874 7.34 33.98 -13.78
N PHE C 875 7.53 34.76 -12.73
CA PHE C 875 6.75 34.58 -11.52
C PHE C 875 5.35 35.17 -11.59
N ASP C 876 5.06 36.01 -12.58
CA ASP C 876 3.74 36.61 -12.71
C ASP C 876 2.83 35.89 -13.68
N LYS C 877 3.37 35.23 -14.70
CA LYS C 877 2.55 34.55 -15.70
C LYS C 877 2.20 33.12 -15.31
N VAL C 878 2.70 32.61 -14.20
CA VAL C 878 2.38 31.27 -13.73
C VAL C 878 1.41 31.39 -12.57
N THR C 879 0.38 30.53 -12.57
CA THR C 879 -0.68 30.58 -11.57
C THR C 879 -0.27 29.69 -10.41
N LEU C 880 0.45 30.26 -9.46
CA LEU C 880 0.88 29.55 -8.27
C LEU C 880 0.35 30.27 -7.03
N SER C 881 0.00 29.48 -6.01
CA SER C 881 -0.49 30.00 -4.76
C SER C 881 0.68 30.06 -3.78
N VAL C 882 1.32 31.22 -3.69
CA VAL C 882 2.42 31.43 -2.77
C VAL C 882 1.86 31.55 -1.36
N PRO C 883 2.25 30.68 -0.43
CA PRO C 883 1.69 30.73 0.92
C PRO C 883 2.12 31.98 1.67
N GLY C 884 1.25 32.44 2.56
CA GLY C 884 1.59 33.53 3.44
C GLY C 884 2.45 33.05 4.59
N TYR C 885 3.65 33.59 4.70
CA TYR C 885 4.58 33.17 5.75
C TYR C 885 4.61 34.13 6.94
N MET C 886 4.17 35.37 6.76
CA MET C 886 4.21 36.33 7.85
C MET C 886 2.95 36.27 8.71
N LYS C 887 1.78 36.43 8.09
CA LYS C 887 0.49 36.38 8.77
C LYS C 887 -0.47 35.50 7.98
N GLY C 888 0.03 34.37 7.49
CA GLY C 888 -0.75 33.54 6.59
C GLY C 888 -1.89 32.79 7.25
N TYR C 889 -1.81 32.56 8.56
CA TYR C 889 -2.88 31.84 9.25
C TYR C 889 -4.14 32.71 9.34
N ASP C 890 -3.98 33.98 9.70
CA ASP C 890 -5.12 34.85 9.94
C ASP C 890 -5.85 35.22 8.66
N GLU C 891 -5.18 35.16 7.51
CA GLU C 891 -5.84 35.45 6.25
C GLU C 891 -6.77 34.31 5.84
N CYS C 892 -6.34 33.07 6.03
CA CYS C 892 -7.15 31.92 5.62
C CYS C 892 -8.23 31.61 6.66
N MET C 893 -7.79 31.26 7.86
CA MET C 893 -8.65 30.80 8.95
C MET C 893 -9.74 31.79 9.33
N LYS C 894 -9.37 33.00 9.77
CA LYS C 894 -10.34 33.98 10.26
C LYS C 894 -10.75 34.89 9.11
N LYS C 895 -11.56 34.35 8.20
CA LYS C 895 -12.10 35.14 7.09
C LYS C 895 -13.28 34.43 6.44
N ASP C 902 -8.35 26.04 -2.08
CA ASP C 902 -7.06 26.64 -1.77
C ASP C 902 -6.22 25.70 -0.92
N LEU C 903 -5.07 25.30 -1.46
CA LEU C 903 -4.15 24.46 -0.71
C LEU C 903 -3.26 25.25 0.24
N ILE C 904 -3.27 26.58 0.15
CA ILE C 904 -2.61 27.40 1.15
C ILE C 904 -3.53 27.73 2.31
N CYS C 905 -4.83 27.44 2.19
CA CYS C 905 -5.79 27.67 3.24
C CYS C 905 -6.30 26.38 3.87
N ALA C 906 -6.19 25.25 3.19
CA ALA C 906 -6.61 23.96 3.71
C ALA C 906 -5.49 23.20 4.41
N GLN C 907 -4.31 23.81 4.53
CA GLN C 907 -3.21 23.20 5.27
C GLN C 907 -3.35 23.38 6.76
N TYR C 908 -4.22 24.28 7.21
CA TYR C 908 -4.46 24.49 8.63
C TYR C 908 -5.59 23.61 9.16
N VAL C 909 -6.26 22.87 8.30
CA VAL C 909 -7.29 21.94 8.73
C VAL C 909 -6.93 20.48 8.45
N ALA C 910 -6.03 20.21 7.52
CA ALA C 910 -5.61 18.85 7.20
C ALA C 910 -4.33 18.44 7.92
N GLY C 911 -3.74 19.33 8.71
CA GLY C 911 -2.56 19.00 9.51
C GLY C 911 -1.29 18.75 8.73
N TYR C 912 -1.02 19.54 7.70
CA TYR C 912 0.28 19.54 7.03
C TYR C 912 0.73 20.98 6.83
N LYS C 913 2.04 21.19 6.82
CA LYS C 913 2.60 22.52 6.71
C LYS C 913 3.60 22.56 5.58
N VAL C 914 3.43 23.49 4.65
CA VAL C 914 4.38 23.71 3.58
C VAL C 914 5.48 24.63 4.09
N LEU C 915 6.70 24.11 4.16
CA LEU C 915 7.80 24.86 4.75
C LEU C 915 8.22 26.00 3.84
N PRO C 916 8.67 27.12 4.41
CA PRO C 916 9.15 28.24 3.61
C PRO C 916 10.46 27.88 2.92
N PRO C 917 10.79 28.55 1.81
CA PRO C 917 12.04 28.23 1.12
C PRO C 917 13.26 28.65 1.92
N LEU C 918 14.39 28.04 1.57
CA LEU C 918 15.63 28.29 2.29
C LEU C 918 16.08 29.74 2.17
N TYR C 919 16.02 30.29 0.97
CA TYR C 919 16.50 31.64 0.72
C TYR C 919 15.32 32.54 0.39
N ASP C 920 15.48 33.82 0.69
CA ASP C 920 14.51 34.82 0.27
C ASP C 920 14.54 34.95 -1.24
N SER C 921 13.44 35.47 -1.80
CA SER C 921 13.39 35.72 -3.24
C SER C 921 14.42 36.75 -3.66
N ASN C 922 14.66 37.76 -2.82
CA ASN C 922 15.61 38.81 -3.16
C ASN C 922 17.03 38.26 -3.21
N MET C 923 17.42 37.44 -2.24
CA MET C 923 18.79 36.91 -2.20
C MET C 923 19.05 35.92 -3.33
N GLU C 924 18.04 35.15 -3.70
CA GLU C 924 18.11 34.31 -4.89
C GLU C 924 18.30 35.16 -6.14
N ALA C 925 17.60 36.29 -6.22
CA ALA C 925 17.79 37.21 -7.32
C ALA C 925 19.17 37.87 -7.31
N MET C 926 19.76 38.08 -6.14
CA MET C 926 21.13 38.63 -6.13
C MET C 926 22.16 37.62 -6.60
N TYR C 927 21.99 36.34 -6.23
CA TYR C 927 22.84 35.29 -6.81
C TYR C 927 22.70 35.24 -8.33
N THR C 928 21.45 35.30 -8.82
CA THR C 928 21.23 35.26 -10.26
C THR C 928 21.79 36.50 -10.96
N ALA C 929 21.63 37.68 -10.34
CA ALA C 929 22.13 38.92 -10.94
C ALA C 929 23.65 38.93 -11.00
N SER C 930 24.32 38.45 -9.95
CA SER C 930 25.77 38.37 -9.97
C SER C 930 26.27 37.35 -10.99
N LEU C 931 25.52 36.25 -11.17
CA LEU C 931 25.88 35.30 -12.22
C LEU C 931 25.73 35.92 -13.60
N THR C 932 24.66 36.69 -13.82
CA THR C 932 24.43 37.34 -15.11
C THR C 932 25.50 38.39 -15.40
N GLY C 933 25.91 39.15 -14.39
CA GLY C 933 26.89 40.20 -14.60
C GLY C 933 28.30 39.70 -14.86
N SER C 934 28.56 38.41 -14.65
CA SER C 934 29.88 37.84 -14.80
C SER C 934 30.09 37.11 -16.13
N ILE C 935 29.10 37.11 -17.04
CA ILE C 935 29.23 36.32 -18.26
C ILE C 935 30.09 36.98 -19.32
N ALA C 936 30.43 38.26 -19.17
CA ALA C 936 31.27 38.96 -20.15
C ALA C 936 32.74 38.96 -19.75
N GLY C 937 33.21 37.88 -19.14
CA GLY C 937 34.61 37.75 -18.83
C GLY C 937 35.42 37.33 -20.03
N ALA C 938 36.74 37.31 -19.84
CA ALA C 938 37.63 36.84 -20.89
C ALA C 938 37.49 35.33 -21.04
N LEU C 939 37.25 34.88 -22.27
CA LEU C 939 37.03 33.45 -22.51
C LEU C 939 38.32 32.66 -22.32
N TRP C 940 39.44 33.19 -22.79
CA TRP C 940 40.73 32.54 -22.61
C TRP C 940 41.20 32.71 -21.17
N THR C 941 41.84 31.67 -20.64
CA THR C 941 42.37 31.60 -19.28
C THR C 941 41.32 31.92 -18.21
N ALA C 947 38.56 37.70 -12.58
CA ALA C 947 39.42 37.55 -13.74
C ALA C 947 39.50 38.84 -14.55
N ALA C 948 38.74 38.89 -15.64
CA ALA C 948 38.71 40.06 -16.50
C ALA C 948 37.27 40.48 -16.75
N SER C 949 37.08 41.79 -16.84
CA SER C 949 35.79 42.38 -17.21
C SER C 949 35.93 42.90 -18.62
N LEU C 950 34.94 42.59 -19.47
CA LEU C 950 34.86 43.07 -20.83
C LEU C 950 33.47 43.60 -21.10
N PRO C 951 33.29 44.48 -22.09
CA PRO C 951 31.94 44.88 -22.47
C PRO C 951 31.21 43.73 -23.12
N PHE C 952 29.89 43.83 -23.16
CA PHE C 952 29.11 42.75 -23.74
C PHE C 952 29.31 42.66 -25.25
N ALA C 953 29.45 43.80 -25.94
CA ALA C 953 29.70 43.77 -27.38
C ALA C 953 31.07 43.16 -27.70
N GLN C 954 32.09 43.49 -26.91
CA GLN C 954 33.42 42.93 -27.13
C GLN C 954 33.45 41.44 -26.79
N SER C 955 32.73 41.05 -25.74
CA SER C 955 32.68 39.64 -25.37
C SER C 955 31.92 38.83 -26.41
N ILE C 956 30.83 39.36 -26.96
CA ILE C 956 30.13 38.61 -27.99
C ILE C 956 30.91 38.63 -29.30
N TYR C 957 31.75 39.65 -29.53
CA TYR C 957 32.66 39.61 -30.67
C TYR C 957 33.67 38.47 -30.54
N TYR C 958 34.26 38.32 -29.34
CA TYR C 958 35.14 37.18 -29.12
C TYR C 958 34.41 35.85 -29.14
N ARG C 959 33.11 35.82 -28.84
CA ARG C 959 32.37 34.56 -28.91
C ARG C 959 32.08 34.14 -30.35
N MET C 960 31.67 35.08 -31.21
CA MET C 960 31.51 34.72 -32.62
C MET C 960 32.83 34.60 -33.38
N ASN C 961 33.93 35.12 -32.84
CA ASN C 961 35.21 34.92 -33.52
C ASN C 961 35.63 33.46 -33.49
N GLY C 962 35.43 32.78 -32.36
CA GLY C 962 35.75 31.37 -32.27
C GLY C 962 34.77 30.43 -32.93
N ILE C 963 33.62 30.95 -33.34
CA ILE C 963 32.62 30.13 -34.03
C ILE C 963 33.14 29.72 -35.40
N GLY C 964 33.85 30.61 -36.08
CA GLY C 964 34.28 30.38 -37.44
C GLY C 964 34.02 31.58 -38.32
N ILE C 965 33.73 32.72 -37.70
CA ILE C 965 33.54 33.98 -38.41
C ILE C 965 34.79 34.82 -38.25
N THR C 966 35.32 35.33 -39.36
CA THR C 966 36.55 36.10 -39.31
C THR C 966 36.29 37.50 -38.79
N GLN C 967 37.39 38.24 -38.57
CA GLN C 967 37.30 39.54 -37.91
C GLN C 967 36.61 40.58 -38.77
N ASN C 968 36.93 40.60 -40.08
CA ASN C 968 36.40 41.65 -40.95
C ASN C 968 34.90 41.56 -41.14
N VAL C 969 34.35 40.34 -41.08
CA VAL C 969 32.91 40.16 -41.16
C VAL C 969 32.23 40.77 -39.94
N LEU C 970 32.81 40.57 -38.77
CA LEU C 970 32.21 41.08 -37.54
C LEU C 970 32.38 42.59 -37.41
N MET C 971 33.50 43.15 -37.91
CA MET C 971 33.64 44.60 -37.87
C MET C 971 32.76 45.29 -38.91
N GLU C 972 32.58 44.66 -40.07
CA GLU C 972 31.72 45.27 -41.08
C GLU C 972 30.24 45.12 -40.76
N ASN C 973 29.85 44.20 -39.88
CA ASN C 973 28.46 43.95 -39.54
C ASN C 973 28.21 44.16 -38.06
N GLN C 974 28.80 45.21 -37.48
CA GLN C 974 28.65 45.44 -36.04
C GLN C 974 27.22 45.85 -35.68
N LYS C 975 26.59 46.68 -36.52
CA LYS C 975 25.22 47.10 -36.27
C LYS C 975 24.22 46.01 -36.60
N LEU C 976 24.47 45.27 -37.67
CA LEU C 976 23.54 44.24 -38.13
C LEU C 976 23.43 43.10 -37.14
N ILE C 977 24.55 42.71 -36.52
CA ILE C 977 24.55 41.62 -35.54
C ILE C 977 23.73 41.99 -34.31
N ALA C 978 23.89 43.22 -33.82
CA ALA C 978 23.10 43.67 -32.67
C ALA C 978 21.63 43.80 -33.03
N ASN C 979 21.32 44.27 -34.25
CA ASN C 979 19.93 44.36 -34.67
C ASN C 979 19.29 42.99 -34.83
N LYS C 980 20.07 41.97 -35.19
CA LYS C 980 19.54 40.62 -35.26
C LYS C 980 19.47 39.94 -33.90
N PHE C 981 20.31 40.35 -32.95
CA PHE C 981 20.23 39.85 -31.59
C PHE C 981 18.98 40.35 -30.89
N ASN C 982 18.66 41.64 -31.10
CA ASN C 982 17.48 42.21 -30.48
C ASN C 982 16.19 41.62 -31.03
N GLN C 983 16.19 41.21 -32.30
CA GLN C 983 15.01 40.57 -32.87
C GLN C 983 14.72 39.22 -32.20
N ALA C 984 15.76 38.44 -31.96
CA ALA C 984 15.59 37.16 -31.28
C ALA C 984 15.10 37.36 -29.84
N LEU C 985 15.67 38.34 -29.14
CA LEU C 985 15.21 38.57 -27.77
C LEU C 985 13.77 39.12 -27.73
N GLY C 986 13.40 39.95 -28.70
CA GLY C 986 12.02 40.42 -28.75
C GLY C 986 11.02 39.32 -29.08
N ALA C 987 11.40 38.42 -30.00
CA ALA C 987 10.54 37.28 -30.31
C ALA C 987 10.41 36.35 -29.11
N MET C 988 11.48 36.22 -28.33
CA MET C 988 11.40 35.42 -27.10
C MET C 988 10.50 36.10 -26.07
N GLN C 989 10.55 37.44 -26.01
CA GLN C 989 9.69 38.16 -25.07
C GLN C 989 8.21 38.04 -25.43
N THR C 990 7.88 38.13 -26.72
CA THR C 990 6.48 38.11 -27.11
C THR C 990 5.90 36.71 -27.22
N GLY C 991 6.72 35.67 -27.06
CA GLY C 991 6.26 34.31 -27.26
C GLY C 991 5.80 33.58 -26.02
N PHE C 992 5.49 34.32 -24.95
CA PHE C 992 5.05 33.69 -23.70
C PHE C 992 3.54 33.48 -23.65
N THR C 993 2.94 32.91 -24.70
CA THR C 993 1.56 32.47 -24.62
C THR C 993 1.42 30.96 -24.82
N THR C 994 1.79 30.45 -26.00
CA THR C 994 1.73 29.02 -26.30
C THR C 994 2.92 28.53 -27.09
N THR C 995 3.75 29.41 -27.67
CA THR C 995 4.76 28.98 -28.62
C THR C 995 5.88 28.19 -27.96
N ASN C 996 6.17 28.46 -26.69
CA ASN C 996 7.23 27.77 -25.97
C ASN C 996 6.68 26.67 -25.06
N GLN C 997 7.42 25.58 -24.97
CA GLN C 997 7.07 24.48 -24.09
C GLN C 997 7.79 24.55 -22.75
N ALA C 998 8.82 25.40 -22.60
CA ALA C 998 9.54 25.51 -21.34
C ALA C 998 8.68 26.15 -20.26
N PHE C 999 7.97 27.23 -20.62
CA PHE C 999 7.09 27.88 -19.67
C PHE C 999 5.92 26.97 -19.28
N GLN C 1000 5.50 26.10 -20.21
CA GLN C 1000 4.51 25.10 -19.87
C GLN C 1000 5.07 24.08 -18.88
N LYS C 1001 6.37 23.78 -18.96
CA LYS C 1001 7.01 22.95 -17.95
C LYS C 1001 7.06 23.65 -16.59
N VAL C 1002 7.26 24.98 -16.60
CA VAL C 1002 7.22 25.76 -15.36
C VAL C 1002 5.84 25.64 -14.72
N GLN C 1003 4.79 25.72 -15.52
CA GLN C 1003 3.45 25.51 -14.97
C GLN C 1003 3.20 24.06 -14.57
N ASP C 1004 3.80 23.11 -15.28
CA ASP C 1004 3.58 21.70 -14.98
C ASP C 1004 4.16 21.31 -13.62
N ALA C 1005 5.29 21.91 -13.24
CA ALA C 1005 5.84 21.64 -11.90
C ALA C 1005 4.92 22.14 -10.80
N VAL C 1006 4.36 23.34 -10.98
CA VAL C 1006 3.42 23.91 -10.02
C VAL C 1006 2.16 23.05 -9.92
N ASN C 1007 1.66 22.59 -11.07
CA ASN C 1007 0.47 21.74 -11.08
C ASN C 1007 0.74 20.40 -10.41
N ALA C 1008 1.94 19.85 -10.59
CA ALA C 1008 2.30 18.59 -9.93
C ALA C 1008 2.33 18.75 -8.41
N ASN C 1009 2.94 19.83 -7.91
CA ASN C 1009 2.93 20.08 -6.48
C ASN C 1009 1.52 20.29 -5.93
N ALA C 1010 0.69 21.02 -6.70
CA ALA C 1010 -0.68 21.26 -6.28
C ALA C 1010 -1.48 19.96 -6.21
N GLN C 1011 -1.28 19.06 -7.19
CA GLN C 1011 -1.99 17.79 -7.18
C GLN C 1011 -1.52 16.90 -6.03
N ALA C 1012 -0.23 16.94 -5.70
CA ALA C 1012 0.25 16.17 -4.56
C ALA C 1012 -0.39 16.66 -3.25
N LEU C 1013 -0.44 17.98 -3.07
CA LEU C 1013 -1.06 18.53 -1.86
C LEU C 1013 -2.56 18.25 -1.82
N SER C 1014 -3.22 18.30 -2.97
CA SER C 1014 -4.65 18.00 -3.02
C SER C 1014 -4.93 16.54 -2.69
N LYS C 1015 -4.08 15.63 -3.18
CA LYS C 1015 -4.23 14.22 -2.84
C LYS C 1015 -4.00 13.99 -1.35
N LEU C 1016 -3.06 14.71 -0.75
CA LEU C 1016 -2.85 14.59 0.69
C LEU C 1016 -4.05 15.13 1.48
N ALA C 1017 -4.65 16.23 1.02
CA ALA C 1017 -5.67 16.91 1.79
C ALA C 1017 -7.08 16.38 1.58
N SER C 1018 -7.37 15.81 0.41
CA SER C 1018 -8.74 15.44 0.07
C SER C 1018 -9.09 14.00 0.45
N GLU C 1019 -8.18 13.27 1.08
CA GLU C 1019 -8.46 11.91 1.50
C GLU C 1019 -8.76 11.82 2.99
N LEU C 1020 -8.98 12.96 3.66
CA LEU C 1020 -9.55 12.94 5.00
C LEU C 1020 -11.05 12.66 4.96
N SER C 1021 -11.71 13.02 3.86
CA SER C 1021 -13.15 12.86 3.72
C SER C 1021 -13.55 11.49 3.22
N ASN C 1022 -12.60 10.63 2.90
CA ASN C 1022 -12.90 9.29 2.43
C ASN C 1022 -13.24 8.40 3.60
N THR C 1023 -14.42 7.75 3.54
CA THR C 1023 -14.83 6.88 4.63
C THR C 1023 -14.08 5.55 4.63
N PHE C 1024 -13.55 5.15 3.47
CA PHE C 1024 -12.80 3.90 3.29
C PHE C 1024 -13.62 2.68 3.71
N GLY C 1025 -14.92 2.71 3.42
CA GLY C 1025 -15.80 1.62 3.76
C GLY C 1025 -16.48 1.72 5.11
N ALA C 1026 -16.11 2.72 5.93
CA ALA C 1026 -16.75 2.89 7.22
C ALA C 1026 -18.08 3.62 7.06
N ILE C 1027 -18.82 3.76 8.16
CA ILE C 1027 -20.10 4.46 8.11
C ILE C 1027 -19.92 5.96 7.93
N SER C 1028 -18.77 6.49 8.32
CA SER C 1028 -18.52 7.93 8.21
C SER C 1028 -17.01 8.16 8.21
N ALA C 1029 -16.62 9.35 7.78
CA ALA C 1029 -15.22 9.75 7.78
C ALA C 1029 -14.83 10.51 9.04
N SER C 1030 -15.76 10.68 9.98
CA SER C 1030 -15.50 11.37 11.22
C SER C 1030 -15.38 10.35 12.35
N ILE C 1031 -14.30 10.47 13.13
CA ILE C 1031 -14.09 9.56 14.24
C ILE C 1031 -15.16 9.78 15.32
N GLY C 1032 -15.56 11.03 15.54
CA GLY C 1032 -16.55 11.32 16.56
C GLY C 1032 -17.91 10.75 16.25
N ASP C 1033 -18.32 10.78 14.97
CA ASP C 1033 -19.59 10.19 14.59
C ASP C 1033 -19.58 8.68 14.72
N ILE C 1034 -18.45 8.05 14.45
CA ILE C 1034 -18.31 6.61 14.63
C ILE C 1034 -18.37 6.24 16.11
N LEU C 1035 -17.70 7.04 16.95
CA LEU C 1035 -17.72 6.78 18.39
C LEU C 1035 -19.11 7.00 18.97
N LYS C 1036 -19.86 7.98 18.46
CA LYS C 1036 -21.20 8.22 18.96
C LYS C 1036 -22.19 7.16 18.50
N ARG C 1037 -22.11 6.77 17.23
CA ARG C 1037 -23.14 5.91 16.65
C ARG C 1037 -22.99 4.44 17.04
N LEU C 1038 -21.77 3.95 17.22
CA LEU C 1038 -21.54 2.51 17.31
C LEU C 1038 -21.07 2.09 18.70
N ASP C 1039 -21.25 0.80 18.96
CA ASP C 1039 -20.82 0.14 20.18
C ASP C 1039 -19.31 -0.07 20.17
N THR C 1040 -18.78 -0.46 21.32
CA THR C 1040 -17.33 -0.53 21.52
C THR C 1040 -16.66 -1.68 20.79
N LEU C 1041 -17.43 -2.63 20.25
CA LEU C 1041 -16.83 -3.73 19.50
C LEU C 1041 -16.72 -3.44 18.01
N GLU C 1042 -17.70 -2.76 17.43
CA GLU C 1042 -17.65 -2.38 16.03
C GLU C 1042 -16.88 -1.07 15.81
N GLN C 1043 -16.66 -0.30 16.88
CA GLN C 1043 -15.86 0.91 16.78
C GLN C 1043 -14.44 0.59 16.35
N GLU C 1044 -13.87 -0.50 16.86
CA GLU C 1044 -12.54 -0.91 16.47
C GLU C 1044 -12.48 -1.26 14.99
N VAL C 1045 -13.51 -1.97 14.51
CA VAL C 1045 -13.53 -2.43 13.13
C VAL C 1045 -13.63 -1.26 12.17
N GLN C 1046 -14.46 -0.27 12.50
CA GLN C 1046 -14.61 0.86 11.60
C GLN C 1046 -13.44 1.85 11.70
N ILE C 1047 -12.93 2.09 12.90
CA ILE C 1047 -11.82 3.03 13.06
C ILE C 1047 -10.56 2.45 12.44
N ASP C 1048 -10.39 1.13 12.49
CA ASP C 1048 -9.23 0.51 11.88
C ASP C 1048 -9.24 0.66 10.36
N ARG C 1049 -10.40 0.55 9.72
CA ARG C 1049 -10.42 0.71 8.27
C ARG C 1049 -10.32 2.18 7.87
N LEU C 1050 -10.68 3.12 8.74
CA LEU C 1050 -10.29 4.50 8.47
C LEU C 1050 -8.77 4.69 8.60
N ILE C 1051 -8.19 4.08 9.64
CA ILE C 1051 -6.77 4.22 9.96
C ILE C 1051 -5.91 3.69 8.82
N ASN C 1052 -6.30 2.55 8.24
CA ASN C 1052 -5.55 1.96 7.14
C ASN C 1052 -5.51 2.89 5.93
N GLY C 1053 -6.63 3.55 5.63
CA GLY C 1053 -6.62 4.51 4.54
C GLY C 1053 -5.73 5.70 4.81
N ARG C 1054 -5.75 6.21 6.05
CA ARG C 1054 -4.86 7.33 6.38
C ARG C 1054 -3.39 6.93 6.30
N LEU C 1055 -3.04 5.73 6.78
CA LEU C 1055 -1.66 5.27 6.70
C LEU C 1055 -1.23 5.08 5.25
N THR C 1056 -2.12 4.54 4.41
CA THR C 1056 -1.81 4.39 2.99
C THR C 1056 -1.56 5.74 2.34
N SER C 1057 -2.37 6.75 2.67
CA SER C 1057 -2.17 8.09 2.11
C SER C 1057 -0.84 8.68 2.54
N LEU C 1058 -0.49 8.55 3.83
CA LEU C 1058 0.78 9.11 4.31
C LEU C 1058 1.97 8.40 3.70
N ASN C 1059 1.91 7.07 3.58
CA ASN C 1059 3.02 6.33 2.99
C ASN C 1059 3.17 6.64 1.50
N ALA C 1060 2.06 6.83 0.79
CA ALA C 1060 2.12 7.22 -0.61
C ALA C 1060 2.74 8.60 -0.77
N PHE C 1061 2.38 9.55 0.11
CA PHE C 1061 2.98 10.87 0.05
C PHE C 1061 4.48 10.83 0.33
N VAL C 1062 4.91 10.02 1.29
CA VAL C 1062 6.33 9.94 1.62
C VAL C 1062 7.12 9.32 0.47
N SER C 1063 6.59 8.25 -0.13
CA SER C 1063 7.28 7.62 -1.26
C SER C 1063 7.35 8.57 -2.46
N GLN C 1064 6.28 9.31 -2.72
CA GLN C 1064 6.29 10.31 -3.79
C GLN C 1064 7.31 11.40 -3.52
N GLN C 1065 7.44 11.83 -2.26
CA GLN C 1065 8.44 12.82 -1.90
C GLN C 1065 9.85 12.29 -2.11
N LEU C 1066 10.06 10.99 -1.84
CA LEU C 1066 11.37 10.40 -2.08
C LEU C 1066 11.72 10.37 -3.57
N VAL C 1067 10.76 10.00 -4.41
CA VAL C 1067 11.01 9.99 -5.86
C VAL C 1067 11.27 11.41 -6.38
N ARG C 1068 10.50 12.38 -5.88
CA ARG C 1068 10.74 13.76 -6.29
C ARG C 1068 12.07 14.29 -5.78
N SER C 1069 12.54 13.83 -4.62
CA SER C 1069 13.87 14.19 -4.15
C SER C 1069 14.95 13.61 -5.07
N GLU C 1070 14.73 12.40 -5.58
CA GLU C 1070 15.64 11.82 -6.56
C GLU C 1070 15.72 12.67 -7.82
N ALA C 1071 14.55 13.07 -8.33
CA ALA C 1071 14.50 13.92 -9.51
C ALA C 1071 15.18 15.27 -9.26
N ALA C 1072 14.98 15.82 -8.06
CA ALA C 1072 15.59 17.10 -7.73
C ALA C 1072 17.11 16.99 -7.63
N ALA C 1073 17.62 15.88 -7.11
CA ALA C 1073 19.07 15.70 -7.06
C ALA C 1073 19.67 15.60 -8.45
N ARG C 1074 19.03 14.81 -9.32
CA ARG C 1074 19.52 14.70 -10.70
C ARG C 1074 19.45 16.04 -11.43
N SER C 1075 18.37 16.78 -11.24
CA SER C 1075 18.24 18.08 -11.90
C SER C 1075 19.16 19.13 -11.30
N SER C 1076 19.52 19.01 -10.02
CA SER C 1076 20.49 19.93 -9.43
C SER C 1076 21.88 19.71 -10.02
N GLN C 1077 22.27 18.44 -10.19
CA GLN C 1077 23.53 18.18 -10.88
C GLN C 1077 23.48 18.67 -12.32
N LEU C 1078 22.33 18.50 -12.97
CA LEU C 1078 22.17 18.99 -14.34
C LEU C 1078 22.31 20.50 -14.42
N VAL C 1079 21.72 21.23 -13.46
CA VAL C 1079 21.79 22.69 -13.46
C VAL C 1079 23.21 23.17 -13.19
N LYS C 1080 23.93 22.48 -12.31
CA LYS C 1080 25.33 22.80 -12.10
C LYS C 1080 26.15 22.65 -13.38
N ASP C 1081 25.91 21.54 -14.11
CA ASP C 1081 26.59 21.35 -15.39
C ASP C 1081 26.20 22.40 -16.42
N LYS C 1082 24.90 22.73 -16.50
CA LYS C 1082 24.41 23.74 -17.43
C LYS C 1082 25.05 25.09 -17.15
N VAL C 1083 25.12 25.49 -15.87
CA VAL C 1083 25.70 26.79 -15.54
C VAL C 1083 27.18 26.82 -15.90
N ASN C 1084 27.94 25.81 -15.45
CA ASN C 1084 29.38 25.82 -15.67
C ASN C 1084 29.77 25.56 -17.12
N GLU C 1085 28.87 25.07 -17.97
CA GLU C 1085 29.19 24.81 -19.36
C GLU C 1085 28.54 25.79 -20.34
N CYS C 1086 27.49 26.50 -19.91
CA CYS C 1086 26.76 27.43 -20.76
C CYS C 1086 26.97 28.88 -20.36
N VAL C 1087 26.82 29.20 -19.08
CA VAL C 1087 26.72 30.59 -18.65
C VAL C 1087 28.10 31.20 -18.41
N LYS C 1088 28.95 30.51 -17.64
CA LYS C 1088 30.27 31.04 -17.36
C LYS C 1088 31.23 30.91 -18.53
N SER C 1089 30.97 30.01 -19.47
CA SER C 1089 31.79 29.86 -20.66
C SER C 1089 30.93 29.27 -21.76
N GLN C 1090 31.33 29.52 -23.00
CA GLN C 1090 30.60 28.97 -24.14
C GLN C 1090 31.03 27.53 -24.38
N SER C 1091 30.10 26.74 -24.92
CA SER C 1091 30.27 25.30 -25.02
C SER C 1091 30.64 24.90 -26.45
N SER C 1092 31.49 23.88 -26.55
CA SER C 1092 31.95 23.35 -27.83
C SER C 1092 31.13 22.16 -28.30
N ARG C 1093 30.09 21.77 -27.56
CA ARG C 1093 29.32 20.59 -27.88
C ARG C 1093 27.93 20.97 -28.35
N ASN C 1094 27.42 20.24 -29.35
CA ASN C 1094 26.12 20.53 -29.93
C ASN C 1094 25.02 19.91 -29.07
N GLY C 1095 23.81 20.41 -29.26
CA GLY C 1095 22.66 19.95 -28.48
C GLY C 1095 22.62 20.45 -27.05
N PHE C 1096 23.70 20.28 -26.31
CA PHE C 1096 23.86 20.90 -25.00
C PHE C 1096 23.96 22.41 -25.18
N CYS C 1097 23.54 23.14 -24.14
CA CYS C 1097 23.43 24.61 -24.16
C CYS C 1097 22.53 25.08 -25.30
N GLY C 1098 21.41 24.40 -25.49
CA GLY C 1098 20.46 24.76 -26.52
C GLY C 1098 20.82 24.18 -27.88
N GLN C 1099 19.84 24.21 -28.77
CA GLN C 1099 20.05 23.70 -30.12
C GLN C 1099 20.81 24.74 -30.96
N GLY C 1100 21.28 24.29 -32.11
CA GLY C 1100 22.16 25.12 -32.93
C GLY C 1100 23.59 25.07 -32.43
N THR C 1101 24.31 26.16 -32.65
CA THR C 1101 25.68 26.31 -32.19
C THR C 1101 25.71 27.41 -31.15
N HIS C 1102 26.20 27.08 -29.95
CA HIS C 1102 26.06 27.95 -28.79
C HIS C 1102 26.94 29.18 -28.90
N ILE C 1103 26.41 30.32 -28.45
CA ILE C 1103 27.16 31.57 -28.42
C ILE C 1103 27.17 32.13 -27.00
N VAL C 1104 25.98 32.33 -26.42
CA VAL C 1104 25.86 32.90 -25.09
C VAL C 1104 24.58 32.38 -24.45
N SER C 1105 24.61 32.23 -23.12
CA SER C 1105 23.48 31.74 -22.35
C SER C 1105 23.27 32.60 -21.12
N PHE C 1106 22.00 32.77 -20.75
CA PHE C 1106 21.60 33.50 -19.55
C PHE C 1106 20.76 32.59 -18.67
N ALA C 1107 21.02 32.65 -17.37
CA ALA C 1107 20.29 31.85 -16.40
C ALA C 1107 19.56 32.78 -15.45
N VAL C 1108 18.25 32.54 -15.27
CA VAL C 1108 17.43 33.30 -14.36
C VAL C 1108 16.65 32.34 -13.46
N ASN C 1109 16.09 32.88 -12.38
CA ASN C 1109 15.32 32.10 -11.44
C ASN C 1109 13.95 31.74 -12.02
N ALA C 1110 13.42 30.62 -11.54
CA ALA C 1110 12.11 30.09 -11.89
C ALA C 1110 11.43 29.69 -10.59
N PRO C 1111 10.08 29.53 -10.61
CA PRO C 1111 9.36 29.11 -9.39
C PRO C 1111 9.89 27.87 -8.68
N ASN C 1112 10.01 26.74 -9.37
CA ASN C 1112 10.49 25.51 -8.74
C ASN C 1112 11.91 25.16 -9.17
N GLY C 1113 12.59 26.01 -9.91
CA GLY C 1113 13.91 25.69 -10.40
C GLY C 1113 14.61 26.86 -11.07
N PHE C 1114 15.23 26.60 -12.22
CA PHE C 1114 15.98 27.62 -12.94
C PHE C 1114 15.57 27.64 -14.40
N TYR C 1115 15.64 28.84 -14.99
CA TYR C 1115 15.29 29.06 -16.38
C TYR C 1115 16.55 29.48 -17.13
N PHE C 1116 16.82 28.82 -18.24
CA PHE C 1116 18.00 29.10 -19.06
C PHE C 1116 17.56 29.66 -20.41
N VAL C 1117 18.20 30.73 -20.85
CA VAL C 1117 17.95 31.33 -22.15
C VAL C 1117 19.22 31.16 -22.97
N HIS C 1118 19.22 30.18 -23.87
CA HIS C 1118 20.38 29.92 -24.72
C HIS C 1118 20.22 30.64 -26.04
N VAL C 1119 21.26 31.39 -26.43
CA VAL C 1119 21.29 32.09 -27.71
C VAL C 1119 22.27 31.36 -28.62
N GLY C 1120 21.79 30.92 -29.79
CA GLY C 1120 22.56 30.11 -30.70
C GLY C 1120 22.77 30.77 -32.05
N TYR C 1121 23.68 30.19 -32.81
CA TYR C 1121 24.00 30.64 -34.16
C TYR C 1121 23.31 29.71 -35.16
N HIS C 1122 22.30 30.22 -35.84
CA HIS C 1122 21.49 29.42 -36.75
C HIS C 1122 21.66 29.91 -38.18
N PRO C 1123 22.43 29.22 -39.01
CA PRO C 1123 22.56 29.63 -40.42
C PRO C 1123 21.29 29.36 -41.21
N THR C 1124 21.09 30.14 -42.26
CA THR C 1124 19.87 30.08 -43.05
C THR C 1124 20.11 29.64 -44.49
N ASP C 1125 20.96 30.34 -45.23
CA ASP C 1125 21.22 30.02 -46.63
C ASP C 1125 22.67 29.55 -46.78
N TYR C 1126 22.85 28.49 -47.55
CA TYR C 1126 24.14 27.84 -47.74
C TYR C 1126 24.61 28.01 -49.17
N VAL C 1127 25.92 28.01 -49.35
CA VAL C 1127 26.56 28.03 -50.66
C VAL C 1127 27.46 26.81 -50.78
N ASN C 1128 27.29 26.06 -51.87
CA ASN C 1128 28.17 24.92 -52.11
C ASN C 1128 29.54 25.40 -52.58
N GLN C 1129 30.58 24.66 -52.17
CA GLN C 1129 31.95 25.02 -52.48
C GLN C 1129 32.83 23.78 -52.37
N THR C 1130 34.02 23.89 -52.96
CA THR C 1130 35.03 22.83 -52.89
C THR C 1130 36.29 23.37 -52.24
N SER C 1131 36.97 22.51 -51.50
CA SER C 1131 38.18 22.90 -50.78
C SER C 1131 39.17 21.74 -50.82
N ALA C 1132 40.21 21.81 -50.00
CA ALA C 1132 41.28 20.83 -50.05
C ALA C 1132 41.80 20.55 -48.65
N TYR C 1133 42.37 19.34 -48.48
CA TYR C 1133 42.94 18.95 -47.19
C TYR C 1133 44.12 19.85 -46.82
N GLY C 1134 44.98 20.15 -47.79
CA GLY C 1134 46.10 21.02 -47.56
C GLY C 1134 46.35 21.88 -48.78
N LEU C 1135 47.49 22.56 -48.82
CA LEU C 1135 47.79 23.46 -49.94
C LEU C 1135 49.29 23.72 -49.93
N CYS C 1136 50.00 23.26 -50.96
CA CYS C 1136 51.43 23.53 -51.09
C CYS C 1136 51.86 23.37 -52.54
N ASP C 1137 53.15 23.60 -52.76
CA ASP C 1137 53.72 23.70 -54.09
C ASP C 1137 54.11 22.34 -54.64
N SER C 1138 54.71 22.34 -55.83
CA SER C 1138 55.09 21.10 -56.49
C SER C 1138 56.27 20.42 -55.82
N SER C 1139 57.09 21.18 -55.08
CA SER C 1139 58.23 20.56 -54.40
C SER C 1139 57.79 19.68 -53.24
N ASN C 1140 56.61 19.97 -52.67
CA ASN C 1140 56.04 19.23 -51.53
C ASN C 1140 57.00 19.20 -50.34
N THR C 1141 57.63 20.33 -50.07
CA THR C 1141 58.57 20.45 -48.95
C THR C 1141 57.86 20.89 -47.67
N LYS C 1142 57.18 22.03 -47.72
CA LYS C 1142 56.38 22.52 -46.61
C LYS C 1142 54.96 22.76 -47.09
N CYS C 1143 53.98 22.38 -46.26
CA CYS C 1143 52.58 22.51 -46.63
C CYS C 1143 51.80 23.10 -45.48
N ILE C 1144 50.68 23.75 -45.82
CA ILE C 1144 49.86 24.44 -44.84
C ILE C 1144 48.44 23.86 -44.88
N ALA C 1145 47.70 24.13 -43.80
CA ALA C 1145 46.29 23.76 -43.71
C ALA C 1145 45.52 24.95 -43.15
N ALA C 1146 44.25 25.03 -43.51
CA ALA C 1146 43.42 26.17 -43.10
C ALA C 1146 43.10 26.09 -41.61
N LYS C 1147 43.00 27.26 -40.98
CA LYS C 1147 42.66 27.39 -39.57
C LYS C 1147 41.27 27.99 -39.45
N ASN C 1148 40.36 27.25 -38.81
CA ASN C 1148 38.97 27.66 -38.59
C ASN C 1148 38.26 28.00 -39.91
N GLY C 1149 38.48 27.17 -40.92
CA GLY C 1149 37.89 27.45 -42.22
C GLY C 1149 38.38 26.45 -43.25
N TYR C 1150 38.06 26.75 -44.50
CA TYR C 1150 38.41 25.90 -45.62
C TYR C 1150 39.07 26.74 -46.70
N PHE C 1151 39.93 26.08 -47.50
CA PHE C 1151 40.64 26.74 -48.59
C PHE C 1151 39.76 26.68 -49.84
N ILE C 1152 38.98 27.75 -50.04
CA ILE C 1152 38.06 27.79 -51.18
C ILE C 1152 38.80 28.18 -52.45
N LYS C 1153 38.15 28.01 -53.59
CA LYS C 1153 38.71 28.36 -54.89
C LYS C 1153 37.70 29.20 -55.66
N ASN C 1154 38.20 30.18 -56.40
CA ASN C 1154 37.35 31.10 -57.15
C ASN C 1154 37.45 30.89 -58.65
N GLY C 1155 37.97 29.75 -59.08
CA GLY C 1155 38.14 29.48 -60.50
C GLY C 1155 39.17 28.41 -60.78
N SER C 1156 40.02 28.66 -61.79
CA SER C 1156 41.05 27.69 -62.14
C SER C 1156 42.15 27.63 -61.07
N ASP C 1157 42.48 28.77 -60.48
CA ASP C 1157 43.60 28.86 -59.56
C ASP C 1157 43.26 29.95 -58.55
N ASP C 1158 44.27 30.47 -57.85
CA ASP C 1158 44.15 31.53 -56.84
C ASP C 1158 43.24 31.06 -55.69
N TRP C 1159 43.74 30.06 -54.98
CA TRP C 1159 43.07 29.57 -53.78
C TRP C 1159 43.00 30.65 -52.71
N MET C 1160 41.83 30.76 -52.07
CA MET C 1160 41.59 31.75 -51.04
C MET C 1160 40.98 31.07 -49.83
N PHE C 1161 40.81 31.83 -48.75
CA PHE C 1161 40.37 31.30 -47.47
C PHE C 1161 39.13 32.04 -47.01
N THR C 1162 38.16 31.29 -46.48
CA THR C 1162 36.95 31.87 -45.90
C THR C 1162 36.68 31.23 -44.55
N GLY C 1163 35.85 31.89 -43.77
CA GLY C 1163 35.46 31.36 -42.48
C GLY C 1163 34.56 30.15 -42.60
N SER C 1164 34.57 29.32 -41.56
CA SER C 1164 33.80 28.09 -41.57
C SER C 1164 32.32 28.31 -41.29
N SER C 1165 31.93 29.48 -40.81
CA SER C 1165 30.53 29.75 -40.49
C SER C 1165 29.96 30.93 -41.27
N TYR C 1166 30.76 31.59 -42.11
CA TYR C 1166 30.28 32.69 -42.94
C TYR C 1166 31.12 32.75 -44.20
N TYR C 1167 30.48 33.08 -45.32
CA TYR C 1167 31.15 33.17 -46.61
C TYR C 1167 31.75 34.56 -46.78
N GLN C 1168 33.06 34.64 -46.80
CA GLN C 1168 33.77 35.89 -47.07
C GLN C 1168 35.13 35.53 -47.63
N PRO C 1169 35.32 35.65 -48.95
CA PRO C 1169 36.62 35.29 -49.55
C PRO C 1169 37.70 36.30 -49.14
N GLU C 1170 38.73 35.80 -48.49
CA GLU C 1170 39.85 36.59 -48.02
C GLU C 1170 41.15 36.00 -48.52
N PRO C 1171 42.19 36.83 -48.72
CA PRO C 1171 43.50 36.29 -49.09
C PRO C 1171 44.09 35.45 -47.97
N ILE C 1172 44.87 34.44 -48.36
CA ILE C 1172 45.47 33.51 -47.40
C ILE C 1172 46.61 34.23 -46.70
N THR C 1173 46.58 34.24 -45.37
CA THR C 1173 47.50 34.99 -44.55
C THR C 1173 48.01 34.08 -43.44
N ASN C 1174 49.26 34.29 -43.00
CA ASN C 1174 49.92 33.35 -42.09
C ASN C 1174 49.24 33.21 -40.74
N PHE C 1175 48.42 34.17 -40.32
CA PHE C 1175 47.70 34.00 -39.05
C PHE C 1175 46.46 33.12 -39.17
N ASN C 1176 46.03 32.73 -40.37
CA ASN C 1176 44.89 31.83 -40.50
C ASN C 1176 45.24 30.54 -41.23
N SER C 1177 46.52 30.13 -41.20
CA SER C 1177 46.93 28.88 -41.82
C SER C 1177 48.23 28.43 -41.17
N ARG C 1178 48.18 27.31 -40.45
CA ARG C 1178 49.38 26.80 -39.80
C ARG C 1178 50.13 25.86 -40.73
N SER C 1179 51.43 25.72 -40.46
CA SER C 1179 52.27 24.82 -41.23
C SER C 1179 52.11 23.40 -40.71
N VAL C 1180 51.80 22.47 -41.61
CA VAL C 1180 51.57 21.08 -41.22
C VAL C 1180 52.50 20.16 -42.01
N GLU C 1181 52.43 18.87 -41.73
CA GLU C 1181 53.23 17.89 -42.45
C GLU C 1181 52.73 17.76 -43.88
N PRO C 1182 53.63 17.47 -44.83
CA PRO C 1182 53.17 17.14 -46.18
C PRO C 1182 52.40 15.83 -46.20
N GLU C 1183 51.44 15.75 -47.12
CA GLU C 1183 50.62 14.56 -47.28
C GLU C 1183 50.45 14.25 -48.75
N VAL C 1184 50.18 12.98 -49.04
CA VAL C 1184 50.08 12.53 -50.43
C VAL C 1184 48.80 13.01 -51.10
N THR C 1185 47.82 13.46 -50.32
CA THR C 1185 46.55 13.93 -50.87
C THR C 1185 46.47 15.45 -50.95
N PHE C 1186 47.58 16.14 -50.71
CA PHE C 1186 47.57 17.60 -50.73
C PHE C 1186 47.69 18.11 -52.15
N GLN C 1187 47.14 19.30 -52.39
CA GLN C 1187 47.17 19.90 -53.71
C GLN C 1187 48.57 20.40 -54.04
N ASN C 1188 48.86 20.46 -55.35
CA ASN C 1188 50.12 20.99 -55.86
C ASN C 1188 49.81 22.16 -56.79
N LEU C 1189 50.51 23.27 -56.59
CA LEU C 1189 50.22 24.48 -57.35
C LEU C 1189 51.43 25.39 -57.36
N THR C 1190 51.66 26.07 -58.49
CA THR C 1190 52.83 26.93 -58.63
C THR C 1190 52.54 28.23 -59.36
N ASN C 1191 51.28 28.60 -59.58
CA ASN C 1191 50.96 29.78 -60.37
C ASN C 1191 50.76 31.02 -59.51
N ASN C 1192 49.81 30.96 -58.57
CA ASN C 1192 49.45 32.08 -57.71
C ASN C 1192 49.51 31.67 -56.26
N LEU C 1193 50.64 31.08 -55.87
CA LEU C 1193 50.79 30.51 -54.54
C LEU C 1193 50.76 31.59 -53.47
N PRO C 1194 50.15 31.32 -52.32
CA PRO C 1194 50.02 32.33 -51.25
C PRO C 1194 51.37 32.64 -50.62
N PRO C 1195 51.51 33.82 -50.01
CA PRO C 1195 52.79 34.22 -49.40
C PRO C 1195 53.30 33.28 -48.31
N PRO C 1196 52.44 32.57 -47.55
CA PRO C 1196 52.99 31.49 -46.72
C PRO C 1196 53.74 30.41 -47.49
N LEU C 1197 53.38 30.17 -48.74
CA LEU C 1197 53.99 29.08 -49.46
C LEU C 1197 54.95 29.57 -50.54
N SER C 1198 55.18 30.88 -50.61
CA SER C 1198 56.11 31.42 -51.58
C SER C 1198 57.37 31.81 -50.85
#